data_7JWP
#
_entry.id   7JWP
#
_cell.length_a   81.348
_cell.length_b   83.524
_cell.length_c   145.794
_cell.angle_alpha   107.240
_cell.angle_beta   106.530
_cell.angle_gamma   89.980
#
_symmetry.space_group_name_H-M   'P 1'
#
loop_
_entity.id
_entity.type
_entity.pdbx_description
1 polymer 'Fab CJ11 Heavy chain'
2 polymer 'Fab CJ11 Light chain'
3 polymer 'IL-18 peptide'
#
loop_
_entity_poly.entity_id
_entity_poly.type
_entity_poly.pdbx_seq_one_letter_code
_entity_poly.pdbx_strand_id
1 'polypeptide(L)'
;QSVEESGGGLVTPGTPLTLTCTVSGIDLSRYAMSWVRQAPGKGLEWIGIFGSLGGIFYASWAKGRFTISKTSPTTVDLKI
TSPTTEDTATYFCARMPYTTDRDFWGPGTLVTVSSASTKGPSVFPLAPSSKSTSGGTAALGCLVKDYFPEPVTVSWNSGA
LTSGVHTFPAVLQSSGLYSLSSVVTVPSSSLGTQTYICNVNHKPSNTKVDKKVEPKSCD
;
A,C,E,G,I,K,M,O
2 'polypeptide(L)'
;DIVMTQTPSSTSAAVGGTVTITCQASQSVANNNYLKWYQQKRGQPPKQLIYSVSTLASGVPSRFKGSGSGTQFTLTISDL
EADDAATYYCSGYFNNNIGAFGGGTKLEIKRTVAAPSVFIFPPSDEQLKSGTASVVCLLNNFYPREAKVQWKVDNALQSG
NSQESVTEQDSKDSTYSLSSTLTLSKADYEKHKVYACEVTHQGLSSPVTKSFNRGEC
;
B,D,F,H,J,L,N,P
3 'polypeptide(L)' GDLESD Q,R,S,T,U,V,W,X
#
# COMPACT_ATOMS: atom_id res chain seq x y z
N GLN A 1 -27.09 27.46 48.37
CA GLN A 1 -28.00 26.48 49.01
C GLN A 1 -27.64 25.03 48.66
N SER A 2 -26.73 24.45 49.43
CA SER A 2 -26.33 23.06 49.23
C SER A 2 -25.89 22.50 50.57
N VAL A 3 -25.92 21.17 50.66
CA VAL A 3 -25.60 20.45 51.90
C VAL A 3 -24.70 19.28 51.55
N GLU A 4 -23.78 18.97 52.46
CA GLU A 4 -22.86 17.86 52.25
C GLU A 4 -22.48 17.28 53.60
N GLU A 5 -22.59 15.97 53.74
CA GLU A 5 -22.16 15.28 54.96
C GLU A 5 -20.72 14.82 54.80
N SER A 6 -20.06 14.64 55.95
CA SER A 6 -18.68 14.15 55.96
C SER A 6 -18.41 13.47 57.29
N GLY A 7 -17.36 12.65 57.29
CA GLY A 7 -16.97 11.87 58.43
C GLY A 7 -17.48 10.45 58.45
N GLY A 8 -18.13 10.01 57.39
CA GLY A 8 -18.60 8.65 57.31
C GLY A 8 -17.50 7.68 56.94
N GLY A 9 -17.84 6.39 57.01
CA GLY A 9 -16.91 5.33 56.70
C GLY A 9 -17.01 4.20 57.70
N LEU A 10 -15.91 3.47 57.88
CA LEU A 10 -15.87 2.32 58.76
C LEU A 10 -15.39 2.76 60.13
N VAL A 11 -16.08 2.30 61.18
CA VAL A 11 -15.72 2.63 62.55
C VAL A 11 -15.85 1.37 63.40
N THR A 12 -15.01 1.28 64.43
CA THR A 12 -14.99 0.12 65.32
C THR A 12 -16.08 0.26 66.38
N PRO A 13 -16.78 -0.83 66.72
CA PRO A 13 -17.81 -0.77 67.77
C PRO A 13 -17.27 -0.23 69.09
N GLY A 14 -17.93 0.79 69.61
CA GLY A 14 -17.55 1.43 70.85
C GLY A 14 -16.70 2.68 70.67
N THR A 15 -16.21 2.92 69.45
CA THR A 15 -15.41 4.11 69.20
C THR A 15 -16.34 5.26 68.83
N PRO A 16 -16.39 6.34 69.61
CA PRO A 16 -17.26 7.47 69.27
C PRO A 16 -17.06 7.91 67.83
N LEU A 17 -18.14 8.41 67.20
CA LEU A 17 -18.02 8.81 65.80
C LEU A 17 -18.78 10.08 65.53
N THR A 18 -18.11 11.08 64.99
CA THR A 18 -18.69 12.39 64.77
C THR A 18 -18.83 12.62 63.27
N LEU A 19 -20.06 12.87 62.84
CA LEU A 19 -20.37 13.28 61.49
C LEU A 19 -20.52 14.78 61.46
N THR A 20 -20.15 15.38 60.33
CA THR A 20 -20.21 16.81 60.16
C THR A 20 -21.10 17.13 58.96
N CYS A 21 -21.95 18.13 59.14
CA CYS A 21 -22.86 18.59 58.10
C CYS A 21 -22.45 19.98 57.73
N THR A 22 -22.13 20.19 56.46
CA THR A 22 -21.67 21.48 55.96
C THR A 22 -22.69 22.01 54.98
N VAL A 23 -23.12 23.25 55.22
CA VAL A 23 -24.10 23.94 54.41
C VAL A 23 -23.43 25.10 53.69
N SER A 24 -24.03 25.51 52.59
CA SER A 24 -23.55 26.68 51.86
C SER A 24 -24.78 27.43 51.37
N GLY A 25 -24.84 28.72 51.68
CA GLY A 25 -26.00 29.52 51.35
C GLY A 25 -27.22 29.26 52.22
N ILE A 26 -27.03 28.66 53.41
CA ILE A 26 -28.13 28.43 54.34
C ILE A 26 -27.74 29.01 55.70
N ASP A 27 -28.67 29.76 56.29
CA ASP A 27 -28.47 30.55 57.51
C ASP A 27 -28.95 29.74 58.71
N LEU A 28 -28.01 29.18 59.48
CA LEU A 28 -28.42 28.36 60.61
C LEU A 28 -28.89 29.18 61.80
N SER A 29 -28.77 30.50 61.73
CA SER A 29 -29.38 31.38 62.73
C SER A 29 -30.85 31.62 62.40
N ARG A 30 -31.33 31.14 61.25
CA ARG A 30 -32.72 31.37 60.83
C ARG A 30 -33.43 30.13 60.31
N TYR A 31 -32.76 29.00 60.13
CA TYR A 31 -33.38 27.80 59.59
C TYR A 31 -32.84 26.58 60.33
N ALA A 32 -33.66 25.54 60.40
CA ALA A 32 -33.29 24.37 61.19
C ALA A 32 -32.60 23.34 60.30
N MET A 33 -31.76 22.51 60.93
CA MET A 33 -31.15 21.38 60.25
C MET A 33 -31.57 20.10 60.94
N SER A 34 -31.80 19.05 60.17
CA SER A 34 -32.23 17.77 60.70
C SER A 34 -31.20 16.70 60.39
N TRP A 35 -31.09 15.73 61.28
CA TRP A 35 -30.31 14.53 61.05
C TRP A 35 -31.26 13.36 60.92
N VAL A 36 -31.14 12.65 59.80
CA VAL A 36 -31.96 11.51 59.44
C VAL A 36 -30.99 10.37 59.13
N ARG A 37 -31.49 9.14 59.22
CA ARG A 37 -30.68 7.99 58.82
C ARG A 37 -31.58 6.96 58.16
N GLN A 38 -30.93 5.97 57.57
CA GLN A 38 -31.62 4.95 56.78
C GLN A 38 -30.72 3.74 56.77
N ALA A 39 -31.11 2.71 57.52
CA ALA A 39 -30.39 1.45 57.49
C ALA A 39 -30.56 0.78 56.13
N PRO A 40 -29.63 -0.07 55.73
CA PRO A 40 -29.72 -0.68 54.39
C PRO A 40 -31.05 -1.41 54.24
N GLY A 41 -31.80 -1.05 53.21
CA GLY A 41 -33.04 -1.73 52.93
C GLY A 41 -34.19 -1.39 53.85
N LYS A 42 -34.03 -0.38 54.70
CA LYS A 42 -35.02 0.01 55.69
C LYS A 42 -35.49 1.44 55.43
N GLY A 43 -36.33 1.91 56.33
CA GLY A 43 -36.98 3.18 56.17
C GLY A 43 -36.17 4.30 56.76
N LEU A 44 -36.60 5.52 56.46
CA LEU A 44 -35.95 6.69 57.01
C LEU A 44 -36.23 6.77 58.51
N GLU A 45 -35.25 7.24 59.27
CA GLU A 45 -35.38 7.31 60.72
C GLU A 45 -34.90 8.69 61.14
N TRP A 46 -35.77 9.42 61.83
CA TRP A 46 -35.46 10.77 62.27
C TRP A 46 -34.58 10.70 63.51
N ILE A 47 -33.39 11.29 63.45
CA ILE A 47 -32.49 11.28 64.60
C ILE A 47 -32.68 12.54 65.42
N GLY A 48 -32.56 13.70 64.80
CA GLY A 48 -32.61 14.89 65.63
C GLY A 48 -32.63 16.15 64.82
N ILE A 49 -32.58 17.28 65.53
CA ILE A 49 -32.70 18.57 64.87
C ILE A 49 -32.02 19.65 65.70
N PHE A 50 -31.32 20.54 64.97
CA PHE A 50 -30.83 21.82 65.47
C PHE A 50 -31.81 22.87 64.99
N GLY A 51 -32.50 23.49 65.93
CA GLY A 51 -33.58 24.38 65.61
C GLY A 51 -33.14 25.79 65.24
N SER A 52 -34.13 26.54 64.73
CA SER A 52 -33.89 27.90 64.26
C SER A 52 -33.50 28.83 65.40
N LEU A 53 -33.87 28.49 66.63
CA LEU A 53 -33.60 29.32 67.80
C LEU A 53 -32.56 28.69 68.71
N GLY A 54 -31.80 27.72 68.21
CA GLY A 54 -30.75 27.10 68.97
C GLY A 54 -31.22 25.92 69.80
N GLY A 55 -32.50 25.57 69.68
CA GLY A 55 -33.00 24.36 70.32
C GLY A 55 -32.49 23.11 69.64
N ILE A 56 -32.15 22.12 70.45
CA ILE A 56 -31.66 20.83 69.99
C ILE A 56 -32.61 19.76 70.52
N PHE A 57 -33.23 19.00 69.62
CA PHE A 57 -34.22 18.00 69.98
C PHE A 57 -33.92 16.66 69.33
N TYR A 58 -34.14 15.59 70.10
CA TYR A 58 -33.85 14.23 69.65
C TYR A 58 -35.11 13.38 69.77
N ALA A 59 -35.19 12.38 68.91
CA ALA A 59 -36.17 11.32 69.07
C ALA A 59 -35.99 10.64 70.42
N SER A 60 -37.09 10.08 70.94
CA SER A 60 -37.01 9.42 72.24
C SER A 60 -35.95 8.34 72.21
N TRP A 61 -35.83 7.62 71.10
CA TRP A 61 -34.87 6.53 71.02
C TRP A 61 -33.45 7.02 70.75
N ALA A 62 -33.29 8.29 70.37
CA ALA A 62 -31.98 8.80 69.98
C ALA A 62 -31.31 9.61 71.08
N LYS A 63 -32.03 9.91 72.17
CA LYS A 63 -31.48 10.71 73.25
C LYS A 63 -30.42 9.93 74.02
N GLY A 64 -29.26 10.55 74.22
CA GLY A 64 -28.14 9.84 74.81
C GLY A 64 -27.25 9.17 73.79
N ARG A 65 -27.88 8.53 72.81
CA ARG A 65 -27.21 7.79 71.76
C ARG A 65 -26.55 8.69 70.74
N PHE A 66 -26.98 9.95 70.67
CA PHE A 66 -26.45 10.92 69.72
C PHE A 66 -26.31 12.24 70.45
N THR A 67 -25.34 13.04 70.02
CA THR A 67 -25.21 14.41 70.49
C THR A 67 -25.11 15.32 69.27
N ILE A 68 -26.03 16.26 69.15
CA ILE A 68 -26.02 17.24 68.07
C ILE A 68 -25.56 18.58 68.61
N SER A 69 -24.69 19.25 67.85
CA SER A 69 -24.16 20.55 68.23
C SER A 69 -23.84 21.32 66.96
N LYS A 70 -23.83 22.64 67.08
CA LYS A 70 -23.36 23.51 66.01
C LYS A 70 -21.95 23.97 66.33
N THR A 71 -21.01 23.62 65.44
CA THR A 71 -19.60 23.93 65.66
C THR A 71 -19.13 25.18 64.92
N SER A 72 -19.85 25.61 63.88
CA SER A 72 -19.50 26.84 63.18
C SER A 72 -20.71 27.30 62.38
N PRO A 73 -20.73 28.56 61.96
CA PRO A 73 -21.87 29.09 61.20
C PRO A 73 -22.27 28.23 60.01
N THR A 74 -21.42 27.31 59.59
CA THR A 74 -21.68 26.47 58.43
C THR A 74 -21.60 24.98 58.74
N THR A 75 -21.45 24.58 59.99
CA THR A 75 -21.30 23.18 60.33
C THR A 75 -22.18 22.79 61.51
N VAL A 76 -22.78 21.61 61.43
CA VAL A 76 -23.58 21.05 62.51
C VAL A 76 -23.08 19.61 62.70
N ASP A 77 -22.91 19.19 63.94
CA ASP A 77 -22.33 17.88 64.21
C ASP A 77 -23.38 16.90 64.68
N LEU A 78 -23.12 15.62 64.40
CA LEU A 78 -23.86 14.50 64.95
C LEU A 78 -22.84 13.54 65.51
N LYS A 79 -22.74 13.46 66.83
CA LYS A 79 -21.78 12.56 67.46
C LYS A 79 -22.60 11.35 67.86
N ILE A 80 -22.30 10.21 67.26
CA ILE A 80 -22.89 8.94 67.63
C ILE A 80 -22.12 8.29 68.76
N THR A 81 -22.80 8.18 69.91
CA THR A 81 -22.20 7.78 71.16
C THR A 81 -21.97 6.27 71.04
N SER A 82 -20.80 5.80 71.44
CA SER A 82 -20.45 4.37 71.36
C SER A 82 -21.23 3.59 70.29
N PRO A 83 -20.76 3.60 69.04
CA PRO A 83 -21.50 2.96 67.93
C PRO A 83 -21.64 1.45 68.08
N THR A 84 -22.78 0.92 67.61
CA THR A 84 -23.02 -0.53 67.57
C THR A 84 -23.39 -0.94 66.15
N THR A 85 -23.49 -2.26 65.94
CA THR A 85 -23.78 -2.78 64.60
C THR A 85 -25.09 -2.21 64.09
N GLU A 86 -26.09 -2.07 64.96
CA GLU A 86 -27.37 -1.58 64.51
C GLU A 86 -27.31 -0.11 64.13
N ASP A 87 -26.19 0.56 64.40
CA ASP A 87 -26.04 1.95 63.99
C ASP A 87 -25.46 2.07 62.59
N THR A 88 -25.23 0.95 61.91
CA THR A 88 -24.77 0.98 60.53
C THR A 88 -25.91 1.48 59.66
N ALA A 89 -25.67 2.55 58.90
CA ALA A 89 -26.74 3.14 58.11
C ALA A 89 -26.16 4.28 57.29
N THR A 90 -26.90 4.68 56.27
CA THR A 90 -26.61 5.94 55.59
C THR A 90 -27.19 7.09 56.41
N TYR A 91 -26.36 8.09 56.69
CA TYR A 91 -26.75 9.24 57.49
C TYR A 91 -26.88 10.47 56.61
N PHE A 92 -28.05 11.11 56.68
CA PHE A 92 -28.38 12.32 55.94
C PHE A 92 -28.47 13.53 56.87
N CYS A 93 -27.95 14.65 56.38
CA CYS A 93 -28.22 15.98 56.94
C CYS A 93 -29.14 16.72 55.99
N ALA A 94 -30.21 17.33 56.51
CA ALA A 94 -31.22 17.89 55.64
C ALA A 94 -31.80 19.19 56.18
N ARG A 95 -32.01 20.13 55.26
CA ARG A 95 -32.83 21.33 55.45
C ARG A 95 -34.22 20.91 54.98
N MET A 96 -35.04 20.39 55.90
CA MET A 96 -36.27 19.68 55.57
C MET A 96 -37.47 20.46 56.10
N PRO A 97 -37.84 21.55 55.43
CA PRO A 97 -39.02 22.32 55.84
C PRO A 97 -40.32 21.57 55.59
N TYR A 98 -41.25 21.72 56.52
CA TYR A 98 -42.59 21.15 56.39
C TYR A 98 -43.57 22.08 55.68
N THR A 99 -43.28 23.38 55.62
CA THR A 99 -44.20 24.37 55.04
C THR A 99 -43.57 25.19 53.92
N THR A 100 -42.45 24.75 53.35
CA THR A 100 -41.92 25.39 52.14
C THR A 100 -41.34 24.32 51.23
N ASP A 101 -40.99 24.73 50.01
CA ASP A 101 -40.38 23.83 49.04
C ASP A 101 -38.89 24.12 48.85
N ARG A 102 -38.27 24.80 49.81
CA ARG A 102 -36.82 25.03 49.82
C ARG A 102 -36.16 23.90 50.59
N ASP A 103 -36.17 22.73 49.96
CA ASP A 103 -35.92 21.45 50.61
C ASP A 103 -34.63 20.88 50.03
N PHE A 104 -33.61 20.73 50.88
CA PHE A 104 -32.29 20.32 50.44
C PHE A 104 -31.77 19.22 51.36
N TRP A 105 -31.45 18.08 50.77
CA TRP A 105 -30.90 16.94 51.47
C TRP A 105 -29.50 16.73 50.94
N GLY A 106 -28.59 16.33 51.81
CA GLY A 106 -27.29 15.92 51.34
C GLY A 106 -27.42 14.58 50.66
N PRO A 107 -26.37 14.16 49.95
CA PRO A 107 -26.43 12.87 49.25
C PRO A 107 -26.39 11.70 50.19
N GLY A 108 -26.01 11.93 51.44
CA GLY A 108 -25.89 10.89 52.44
C GLY A 108 -24.49 10.32 52.50
N THR A 109 -24.10 9.91 53.71
CA THR A 109 -22.79 9.33 53.93
C THR A 109 -22.98 8.04 54.73
N LEU A 110 -22.39 6.96 54.24
CA LEU A 110 -22.57 5.65 54.85
C LEU A 110 -21.65 5.47 56.04
N VAL A 111 -22.23 5.09 57.17
CA VAL A 111 -21.48 4.74 58.37
C VAL A 111 -21.64 3.25 58.55
N THR A 112 -20.50 2.55 58.55
CA THR A 112 -20.45 1.10 58.77
C THR A 112 -19.78 0.83 60.11
N VAL A 113 -20.47 0.11 60.97
CA VAL A 113 -19.96 -0.26 62.28
C VAL A 113 -19.54 -1.73 62.22
N SER A 114 -18.24 -1.98 62.22
CA SER A 114 -17.75 -3.34 62.09
C SER A 114 -16.28 -3.38 62.48
N SER A 115 -15.85 -4.56 62.91
CA SER A 115 -14.47 -4.81 63.28
C SER A 115 -13.63 -5.28 62.10
N ALA A 116 -14.26 -5.64 61.00
CA ALA A 116 -13.55 -6.06 59.82
C ALA A 116 -12.65 -4.94 59.31
N SER A 117 -11.63 -5.32 58.55
CA SER A 117 -10.68 -4.38 57.98
C SER A 117 -11.14 -3.96 56.58
N THR A 118 -10.64 -2.81 56.13
CA THR A 118 -11.01 -2.35 54.81
C THR A 118 -10.25 -3.21 53.80
N LYS A 119 -10.89 -3.52 52.68
CA LYS A 119 -10.24 -4.34 51.67
C LYS A 119 -10.64 -3.87 50.29
N GLY A 120 -9.64 -3.57 49.44
CA GLY A 120 -9.92 -3.18 48.09
C GLY A 120 -10.43 -4.38 47.30
N PRO A 121 -11.23 -4.14 46.27
CA PRO A 121 -11.80 -5.25 45.50
C PRO A 121 -10.81 -5.87 44.53
N SER A 122 -11.10 -7.11 44.15
CA SER A 122 -10.51 -7.70 42.95
C SER A 122 -11.52 -7.56 41.82
N VAL A 123 -11.05 -7.18 40.65
CA VAL A 123 -11.92 -6.96 39.50
C VAL A 123 -11.57 -7.98 38.42
N PHE A 124 -12.55 -8.79 38.05
CA PHE A 124 -12.40 -9.83 37.04
C PHE A 124 -13.35 -9.58 35.88
N PRO A 125 -12.98 -9.92 34.66
CA PRO A 125 -13.87 -9.63 33.52
C PRO A 125 -14.86 -10.75 33.23
N LEU A 126 -16.11 -10.34 32.98
CA LEU A 126 -17.17 -11.23 32.50
C LEU A 126 -17.27 -11.06 30.99
N ALA A 127 -16.54 -11.91 30.28
CA ALA A 127 -16.36 -11.74 28.85
C ALA A 127 -17.52 -12.37 28.09
N PRO A 128 -17.82 -11.88 26.88
CA PRO A 128 -18.89 -12.47 26.07
C PRO A 128 -18.41 -13.66 25.24
N GLY A 136 -28.42 -11.14 18.36
CA GLY A 136 -28.30 -9.76 17.95
C GLY A 136 -27.70 -8.90 19.05
N THR A 137 -27.84 -9.38 20.28
CA THR A 137 -27.38 -8.68 21.47
C THR A 137 -26.43 -9.58 22.26
N ALA A 138 -25.36 -8.97 22.77
CA ALA A 138 -24.36 -9.65 23.58
C ALA A 138 -24.25 -8.93 24.91
N ALA A 139 -23.82 -9.66 25.93
CA ALA A 139 -23.67 -9.11 27.27
C ALA A 139 -22.27 -9.33 27.80
N LEU A 140 -21.81 -8.36 28.59
CA LEU A 140 -20.51 -8.46 29.24
C LEU A 140 -20.57 -7.72 30.56
N GLY A 141 -19.52 -7.88 31.37
CA GLY A 141 -19.55 -7.25 32.68
C GLY A 141 -18.24 -7.33 33.40
N CYS A 142 -18.30 -7.01 34.69
CA CYS A 142 -17.16 -6.95 35.59
C CYS A 142 -17.61 -7.49 36.94
N LEU A 143 -16.89 -8.50 37.43
CA LEU A 143 -17.10 -9.03 38.76
C LEU A 143 -16.20 -8.29 39.73
N VAL A 144 -16.82 -7.57 40.67
CA VAL A 144 -16.14 -6.78 41.68
C VAL A 144 -16.27 -7.58 42.96
N LYS A 145 -15.22 -8.34 43.28
CA LYS A 145 -15.29 -9.43 44.24
C LYS A 145 -14.47 -9.08 45.48
N ASP A 146 -15.03 -9.40 46.64
CA ASP A 146 -14.29 -9.39 47.89
C ASP A 146 -13.74 -8.01 48.23
N TYR A 147 -14.59 -7.09 48.67
CA TYR A 147 -14.14 -5.79 49.13
C TYR A 147 -14.90 -5.44 50.39
N PHE A 148 -14.36 -4.47 51.12
CA PHE A 148 -15.04 -4.05 52.35
C PHE A 148 -14.43 -2.73 52.77
N PRO A 149 -15.23 -1.76 53.26
CA PRO A 149 -16.68 -1.80 53.33
C PRO A 149 -17.34 -1.37 52.03
N GLU A 150 -18.65 -1.22 52.06
CA GLU A 150 -19.34 -0.58 50.96
C GLU A 150 -19.04 0.92 50.99
N PRO A 151 -19.24 1.63 49.88
CA PRO A 151 -19.67 1.13 48.57
C PRO A 151 -18.57 1.20 47.52
N VAL A 152 -18.86 0.68 46.33
CA VAL A 152 -18.03 0.92 45.16
C VAL A 152 -18.88 1.62 44.10
N THR A 153 -18.19 2.27 43.17
CA THR A 153 -18.82 2.86 41.99
C THR A 153 -18.21 2.21 40.76
N VAL A 154 -19.07 1.94 39.78
CA VAL A 154 -18.66 1.30 38.54
C VAL A 154 -19.19 2.17 37.41
N SER A 155 -18.30 2.58 36.52
CA SER A 155 -18.69 3.23 35.28
C SER A 155 -18.18 2.38 34.13
N TRP A 156 -18.56 2.75 32.92
CA TRP A 156 -18.13 2.01 31.74
C TRP A 156 -17.60 2.96 30.69
N ASN A 157 -16.36 2.72 30.26
CA ASN A 157 -15.71 3.58 29.29
C ASN A 157 -15.76 5.03 29.75
N SER A 158 -15.43 5.23 31.03
CA SER A 158 -15.34 6.57 31.63
C SER A 158 -16.62 7.38 31.47
N GLY A 159 -17.77 6.71 31.62
CA GLY A 159 -19.06 7.39 31.57
C GLY A 159 -19.72 7.46 30.21
N ALA A 160 -19.00 7.19 29.12
CA ALA A 160 -19.62 7.27 27.80
C ALA A 160 -20.69 6.19 27.60
N LEU A 161 -20.56 5.06 28.28
CA LEU A 161 -21.51 3.95 28.15
C LEU A 161 -22.47 3.91 29.35
N THR A 162 -23.77 4.12 29.08
CA THR A 162 -24.77 4.20 30.15
C THR A 162 -26.05 3.42 29.87
N SER A 163 -26.41 3.18 28.60
CA SER A 163 -27.68 2.53 28.27
C SER A 163 -27.54 1.02 28.37
N GLY A 164 -28.50 0.37 29.04
CA GLY A 164 -28.48 -1.06 29.22
C GLY A 164 -27.51 -1.55 30.27
N VAL A 165 -26.97 -0.64 31.08
CA VAL A 165 -26.09 -1.01 32.17
C VAL A 165 -26.91 -1.42 33.39
N HIS A 166 -26.54 -2.53 34.02
CA HIS A 166 -27.15 -2.99 35.27
C HIS A 166 -26.02 -3.30 36.24
N THR A 167 -25.91 -2.47 37.28
CA THR A 167 -24.94 -2.67 38.35
C THR A 167 -25.69 -3.21 39.56
N PHE A 168 -25.50 -4.48 39.89
CA PHE A 168 -26.30 -5.09 40.94
C PHE A 168 -25.84 -4.66 42.33
N PRO A 169 -26.76 -4.59 43.29
CA PRO A 169 -26.36 -4.26 44.66
C PRO A 169 -25.43 -5.33 45.21
N ALA A 170 -24.60 -4.94 46.17
CA ALA A 170 -23.65 -5.90 46.71
C ALA A 170 -24.35 -6.90 47.63
N VAL A 171 -23.82 -8.12 47.65
CA VAL A 171 -24.25 -9.17 48.56
C VAL A 171 -23.06 -9.47 49.46
N LEU A 172 -23.31 -9.48 50.76
CA LEU A 172 -22.27 -9.84 51.70
C LEU A 172 -22.04 -11.34 51.64
N GLN A 173 -20.79 -11.73 51.39
CA GLN A 173 -20.42 -13.13 51.26
C GLN A 173 -20.23 -13.74 52.64
N SER A 174 -20.24 -15.08 52.68
CA SER A 174 -20.03 -15.79 53.93
C SER A 174 -18.67 -15.48 54.53
N SER A 175 -17.73 -14.96 53.74
CA SER A 175 -16.43 -14.55 54.25
C SER A 175 -16.49 -13.18 54.93
N GLY A 176 -17.64 -12.51 54.91
CA GLY A 176 -17.76 -11.18 55.45
C GLY A 176 -17.39 -10.07 54.49
N LEU A 177 -17.04 -10.39 53.25
CA LEU A 177 -16.74 -9.42 52.22
C LEU A 177 -17.92 -9.29 51.27
N TYR A 178 -17.91 -8.21 50.48
CA TYR A 178 -18.99 -7.95 49.55
C TYR A 178 -18.57 -8.33 48.13
N SER A 179 -19.55 -8.74 47.34
CA SER A 179 -19.34 -9.01 45.94
C SER A 179 -20.48 -8.40 45.15
N LEU A 180 -20.14 -7.94 43.95
CA LEU A 180 -21.04 -7.17 43.10
C LEU A 180 -20.66 -7.50 41.68
N SER A 181 -21.61 -7.37 40.77
CA SER A 181 -21.34 -7.51 39.35
C SER A 181 -21.98 -6.34 38.64
N SER A 182 -21.36 -5.94 37.54
CA SER A 182 -21.89 -4.86 36.72
C SER A 182 -21.87 -5.34 35.28
N VAL A 183 -23.03 -5.36 34.65
CA VAL A 183 -23.16 -5.90 33.31
C VAL A 183 -23.70 -4.79 32.40
N VAL A 184 -23.54 -5.03 31.10
CA VAL A 184 -24.05 -4.15 30.06
C VAL A 184 -24.35 -5.00 28.85
N THR A 185 -25.38 -4.60 28.11
CA THR A 185 -25.74 -5.24 26.86
C THR A 185 -25.30 -4.32 25.74
N VAL A 186 -24.72 -4.91 24.71
CA VAL A 186 -24.13 -4.19 23.59
C VAL A 186 -24.43 -4.95 22.30
N PRO A 187 -24.45 -4.25 21.16
CA PRO A 187 -24.60 -4.96 19.89
C PRO A 187 -23.53 -6.01 19.66
N SER A 188 -23.96 -7.16 19.14
CA SER A 188 -23.03 -8.27 18.90
C SER A 188 -21.97 -7.92 17.86
N SER A 189 -22.31 -7.04 16.90
CA SER A 189 -21.40 -6.62 15.84
C SER A 189 -20.20 -5.84 16.36
N SER A 190 -20.36 -5.16 17.50
CA SER A 190 -19.37 -4.24 18.05
C SER A 190 -18.23 -4.93 18.78
N LEU A 191 -18.26 -6.26 18.94
CA LEU A 191 -17.30 -6.91 19.82
C LEU A 191 -15.87 -6.81 19.30
N GLY A 192 -15.64 -7.12 18.02
CA GLY A 192 -14.28 -6.97 17.55
C GLY A 192 -13.90 -5.54 17.26
N THR A 193 -14.90 -4.67 17.17
CA THR A 193 -14.74 -3.29 16.71
C THR A 193 -14.47 -2.30 17.85
N GLN A 194 -15.02 -2.52 19.04
CA GLN A 194 -14.92 -1.52 20.11
C GLN A 194 -14.38 -2.12 21.38
N THR A 195 -13.70 -1.26 22.16
CA THR A 195 -13.24 -1.58 23.51
C THR A 195 -14.33 -1.43 24.57
N TYR A 196 -14.31 -2.33 25.55
CA TYR A 196 -15.24 -2.28 26.67
C TYR A 196 -14.41 -2.30 27.95
N ILE A 197 -14.49 -1.23 28.74
CA ILE A 197 -13.66 -1.06 29.93
C ILE A 197 -14.55 -0.65 31.09
N CYS A 198 -14.40 -1.34 32.21
CA CYS A 198 -15.13 -0.99 33.43
C CYS A 198 -14.20 -0.27 34.40
N ASN A 199 -14.67 0.86 34.93
CA ASN A 199 -13.91 1.72 35.82
C ASN A 199 -14.51 1.55 37.21
N VAL A 200 -13.80 0.83 38.07
CA VAL A 200 -14.22 0.58 39.45
C VAL A 200 -13.46 1.54 40.36
N ASN A 201 -14.18 2.17 41.28
CA ASN A 201 -13.60 3.04 42.29
C ASN A 201 -14.15 2.64 43.65
N HIS A 202 -13.26 2.35 44.58
CA HIS A 202 -13.59 2.01 45.95
C HIS A 202 -12.87 3.00 46.86
N LYS A 203 -13.61 4.02 47.33
CA LYS A 203 -13.03 5.14 48.05
C LYS A 203 -12.55 4.74 49.44
N PRO A 204 -13.24 3.86 50.16
CA PRO A 204 -12.75 3.48 51.48
C PRO A 204 -11.32 2.99 51.45
N SER A 205 -10.91 2.30 50.39
CA SER A 205 -9.51 1.91 50.22
C SER A 205 -8.76 2.84 49.28
N ASN A 206 -9.41 3.89 48.76
CA ASN A 206 -8.78 4.82 47.82
C ASN A 206 -8.19 4.02 46.65
N THR A 207 -8.95 3.02 46.21
CA THR A 207 -8.63 2.15 45.08
C THR A 207 -9.33 2.61 43.80
N LYS A 208 -8.58 2.61 42.70
CA LYS A 208 -9.12 2.88 41.37
C LYS A 208 -8.55 1.88 40.38
N VAL A 209 -9.44 1.06 39.80
CA VAL A 209 -9.08 -0.04 38.92
C VAL A 209 -9.83 0.11 37.60
N ASP A 210 -9.11 -0.02 36.49
CA ASP A 210 -9.67 -0.09 35.15
C ASP A 210 -9.43 -1.47 34.53
N LYS A 211 -10.51 -2.12 34.10
CA LYS A 211 -10.48 -3.51 33.66
C LYS A 211 -10.96 -3.59 32.22
N LYS A 212 -10.12 -4.23 31.40
CA LYS A 212 -10.37 -4.49 30.00
C LYS A 212 -11.18 -5.76 29.85
N VAL A 213 -12.34 -5.64 29.20
CA VAL A 213 -13.25 -6.74 28.95
C VAL A 213 -13.17 -7.06 27.46
N GLU A 214 -12.86 -8.30 27.13
CA GLU A 214 -12.69 -8.67 25.73
C GLU A 214 -13.16 -10.11 25.54
N PRO A 215 -13.64 -10.47 24.34
CA PRO A 215 -14.02 -11.86 24.04
C PRO A 215 -12.82 -12.80 24.02
N ASP B 1 -44.82 6.44 71.70
CA ASP B 1 -44.08 7.74 71.64
C ASP B 1 -44.76 8.62 70.59
N ILE B 2 -44.06 9.03 69.54
CA ILE B 2 -44.72 9.50 68.34
C ILE B 2 -44.51 8.48 67.23
N VAL B 3 -45.60 8.10 66.59
CA VAL B 3 -45.61 7.09 65.55
C VAL B 3 -46.34 7.68 64.35
N MET B 4 -45.82 7.45 63.15
CA MET B 4 -46.50 7.82 61.92
C MET B 4 -46.65 6.52 61.16
N THR B 5 -47.87 6.00 61.13
CA THR B 5 -48.17 4.71 60.54
C THR B 5 -48.59 4.89 59.08
N GLN B 6 -47.75 4.39 58.17
CA GLN B 6 -47.94 4.53 56.73
C GLN B 6 -48.38 3.20 56.14
N THR B 7 -49.49 3.23 55.39
CA THR B 7 -50.05 2.05 54.75
C THR B 7 -50.41 2.39 53.30
N PRO B 8 -50.31 1.42 52.38
CA PRO B 8 -49.86 0.03 52.53
C PRO B 8 -48.35 -0.11 52.56
N SER B 9 -47.82 -1.22 53.09
CA SER B 9 -46.37 -1.42 53.05
C SER B 9 -45.87 -1.53 51.62
N SER B 10 -46.66 -2.12 50.74
CA SER B 10 -46.32 -2.23 49.33
C SER B 10 -47.59 -2.47 48.53
N THR B 11 -47.56 -2.09 47.26
CA THR B 11 -48.71 -2.24 46.38
C THR B 11 -48.22 -2.18 44.95
N SER B 12 -49.11 -2.53 44.02
CA SER B 12 -48.79 -2.54 42.60
C SER B 12 -49.97 -1.97 41.82
N ALA B 13 -49.65 -1.34 40.70
CA ALA B 13 -50.66 -0.79 39.81
C ALA B 13 -49.98 -0.54 38.46
N ALA B 14 -50.80 -0.52 37.41
CA ALA B 14 -50.28 -0.37 36.06
C ALA B 14 -50.13 1.10 35.69
N VAL B 15 -49.39 1.35 34.61
CA VAL B 15 -49.24 2.69 34.10
C VAL B 15 -50.62 3.25 33.78
N GLY B 16 -50.86 4.49 34.19
CA GLY B 16 -52.14 5.13 34.01
C GLY B 16 -53.12 4.87 35.14
N GLY B 17 -52.82 3.91 36.02
CA GLY B 17 -53.66 3.60 37.16
C GLY B 17 -53.54 4.62 38.27
N THR B 18 -54.01 4.21 39.45
CA THR B 18 -54.05 5.08 40.63
C THR B 18 -53.67 4.31 41.89
N VAL B 19 -52.84 4.93 42.73
CA VAL B 19 -52.49 4.37 44.02
C VAL B 19 -52.81 5.38 45.12
N THR B 20 -53.21 4.87 46.29
CA THR B 20 -53.61 5.73 47.41
C THR B 20 -52.85 5.28 48.66
N ILE B 21 -52.11 6.20 49.27
CA ILE B 21 -51.28 5.94 50.44
C ILE B 21 -51.77 6.77 51.63
N THR B 22 -51.92 6.14 52.79
CA THR B 22 -52.46 6.79 53.98
C THR B 22 -51.37 6.84 55.06
N CYS B 23 -51.30 7.98 55.75
CA CYS B 23 -50.36 8.19 56.85
C CYS B 23 -51.18 8.64 58.06
N GLN B 24 -51.01 7.94 59.17
CA GLN B 24 -51.78 8.16 60.40
C GLN B 24 -50.84 8.50 61.54
N ALA B 25 -50.88 9.75 61.99
CA ALA B 25 -50.03 10.20 63.08
C ALA B 25 -50.73 9.99 64.42
N SER B 26 -49.91 9.74 65.45
CA SER B 26 -50.45 9.51 66.78
C SER B 26 -50.94 10.78 67.45
N GLN B 27 -50.54 11.94 66.97
CA GLN B 27 -51.07 13.21 67.45
C GLN B 27 -51.02 14.22 66.31
N SER B 28 -51.73 15.33 66.49
CA SER B 28 -51.82 16.33 65.44
C SER B 28 -50.45 16.92 65.18
N VAL B 29 -50.16 17.18 63.90
CA VAL B 29 -48.89 17.81 63.55
C VAL B 29 -48.86 19.23 64.08
N ALA B 30 -47.65 19.79 64.13
CA ALA B 30 -47.50 21.15 64.61
C ALA B 30 -48.23 22.09 63.65
N ASN B 31 -48.96 23.04 64.21
CA ASN B 31 -49.74 24.01 63.45
C ASN B 31 -50.74 23.35 62.51
N ASN B 32 -51.02 22.05 62.68
CA ASN B 32 -51.99 21.31 61.86
C ASN B 32 -51.59 21.21 60.39
N ASN B 33 -50.34 21.52 60.05
CA ASN B 33 -49.96 21.44 58.64
C ASN B 33 -48.48 21.12 58.45
N TYR B 34 -47.76 20.72 59.49
CA TYR B 34 -46.38 20.28 59.31
C TYR B 34 -46.40 18.85 58.82
N LEU B 35 -46.61 18.69 57.51
CA LEU B 35 -46.73 17.35 56.93
C LEU B 35 -46.28 17.42 55.48
N LYS B 36 -45.30 16.60 55.14
CA LYS B 36 -44.69 16.56 53.81
C LYS B 36 -44.66 15.14 53.28
N TRP B 37 -44.79 15.00 51.96
CA TRP B 37 -44.70 13.74 51.24
C TRP B 37 -43.44 13.71 50.37
N TYR B 38 -42.67 12.64 50.52
CA TYR B 38 -41.39 12.38 49.85
C TYR B 38 -41.45 11.18 48.92
N GLN B 39 -40.58 11.25 47.91
CA GLN B 39 -40.32 10.16 46.97
C GLN B 39 -38.84 9.86 47.04
N GLN B 40 -38.51 8.58 47.23
CA GLN B 40 -37.14 8.12 47.41
C GLN B 40 -36.82 6.98 46.45
N LYS B 41 -35.61 7.06 45.92
CA LYS B 41 -35.03 6.07 45.03
C LYS B 41 -33.79 5.51 45.72
N ARG B 42 -33.30 4.38 45.21
CA ARG B 42 -32.24 3.65 45.88
C ARG B 42 -30.97 4.46 46.10
N GLY B 43 -30.16 4.62 45.08
CA GLY B 43 -28.96 5.43 45.15
C GLY B 43 -29.15 6.92 45.38
N GLN B 44 -30.37 7.37 45.66
CA GLN B 44 -30.61 8.80 45.81
C GLN B 44 -31.18 9.17 47.17
N PRO B 45 -31.12 10.44 47.52
CA PRO B 45 -31.88 10.96 48.67
C PRO B 45 -33.33 11.21 48.29
N PRO B 46 -34.20 11.37 49.27
CA PRO B 46 -35.62 11.62 48.95
C PRO B 46 -35.83 12.95 48.25
N LYS B 47 -36.91 12.99 47.47
CA LYS B 47 -37.32 14.15 46.70
C LYS B 47 -38.70 14.60 47.16
N GLN B 48 -38.84 15.87 47.48
CA GLN B 48 -40.09 16.32 48.04
C GLN B 48 -41.19 16.20 46.99
N LEU B 49 -42.40 15.90 47.45
CA LEU B 49 -43.60 15.93 46.62
C LEU B 49 -44.58 16.95 47.16
N ILE B 50 -44.98 16.82 48.42
CA ILE B 50 -46.02 17.66 48.99
C ILE B 50 -45.50 18.30 50.26
N TYR B 51 -45.87 19.55 50.48
CA TYR B 51 -45.63 20.22 51.74
C TYR B 51 -46.95 20.85 52.20
N SER B 52 -46.98 21.21 53.49
CA SER B 52 -48.20 21.73 54.11
C SER B 52 -49.40 20.83 53.80
N VAL B 53 -49.18 19.52 53.92
CA VAL B 53 -50.23 18.51 53.78
C VAL B 53 -50.64 18.34 52.32
N SER B 54 -50.83 19.46 51.60
CA SER B 54 -51.48 19.42 50.29
C SER B 54 -50.81 20.26 49.24
N THR B 55 -49.80 21.08 49.55
CA THR B 55 -49.22 21.97 48.56
C THR B 55 -48.18 21.23 47.71
N LEU B 56 -48.30 21.40 46.40
CA LEU B 56 -47.46 20.74 45.42
C LEU B 56 -46.09 21.42 45.31
N ALA B 57 -45.03 20.65 45.50
CA ALA B 57 -43.66 21.15 45.40
C ALA B 57 -43.36 21.61 43.97
N SER B 58 -42.53 22.64 43.86
CA SER B 58 -42.15 23.17 42.55
C SER B 58 -41.58 22.07 41.68
N GLY B 59 -42.05 21.98 40.44
CA GLY B 59 -41.56 21.00 39.51
C GLY B 59 -42.21 19.64 39.62
N VAL B 60 -43.16 19.47 40.54
CA VAL B 60 -43.83 18.18 40.72
C VAL B 60 -45.12 18.11 39.92
N PRO B 61 -45.38 17.02 39.19
CA PRO B 61 -46.62 16.90 38.42
C PRO B 61 -47.88 17.00 39.28
N SER B 62 -48.95 17.50 38.66
CA SER B 62 -50.20 17.72 39.38
C SER B 62 -50.91 16.41 39.73
N ARG B 63 -50.54 15.30 39.07
CA ARG B 63 -51.15 14.01 39.37
C ARG B 63 -50.83 13.54 40.78
N PHE B 64 -49.86 14.16 41.44
CA PHE B 64 -49.62 13.94 42.86
C PHE B 64 -50.54 14.88 43.61
N LYS B 65 -51.39 14.33 44.46
CA LYS B 65 -52.33 15.14 45.22
C LYS B 65 -52.16 14.78 46.69
N GLY B 66 -52.18 15.79 47.54
CA GLY B 66 -52.08 15.58 48.99
C GLY B 66 -53.37 16.03 49.64
N SER B 67 -53.79 15.26 50.65
CA SER B 67 -54.98 15.51 51.42
C SER B 67 -54.82 15.02 52.86
N GLY B 68 -55.82 15.32 53.66
CA GLY B 68 -55.88 14.79 55.01
C GLY B 68 -56.77 15.60 55.92
N SER B 69 -56.98 15.02 57.11
CA SER B 69 -57.76 15.59 58.20
C SER B 69 -57.04 15.40 59.55
N GLY B 70 -56.33 16.45 59.97
CA GLY B 70 -55.71 16.52 61.28
C GLY B 70 -54.69 15.49 61.71
N THR B 71 -55.08 14.23 61.59
CA THR B 71 -54.26 13.07 61.99
C THR B 71 -54.17 12.01 60.91
N GLN B 72 -55.02 12.05 59.90
CA GLN B 72 -54.97 11.09 58.80
C GLN B 72 -54.78 11.83 57.48
N PHE B 73 -53.81 11.39 56.70
CA PHE B 73 -53.40 12.08 55.48
C PHE B 73 -53.30 11.08 54.35
N THR B 74 -53.51 11.58 53.14
CA THR B 74 -53.55 10.74 51.95
C THR B 74 -52.71 11.36 50.85
N LEU B 75 -51.87 10.53 50.26
CA LEU B 75 -51.14 10.87 49.04
C LEU B 75 -51.78 10.03 47.96
N THR B 76 -52.27 10.68 46.91
CA THR B 76 -52.94 9.99 45.82
C THR B 76 -52.11 10.25 44.58
N ILE B 77 -51.69 9.19 43.92
CA ILE B 77 -50.93 9.28 42.68
C ILE B 77 -51.82 8.75 41.59
N SER B 78 -52.22 9.63 40.69
CA SER B 78 -53.04 9.29 39.54
C SER B 78 -52.19 9.29 38.28
N ASP B 79 -52.73 8.71 37.22
CA ASP B 79 -52.07 8.67 35.91
C ASP B 79 -50.61 8.25 36.09
N LEU B 80 -50.45 7.05 36.65
CA LEU B 80 -49.15 6.51 37.00
C LEU B 80 -48.23 6.42 35.79
N GLU B 81 -46.95 6.71 36.01
CA GLU B 81 -45.94 6.50 34.99
C GLU B 81 -44.91 5.49 35.50
N ALA B 82 -44.08 5.00 34.58
CA ALA B 82 -43.00 4.11 34.99
C ALA B 82 -42.08 4.80 35.98
N ASP B 83 -41.89 6.11 35.82
CA ASP B 83 -40.96 6.86 36.64
C ASP B 83 -41.38 6.88 38.09
N ASP B 84 -42.63 6.52 38.37
CA ASP B 84 -43.19 6.60 39.71
C ASP B 84 -42.75 5.43 40.57
N ALA B 85 -42.00 4.49 40.00
CA ALA B 85 -41.49 3.35 40.76
C ALA B 85 -40.47 3.86 41.78
N ALA B 86 -40.81 3.77 43.05
CA ALA B 86 -39.98 4.31 44.11
C ALA B 86 -40.58 3.89 45.44
N THR B 87 -40.05 4.46 46.53
CA THR B 87 -40.58 4.29 47.87
C THR B 87 -41.00 5.65 48.40
N TYR B 88 -42.21 5.75 48.93
CA TYR B 88 -42.78 7.03 49.33
C TYR B 88 -42.84 7.10 50.84
N TYR B 89 -42.54 8.28 51.39
CA TYR B 89 -42.49 8.45 52.83
C TYR B 89 -43.30 9.68 53.24
N CYS B 90 -44.02 9.56 54.35
CA CYS B 90 -44.58 10.74 55.00
C CYS B 90 -43.63 11.24 56.07
N SER B 91 -43.50 12.57 56.16
CA SER B 91 -42.56 13.23 57.07
C SER B 91 -43.33 14.28 57.85
N GLY B 92 -43.32 14.16 59.18
CA GLY B 92 -44.11 15.02 60.03
C GLY B 92 -43.28 15.61 61.16
N TYR B 93 -43.78 16.75 61.65
CA TYR B 93 -43.21 17.46 62.78
C TYR B 93 -44.29 17.71 63.82
N PHE B 94 -43.88 17.75 65.08
CA PHE B 94 -44.81 17.74 66.20
C PHE B 94 -44.41 18.79 67.22
N ASN B 95 -45.41 19.16 68.04
CA ASN B 95 -45.36 20.35 68.88
C ASN B 95 -44.24 20.30 69.90
N ASN B 96 -43.82 19.11 70.32
CA ASN B 96 -42.68 19.02 71.20
C ASN B 96 -41.38 19.23 70.42
N ASN B 97 -41.50 19.70 69.19
CA ASN B 97 -40.37 19.85 68.26
C ASN B 97 -39.73 18.48 68.07
N ILE B 98 -40.51 17.61 67.42
CA ILE B 98 -40.03 16.25 67.13
C ILE B 98 -40.54 15.84 65.76
N GLY B 99 -39.63 15.35 64.93
CA GLY B 99 -39.97 14.80 63.64
C GLY B 99 -40.02 13.29 63.60
N ALA B 100 -40.80 12.77 62.64
CA ALA B 100 -40.95 11.34 62.46
C ALA B 100 -41.32 11.07 61.01
N PHE B 101 -41.11 9.81 60.60
CA PHE B 101 -41.44 9.34 59.26
C PHE B 101 -42.35 8.13 59.34
N GLY B 102 -43.19 7.97 58.33
CA GLY B 102 -43.87 6.71 58.12
C GLY B 102 -42.90 5.64 57.66
N GLY B 103 -43.33 4.39 57.82
CA GLY B 103 -42.50 3.26 57.46
C GLY B 103 -42.19 3.14 55.99
N GLY B 104 -42.85 3.92 55.14
CA GLY B 104 -42.58 3.90 53.73
C GLY B 104 -43.53 2.99 52.98
N THR B 105 -43.69 3.27 51.68
CA THR B 105 -44.55 2.49 50.80
C THR B 105 -43.83 2.27 49.50
N LYS B 106 -43.51 1.02 49.19
CA LYS B 106 -42.81 0.67 47.97
C LYS B 106 -43.83 0.43 46.88
N LEU B 107 -43.67 1.12 45.75
CA LEU B 107 -44.62 1.02 44.65
C LEU B 107 -43.94 0.32 43.48
N GLU B 108 -44.53 -0.80 43.06
CA GLU B 108 -44.10 -1.53 41.87
C GLU B 108 -45.06 -1.23 40.73
N ILE B 109 -44.51 -0.90 39.57
CA ILE B 109 -45.31 -0.63 38.38
C ILE B 109 -45.54 -1.94 37.65
N LYS B 110 -46.81 -2.30 37.44
CA LYS B 110 -47.12 -3.47 36.65
C LYS B 110 -46.94 -3.16 35.17
N ARG B 111 -46.63 -4.20 34.41
CA ARG B 111 -46.48 -4.10 32.97
C ARG B 111 -46.69 -5.49 32.38
N THR B 112 -46.64 -5.57 31.07
CA THR B 112 -46.81 -6.86 30.42
C THR B 112 -45.63 -7.75 30.76
N VAL B 113 -45.86 -9.07 30.70
CA VAL B 113 -44.81 -10.01 31.05
C VAL B 113 -43.65 -9.84 30.08
N ALA B 114 -42.44 -9.83 30.64
CA ALA B 114 -41.22 -9.70 29.87
C ALA B 114 -40.28 -10.81 30.30
N ALA B 115 -39.95 -11.69 29.37
CA ALA B 115 -39.09 -12.82 29.65
C ALA B 115 -37.64 -12.36 29.79
N PRO B 116 -36.86 -12.97 30.68
CA PRO B 116 -35.47 -12.56 30.84
C PRO B 116 -34.64 -13.02 29.66
N SER B 117 -33.56 -12.31 29.39
CA SER B 117 -32.49 -12.82 28.55
C SER B 117 -31.41 -13.41 29.44
N VAL B 118 -31.00 -14.64 29.15
CA VAL B 118 -30.14 -15.37 30.07
C VAL B 118 -28.74 -15.47 29.45
N PHE B 119 -27.73 -15.25 30.28
CA PHE B 119 -26.33 -15.40 29.89
C PHE B 119 -25.57 -16.11 30.99
N ILE B 120 -24.60 -16.94 30.62
CA ILE B 120 -23.73 -17.58 31.61
C ILE B 120 -22.29 -17.17 31.31
N PHE B 121 -21.54 -16.86 32.36
CA PHE B 121 -20.15 -16.43 32.26
C PHE B 121 -19.28 -17.37 33.07
N PRO B 122 -18.36 -18.11 32.44
CA PRO B 122 -17.36 -18.89 33.17
C PRO B 122 -16.37 -17.99 33.87
N PRO B 123 -15.63 -18.50 34.85
CA PRO B 123 -14.62 -17.67 35.53
C PRO B 123 -13.53 -17.22 34.59
N SER B 124 -12.91 -16.10 34.94
CA SER B 124 -11.82 -15.53 34.17
C SER B 124 -10.51 -16.26 34.47
N ASP B 125 -9.60 -16.24 33.49
CA ASP B 125 -8.28 -16.81 33.70
C ASP B 125 -7.51 -16.09 34.80
N GLU B 126 -7.71 -14.78 34.95
CA GLU B 126 -7.04 -14.05 36.02
C GLU B 126 -7.51 -14.55 37.38
N GLN B 127 -8.81 -14.86 37.47
CA GLN B 127 -9.38 -15.38 38.69
C GLN B 127 -8.93 -16.82 38.93
N LEU B 128 -8.99 -17.66 37.90
CA LEU B 128 -8.51 -19.03 38.08
C LEU B 128 -7.08 -19.01 38.57
N LYS B 129 -6.27 -18.11 38.02
CA LYS B 129 -4.90 -17.93 38.47
C LYS B 129 -4.88 -17.58 39.96
N SER B 130 -5.86 -16.81 40.41
CA SER B 130 -5.84 -16.40 41.82
C SER B 130 -6.32 -17.50 42.76
N GLY B 131 -6.81 -18.62 42.23
CA GLY B 131 -7.18 -19.77 43.03
C GLY B 131 -8.65 -19.89 43.37
N THR B 132 -9.49 -19.00 42.84
CA THR B 132 -10.92 -19.04 43.06
C THR B 132 -11.64 -19.06 41.73
N ALA B 133 -12.91 -19.50 41.75
CA ALA B 133 -13.70 -19.65 40.53
C ALA B 133 -15.15 -19.24 40.80
N SER B 134 -15.59 -18.14 40.19
CA SER B 134 -16.97 -17.67 40.31
C SER B 134 -17.64 -17.74 38.94
N VAL B 135 -18.71 -18.52 38.83
CA VAL B 135 -19.51 -18.63 37.61
C VAL B 135 -20.73 -17.75 37.78
N VAL B 136 -21.02 -16.90 36.80
CA VAL B 136 -22.07 -15.89 36.92
C VAL B 136 -23.20 -16.21 35.95
N CYS B 137 -24.44 -16.13 36.43
CA CYS B 137 -25.61 -16.29 35.58
C CYS B 137 -26.41 -14.99 35.65
N LEU B 138 -26.75 -14.46 34.47
CA LEU B 138 -27.40 -13.17 34.35
C LEU B 138 -28.78 -13.36 33.72
N LEU B 139 -29.80 -12.98 34.46
CA LEU B 139 -31.15 -12.78 33.94
C LEU B 139 -31.34 -11.29 33.70
N ASN B 140 -31.65 -10.92 32.47
CA ASN B 140 -31.63 -9.52 32.06
C ASN B 140 -33.03 -9.08 31.65
N ASN B 141 -33.47 -7.97 32.24
CA ASN B 141 -34.68 -7.25 31.88
C ASN B 141 -35.91 -8.14 31.75
N PHE B 142 -36.50 -8.51 32.88
CA PHE B 142 -37.67 -9.38 32.91
C PHE B 142 -38.70 -8.88 33.89
N TYR B 143 -39.93 -9.35 33.70
CA TYR B 143 -41.04 -9.05 34.59
C TYR B 143 -42.01 -10.21 34.45
N PRO B 144 -42.62 -10.68 35.56
CA PRO B 144 -42.45 -10.18 36.92
C PRO B 144 -41.12 -10.58 37.56
N ARG B 145 -40.95 -10.14 38.81
CA ARG B 145 -39.69 -10.32 39.52
C ARG B 145 -39.43 -11.77 39.92
N GLU B 146 -40.48 -12.56 40.17
CA GLU B 146 -40.28 -13.93 40.64
C GLU B 146 -39.60 -14.78 39.57
N ALA B 147 -38.50 -15.44 39.95
CA ALA B 147 -37.77 -16.33 39.05
C ALA B 147 -37.05 -17.40 39.87
N LYS B 148 -36.89 -18.59 39.26
CA LYS B 148 -36.16 -19.70 39.88
C LYS B 148 -34.86 -19.98 39.13
N VAL B 149 -33.71 -19.83 39.80
CA VAL B 149 -32.41 -20.04 39.17
C VAL B 149 -31.62 -21.12 39.93
N GLN B 150 -31.39 -22.27 39.30
CA GLN B 150 -30.68 -23.39 39.93
C GLN B 150 -29.44 -23.78 39.14
N TRP B 151 -28.38 -24.11 39.86
CA TRP B 151 -27.11 -24.53 39.26
C TRP B 151 -26.96 -26.05 39.22
N LYS B 152 -26.40 -26.55 38.12
CA LYS B 152 -26.12 -27.99 37.95
C LYS B 152 -24.73 -28.15 37.38
N VAL B 153 -23.84 -28.79 38.13
CA VAL B 153 -22.48 -29.10 37.69
C VAL B 153 -22.37 -30.62 37.48
N ASP B 154 -22.01 -31.01 36.26
CA ASP B 154 -22.09 -32.41 35.84
C ASP B 154 -23.43 -33.02 36.23
N ASN B 155 -24.49 -32.25 36.05
CA ASN B 155 -25.85 -32.71 36.33
C ASN B 155 -26.02 -33.07 37.79
N ALA B 156 -25.32 -32.37 38.69
CA ALA B 156 -25.51 -32.50 40.13
C ALA B 156 -26.01 -31.16 40.67
N LEU B 157 -27.19 -31.17 41.29
CA LEU B 157 -27.76 -29.92 41.80
C LEU B 157 -26.91 -29.34 42.91
N GLN B 158 -26.47 -28.09 42.74
CA GLN B 158 -25.72 -27.43 43.79
C GLN B 158 -26.69 -26.88 44.84
N SER B 159 -26.16 -26.64 46.04
CA SER B 159 -26.98 -26.13 47.13
C SER B 159 -26.06 -25.39 48.10
N GLY B 160 -26.37 -24.12 48.38
CA GLY B 160 -25.67 -23.39 49.40
C GLY B 160 -24.39 -22.72 48.96
N ASN B 161 -24.00 -22.87 47.68
CA ASN B 161 -22.79 -22.26 47.16
C ASN B 161 -23.08 -21.20 46.11
N SER B 162 -24.28 -20.60 46.12
CA SER B 162 -24.63 -19.53 45.22
C SER B 162 -25.32 -18.39 45.95
N GLN B 163 -25.35 -17.21 45.32
CA GLN B 163 -25.91 -16.01 45.91
C GLN B 163 -26.60 -15.19 44.82
N GLU B 164 -27.80 -14.69 45.13
CA GLU B 164 -28.57 -13.91 44.17
C GLU B 164 -28.60 -12.43 44.57
N SER B 165 -28.57 -11.56 43.57
CA SER B 165 -28.72 -10.12 43.75
C SER B 165 -29.61 -9.57 42.65
N VAL B 166 -30.52 -8.66 43.00
CA VAL B 166 -31.52 -8.16 42.07
C VAL B 166 -31.44 -6.64 42.06
N THR B 167 -31.57 -6.05 40.87
CA THR B 167 -31.60 -4.60 40.73
C THR B 167 -32.94 -4.05 41.22
N GLU B 168 -33.01 -2.73 41.36
CA GLU B 168 -34.31 -2.09 41.49
C GLU B 168 -35.10 -2.22 40.19
N GLN B 169 -36.36 -1.83 40.26
CA GLN B 169 -37.21 -1.79 39.08
C GLN B 169 -36.80 -0.62 38.21
N ASP B 170 -36.61 -0.87 36.92
CA ASP B 170 -36.18 0.20 36.03
C ASP B 170 -37.29 1.21 35.86
N SER B 171 -36.94 2.49 35.89
CA SER B 171 -37.96 3.53 35.82
C SER B 171 -38.43 3.81 34.40
N LYS B 172 -37.77 3.24 33.40
CA LYS B 172 -38.13 3.42 31.99
C LYS B 172 -38.90 2.24 31.43
N ASP B 173 -38.44 1.01 31.63
CA ASP B 173 -39.10 -0.15 31.07
C ASP B 173 -39.68 -1.06 32.14
N SER B 174 -39.56 -0.69 33.42
CA SER B 174 -40.22 -1.41 34.51
C SER B 174 -39.75 -2.85 34.65
N THR B 175 -38.53 -3.17 34.21
CA THR B 175 -38.03 -4.53 34.34
C THR B 175 -37.08 -4.68 35.52
N TYR B 176 -36.78 -5.93 35.84
CA TYR B 176 -35.79 -6.27 36.84
C TYR B 176 -34.69 -7.07 36.16
N SER B 177 -33.54 -7.11 36.80
CA SER B 177 -32.44 -7.96 36.40
C SER B 177 -31.91 -8.68 37.63
N LEU B 178 -31.37 -9.87 37.45
CA LEU B 178 -31.01 -10.72 38.57
C LEU B 178 -29.71 -11.41 38.20
N SER B 179 -28.81 -11.49 39.17
CA SER B 179 -27.57 -12.25 39.05
C SER B 179 -27.50 -13.35 40.09
N SER B 180 -27.09 -14.55 39.65
CA SER B 180 -26.87 -15.67 40.53
C SER B 180 -25.43 -16.12 40.36
N THR B 181 -24.64 -16.03 41.43
CA THR B 181 -23.20 -16.27 41.34
C THR B 181 -22.86 -17.52 42.15
N LEU B 182 -22.32 -18.52 41.43
CA LEU B 182 -21.80 -19.77 41.97
C LEU B 182 -20.32 -19.67 42.36
N THR B 183 -20.01 -19.94 43.62
CA THR B 183 -18.66 -19.74 44.18
C THR B 183 -18.00 -21.08 44.49
N LEU B 184 -16.93 -21.41 43.76
CA LEU B 184 -16.18 -22.65 43.92
C LEU B 184 -14.69 -22.32 44.02
N SER B 185 -13.91 -23.30 44.48
CA SER B 185 -12.46 -23.27 44.36
C SER B 185 -11.99 -23.74 42.97
N LYS B 186 -10.74 -23.38 42.66
CA LYS B 186 -10.14 -23.80 41.39
C LYS B 186 -10.09 -25.31 41.28
N ALA B 187 -9.79 -25.99 42.37
CA ALA B 187 -9.72 -27.45 42.36
C ALA B 187 -11.06 -28.05 41.95
N ASP B 188 -12.10 -27.75 42.73
CA ASP B 188 -13.43 -28.25 42.41
C ASP B 188 -13.84 -27.86 41.00
N TYR B 189 -13.46 -26.65 40.57
CA TYR B 189 -13.81 -26.21 39.22
C TYR B 189 -13.18 -27.11 38.15
N GLU B 190 -11.86 -27.36 38.25
CA GLU B 190 -11.22 -28.19 37.24
C GLU B 190 -11.63 -29.66 37.36
N LYS B 191 -12.32 -30.03 38.43
CA LYS B 191 -12.87 -31.37 38.59
C LYS B 191 -14.00 -31.69 37.64
N HIS B 192 -14.65 -30.69 37.03
CA HIS B 192 -15.89 -30.94 36.33
C HIS B 192 -15.88 -30.29 34.95
N LYS B 193 -16.92 -30.63 34.18
CA LYS B 193 -17.03 -30.24 32.78
C LYS B 193 -18.25 -29.37 32.53
N VAL B 194 -19.46 -29.86 32.83
CA VAL B 194 -20.69 -29.17 32.47
C VAL B 194 -21.11 -28.25 33.60
N TYR B 195 -21.27 -26.96 33.28
CA TYR B 195 -21.78 -25.98 34.22
C TYR B 195 -23.06 -25.40 33.63
N ALA B 196 -24.18 -25.51 34.37
CA ALA B 196 -25.47 -25.13 33.82
C ALA B 196 -26.27 -24.27 34.79
N CYS B 197 -26.86 -23.22 34.23
CA CYS B 197 -27.80 -22.34 34.94
C CYS B 197 -29.19 -22.58 34.36
N GLU B 198 -30.12 -23.01 35.19
CA GLU B 198 -31.49 -23.29 34.77
C GLU B 198 -32.41 -22.22 35.35
N VAL B 199 -33.18 -21.59 34.46
CA VAL B 199 -34.01 -20.43 34.76
C VAL B 199 -35.47 -20.76 34.46
N THR B 200 -36.34 -20.59 35.47
CA THR B 200 -37.78 -20.72 35.30
C THR B 200 -38.44 -19.37 35.56
N HIS B 201 -39.27 -18.94 34.60
CA HIS B 201 -39.94 -17.64 34.63
C HIS B 201 -41.25 -17.68 33.85
N GLN B 202 -42.20 -16.85 34.29
CA GLN B 202 -43.51 -16.78 33.64
C GLN B 202 -43.39 -16.44 32.16
N GLY B 203 -42.31 -15.77 31.77
CA GLY B 203 -42.07 -15.36 30.41
C GLY B 203 -41.49 -16.45 29.54
N LEU B 204 -41.07 -17.55 30.15
CA LEU B 204 -40.46 -18.67 29.45
C LEU B 204 -41.49 -19.79 29.37
N SER B 205 -41.71 -20.30 28.16
CA SER B 205 -42.64 -21.41 27.97
C SER B 205 -42.24 -22.64 28.78
N SER B 206 -40.93 -22.91 28.83
CA SER B 206 -40.37 -24.00 29.60
C SER B 206 -39.04 -23.52 30.17
N PRO B 207 -38.55 -24.15 31.23
CA PRO B 207 -37.32 -23.64 31.85
C PRO B 207 -36.23 -23.58 30.80
N VAL B 208 -35.52 -22.48 30.77
CA VAL B 208 -34.37 -22.26 29.89
C VAL B 208 -33.11 -22.74 30.59
N THR B 209 -32.22 -23.37 29.83
CA THR B 209 -30.94 -23.81 30.38
C THR B 209 -29.82 -23.20 29.55
N LYS B 210 -28.87 -22.57 30.25
CA LYS B 210 -27.65 -22.04 29.65
C LYS B 210 -26.46 -22.70 30.31
N SER B 211 -25.62 -23.33 29.51
CA SER B 211 -24.56 -24.15 30.03
C SER B 211 -23.30 -23.93 29.21
N PHE B 212 -22.18 -24.37 29.77
CA PHE B 212 -20.92 -24.38 29.05
C PHE B 212 -20.10 -25.55 29.56
N ASN B 213 -19.12 -25.96 28.78
CA ASN B 213 -18.20 -26.99 29.20
C ASN B 213 -16.91 -26.32 29.66
N ARG B 214 -16.47 -26.66 30.86
CA ARG B 214 -15.30 -26.04 31.46
C ARG B 214 -14.06 -26.22 30.59
N GLY B 215 -13.44 -25.11 30.23
CA GLY B 215 -12.20 -25.15 29.46
C GLY B 215 -12.48 -25.27 27.99
N GLU B 216 -13.23 -24.30 27.46
CA GLU B 216 -13.73 -24.37 26.10
C GLU B 216 -14.16 -23.00 25.61
N GLN C 1 -49.87 -2.91 -8.11
CA GLN C 1 -48.56 -2.46 -7.57
C GLN C 1 -48.69 -1.43 -6.46
N SER C 2 -48.84 -1.89 -5.22
CA SER C 2 -48.92 -0.98 -4.09
C SER C 2 -48.40 -1.69 -2.85
N VAL C 3 -47.99 -0.89 -1.86
CA VAL C 3 -47.38 -1.39 -0.63
C VAL C 3 -47.98 -0.68 0.57
N GLU C 4 -48.11 -1.42 1.67
CA GLU C 4 -48.63 -0.87 2.91
C GLU C 4 -48.03 -1.61 4.10
N GLU C 5 -47.51 -0.84 5.06
CA GLU C 5 -47.01 -1.44 6.28
C GLU C 5 -48.14 -1.44 7.31
N SER C 6 -48.05 -2.37 8.26
CA SER C 6 -49.02 -2.44 9.33
C SER C 6 -48.39 -3.12 10.54
N GLY C 7 -49.01 -2.91 11.69
CA GLY C 7 -48.51 -3.43 12.95
C GLY C 7 -47.70 -2.44 13.74
N GLY C 8 -47.61 -1.20 13.27
CA GLY C 8 -46.88 -0.17 13.97
C GLY C 8 -47.69 0.41 15.11
N GLY C 9 -47.04 1.27 15.88
CA GLY C 9 -47.66 1.91 17.02
C GLY C 9 -46.78 1.96 18.24
N LEU C 10 -47.39 1.99 19.42
CA LEU C 10 -46.67 2.09 20.67
C LEU C 10 -46.43 0.68 21.20
N VAL C 11 -45.20 0.41 21.63
CA VAL C 11 -44.84 -0.88 22.19
C VAL C 11 -43.95 -0.69 23.40
N THR C 12 -44.06 -1.61 24.34
CA THR C 12 -43.29 -1.54 25.58
C THR C 12 -41.88 -2.07 25.36
N PRO C 13 -40.86 -1.44 25.95
CA PRO C 13 -39.49 -1.94 25.78
C PRO C 13 -39.35 -3.39 26.22
N GLY C 14 -38.81 -4.21 25.32
CA GLY C 14 -38.62 -5.62 25.57
C GLY C 14 -39.72 -6.49 25.05
N THR C 15 -40.84 -5.91 24.62
CA THR C 15 -41.95 -6.68 24.08
C THR C 15 -41.74 -6.86 22.59
N PRO C 16 -41.57 -8.10 22.09
CA PRO C 16 -41.40 -8.31 20.65
C PRO C 16 -42.48 -7.58 19.87
N LEU C 17 -42.14 -7.11 18.67
CA LEU C 17 -43.10 -6.36 17.87
C LEU C 17 -42.91 -6.78 16.42
N THR C 18 -43.99 -7.24 15.80
CA THR C 18 -43.93 -7.76 14.44
C THR C 18 -44.70 -6.83 13.51
N LEU C 19 -44.01 -6.34 12.48
CA LEU C 19 -44.61 -5.56 11.41
C LEU C 19 -44.89 -6.44 10.21
N THR C 20 -45.95 -6.09 9.49
CA THR C 20 -46.37 -6.82 8.30
C THR C 20 -46.39 -5.88 7.11
N CYS C 21 -45.87 -6.37 6.00
CA CYS C 21 -45.81 -5.62 4.75
C CYS C 21 -46.70 -6.33 3.74
N THR C 22 -47.70 -5.61 3.24
CA THR C 22 -48.66 -6.16 2.29
C THR C 22 -48.53 -5.46 0.95
N VAL C 23 -48.38 -6.26 -0.10
CA VAL C 23 -48.23 -5.79 -1.46
C VAL C 23 -49.47 -6.21 -2.25
N SER C 24 -49.72 -5.49 -3.34
CA SER C 24 -50.82 -5.84 -4.22
C SER C 24 -50.33 -5.61 -5.65
N GLY C 25 -50.50 -6.63 -6.48
CA GLY C 25 -49.98 -6.57 -7.85
C GLY C 25 -48.48 -6.71 -7.94
N ILE C 26 -47.84 -7.24 -6.92
CA ILE C 26 -46.40 -7.48 -6.91
C ILE C 26 -46.14 -8.95 -6.56
N ASP C 27 -45.27 -9.58 -7.35
CA ASP C 27 -44.99 -11.03 -7.32
C ASP C 27 -43.76 -11.29 -6.45
N LEU C 28 -43.97 -11.78 -5.23
CA LEU C 28 -42.86 -12.04 -4.32
C LEU C 28 -42.10 -13.31 -4.63
N SER C 29 -42.56 -14.11 -5.59
CA SER C 29 -41.76 -15.23 -6.08
C SER C 29 -40.72 -14.79 -7.09
N ARG C 30 -40.74 -13.52 -7.53
CA ARG C 30 -39.79 -13.07 -8.53
C ARG C 30 -39.11 -11.73 -8.20
N TYR C 31 -39.52 -11.04 -7.14
CA TYR C 31 -38.94 -9.75 -6.80
C TYR C 31 -38.78 -9.67 -5.29
N ALA C 32 -37.78 -8.89 -4.87
CA ALA C 32 -37.44 -8.82 -3.46
C ALA C 32 -38.17 -7.66 -2.81
N MET C 33 -38.38 -7.76 -1.51
CA MET C 33 -38.94 -6.69 -0.70
C MET C 33 -37.91 -6.29 0.34
N SER C 34 -37.82 -5.00 0.63
CA SER C 34 -36.84 -4.49 1.56
C SER C 34 -37.52 -3.84 2.76
N TRP C 35 -36.84 -3.91 3.90
CA TRP C 35 -37.22 -3.19 5.10
C TRP C 35 -36.19 -2.12 5.40
N VAL C 36 -36.68 -0.89 5.53
CA VAL C 36 -35.91 0.31 5.79
C VAL C 36 -36.55 0.99 6.99
N ARG C 37 -35.77 1.82 7.70
CA ARG C 37 -36.32 2.63 8.79
C ARG C 37 -35.65 3.99 8.79
N GLN C 38 -36.22 4.89 9.59
CA GLN C 38 -35.79 6.28 9.63
C GLN C 38 -36.20 6.84 10.97
N ALA C 39 -35.22 7.05 11.86
CA ALA C 39 -35.49 7.68 13.13
C ALA C 39 -35.89 9.13 12.92
N PRO C 40 -36.63 9.71 13.86
CA PRO C 40 -37.11 11.10 13.67
C PRO C 40 -35.95 12.04 13.41
N GLY C 41 -36.02 12.75 12.29
CA GLY C 41 -35.04 13.76 11.94
C GLY C 41 -33.72 13.21 11.45
N LYS C 42 -33.63 11.91 11.19
CA LYS C 42 -32.40 11.25 10.78
C LYS C 42 -32.57 10.61 9.41
N GLY C 43 -31.51 9.91 9.00
CA GLY C 43 -31.44 9.37 7.66
C GLY C 43 -32.01 7.98 7.55
N LEU C 44 -32.14 7.54 6.30
CA LEU C 44 -32.61 6.20 6.00
C LEU C 44 -31.57 5.16 6.38
N GLU C 45 -32.04 4.02 6.86
CA GLU C 45 -31.18 2.93 7.32
C GLU C 45 -31.71 1.65 6.70
N TRP C 46 -30.85 0.94 5.97
CA TRP C 46 -31.27 -0.30 5.34
C TRP C 46 -31.27 -1.39 6.41
N ILE C 47 -32.43 -2.03 6.62
CA ILE C 47 -32.54 -3.08 7.62
C ILE C 47 -32.32 -4.44 6.98
N GLY C 48 -33.11 -4.76 5.96
CA GLY C 48 -32.96 -6.11 5.44
C GLY C 48 -33.78 -6.32 4.19
N ILE C 49 -33.75 -7.55 3.70
CA ILE C 49 -34.40 -7.86 2.44
C ILE C 49 -34.77 -9.34 2.35
N PHE C 50 -35.96 -9.55 1.79
CA PHE C 50 -36.42 -10.84 1.30
C PHE C 50 -36.21 -10.90 -0.20
N GLY C 51 -35.30 -11.77 -0.61
CA GLY C 51 -34.86 -11.83 -1.98
C GLY C 51 -35.76 -12.57 -2.92
N SER C 52 -35.45 -12.42 -4.20
CA SER C 52 -36.22 -13.04 -5.26
C SER C 52 -36.10 -14.55 -5.24
N LEU C 53 -35.01 -15.07 -4.65
CA LEU C 53 -34.73 -16.51 -4.63
C LEU C 53 -34.85 -17.12 -3.24
N GLY C 54 -35.51 -16.45 -2.30
CA GLY C 54 -35.73 -16.98 -0.97
C GLY C 54 -34.61 -16.68 -0.02
N GLY C 55 -33.61 -15.92 -0.47
CA GLY C 55 -32.55 -15.45 0.40
C GLY C 55 -33.03 -14.37 1.35
N ILE C 56 -32.55 -14.43 2.59
CA ILE C 56 -32.90 -13.46 3.61
C ILE C 56 -31.59 -12.82 4.03
N PHE C 57 -31.49 -11.50 3.85
CA PHE C 57 -30.25 -10.80 4.16
C PHE C 57 -30.49 -9.59 5.04
N TYR C 58 -29.60 -9.39 6.01
CA TYR C 58 -29.73 -8.30 6.96
C TYR C 58 -28.46 -7.46 6.97
N ALA C 59 -28.61 -6.19 7.31
CA ALA C 59 -27.46 -5.37 7.64
C ALA C 59 -26.69 -6.03 8.78
N SER C 60 -25.39 -5.76 8.84
CA SER C 60 -24.57 -6.36 9.88
C SER C 60 -25.12 -6.03 11.26
N TRP C 61 -25.60 -4.80 11.44
CA TRP C 61 -26.09 -4.38 12.74
C TRP C 61 -27.50 -4.88 13.01
N ALA C 62 -28.21 -5.40 11.99
CA ALA C 62 -29.60 -5.78 12.17
C ALA C 62 -29.77 -7.29 12.36
N LYS C 63 -28.72 -8.08 12.17
CA LYS C 63 -28.84 -9.52 12.30
C LYS C 63 -29.04 -9.89 13.76
N GLY C 64 -30.05 -10.72 14.02
CA GLY C 64 -30.42 -11.01 15.40
C GLY C 64 -31.46 -10.05 15.92
N ARG C 65 -31.27 -8.75 15.61
CA ARG C 65 -32.19 -7.74 16.10
C ARG C 65 -33.50 -7.76 15.33
N PHE C 66 -33.50 -8.34 14.13
CA PHE C 66 -34.67 -8.40 13.29
C PHE C 66 -34.73 -9.78 12.65
N THR C 67 -35.94 -10.26 12.38
CA THR C 67 -36.13 -11.47 11.59
C THR C 67 -37.14 -11.17 10.48
N ILE C 68 -36.74 -11.37 9.24
CA ILE C 68 -37.61 -11.19 8.09
C ILE C 68 -38.03 -12.55 7.56
N SER C 69 -39.31 -12.68 7.22
CA SER C 69 -39.86 -13.90 6.69
C SER C 69 -41.01 -13.52 5.78
N LYS C 70 -41.32 -14.40 4.83
CA LYS C 70 -42.51 -14.26 4.00
C LYS C 70 -43.61 -15.15 4.52
N THR C 71 -44.72 -14.53 4.92
CA THR C 71 -45.83 -15.26 5.52
C THR C 71 -46.95 -15.58 4.53
N SER C 72 -47.05 -14.86 3.41
CA SER C 72 -48.08 -15.23 2.44
C SER C 72 -47.72 -14.62 1.10
N PRO C 73 -48.33 -15.11 0.01
CA PRO C 73 -48.02 -14.57 -1.32
C PRO C 73 -48.11 -13.05 -1.36
N THR C 74 -48.76 -12.45 -0.35
CA THR C 74 -48.94 -11.01 -0.30
C THR C 74 -48.41 -10.38 0.98
N THR C 75 -47.77 -11.15 1.86
CA THR C 75 -47.31 -10.61 3.13
C THR C 75 -45.88 -11.05 3.43
N VAL C 76 -45.10 -10.10 3.96
CA VAL C 76 -43.73 -10.33 4.43
C VAL C 76 -43.60 -9.67 5.80
N ASP C 77 -42.96 -10.35 6.75
CA ASP C 77 -42.90 -9.87 8.12
C ASP C 77 -41.52 -9.32 8.47
N LEU C 78 -41.51 -8.39 9.43
CA LEU C 78 -40.31 -7.89 10.08
C LEU C 78 -40.55 -7.97 11.59
N LYS C 79 -39.91 -8.91 12.25
CA LYS C 79 -40.09 -9.09 13.69
C LYS C 79 -38.91 -8.47 14.43
N ILE C 80 -39.20 -7.45 15.23
CA ILE C 80 -38.22 -6.85 16.14
C ILE C 80 -38.21 -7.66 17.42
N THR C 81 -37.07 -8.28 17.70
CA THR C 81 -36.96 -9.31 18.73
C THR C 81 -37.09 -8.72 20.13
N SER C 82 -36.32 -7.67 20.43
CA SER C 82 -36.35 -7.03 21.74
C SER C 82 -36.26 -5.52 21.55
N PRO C 83 -37.40 -4.86 21.34
CA PRO C 83 -37.35 -3.42 21.02
C PRO C 83 -36.74 -2.61 22.15
N THR C 84 -36.01 -1.56 21.78
CA THR C 84 -35.46 -0.61 22.73
C THR C 84 -35.87 0.79 22.32
N THR C 85 -35.55 1.76 23.19
CA THR C 85 -35.94 3.14 22.91
C THR C 85 -35.36 3.59 21.58
N GLU C 86 -34.12 3.17 21.30
CA GLU C 86 -33.45 3.58 20.08
C GLU C 86 -34.06 2.97 18.83
N ASP C 87 -35.00 2.03 18.99
CA ASP C 87 -35.68 1.45 17.84
C ASP C 87 -36.91 2.25 17.44
N THR C 88 -37.18 3.37 18.11
CA THR C 88 -38.30 4.22 17.73
C THR C 88 -37.97 4.86 16.38
N ALA C 89 -38.84 4.67 15.40
CA ALA C 89 -38.56 5.15 14.06
C ALA C 89 -39.76 4.85 13.17
N THR C 90 -39.81 5.54 12.03
CA THR C 90 -40.72 5.17 10.96
C THR C 90 -40.14 4.02 10.16
N TYR C 91 -40.94 2.97 9.97
CA TYR C 91 -40.52 1.77 9.26
C TYR C 91 -41.22 1.71 7.91
N PHE C 92 -40.41 1.57 6.87
CA PHE C 92 -40.86 1.49 5.49
C PHE C 92 -40.64 0.07 4.95
N CYS C 93 -41.61 -0.42 4.20
CA CYS C 93 -41.47 -1.59 3.35
C CYS C 93 -41.45 -1.13 1.90
N ALA C 94 -40.50 -1.63 1.11
CA ALA C 94 -40.32 -1.09 -0.23
C ALA C 94 -39.95 -2.17 -1.25
N ARG C 95 -40.55 -2.02 -2.43
CA ARG C 95 -40.16 -2.69 -3.67
C ARG C 95 -39.17 -1.73 -4.32
N MET C 96 -37.88 -1.88 -4.01
CA MET C 96 -36.88 -0.86 -4.33
C MET C 96 -35.85 -1.40 -5.32
N PRO C 97 -36.23 -1.50 -6.60
CA PRO C 97 -35.26 -1.95 -7.60
C PRO C 97 -34.18 -0.90 -7.80
N TYR C 98 -32.96 -1.38 -8.00
CA TYR C 98 -31.83 -0.52 -8.30
C TYR C 98 -31.66 -0.26 -9.79
N THR C 99 -32.24 -1.11 -10.65
CA THR C 99 -32.06 -1.02 -12.09
C THR C 99 -33.39 -0.89 -12.85
N THR C 100 -34.48 -0.54 -12.17
CA THR C 100 -35.72 -0.20 -12.85
C THR C 100 -36.38 0.97 -12.14
N ASP C 101 -37.45 1.49 -12.75
CA ASP C 101 -38.22 2.58 -12.17
C ASP C 101 -39.56 2.09 -11.64
N ARG C 102 -39.69 0.79 -11.40
CA ARG C 102 -40.88 0.21 -10.78
C ARG C 102 -40.69 0.18 -9.26
N ASP C 103 -40.71 1.38 -8.69
CA ASP C 103 -40.26 1.63 -7.33
C ASP C 103 -41.45 2.04 -6.50
N PHE C 104 -41.80 1.23 -5.50
CA PHE C 104 -42.98 1.44 -4.68
C PHE C 104 -42.61 1.26 -3.22
N TRP C 105 -42.86 2.31 -2.45
CA TRP C 105 -42.61 2.35 -1.02
C TRP C 105 -43.94 2.48 -0.31
N GLY C 106 -44.07 1.85 0.84
CA GLY C 106 -45.24 2.08 1.66
C GLY C 106 -45.14 3.45 2.30
N PRO C 107 -46.24 3.91 2.89
CA PRO C 107 -46.22 5.25 3.51
C PRO C 107 -45.41 5.28 4.77
N GLY C 108 -45.08 4.12 5.33
CA GLY C 108 -44.34 4.05 6.58
C GLY C 108 -45.27 3.97 7.76
N THR C 109 -44.81 3.27 8.79
CA THR C 109 -45.58 3.12 10.02
C THR C 109 -44.65 3.44 11.18
N LEU C 110 -45.12 4.32 12.06
CA LEU C 110 -44.30 4.77 13.17
C LEU C 110 -44.33 3.77 14.31
N VAL C 111 -43.16 3.37 14.77
CA VAL C 111 -43.03 2.51 15.94
C VAL C 111 -42.39 3.36 17.03
N THR C 112 -43.10 3.49 18.15
CA THR C 112 -42.65 4.21 19.33
C THR C 112 -42.42 3.20 20.44
N VAL C 113 -41.21 3.19 20.98
CA VAL C 113 -40.86 2.28 22.07
C VAL C 113 -40.83 3.09 23.36
N SER C 114 -41.82 2.88 24.22
CA SER C 114 -41.94 3.64 25.46
C SER C 114 -42.94 2.95 26.37
N SER C 115 -42.78 3.20 27.66
CA SER C 115 -43.66 2.69 28.70
C SER C 115 -44.81 3.63 28.97
N ALA C 116 -44.74 4.85 28.46
CA ALA C 116 -45.82 5.82 28.63
C ALA C 116 -47.11 5.30 28.03
N SER C 117 -48.21 5.85 28.50
CA SER C 117 -49.55 5.49 28.05
C SER C 117 -49.97 6.42 26.92
N THR C 118 -50.92 5.95 26.11
CA THR C 118 -51.42 6.77 25.02
C THR C 118 -52.31 7.84 25.63
N LYS C 119 -52.27 9.03 25.06
CA LYS C 119 -53.10 10.13 25.54
C LYS C 119 -53.62 10.94 24.38
N GLY C 120 -54.94 11.11 24.33
CA GLY C 120 -55.56 11.92 23.31
C GLY C 120 -55.23 13.37 23.57
N PRO C 121 -55.20 14.19 22.53
CA PRO C 121 -54.84 15.60 22.71
C PRO C 121 -55.97 16.40 23.32
N SER C 122 -55.60 17.53 23.91
CA SER C 122 -56.54 18.60 24.19
C SER C 122 -56.39 19.63 23.08
N VAL C 123 -57.50 20.14 22.58
CA VAL C 123 -57.50 21.09 21.48
C VAL C 123 -58.03 22.41 21.99
N PHE C 124 -57.21 23.45 21.90
CA PHE C 124 -57.59 24.77 22.34
C PHE C 124 -57.53 25.69 21.13
N PRO C 125 -58.40 26.70 21.07
CA PRO C 125 -58.40 27.56 19.88
C PRO C 125 -57.46 28.75 20.00
N LEU C 126 -56.74 28.99 18.90
CA LEU C 126 -55.93 30.19 18.76
C LEU C 126 -56.76 31.15 17.92
N ALA C 127 -57.50 31.93 18.56
CA ALA C 127 -58.50 32.73 17.90
C ALA C 127 -57.88 34.03 17.38
N PRO C 128 -58.45 34.63 16.32
CA PRO C 128 -57.90 35.91 15.85
C PRO C 128 -58.46 37.10 16.62
N GLY C 136 -55.31 43.50 6.67
CA GLY C 136 -55.26 42.75 5.43
C GLY C 136 -55.32 41.25 5.67
N THR C 137 -54.42 40.78 6.53
CA THR C 137 -54.30 39.36 6.84
C THR C 137 -54.44 39.14 8.34
N ALA C 138 -55.16 38.08 8.69
CA ALA C 138 -55.40 37.68 10.06
C ALA C 138 -54.94 36.23 10.19
N ALA C 139 -54.57 35.83 11.40
CA ALA C 139 -54.11 34.47 11.64
C ALA C 139 -54.92 33.82 12.74
N LEU C 140 -55.11 32.51 12.60
CA LEU C 140 -55.78 31.71 13.62
C LEU C 140 -55.21 30.31 13.60
N GLY C 141 -55.56 29.53 14.59
CA GLY C 141 -55.00 28.19 14.66
C GLY C 141 -55.65 27.36 15.73
N CYS C 142 -55.00 26.22 15.99
CA CYS C 142 -55.46 25.23 16.95
C CYS C 142 -54.23 24.70 17.65
N LEU C 143 -54.21 24.80 18.98
CA LEU C 143 -53.16 24.20 19.77
C LEU C 143 -53.61 22.79 20.18
N VAL C 144 -52.89 21.80 19.68
CA VAL C 144 -53.17 20.39 19.94
C VAL C 144 -52.11 19.95 20.93
N LYS C 145 -52.48 19.97 22.21
CA LYS C 145 -51.56 19.95 23.32
C LYS C 145 -51.67 18.65 24.09
N ASP C 146 -50.51 18.12 24.49
CA ASP C 146 -50.43 17.00 25.42
C ASP C 146 -51.11 15.74 24.91
N TYR C 147 -50.45 15.06 23.98
CA TYR C 147 -50.92 13.79 23.46
C TYR C 147 -49.73 12.84 23.35
N PHE C 148 -50.04 11.55 23.25
CA PHE C 148 -49.00 10.55 23.11
C PHE C 148 -49.63 9.23 22.66
N PRO C 149 -49.01 8.47 21.75
CA PRO C 149 -47.79 8.81 21.03
C PRO C 149 -48.11 9.63 19.79
N GLU C 150 -47.11 9.88 18.96
CA GLU C 150 -47.37 10.45 17.64
C GLU C 150 -48.01 9.40 16.73
N PRO C 151 -48.66 9.84 15.64
CA PRO C 151 -48.86 11.24 15.26
C PRO C 151 -50.30 11.70 15.37
N VAL C 152 -50.54 12.98 15.12
CA VAL C 152 -51.88 13.49 14.91
C VAL C 152 -51.93 14.09 13.51
N THR C 153 -53.15 14.21 12.98
CA THR C 153 -53.42 14.88 11.72
C THR C 153 -54.38 16.04 11.94
N VAL C 154 -54.13 17.16 11.28
CA VAL C 154 -54.96 18.35 11.41
C VAL C 154 -55.35 18.80 10.01
N SER C 155 -56.65 18.97 9.78
CA SER C 155 -57.17 19.60 8.58
C SER C 155 -57.94 20.83 9.00
N TRP C 156 -58.38 21.62 8.01
CA TRP C 156 -59.13 22.84 8.28
C TRP C 156 -60.38 22.89 7.40
N ASN C 157 -61.54 23.02 8.04
CA ASN C 157 -62.81 23.03 7.32
C ASN C 157 -62.91 21.79 6.44
N SER C 158 -62.56 20.65 7.03
CA SER C 158 -62.65 19.33 6.40
C SER C 158 -61.91 19.25 5.07
N GLY C 159 -60.71 19.87 5.02
CA GLY C 159 -59.88 19.79 3.84
C GLY C 159 -60.11 20.88 2.80
N ALA C 160 -61.22 21.62 2.89
CA ALA C 160 -61.46 22.67 1.91
C ALA C 160 -60.45 23.80 2.02
N LEU C 161 -59.91 24.02 3.21
CA LEU C 161 -58.93 25.07 3.46
C LEU C 161 -57.52 24.48 3.52
N THR C 162 -56.68 24.89 2.58
CA THR C 162 -55.32 24.36 2.42
C THR C 162 -54.26 25.42 2.21
N SER C 163 -54.63 26.60 1.70
CA SER C 163 -53.66 27.63 1.37
C SER C 163 -53.30 28.42 2.63
N GLY C 164 -52.00 28.61 2.86
CA GLY C 164 -51.52 29.34 4.03
C GLY C 164 -51.56 28.57 5.32
N VAL C 165 -51.76 27.25 5.27
CA VAL C 165 -51.75 26.41 6.45
C VAL C 165 -50.31 26.03 6.80
N HIS C 166 -49.97 26.13 8.09
CA HIS C 166 -48.67 25.69 8.60
C HIS C 166 -48.94 24.83 9.83
N THR C 167 -48.68 23.53 9.72
CA THR C 167 -48.80 22.59 10.82
C THR C 167 -47.39 22.27 11.31
N PHE C 168 -47.04 22.78 12.48
CA PHE C 168 -45.68 22.65 12.96
C PHE C 168 -45.41 21.24 13.49
N PRO C 169 -44.17 20.75 13.40
CA PRO C 169 -43.87 19.43 13.97
C PRO C 169 -44.07 19.45 15.48
N ALA C 170 -44.35 18.27 16.04
CA ALA C 170 -44.59 18.22 17.47
C ALA C 170 -43.27 18.35 18.22
N VAL C 171 -43.33 18.94 19.41
CA VAL C 171 -42.20 19.03 20.32
C VAL C 171 -42.54 18.22 21.55
N LEU C 172 -41.64 17.35 21.96
CA LEU C 172 -41.86 16.59 23.18
C LEU C 172 -41.64 17.52 24.38
N GLN C 173 -42.66 17.63 25.22
CA GLN C 173 -42.65 18.50 26.38
C GLN C 173 -41.92 17.82 27.54
N SER C 174 -41.54 18.64 28.52
CA SER C 174 -40.88 18.12 29.71
C SER C 174 -41.75 17.14 30.46
N SER C 175 -43.06 17.14 30.23
CA SER C 175 -43.95 16.18 30.84
C SER C 175 -43.91 14.82 30.14
N GLY C 176 -43.17 14.68 29.04
CA GLY C 176 -43.15 13.46 28.27
C GLY C 176 -44.25 13.36 27.24
N LEU C 177 -45.07 14.39 27.10
CA LEU C 177 -46.13 14.47 26.11
C LEU C 177 -45.70 15.39 24.97
N TYR C 178 -46.43 15.30 23.87
CA TYR C 178 -46.15 16.09 22.68
C TYR C 178 -47.15 17.23 22.61
N SER C 179 -46.71 18.35 22.06
CA SER C 179 -47.59 19.47 21.81
C SER C 179 -47.29 19.99 20.41
N LEU C 180 -48.32 20.47 19.76
CA LEU C 180 -48.25 20.84 18.37
C LEU C 180 -49.22 21.98 18.15
N SER C 181 -48.95 22.81 17.15
CA SER C 181 -49.86 23.86 16.76
C SER C 181 -50.05 23.81 15.25
N SER C 182 -51.24 24.21 14.82
CA SER C 182 -51.55 24.28 13.40
C SER C 182 -52.20 25.63 13.17
N VAL C 183 -51.60 26.43 12.30
CA VAL C 183 -52.06 27.80 12.08
C VAL C 183 -52.45 27.94 10.62
N VAL C 184 -53.21 29.00 10.35
CA VAL C 184 -53.62 29.37 9.01
C VAL C 184 -53.78 30.88 8.95
N THR C 185 -53.47 31.45 7.79
CA THR C 185 -53.67 32.86 7.52
C THR C 185 -54.86 32.99 6.60
N VAL C 186 -55.70 33.97 6.90
CA VAL C 186 -56.95 34.21 6.17
C VAL C 186 -57.17 35.69 6.03
N PRO C 187 -57.92 36.11 5.01
CA PRO C 187 -58.24 37.54 4.90
C PRO C 187 -58.97 38.07 6.13
N SER C 188 -58.58 39.28 6.55
CA SER C 188 -59.19 39.87 7.74
C SER C 188 -60.67 40.18 7.52
N SER C 189 -61.05 40.47 6.27
CA SER C 189 -62.44 40.79 5.94
C SER C 189 -63.38 39.59 6.13
N SER C 190 -62.85 38.38 6.00
CA SER C 190 -63.63 37.14 6.03
C SER C 190 -64.02 36.70 7.43
N LEU C 191 -63.55 37.39 8.47
CA LEU C 191 -63.71 36.88 9.83
C LEU C 191 -65.17 36.82 10.27
N GLY C 192 -65.95 37.88 10.06
CA GLY C 192 -67.34 37.78 10.48
C GLY C 192 -68.20 36.98 9.54
N THR C 193 -67.72 36.72 8.33
CA THR C 193 -68.49 36.09 7.27
C THR C 193 -68.37 34.57 7.25
N GLN C 194 -67.22 34.02 7.66
CA GLN C 194 -66.98 32.59 7.53
C GLN C 194 -66.57 31.93 8.83
N THR C 195 -66.94 30.65 8.93
CA THR C 195 -66.53 29.75 10.00
C THR C 195 -65.16 29.15 9.78
N TYR C 196 -64.40 28.98 10.86
CA TYR C 196 -63.09 28.36 10.82
C TYR C 196 -63.07 27.22 11.84
N ILE C 197 -62.87 25.99 11.36
CA ILE C 197 -62.94 24.80 12.19
C ILE C 197 -61.72 23.95 11.88
N CYS C 198 -61.02 23.51 12.93
CA CYS C 198 -59.89 22.61 12.78
C CYS C 198 -60.30 21.19 13.16
N ASN C 199 -59.93 20.24 12.30
CA ASN C 199 -60.31 18.84 12.47
C ASN C 199 -59.03 18.10 12.85
N VAL C 200 -58.93 17.74 14.13
CA VAL C 200 -57.79 17.00 14.65
C VAL C 200 -58.21 15.54 14.77
N ASN C 201 -57.35 14.65 14.30
CA ASN C 201 -57.56 13.21 14.43
C ASN C 201 -56.27 12.61 14.98
N HIS C 202 -56.38 11.90 16.10
CA HIS C 202 -55.25 11.20 16.70
C HIS C 202 -55.69 9.74 16.77
N LYS C 203 -55.22 8.96 15.80
CA LYS C 203 -55.69 7.59 15.62
C LYS C 203 -55.19 6.64 16.71
N PRO C 204 -53.96 6.76 17.22
CA PRO C 204 -53.55 5.82 18.27
C PRO C 204 -54.54 5.76 19.41
N SER C 205 -55.19 6.87 19.75
CA SER C 205 -56.26 6.85 20.74
C SER C 205 -57.64 6.83 20.09
N ASN C 206 -57.71 6.80 18.76
CA ASN C 206 -59.01 6.85 18.07
C ASN C 206 -59.80 8.06 18.55
N THR C 207 -59.09 9.17 18.72
CA THR C 207 -59.69 10.43 19.12
C THR C 207 -59.92 11.25 17.85
N LYS C 208 -61.10 11.84 17.74
CA LYS C 208 -61.42 12.75 16.64
C LYS C 208 -62.17 13.94 17.22
N VAL C 209 -61.55 15.13 17.11
CA VAL C 209 -62.06 16.35 17.71
C VAL C 209 -62.15 17.42 16.65
N ASP C 210 -63.29 18.11 16.60
CA ASP C 210 -63.50 19.29 15.77
C ASP C 210 -63.69 20.52 16.64
N LYS C 211 -62.85 21.54 16.41
CA LYS C 211 -62.77 22.72 17.26
C LYS C 211 -63.08 23.95 16.43
N LYS C 212 -64.05 24.72 16.90
CA LYS C 212 -64.45 25.98 16.29
C LYS C 212 -63.56 27.09 16.80
N VAL C 213 -62.90 27.80 15.87
CA VAL C 213 -62.02 28.91 16.18
C VAL C 213 -62.75 30.17 15.75
N GLU C 214 -62.95 31.10 16.68
CA GLU C 214 -63.69 32.31 16.38
C GLU C 214 -63.13 33.44 17.22
N PRO C 215 -63.23 34.70 16.74
CA PRO C 215 -62.82 35.87 17.52
C PRO C 215 -63.69 36.13 18.73
N ASP D 1 -19.64 -4.49 7.19
CA ASP D 1 -19.45 -3.01 7.30
C ASP D 1 -19.40 -2.35 5.93
N ILE D 2 -20.56 -2.19 5.30
CA ILE D 2 -20.69 -1.40 4.09
C ILE D 2 -21.05 0.04 4.45
N VAL D 3 -20.32 0.98 3.88
CA VAL D 3 -20.48 2.39 4.16
C VAL D 3 -20.65 3.11 2.83
N MET D 4 -21.59 4.05 2.79
CA MET D 4 -21.82 4.93 1.66
C MET D 4 -21.70 6.36 2.18
N THR D 5 -20.61 7.04 1.81
CA THR D 5 -20.32 8.37 2.33
C THR D 5 -20.89 9.41 1.38
N GLN D 6 -21.90 10.14 1.86
CA GLN D 6 -22.63 11.13 1.08
C GLN D 6 -22.23 12.52 1.56
N THR D 7 -21.81 13.36 0.63
CA THR D 7 -21.38 14.73 0.87
C THR D 7 -22.01 15.66 -0.14
N PRO D 8 -22.33 16.91 0.23
CA PRO D 8 -22.13 17.53 1.55
C PRO D 8 -23.26 17.16 2.53
N SER D 9 -23.05 17.32 3.83
CA SER D 9 -24.13 17.02 4.75
C SER D 9 -25.30 17.99 4.53
N SER D 10 -24.99 19.22 4.17
CA SER D 10 -26.01 20.21 3.87
C SER D 10 -25.36 21.28 3.02
N THR D 11 -26.20 21.96 2.23
CA THR D 11 -25.72 23.01 1.35
C THR D 11 -26.92 23.87 0.98
N SER D 12 -26.63 25.02 0.36
CA SER D 12 -27.68 25.94 -0.03
C SER D 12 -27.32 26.46 -1.41
N ALA D 13 -28.34 26.77 -2.19
CA ALA D 13 -28.13 27.32 -3.52
C ALA D 13 -29.42 27.97 -3.97
N ALA D 14 -29.30 28.93 -4.88
CA ALA D 14 -30.43 29.69 -5.35
C ALA D 14 -31.13 29.02 -6.53
N VAL D 15 -32.35 29.50 -6.79
CA VAL D 15 -33.13 29.05 -7.94
C VAL D 15 -32.33 29.29 -9.21
N GLY D 16 -32.30 28.29 -10.09
CA GLY D 16 -31.55 28.37 -11.32
C GLY D 16 -30.10 27.95 -11.18
N GLY D 17 -29.61 27.80 -9.95
CA GLY D 17 -28.26 27.36 -9.70
C GLY D 17 -28.07 25.88 -9.92
N THR D 18 -26.96 25.38 -9.38
CA THR D 18 -26.55 23.99 -9.54
C THR D 18 -25.96 23.48 -8.23
N VAL D 19 -26.35 22.25 -7.86
CA VAL D 19 -25.77 21.59 -6.69
C VAL D 19 -25.21 20.25 -7.13
N THR D 20 -24.12 19.84 -6.49
CA THR D 20 -23.43 18.60 -6.83
C THR D 20 -23.26 17.80 -5.55
N ILE D 21 -23.77 16.57 -5.55
CA ILE D 21 -23.76 15.67 -4.40
C ILE D 21 -22.94 14.43 -4.75
N THR D 22 -22.03 14.04 -3.86
CA THR D 22 -21.13 12.92 -4.09
C THR D 22 -21.42 11.80 -3.10
N CYS D 23 -21.40 10.57 -3.61
CA CYS D 23 -21.60 9.36 -2.82
C CYS D 23 -20.42 8.43 -3.08
N GLN D 24 -19.75 7.99 -2.02
CA GLN D 24 -18.54 7.18 -2.10
C GLN D 24 -18.78 5.86 -1.38
N ALA D 25 -18.87 4.78 -2.15
CA ALA D 25 -19.11 3.46 -1.57
C ALA D 25 -17.79 2.76 -1.22
N SER D 26 -17.85 1.94 -0.17
CA SER D 26 -16.67 1.22 0.31
C SER D 26 -16.28 0.04 -0.58
N GLN D 27 -17.19 -0.45 -1.43
CA GLN D 27 -16.85 -1.48 -2.41
C GLN D 27 -17.77 -1.31 -3.62
N SER D 28 -17.40 -1.98 -4.72
CA SER D 28 -18.17 -1.80 -5.94
C SER D 28 -19.59 -2.32 -5.75
N VAL D 29 -20.55 -1.59 -6.33
CA VAL D 29 -21.95 -2.00 -6.29
C VAL D 29 -22.16 -3.25 -7.13
N ALA D 30 -23.28 -3.92 -6.89
CA ALA D 30 -23.62 -5.13 -7.62
C ALA D 30 -23.79 -4.81 -9.10
N ASN D 31 -23.22 -5.67 -9.95
CA ASN D 31 -23.27 -5.50 -11.40
C ASN D 31 -22.72 -4.15 -11.84
N ASN D 32 -22.01 -3.44 -10.96
CA ASN D 32 -21.41 -2.14 -11.24
C ASN D 32 -22.46 -1.07 -11.52
N ASN D 33 -23.74 -1.33 -11.22
CA ASN D 33 -24.78 -0.33 -11.50
C ASN D 33 -25.98 -0.40 -10.57
N TYR D 34 -25.94 -1.14 -9.47
CA TYR D 34 -27.04 -1.12 -8.51
C TYR D 34 -26.88 0.13 -7.65
N LEU D 35 -27.35 1.26 -8.19
CA LEU D 35 -27.19 2.54 -7.53
C LEU D 35 -28.34 3.44 -7.98
N LYS D 36 -29.10 3.96 -7.02
CA LYS D 36 -30.27 4.79 -7.25
C LYS D 36 -30.17 6.07 -6.43
N TRP D 37 -30.73 7.15 -6.97
CA TRP D 37 -30.80 8.44 -6.28
C TRP D 37 -32.24 8.79 -5.93
N TYR D 38 -32.44 9.15 -4.65
CA TYR D 38 -33.73 9.45 -4.05
C TYR D 38 -33.85 10.90 -3.59
N GLN D 39 -35.10 11.36 -3.60
CA GLN D 39 -35.52 12.65 -3.06
C GLN D 39 -36.63 12.42 -2.04
N GLN D 40 -36.46 12.99 -0.85
CA GLN D 40 -37.40 12.79 0.25
C GLN D 40 -37.83 14.13 0.82
N LYS D 41 -39.13 14.24 1.10
CA LYS D 41 -39.72 15.41 1.72
C LYS D 41 -40.36 14.99 3.04
N ARG D 42 -40.64 15.96 3.90
CA ARG D 42 -41.12 15.67 5.25
C ARG D 42 -42.42 14.88 5.24
N GLY D 43 -42.48 13.83 6.04
CA GLY D 43 -43.71 13.06 6.18
C GLY D 43 -44.04 12.16 5.03
N GLN D 44 -43.15 12.00 4.06
CA GLN D 44 -43.42 11.20 2.88
C GLN D 44 -42.37 10.10 2.76
N PRO D 45 -42.64 9.08 1.97
CA PRO D 45 -41.58 8.14 1.61
C PRO D 45 -40.72 8.70 0.50
N PRO D 46 -39.53 8.14 0.27
CA PRO D 46 -38.67 8.67 -0.79
C PRO D 46 -39.27 8.43 -2.16
N LYS D 47 -38.92 9.30 -3.10
CA LYS D 47 -39.38 9.23 -4.47
C LYS D 47 -38.16 9.07 -5.36
N GLN D 48 -38.19 8.07 -6.23
CA GLN D 48 -36.99 7.79 -7.00
C GLN D 48 -36.72 8.96 -7.96
N LEU D 49 -35.45 9.19 -8.21
CA LEU D 49 -34.99 10.12 -9.24
C LEU D 49 -34.17 9.36 -10.27
N ILE D 50 -33.14 8.65 -9.86
CA ILE D 50 -32.23 8.01 -10.81
C ILE D 50 -32.11 6.54 -10.46
N TYR D 51 -32.04 5.71 -11.49
CA TYR D 51 -31.74 4.30 -11.34
C TYR D 51 -30.63 3.92 -12.31
N SER D 52 -30.02 2.76 -12.06
CA SER D 52 -28.87 2.28 -12.83
C SER D 52 -27.80 3.37 -12.97
N VAL D 53 -27.51 4.06 -11.86
CA VAL D 53 -26.44 5.06 -11.78
C VAL D 53 -26.79 6.34 -12.53
N SER D 54 -27.32 6.19 -13.75
CA SER D 54 -27.47 7.32 -14.66
C SER D 54 -28.80 7.38 -15.38
N THR D 55 -29.67 6.38 -15.26
CA THR D 55 -30.91 6.36 -16.01
C THR D 55 -31.97 7.18 -15.30
N LEU D 56 -32.64 8.04 -16.06
CA LEU D 56 -33.66 8.94 -15.54
C LEU D 56 -34.98 8.22 -15.29
N ALA D 57 -35.48 8.29 -14.06
CA ALA D 57 -36.75 7.67 -13.72
C ALA D 57 -37.87 8.35 -14.50
N SER D 58 -38.89 7.58 -14.84
CA SER D 58 -40.02 8.12 -15.59
C SER D 58 -40.62 9.31 -14.85
N GLY D 59 -40.85 10.40 -15.59
CA GLY D 59 -41.46 11.58 -15.03
C GLY D 59 -40.51 12.53 -14.34
N VAL D 60 -39.22 12.22 -14.26
CA VAL D 60 -38.27 13.10 -13.58
C VAL D 60 -37.61 14.05 -14.58
N PRO D 61 -37.51 15.34 -14.27
CA PRO D 61 -36.86 16.27 -15.21
C PRO D 61 -35.40 15.90 -15.49
N SER D 62 -34.95 16.26 -16.69
CA SER D 62 -33.61 15.91 -17.14
C SER D 62 -32.53 16.68 -16.39
N ARG D 63 -32.88 17.77 -15.70
CA ARG D 63 -31.87 18.52 -14.96
C ARG D 63 -31.28 17.71 -13.82
N PHE D 64 -31.89 16.58 -13.48
CA PHE D 64 -31.28 15.62 -12.57
C PHE D 64 -30.41 14.72 -13.43
N LYS D 65 -29.11 14.69 -13.12
CA LYS D 65 -28.15 13.89 -13.86
C LYS D 65 -27.38 13.01 -12.89
N GLY D 66 -27.16 11.77 -13.29
CA GLY D 66 -26.39 10.83 -12.50
C GLY D 66 -25.12 10.42 -13.23
N SER D 67 -24.04 10.27 -12.47
CA SER D 67 -22.75 9.87 -13.00
C SER D 67 -22.03 9.05 -11.93
N GLY D 68 -20.90 8.49 -12.33
CA GLY D 68 -20.03 7.80 -11.38
C GLY D 68 -19.16 6.78 -12.07
N SER D 69 -18.23 6.23 -11.29
CA SER D 69 -17.34 5.18 -11.74
C SER D 69 -17.39 4.11 -10.65
N GLY D 70 -18.33 3.20 -10.82
CA GLY D 70 -18.58 2.01 -10.01
C GLY D 70 -18.35 2.07 -8.51
N THR D 71 -17.61 3.06 -8.00
CA THR D 71 -17.37 3.20 -6.57
C THR D 71 -17.60 4.62 -6.10
N GLN D 72 -17.58 5.59 -7.01
CA GLN D 72 -17.86 6.98 -6.75
C GLN D 72 -18.99 7.44 -7.66
N PHE D 73 -19.99 8.09 -7.09
CA PHE D 73 -21.19 8.46 -7.84
C PHE D 73 -21.51 9.90 -7.53
N THR D 74 -22.12 10.56 -8.51
CA THR D 74 -22.43 11.98 -8.42
C THR D 74 -23.86 12.21 -8.88
N LEU D 75 -24.62 12.96 -8.09
CA LEU D 75 -25.92 13.47 -8.48
C LEU D 75 -25.77 14.97 -8.69
N THR D 76 -26.11 15.44 -9.89
CA THR D 76 -25.99 16.85 -10.23
C THR D 76 -27.39 17.37 -10.51
N ILE D 77 -27.79 18.42 -9.81
CA ILE D 77 -29.08 19.05 -10.02
C ILE D 77 -28.81 20.43 -10.58
N SER D 78 -29.23 20.64 -11.82
CA SER D 78 -29.12 21.90 -12.53
C SER D 78 -30.48 22.58 -12.59
N ASP D 79 -30.47 23.86 -12.93
CA ASP D 79 -31.69 24.64 -13.09
C ASP D 79 -32.64 24.40 -11.91
N LEU D 80 -32.13 24.73 -10.73
CA LEU D 80 -32.84 24.49 -9.47
C LEU D 80 -34.20 25.17 -9.44
N GLU D 81 -35.17 24.48 -8.85
CA GLU D 81 -36.48 25.09 -8.60
C GLU D 81 -36.74 25.12 -7.11
N ALA D 82 -37.76 25.88 -6.71
CA ALA D 82 -38.15 25.90 -5.30
C ALA D 82 -38.53 24.50 -4.82
N ASP D 83 -39.14 23.70 -5.70
CA ASP D 83 -39.66 22.40 -5.35
C ASP D 83 -38.52 21.46 -4.94
N ASP D 84 -37.28 21.82 -5.29
CA ASP D 84 -36.12 20.98 -5.06
C ASP D 84 -35.64 21.03 -3.61
N ALA D 85 -36.26 21.85 -2.77
CA ALA D 85 -35.89 21.92 -1.36
C ALA D 85 -36.29 20.58 -0.73
N ALA D 86 -35.31 19.79 -0.31
CA ALA D 86 -35.64 18.45 0.17
C ALA D 86 -34.36 17.80 0.70
N THR D 87 -34.42 16.51 1.02
CA THR D 87 -33.24 15.76 1.42
C THR D 87 -33.00 14.62 0.44
N TYR D 88 -31.77 14.49 -0.04
CA TYR D 88 -31.42 13.57 -1.12
C TYR D 88 -30.57 12.43 -0.58
N TYR D 89 -30.82 11.22 -1.08
CA TYR D 89 -30.13 10.04 -0.60
C TYR D 89 -29.58 9.19 -1.76
N CYS D 90 -28.38 8.65 -1.59
CA CYS D 90 -27.89 7.60 -2.48
C CYS D 90 -28.22 6.23 -1.87
N SER D 91 -28.63 5.30 -2.75
CA SER D 91 -29.07 3.97 -2.38
C SER D 91 -28.32 2.94 -3.21
N GLY D 92 -27.59 2.04 -2.55
CA GLY D 92 -26.74 1.11 -3.25
C GLY D 92 -27.00 -0.32 -2.80
N TYR D 93 -26.65 -1.25 -3.69
CA TYR D 93 -26.75 -2.68 -3.44
C TYR D 93 -25.40 -3.31 -3.74
N PHE D 94 -25.09 -4.39 -3.04
CA PHE D 94 -23.75 -4.95 -3.04
C PHE D 94 -23.80 -6.46 -3.23
N ASN D 95 -22.67 -7.02 -3.67
CA ASN D 95 -22.65 -8.39 -4.18
C ASN D 95 -23.05 -9.41 -3.12
N ASN D 96 -22.82 -9.10 -1.85
CA ASN D 96 -23.25 -9.97 -0.76
C ASN D 96 -24.75 -9.87 -0.45
N ASN D 97 -25.53 -9.25 -1.33
CA ASN D 97 -26.96 -8.99 -1.13
C ASN D 97 -27.19 -8.16 0.13
N ILE D 98 -26.71 -6.92 0.05
CA ILE D 98 -26.83 -5.96 1.12
C ILE D 98 -27.08 -4.60 0.48
N GLY D 99 -28.10 -3.91 0.97
CA GLY D 99 -28.39 -2.55 0.57
C GLY D 99 -27.91 -1.58 1.62
N ALA D 100 -27.65 -0.35 1.17
CA ALA D 100 -27.19 0.69 2.07
C ALA D 100 -27.58 2.05 1.51
N PHE D 101 -27.57 3.04 2.39
CA PHE D 101 -27.85 4.41 2.03
C PHE D 101 -26.71 5.31 2.47
N GLY D 102 -26.51 6.39 1.72
CA GLY D 102 -25.69 7.48 2.19
C GLY D 102 -26.37 8.21 3.33
N GLY D 103 -25.56 8.97 4.07
CA GLY D 103 -26.08 9.68 5.22
C GLY D 103 -27.08 10.76 4.88
N GLY D 104 -27.25 11.09 3.60
CA GLY D 104 -28.22 12.07 3.19
C GLY D 104 -27.60 13.45 3.01
N THR D 105 -28.26 14.26 2.20
CA THR D 105 -27.82 15.62 1.92
C THR D 105 -29.07 16.51 1.97
N LYS D 106 -29.10 17.43 2.92
CA LYS D 106 -30.25 18.31 3.06
C LYS D 106 -30.01 19.54 2.20
N LEU D 107 -30.95 19.84 1.29
CA LEU D 107 -30.85 20.96 0.38
C LEU D 107 -31.89 22.01 0.71
N GLU D 108 -31.40 23.20 1.04
CA GLU D 108 -32.18 24.41 1.26
C GLU D 108 -32.08 25.32 0.04
N ILE D 109 -33.21 25.83 -0.43
CA ILE D 109 -33.20 26.77 -1.55
C ILE D 109 -33.04 28.18 -0.99
N LYS D 110 -31.99 28.87 -1.42
CA LYS D 110 -31.80 30.26 -1.03
C LYS D 110 -32.77 31.14 -1.80
N ARG D 111 -33.11 32.27 -1.21
CA ARG D 111 -33.99 33.23 -1.85
C ARG D 111 -33.76 34.59 -1.21
N THR D 112 -34.45 35.59 -1.73
CA THR D 112 -34.34 36.94 -1.21
C THR D 112 -34.90 37.00 0.21
N VAL D 113 -34.41 37.98 0.97
CA VAL D 113 -34.83 38.11 2.35
C VAL D 113 -36.33 38.34 2.41
N ALA D 114 -36.99 37.62 3.31
CA ALA D 114 -38.43 37.75 3.53
C ALA D 114 -38.64 37.93 5.03
N ALA D 115 -39.16 39.08 5.42
CA ALA D 115 -39.40 39.36 6.82
C ALA D 115 -40.60 38.55 7.31
N PRO D 116 -40.58 38.07 8.54
CA PRO D 116 -41.74 37.30 9.04
C PRO D 116 -42.90 38.23 9.33
N SER D 117 -44.10 37.68 9.26
CA SER D 117 -45.27 38.33 9.86
C SER D 117 -45.48 37.70 11.23
N VAL D 118 -45.62 38.54 12.26
CA VAL D 118 -45.61 38.09 13.64
C VAL D 118 -47.01 38.21 14.22
N PHE D 119 -47.42 37.18 14.95
CA PHE D 119 -48.70 37.19 15.67
C PHE D 119 -48.50 36.62 17.05
N ILE D 120 -49.25 37.16 18.02
CA ILE D 120 -49.23 36.64 19.38
C ILE D 120 -50.64 36.18 19.72
N PHE D 121 -50.74 35.02 20.36
CA PHE D 121 -52.01 34.42 20.74
C PHE D 121 -52.03 34.19 22.24
N PRO D 122 -52.91 34.86 22.99
CA PRO D 122 -53.10 34.55 24.41
C PRO D 122 -53.75 33.20 24.61
N PRO D 123 -53.66 32.64 25.81
CA PRO D 123 -54.31 31.35 26.07
C PRO D 123 -55.83 31.46 25.95
N SER D 124 -56.45 30.32 25.64
CA SER D 124 -57.90 30.27 25.55
C SER D 124 -58.51 30.20 26.94
N ASP D 125 -59.74 30.69 27.07
CA ASP D 125 -60.45 30.56 28.34
C ASP D 125 -60.69 29.10 28.71
N GLU D 126 -60.89 28.23 27.71
CA GLU D 126 -61.07 26.81 27.99
C GLU D 126 -59.83 26.22 28.64
N GLN D 127 -58.66 26.66 28.18
CA GLN D 127 -57.42 26.17 28.78
C GLN D 127 -57.22 26.75 30.16
N LEU D 128 -57.43 28.06 30.33
CA LEU D 128 -57.30 28.64 31.65
C LEU D 128 -58.23 27.94 32.63
N LYS D 129 -59.43 27.60 32.18
CA LYS D 129 -60.35 26.83 33.00
C LYS D 129 -59.72 25.50 33.40
N SER D 130 -58.93 24.91 32.49
CA SER D 130 -58.32 23.62 32.81
C SER D 130 -57.11 23.74 33.71
N GLY D 131 -56.65 24.96 34.02
CA GLY D 131 -55.56 25.17 34.96
C GLY D 131 -54.19 25.38 34.34
N THR D 132 -54.10 25.46 33.02
CA THR D 132 -52.84 25.69 32.34
C THR D 132 -52.95 26.90 31.42
N ALA D 133 -51.81 27.47 31.04
CA ALA D 133 -51.79 28.68 30.22
C ALA D 133 -50.63 28.60 29.23
N SER D 134 -50.94 28.52 27.94
CA SER D 134 -49.93 28.50 26.88
C SER D 134 -50.11 29.73 25.99
N VAL D 135 -49.08 30.56 25.91
CA VAL D 135 -49.06 31.73 25.03
C VAL D 135 -48.25 31.36 23.80
N VAL D 136 -48.80 31.63 22.61
CA VAL D 136 -48.19 31.18 21.37
C VAL D 136 -47.72 32.39 20.57
N CYS D 137 -46.51 32.31 20.04
CA CYS D 137 -46.00 33.35 19.15
C CYS D 137 -45.71 32.71 17.80
N LEU D 138 -46.21 33.32 16.74
CA LEU D 138 -46.15 32.76 15.39
C LEU D 138 -45.32 33.71 14.53
N LEU D 139 -44.22 33.19 13.99
CA LEU D 139 -43.47 33.82 12.92
C LEU D 139 -43.89 33.14 11.62
N ASN D 140 -44.39 33.92 10.67
CA ASN D 140 -45.00 33.36 9.47
C ASN D 140 -44.23 33.78 8.24
N ASN D 141 -43.86 32.79 7.42
CA ASN D 141 -43.29 32.94 6.10
C ASN D 141 -42.11 33.90 6.01
N PHE D 142 -40.92 33.45 6.45
CA PHE D 142 -39.74 34.30 6.44
C PHE D 142 -38.54 33.51 5.94
N TYR D 143 -37.53 34.26 5.51
CA TYR D 143 -36.26 33.69 5.09
C TYR D 143 -35.21 34.77 5.32
N PRO D 144 -34.00 34.43 5.82
CA PRO D 144 -33.54 33.08 6.16
C PRO D 144 -34.14 32.55 7.47
N ARG D 145 -33.73 31.32 7.80
CA ARG D 145 -34.29 30.61 8.94
C ARG D 145 -33.87 31.16 10.30
N GLU D 146 -32.68 31.74 10.43
CA GLU D 146 -32.24 32.20 11.74
C GLU D 146 -33.12 33.32 12.27
N ALA D 147 -33.63 33.15 13.49
CA ALA D 147 -34.44 34.16 14.15
C ALA D 147 -34.30 34.00 15.66
N LYS D 148 -34.39 35.12 16.38
CA LYS D 148 -34.34 35.14 17.84
C LYS D 148 -35.68 35.56 18.43
N VAL D 149 -36.30 34.67 19.22
CA VAL D 149 -37.61 34.94 19.81
C VAL D 149 -37.46 34.85 21.33
N GLN D 150 -37.64 35.99 22.02
CA GLN D 150 -37.49 36.06 23.47
C GLN D 150 -38.81 36.52 24.07
N TRP D 151 -39.17 35.92 25.21
CA TRP D 151 -40.38 36.26 25.94
C TRP D 151 -40.12 37.22 27.10
N LYS D 152 -41.03 38.17 27.30
CA LYS D 152 -40.97 39.11 28.41
C LYS D 152 -42.34 39.27 29.05
N VAL D 153 -42.44 38.88 30.32
CA VAL D 153 -43.67 39.03 31.12
C VAL D 153 -43.44 40.11 32.17
N ASP D 154 -44.28 41.15 32.15
CA ASP D 154 -44.02 42.35 32.94
C ASP D 154 -42.59 42.83 32.76
N ASN D 155 -42.11 42.76 31.53
CA ASN D 155 -40.78 43.24 31.18
C ASN D 155 -39.69 42.46 31.93
N ALA D 156 -39.94 41.18 32.19
CA ALA D 156 -38.96 40.27 32.76
C ALA D 156 -38.62 39.16 31.78
N LEU D 157 -37.33 39.04 31.43
CA LEU D 157 -36.92 38.04 30.46
C LEU D 157 -37.17 36.64 31.01
N GLN D 158 -37.96 35.83 30.29
CA GLN D 158 -38.21 34.45 30.68
C GLN D 158 -37.04 33.57 30.23
N SER D 159 -36.92 32.41 30.87
CA SER D 159 -35.86 31.47 30.55
C SER D 159 -36.29 30.05 30.91
N GLY D 160 -36.25 29.15 29.93
CA GLY D 160 -36.47 27.75 30.19
C GLY D 160 -37.91 27.29 30.17
N ASN D 161 -38.87 28.19 29.95
CA ASN D 161 -40.28 27.84 29.91
C ASN D 161 -40.93 28.02 28.55
N SER D 162 -40.15 27.99 27.47
CA SER D 162 -40.70 28.07 26.12
C SER D 162 -40.05 27.02 25.22
N GLN D 163 -40.73 26.72 24.11
CA GLN D 163 -40.27 25.69 23.17
C GLN D 163 -40.60 26.13 21.76
N GLU D 164 -39.63 25.95 20.86
CA GLU D 164 -39.77 26.34 19.47
C GLU D 164 -39.94 25.13 18.57
N SER D 165 -40.76 25.29 17.52
CA SER D 165 -40.94 24.28 16.48
C SER D 165 -40.94 25.01 15.13
N VAL D 166 -40.27 24.43 14.14
CA VAL D 166 -40.08 25.09 12.86
C VAL D 166 -40.54 24.16 11.75
N THR D 167 -41.22 24.73 10.75
CA THR D 167 -41.61 23.93 9.61
C THR D 167 -40.40 23.62 8.73
N GLU D 168 -40.59 22.70 7.79
CA GLU D 168 -39.64 22.57 6.69
C GLU D 168 -39.72 23.79 5.78
N GLN D 169 -38.79 23.86 4.83
CA GLN D 169 -38.82 24.92 3.84
C GLN D 169 -39.94 24.68 2.83
N ASP D 170 -40.74 25.72 2.58
CA ASP D 170 -41.87 25.61 1.68
C ASP D 170 -41.42 25.45 0.24
N SER D 171 -42.11 24.55 -0.50
CA SER D 171 -41.70 24.25 -1.87
C SER D 171 -42.17 25.27 -2.90
N LYS D 172 -43.02 26.22 -2.51
CA LYS D 172 -43.52 27.25 -3.42
C LYS D 172 -42.81 28.58 -3.22
N ASP D 173 -42.69 29.07 -1.99
CA ASP D 173 -42.08 30.36 -1.73
C ASP D 173 -40.79 30.26 -0.93
N SER D 174 -40.34 29.05 -0.60
CA SER D 174 -39.03 28.85 0.03
C SER D 174 -38.90 29.54 1.39
N THR D 175 -40.01 29.74 2.09
CA THR D 175 -39.98 30.38 3.40
C THR D 175 -40.09 29.35 4.52
N TYR D 176 -39.82 29.82 5.73
CA TYR D 176 -40.01 29.04 6.94
C TYR D 176 -41.05 29.71 7.83
N SER D 177 -41.60 28.92 8.74
CA SER D 177 -42.48 29.41 9.79
C SER D 177 -42.04 28.80 11.11
N LEU D 178 -42.27 29.53 12.20
CA LEU D 178 -41.73 29.15 13.49
C LEU D 178 -42.80 29.45 14.54
N SER D 179 -42.95 28.54 15.49
CA SER D 179 -43.81 28.75 16.64
C SER D 179 -42.98 28.68 17.91
N SER D 180 -43.20 29.62 18.81
CA SER D 180 -42.57 29.63 20.12
C SER D 180 -43.68 29.65 21.16
N THR D 181 -43.77 28.59 21.97
CA THR D 181 -44.89 28.46 22.89
C THR D 181 -44.33 28.57 24.29
N LEU D 182 -44.81 29.59 25.01
CA LEU D 182 -44.52 29.82 26.42
C LEU D 182 -45.54 29.10 27.30
N THR D 183 -45.07 28.20 28.15
CA THR D 183 -45.92 27.31 28.94
C THR D 183 -45.83 27.68 30.42
N LEU D 184 -46.94 28.18 30.98
CA LEU D 184 -47.02 28.58 32.37
C LEU D 184 -48.23 27.94 33.01
N SER D 185 -48.24 28.00 34.35
CA SER D 185 -49.42 27.72 35.14
C SER D 185 -50.37 28.92 35.21
N LYS D 186 -51.60 28.61 35.61
CA LYS D 186 -52.63 29.63 35.76
C LYS D 186 -52.20 30.69 36.76
N ALA D 187 -51.54 30.26 37.85
CA ALA D 187 -51.09 31.21 38.86
C ALA D 187 -50.11 32.22 38.29
N ASP D 188 -48.97 31.75 37.77
CA ASP D 188 -47.99 32.64 37.18
C ASP D 188 -48.59 33.50 36.07
N TYR D 189 -49.49 32.94 35.28
CA TYR D 189 -50.12 33.74 34.22
C TYR D 189 -50.91 34.90 34.83
N GLU D 190 -51.79 34.61 35.79
CA GLU D 190 -52.59 35.66 36.40
C GLU D 190 -51.78 36.59 37.29
N LYS D 191 -50.53 36.24 37.60
CA LYS D 191 -49.65 37.12 38.34
C LYS D 191 -49.21 38.36 37.57
N HIS D 192 -49.37 38.36 36.25
CA HIS D 192 -48.75 39.39 35.42
C HIS D 192 -49.75 39.97 34.43
N LYS D 193 -49.30 41.04 33.76
CA LYS D 193 -50.14 41.82 32.88
C LYS D 193 -49.65 41.80 31.44
N VAL D 194 -48.42 42.25 31.21
CA VAL D 194 -47.90 42.42 29.86
C VAL D 194 -47.16 41.15 29.43
N TYR D 195 -47.57 40.59 28.30
CA TYR D 195 -46.90 39.44 27.71
C TYR D 195 -46.41 39.85 26.34
N ALA D 196 -45.09 39.71 26.10
CA ALA D 196 -44.49 40.23 24.89
C ALA D 196 -43.57 39.19 24.26
N CYS D 197 -43.68 39.07 22.94
CA CYS D 197 -42.81 38.26 22.10
C CYS D 197 -41.93 39.18 21.27
N GLU D 198 -40.62 39.07 21.44
CA GLU D 198 -39.66 39.91 20.72
C GLU D 198 -38.93 39.05 19.69
N VAL D 199 -38.95 39.51 18.44
CA VAL D 199 -38.48 38.77 17.28
C VAL D 199 -37.36 39.58 16.63
N THR D 200 -36.20 38.96 16.47
CA THR D 200 -35.09 39.55 15.74
C THR D 200 -34.82 38.71 14.49
N HIS D 201 -34.78 39.39 13.34
CA HIS D 201 -34.63 38.76 12.03
C HIS D 201 -33.96 39.73 11.05
N GLN D 202 -33.23 39.16 10.08
CA GLN D 202 -32.53 39.99 9.09
C GLN D 202 -33.49 40.89 8.32
N GLY D 203 -34.76 40.51 8.24
CA GLY D 203 -35.76 41.26 7.52
C GLY D 203 -36.34 42.41 8.29
N LEU D 204 -36.05 42.49 9.58
CA LEU D 204 -36.59 43.52 10.46
C LEU D 204 -35.49 44.54 10.75
N SER D 205 -35.81 45.81 10.53
CA SER D 205 -34.86 46.89 10.82
C SER D 205 -34.46 46.90 12.28
N SER D 206 -35.41 46.63 13.17
CA SER D 206 -35.18 46.54 14.60
C SER D 206 -36.09 45.44 15.14
N PRO D 207 -35.78 44.88 16.30
CA PRO D 207 -36.58 43.75 16.79
C PRO D 207 -38.03 44.19 16.88
N VAL D 208 -38.92 43.32 16.42
CA VAL D 208 -40.36 43.53 16.49
C VAL D 208 -40.88 42.96 17.80
N THR D 209 -41.80 43.67 18.42
CA THR D 209 -42.43 43.20 19.65
C THR D 209 -43.94 43.15 19.44
N LYS D 210 -44.53 42.00 19.77
CA LYS D 210 -45.96 41.84 19.75
C LYS D 210 -46.37 41.45 21.17
N SER D 211 -47.25 42.25 21.76
CA SER D 211 -47.55 42.10 23.17
C SER D 211 -49.04 42.28 23.37
N PHE D 212 -49.48 41.87 24.55
CA PHE D 212 -50.85 42.10 24.98
C PHE D 212 -50.90 42.26 26.49
N ASN D 213 -51.97 42.88 26.95
CA ASN D 213 -52.25 43.01 28.36
C ASN D 213 -53.30 41.96 28.71
N ARG D 214 -53.01 41.17 29.74
CA ARG D 214 -53.88 40.07 30.14
C ARG D 214 -55.30 40.55 30.43
N GLY D 215 -56.26 39.97 29.73
CA GLY D 215 -57.67 40.24 29.96
C GLY D 215 -58.21 41.44 29.24
N GLU D 216 -57.46 42.00 28.29
CA GLU D 216 -57.94 43.11 27.48
C GLU D 216 -58.55 42.61 26.18
N GLN E 1 -22.91 41.75 29.31
CA GLN E 1 -22.09 42.80 28.61
C GLN E 1 -21.35 42.16 27.45
N SER E 2 -22.03 42.13 26.31
CA SER E 2 -21.47 41.56 25.09
C SER E 2 -22.05 42.27 23.88
N VAL E 3 -21.33 42.17 22.77
CA VAL E 3 -21.66 42.84 21.52
C VAL E 3 -21.53 41.83 20.40
N GLU E 4 -22.40 41.98 19.40
CA GLU E 4 -22.39 41.10 18.23
C GLU E 4 -22.88 41.89 17.03
N GLU E 5 -22.14 41.80 15.93
CA GLU E 5 -22.56 42.44 14.70
C GLU E 5 -23.35 41.43 13.88
N SER E 6 -24.21 41.95 13.01
CA SER E 6 -25.01 41.14 12.12
C SER E 6 -25.37 41.94 10.88
N GLY E 7 -25.76 41.23 9.84
CA GLY E 7 -26.09 41.80 8.57
C GLY E 7 -24.94 41.77 7.58
N GLY E 8 -23.84 41.13 7.94
CA GLY E 8 -22.71 41.01 7.04
C GLY E 8 -22.92 39.91 6.02
N GLY E 9 -21.99 39.84 5.08
CA GLY E 9 -22.08 38.85 4.01
C GLY E 9 -21.73 39.42 2.66
N LEU E 10 -22.29 38.84 1.61
CA LEU E 10 -21.99 39.26 0.25
C LEU E 10 -23.03 40.28 -0.18
N VAL E 11 -22.57 41.37 -0.80
CA VAL E 11 -23.45 42.43 -1.28
C VAL E 11 -22.99 42.89 -2.65
N THR E 12 -23.96 43.29 -3.46
CA THR E 12 -23.69 43.74 -4.82
C THR E 12 -23.24 45.21 -4.81
N PRO E 13 -22.25 45.58 -5.62
CA PRO E 13 -21.82 46.99 -5.67
C PRO E 13 -22.96 47.94 -6.00
N GLY E 14 -23.14 48.95 -5.15
CA GLY E 14 -24.20 49.92 -5.33
C GLY E 14 -25.46 49.65 -4.54
N THR E 15 -25.59 48.46 -3.96
CA THR E 15 -26.77 48.13 -3.17
C THR E 15 -26.56 48.58 -1.73
N PRO E 16 -27.37 49.50 -1.20
CA PRO E 16 -27.19 49.90 0.20
C PRO E 16 -27.12 48.66 1.08
N LEU E 17 -26.34 48.76 2.15
CA LEU E 17 -26.16 47.60 3.03
C LEU E 17 -26.13 48.10 4.46
N THR E 18 -27.01 47.57 5.29
CA THR E 18 -27.15 48.02 6.67
C THR E 18 -26.70 46.91 7.60
N LEU E 19 -25.72 47.22 8.44
CA LEU E 19 -25.26 46.35 9.51
C LEU E 19 -25.90 46.76 10.82
N THR E 20 -26.13 45.78 11.69
CA THR E 20 -26.77 45.98 12.98
C THR E 20 -25.85 45.49 14.08
N CYS E 21 -25.74 46.29 15.14
CA CYS E 21 -24.93 45.98 16.30
C CYS E 21 -25.85 45.77 17.48
N THR E 22 -25.77 44.59 18.09
CA THR E 22 -26.63 44.21 19.20
C THR E 22 -25.80 44.01 20.46
N VAL E 23 -26.22 44.69 21.52
CA VAL E 23 -25.56 44.66 22.83
C VAL E 23 -26.46 43.97 23.83
N SER E 24 -25.84 43.45 24.89
CA SER E 24 -26.57 42.85 25.98
C SER E 24 -25.84 43.24 27.25
N GLY E 25 -26.59 43.80 28.22
CA GLY E 25 -26.01 44.31 29.44
C GLY E 25 -25.26 45.62 29.28
N ILE E 26 -25.48 46.36 28.21
CA ILE E 26 -24.84 47.66 28.00
C ILE E 26 -25.91 48.72 27.75
N ASP E 27 -25.78 49.84 28.45
CA ASP E 27 -26.76 50.93 28.51
C ASP E 27 -26.39 52.00 27.49
N LEU E 28 -27.10 52.02 26.37
CA LEU E 28 -26.80 52.98 25.31
C LEU E 28 -27.32 54.38 25.62
N SER E 29 -28.07 54.54 26.70
CA SER E 29 -28.43 55.87 27.19
C SER E 29 -27.30 56.47 28.02
N ARG E 30 -26.24 55.69 28.28
CA ARG E 30 -25.11 56.13 29.08
C ARG E 30 -23.73 55.82 28.52
N TYR E 31 -23.63 55.09 27.41
CA TYR E 31 -22.34 54.73 26.85
C TYR E 31 -22.40 54.83 25.34
N ALA E 32 -21.24 55.10 24.73
CA ALA E 32 -21.19 55.32 23.30
C ALA E 32 -20.84 53.99 22.64
N MET E 33 -21.24 53.85 21.38
CA MET E 33 -20.88 52.68 20.59
C MET E 33 -20.07 53.15 19.39
N SER E 34 -19.06 52.37 19.01
CA SER E 34 -18.19 52.74 17.91
C SER E 34 -18.28 51.73 16.78
N TRP E 35 -18.10 52.23 15.56
CA TRP E 35 -17.96 51.41 14.36
C TRP E 35 -16.55 51.54 13.82
N VAL E 36 -15.89 50.38 13.65
CA VAL E 36 -14.53 50.25 13.18
C VAL E 36 -14.57 49.26 12.02
N ARG E 37 -13.57 49.32 11.14
CA ARG E 37 -13.47 48.33 10.08
C ARG E 37 -12.00 48.01 9.84
N GLN E 38 -11.78 46.97 9.06
CA GLN E 38 -10.43 46.46 8.84
C GLN E 38 -10.47 45.69 7.53
N ALA E 39 -9.86 46.26 6.49
CA ALA E 39 -9.74 45.55 5.22
C ALA E 39 -8.78 44.37 5.39
N PRO E 40 -8.92 43.33 4.55
CA PRO E 40 -8.05 42.15 4.72
C PRO E 40 -6.58 42.52 4.66
N GLY E 41 -5.86 42.15 5.72
CA GLY E 41 -4.43 42.36 5.78
C GLY E 41 -3.99 43.78 6.04
N LYS E 42 -4.92 44.68 6.36
CA LYS E 42 -4.63 46.09 6.56
C LYS E 42 -5.01 46.48 7.98
N GLY E 43 -4.88 47.78 8.27
CA GLY E 43 -5.04 48.25 9.63
C GLY E 43 -6.47 48.61 9.99
N LEU E 44 -6.68 48.83 11.27
CA LEU E 44 -7.97 49.27 11.78
C LEU E 44 -8.26 50.69 11.34
N GLU E 45 -9.54 50.97 11.05
CA GLU E 45 -9.96 52.27 10.58
C GLU E 45 -11.19 52.66 11.37
N TRP E 46 -11.14 53.82 12.02
CA TRP E 46 -12.25 54.28 12.84
C TRP E 46 -13.31 54.86 11.92
N ILE E 47 -14.54 54.33 11.98
CA ILE E 47 -15.61 54.84 11.14
C ILE E 47 -16.41 55.88 11.89
N GLY E 48 -16.94 55.53 13.05
CA GLY E 48 -17.82 56.51 13.68
C GLY E 48 -18.25 56.08 15.05
N ILE E 49 -19.12 56.90 15.65
CA ILE E 49 -19.55 56.66 17.01
C ILE E 49 -20.92 57.29 17.25
N PHE E 50 -21.75 56.55 17.97
CA PHE E 50 -22.97 57.06 18.56
C PHE E 50 -22.67 57.35 20.02
N GLY E 51 -22.73 58.62 20.37
CA GLY E 51 -22.31 59.09 21.66
C GLY E 51 -23.31 58.89 22.76
N SER E 52 -22.82 59.13 23.98
CA SER E 52 -23.59 58.94 25.20
C SER E 52 -24.75 59.90 25.28
N LEU E 53 -24.68 61.03 24.58
CA LEU E 53 -25.72 62.06 24.63
C LEU E 53 -26.50 62.14 23.32
N GLY E 54 -26.40 61.12 22.49
CA GLY E 54 -27.13 61.05 21.25
C GLY E 54 -26.39 61.70 20.10
N GLY E 55 -25.17 62.19 20.35
CA GLY E 55 -24.33 62.69 19.28
C GLY E 55 -23.79 61.58 18.41
N ILE E 56 -23.77 61.84 17.10
CA ILE E 56 -23.27 60.91 16.11
C ILE E 56 -22.15 61.61 15.35
N PHE E 57 -20.95 61.01 15.40
CA PHE E 57 -19.78 61.61 14.79
C PHE E 57 -19.06 60.61 13.91
N TYR E 58 -18.58 61.08 12.75
CA TYR E 58 -17.94 60.23 11.76
C TYR E 58 -16.55 60.77 11.45
N ALA E 59 -15.67 59.86 11.04
CA ALA E 59 -14.41 60.27 10.45
C ALA E 59 -14.69 61.13 9.22
N SER E 60 -13.73 62.00 8.89
CA SER E 60 -13.91 62.88 7.74
C SER E 60 -14.18 62.08 6.47
N TRP E 61 -13.50 60.95 6.31
CA TRP E 61 -13.64 60.15 5.09
C TRP E 61 -14.91 59.29 5.11
N ALA E 62 -15.56 59.15 6.26
CA ALA E 62 -16.71 58.25 6.36
C ALA E 62 -18.02 59.01 6.30
N LYS E 63 -17.98 60.33 6.33
CA LYS E 63 -19.19 61.14 6.32
C LYS E 63 -19.87 61.06 4.96
N GLY E 64 -21.17 60.78 4.97
CA GLY E 64 -21.88 60.55 3.73
C GLY E 64 -21.86 59.09 3.32
N ARG E 65 -20.68 58.47 3.44
CA ARG E 65 -20.49 57.09 3.05
C ARG E 65 -21.11 56.11 4.04
N PHE E 66 -21.37 56.56 5.26
CA PHE E 66 -21.93 55.72 6.31
C PHE E 66 -22.98 56.54 7.04
N THR E 67 -23.99 55.86 7.56
CA THR E 67 -24.96 56.48 8.45
C THR E 67 -25.10 55.63 9.71
N ILE E 68 -24.86 56.24 10.87
CA ILE E 68 -25.01 55.60 12.17
C ILE E 68 -26.27 56.12 12.84
N SER E 69 -27.03 55.21 13.45
CA SER E 69 -28.28 55.54 14.14
C SER E 69 -28.49 54.55 15.27
N LYS E 70 -29.29 54.96 16.26
CA LYS E 70 -29.73 54.05 17.31
C LYS E 70 -31.12 53.56 16.97
N THR E 71 -31.27 52.25 16.76
CA THR E 71 -32.57 51.74 16.37
C THR E 71 -33.36 51.13 17.53
N SER E 72 -32.72 50.73 18.62
CA SER E 72 -33.47 50.22 19.75
C SER E 72 -32.58 50.24 20.98
N PRO E 73 -33.16 50.14 22.18
CA PRO E 73 -32.34 50.16 23.40
C PRO E 73 -31.18 49.17 23.35
N THR E 74 -31.22 48.20 22.40
CA THR E 74 -30.16 47.21 22.31
C THR E 74 -29.54 47.15 20.92
N THR E 75 -29.92 48.02 19.98
CA THR E 75 -29.38 47.95 18.63
C THR E 75 -28.98 49.32 18.10
N VAL E 76 -27.84 49.35 17.39
CA VAL E 76 -27.32 50.54 16.71
C VAL E 76 -26.95 50.11 15.30
N ASP E 77 -27.29 50.94 14.31
CA ASP E 77 -27.08 50.58 12.90
C ASP E 77 -25.93 51.33 12.26
N LEU E 78 -25.35 50.70 11.24
CA LEU E 78 -24.37 51.31 10.34
C LEU E 78 -24.82 51.04 8.91
N LYS E 79 -25.31 52.07 8.24
CA LYS E 79 -25.78 51.94 6.87
C LYS E 79 -24.72 52.44 5.89
N ILE E 80 -24.23 51.54 5.06
CA ILE E 80 -23.34 51.86 3.95
C ILE E 80 -24.21 52.24 2.76
N THR E 81 -24.09 53.49 2.32
CA THR E 81 -25.06 54.06 1.38
C THR E 81 -24.91 53.45 -0.02
N SER E 82 -23.70 53.40 -0.54
CA SER E 82 -23.44 52.85 -1.86
C SER E 82 -22.14 52.06 -1.81
N PRO E 83 -22.20 50.78 -1.42
CA PRO E 83 -20.95 50.02 -1.23
C PRO E 83 -20.17 49.92 -2.53
N THR E 84 -18.84 49.97 -2.40
CA THR E 84 -17.92 49.76 -3.51
C THR E 84 -16.92 48.68 -3.13
N THR E 85 -16.10 48.28 -4.10
CA THR E 85 -15.14 47.21 -3.85
C THR E 85 -14.22 47.56 -2.69
N GLU E 86 -13.78 48.82 -2.61
CA GLU E 86 -12.87 49.17 -1.52
C GLU E 86 -13.55 49.18 -0.17
N ASP E 87 -14.87 49.03 -0.11
CA ASP E 87 -15.57 48.95 1.16
C ASP E 87 -15.64 47.53 1.69
N THR E 88 -15.04 46.58 0.98
CA THR E 88 -14.97 45.21 1.44
C THR E 88 -14.05 45.15 2.65
N ALA E 89 -14.55 44.64 3.77
CA ALA E 89 -13.75 44.67 4.99
C ALA E 89 -14.53 43.95 6.08
N THR E 90 -13.81 43.59 7.14
CA THR E 90 -14.43 43.16 8.38
C THR E 90 -14.89 44.37 9.17
N TYR E 91 -16.15 44.37 9.58
CA TYR E 91 -16.75 45.48 10.31
C TYR E 91 -16.98 45.07 11.76
N PHE E 92 -16.45 45.90 12.66
CA PHE E 92 -16.55 45.71 14.09
C PHE E 92 -17.47 46.76 14.71
N CYS E 93 -18.29 46.32 15.65
CA CYS E 93 -19.00 47.18 16.58
C CYS E 93 -18.37 47.02 17.96
N ALA E 94 -18.09 48.13 18.62
CA ALA E 94 -17.31 48.03 19.86
C ALA E 94 -17.78 49.04 20.90
N ARG E 95 -17.84 48.56 22.14
CA ARG E 95 -17.92 49.39 23.34
C ARG E 95 -16.46 49.60 23.75
N MET E 96 -15.81 50.65 23.22
CA MET E 96 -14.36 50.76 23.35
C MET E 96 -14.02 52.00 24.16
N PRO E 97 -14.17 51.93 25.49
CA PRO E 97 -13.81 53.05 26.35
C PRO E 97 -12.30 53.27 26.38
N TYR E 98 -11.92 54.55 26.42
CA TYR E 98 -10.53 54.98 26.55
C TYR E 98 -10.06 55.10 27.98
N THR E 99 -10.98 55.21 28.95
CA THR E 99 -10.65 55.43 30.35
C THR E 99 -11.21 54.36 31.27
N THR E 100 -11.62 53.21 30.74
CA THR E 100 -11.99 52.07 31.57
C THR E 100 -11.50 50.79 30.92
N ASP E 101 -11.61 49.68 31.66
CA ASP E 101 -11.24 48.38 31.13
C ASP E 101 -12.46 47.52 30.82
N ARG E 102 -13.62 48.16 30.67
CA ARG E 102 -14.85 47.48 30.24
C ARG E 102 -14.98 47.57 28.73
N ASP E 103 -14.10 46.83 28.06
CA ASP E 103 -13.83 46.99 26.65
C ASP E 103 -14.32 45.72 25.98
N PHE E 104 -15.35 45.87 25.13
CA PHE E 104 -15.99 44.72 24.51
C PHE E 104 -16.14 44.99 23.02
N TRP E 105 -15.57 44.10 22.22
CA TRP E 105 -15.63 44.15 20.78
C TRP E 105 -16.43 42.95 20.30
N GLY E 106 -17.20 43.13 19.25
CA GLY E 106 -17.83 42.01 18.63
C GLY E 106 -16.78 41.23 17.86
N PRO E 107 -17.13 40.02 17.42
CA PRO E 107 -16.15 39.21 16.69
C PRO E 107 -15.87 39.76 15.32
N GLY E 108 -16.73 40.66 14.84
CA GLY E 108 -16.60 41.23 13.53
C GLY E 108 -17.38 40.44 12.51
N THR E 109 -17.88 41.13 11.50
CA THR E 109 -18.63 40.48 10.45
C THR E 109 -18.09 40.97 9.13
N LEU E 110 -17.74 40.03 8.26
CA LEU E 110 -17.13 40.37 6.99
C LEU E 110 -18.17 40.78 5.96
N VAL E 111 -17.95 41.93 5.35
CA VAL E 111 -18.78 42.41 4.26
C VAL E 111 -17.91 42.35 3.01
N THR E 112 -18.37 41.58 2.03
CA THR E 112 -17.72 41.41 0.75
C THR E 112 -18.58 42.08 -0.31
N VAL E 113 -17.99 43.02 -1.05
CA VAL E 113 -18.70 43.73 -2.10
C VAL E 113 -18.24 43.14 -3.43
N SER E 114 -19.12 42.38 -4.07
CA SER E 114 -18.76 41.71 -5.31
C SER E 114 -20.02 41.22 -6.00
N SER E 115 -19.92 41.07 -7.32
CA SER E 115 -20.99 40.57 -8.15
C SER E 115 -20.96 39.06 -8.30
N ALA E 116 -19.85 38.42 -7.90
CA ALA E 116 -19.72 36.98 -7.96
C ALA E 116 -20.78 36.31 -7.09
N SER E 117 -21.07 35.06 -7.41
CA SER E 117 -22.05 34.27 -6.69
C SER E 117 -21.40 33.47 -5.58
N THR E 118 -22.21 33.10 -4.59
CA THR E 118 -21.67 32.30 -3.51
C THR E 118 -21.49 30.90 -4.07
N LYS E 119 -20.43 30.22 -3.63
CA LYS E 119 -20.19 28.87 -4.12
C LYS E 119 -19.66 28.04 -2.97
N GLY E 120 -20.30 26.90 -2.72
CA GLY E 120 -19.82 26.04 -1.68
C GLY E 120 -18.52 25.43 -2.15
N PRO E 121 -17.64 25.08 -1.23
CA PRO E 121 -16.33 24.55 -1.60
C PRO E 121 -16.41 23.10 -2.05
N SER E 122 -15.40 22.69 -2.80
CA SER E 122 -15.12 21.27 -2.97
C SER E 122 -14.00 20.90 -2.00
N VAL E 123 -14.17 19.78 -1.32
CA VAL E 123 -13.21 19.32 -0.32
C VAL E 123 -12.58 18.04 -0.82
N PHE E 124 -11.27 18.05 -0.98
CA PHE E 124 -10.50 16.91 -1.46
C PHE E 124 -9.52 16.50 -0.39
N PRO E 125 -9.20 15.21 -0.28
CA PRO E 125 -8.29 14.79 0.79
C PRO E 125 -6.83 14.84 0.37
N LEU E 126 -6.01 15.38 1.28
CA LEU E 126 -4.56 15.35 1.15
C LEU E 126 -4.07 14.20 2.00
N ALA E 127 -3.93 13.03 1.37
CA ALA E 127 -3.70 11.81 2.11
C ALA E 127 -2.20 11.64 2.38
N PRO E 128 -1.83 10.93 3.46
CA PRO E 128 -0.42 10.68 3.73
C PRO E 128 0.12 9.48 2.96
N GLY E 135 9.78 12.79 10.66
CA GLY E 135 10.61 11.74 11.22
C GLY E 135 9.78 10.57 11.70
N GLY E 136 9.15 10.74 12.86
CA GLY E 136 8.16 9.79 13.34
C GLY E 136 6.80 10.41 13.12
N THR E 137 6.66 11.05 11.96
CA THR E 137 5.61 12.01 11.72
C THR E 137 5.14 11.91 10.28
N ALA E 138 3.83 11.99 10.12
CA ALA E 138 3.14 11.96 8.83
C ALA E 138 2.29 13.20 8.78
N ALA E 139 2.00 13.68 7.58
CA ALA E 139 1.18 14.86 7.41
C ALA E 139 0.01 14.55 6.51
N LEU E 140 -1.12 15.19 6.81
CA LEU E 140 -2.31 15.05 5.99
C LEU E 140 -3.11 16.33 6.05
N GLY E 141 -4.12 16.43 5.20
CA GLY E 141 -4.88 17.66 5.17
C GLY E 141 -6.12 17.55 4.31
N CYS E 142 -6.69 18.72 4.05
CA CYS E 142 -7.93 18.85 3.28
C CYS E 142 -7.75 20.07 2.41
N LEU E 143 -7.91 19.89 1.10
CA LEU E 143 -7.92 20.99 0.16
C LEU E 143 -9.36 21.46 -0.03
N VAL E 144 -9.62 22.69 0.39
CA VAL E 144 -10.93 23.31 0.32
C VAL E 144 -10.86 24.30 -0.83
N LYS E 145 -11.33 23.88 -2.00
CA LYS E 145 -11.03 24.52 -3.28
C LYS E 145 -12.28 25.16 -3.85
N ASP E 146 -12.10 26.36 -4.40
CA ASP E 146 -13.11 27.03 -5.21
C ASP E 146 -14.40 27.28 -4.44
N TYR E 147 -14.38 28.27 -3.56
CA TYR E 147 -15.58 28.68 -2.85
C TYR E 147 -15.62 30.19 -2.84
N PHE E 148 -16.78 30.73 -2.57
CA PHE E 148 -16.89 32.18 -2.51
C PHE E 148 -18.19 32.53 -1.82
N PRO E 149 -18.24 33.56 -0.97
CA PRO E 149 -17.09 34.33 -0.50
C PRO E 149 -16.42 33.64 0.69
N GLU E 150 -15.47 34.33 1.31
CA GLU E 150 -14.97 33.87 2.58
C GLU E 150 -16.01 34.09 3.67
N PRO E 151 -15.88 33.40 4.82
CA PRO E 151 -14.88 32.38 5.14
C PRO E 151 -15.43 30.96 5.25
N VAL E 152 -14.53 30.02 5.45
CA VAL E 152 -14.88 28.67 5.88
C VAL E 152 -14.21 28.42 7.22
N THR E 153 -14.73 27.45 7.96
CA THR E 153 -14.15 26.98 9.19
C THR E 153 -13.81 25.50 9.03
N VAL E 154 -12.66 25.11 9.54
CA VAL E 154 -12.19 23.73 9.45
C VAL E 154 -11.80 23.28 10.84
N SER E 155 -12.37 22.16 11.28
CA SER E 155 -11.95 21.48 12.49
C SER E 155 -11.48 20.10 12.09
N TRP E 156 -10.92 19.37 13.06
CA TRP E 156 -10.43 18.02 12.79
C TRP E 156 -10.95 17.09 13.86
N ASN E 157 -11.64 16.03 13.42
CA ASN E 157 -12.24 15.09 14.35
C ASN E 157 -13.13 15.85 15.34
N SER E 158 -13.93 16.77 14.79
CA SER E 158 -14.91 17.55 15.54
C SER E 158 -14.28 18.30 16.71
N GLY E 159 -13.09 18.86 16.48
CA GLY E 159 -12.42 19.65 17.50
C GLY E 159 -11.50 18.87 18.42
N ALA E 160 -11.58 17.54 18.41
CA ALA E 160 -10.72 16.75 19.28
C ALA E 160 -9.26 16.88 18.86
N LEU E 161 -9.00 17.12 17.58
CA LEU E 161 -7.65 17.27 17.06
C LEU E 161 -7.33 18.75 16.86
N THR E 162 -6.35 19.25 17.62
CA THR E 162 -6.00 20.66 17.61
C THR E 162 -4.50 20.90 17.58
N SER E 163 -3.68 19.97 18.07
CA SER E 163 -2.24 20.17 18.15
C SER E 163 -1.61 19.84 16.80
N GLY E 164 -0.75 20.74 16.32
CA GLY E 164 -0.09 20.55 15.04
C GLY E 164 -0.95 20.82 13.83
N VAL E 165 -2.13 21.43 14.03
CA VAL E 165 -3.01 21.80 12.93
C VAL E 165 -2.56 23.15 12.37
N HIS E 166 -2.48 23.25 11.05
CA HIS E 166 -2.17 24.51 10.38
C HIS E 166 -3.23 24.71 9.30
N THR E 167 -4.11 25.69 9.50
CA THR E 167 -5.11 26.07 8.52
C THR E 167 -4.66 27.37 7.85
N PHE E 168 -4.26 27.27 6.59
CA PHE E 168 -3.67 28.42 5.92
C PHE E 168 -4.73 29.44 5.51
N PRO E 169 -4.37 30.73 5.46
CA PRO E 169 -5.33 31.74 4.99
C PRO E 169 -5.69 31.49 3.53
N ALA E 170 -6.88 31.93 3.14
CA ALA E 170 -7.28 31.68 1.77
C ALA E 170 -6.53 32.60 0.81
N VAL E 171 -6.29 32.08 -0.39
CA VAL E 171 -5.71 32.85 -1.49
C VAL E 171 -6.75 32.92 -2.59
N LEU E 172 -6.99 34.12 -3.09
CA LEU E 172 -7.91 34.28 -4.21
C LEU E 172 -7.25 33.78 -5.49
N GLN E 173 -7.91 32.83 -6.15
CA GLN E 173 -7.41 32.21 -7.37
C GLN E 173 -7.72 33.09 -8.58
N SER E 174 -7.00 32.81 -9.68
CA SER E 174 -7.23 33.54 -10.92
C SER E 174 -8.65 33.36 -11.45
N SER E 175 -9.36 32.33 -10.99
CA SER E 175 -10.75 32.15 -11.38
C SER E 175 -11.69 33.04 -10.59
N GLY E 176 -11.19 33.79 -9.62
CA GLY E 176 -12.00 34.61 -8.75
C GLY E 176 -12.55 33.90 -7.54
N LEU E 177 -12.23 32.63 -7.37
CA LEU E 177 -12.63 31.84 -6.22
C LEU E 177 -11.46 31.67 -5.26
N TYR E 178 -11.77 31.26 -4.04
CA TYR E 178 -10.77 31.09 -3.00
C TYR E 178 -10.45 29.61 -2.84
N SER E 179 -9.20 29.35 -2.47
CA SER E 179 -8.77 28.00 -2.15
C SER E 179 -7.95 28.09 -0.88
N LEU E 180 -8.05 27.02 -0.09
CA LEU E 180 -7.47 26.97 1.24
C LEU E 180 -7.09 25.53 1.48
N SER E 181 -6.10 25.33 2.35
CA SER E 181 -5.72 23.99 2.76
C SER E 181 -5.60 23.98 4.27
N SER E 182 -5.88 22.81 4.86
CA SER E 182 -5.75 22.63 6.29
C SER E 182 -4.99 21.33 6.50
N VAL E 183 -3.86 21.43 7.18
CA VAL E 183 -2.96 20.30 7.35
C VAL E 183 -2.82 20.01 8.83
N VAL E 184 -2.33 18.82 9.13
CA VAL E 184 -2.02 18.42 10.49
C VAL E 184 -0.89 17.40 10.41
N THR E 185 -0.04 17.42 11.43
CA THR E 185 1.04 16.46 11.57
C THR E 185 0.64 15.51 12.70
N VAL E 186 0.86 14.22 12.48
CA VAL E 186 0.45 13.18 13.42
C VAL E 186 1.52 12.13 13.48
N PRO E 187 1.60 11.38 14.58
CA PRO E 187 2.56 10.26 14.63
C PRO E 187 2.32 9.26 13.52
N SER E 188 3.44 8.76 12.95
CA SER E 188 3.35 7.82 11.84
C SER E 188 2.70 6.50 12.26
N SER E 189 2.86 6.11 13.53
CA SER E 189 2.29 4.86 14.03
C SER E 189 0.76 4.86 14.03
N SER E 190 0.14 6.03 14.14
CA SER E 190 -1.31 6.14 14.28
C SER E 190 -2.09 5.99 12.97
N LEU E 191 -1.42 5.89 11.82
CA LEU E 191 -2.13 5.96 10.55
C LEU E 191 -3.08 4.78 10.33
N GLY E 192 -2.62 3.54 10.56
CA GLY E 192 -3.56 2.46 10.35
C GLY E 192 -4.56 2.30 11.47
N THR E 193 -4.27 2.92 12.62
CA THR E 193 -5.01 2.73 13.86
C THR E 193 -6.16 3.72 14.03
N GLN E 194 -6.03 4.94 13.52
CA GLN E 194 -7.03 5.98 13.79
C GLN E 194 -7.57 6.62 12.53
N THR E 195 -8.81 7.09 12.65
CA THR E 195 -9.49 7.89 11.64
C THR E 195 -9.11 9.36 11.70
N TYR E 196 -9.00 9.99 10.53
CA TYR E 196 -8.71 11.41 10.41
C TYR E 196 -9.77 12.06 9.54
N ILE E 197 -10.55 12.98 10.11
CA ILE E 197 -11.68 13.60 9.43
C ILE E 197 -11.61 15.10 9.59
N CYS E 198 -11.76 15.83 8.50
CA CYS E 198 -11.82 17.29 8.52
C CYS E 198 -13.27 17.74 8.36
N ASN E 199 -13.68 18.67 9.23
CA ASN E 199 -15.05 19.17 9.30
C ASN E 199 -15.02 20.60 8.76
N VAL E 200 -15.53 20.75 7.55
CA VAL E 200 -15.62 22.02 6.84
C VAL E 200 -17.03 22.58 6.96
N ASN E 201 -17.10 23.87 7.27
CA ASN E 201 -18.35 24.63 7.32
C ASN E 201 -18.15 25.91 6.53
N HIS E 202 -19.04 26.16 5.56
CA HIS E 202 -19.01 27.39 4.77
C HIS E 202 -20.39 28.00 4.98
N LYS E 203 -20.45 28.97 5.88
CA LYS E 203 -21.72 29.52 6.31
C LYS E 203 -22.35 30.34 5.20
N PRO E 204 -21.57 31.10 4.42
CA PRO E 204 -22.20 31.86 3.34
C PRO E 204 -23.05 31.00 2.43
N SER E 205 -22.63 29.75 2.19
CA SER E 205 -23.46 28.81 1.43
C SER E 205 -24.22 27.85 2.32
N ASN E 206 -24.10 27.95 3.64
CA ASN E 206 -24.79 27.00 4.53
C ASN E 206 -24.42 25.58 4.12
N THR E 207 -23.15 25.40 3.79
CA THR E 207 -22.52 24.14 3.42
C THR E 207 -21.83 23.51 4.62
N LYS E 208 -22.03 22.20 4.79
CA LYS E 208 -21.35 21.43 5.82
C LYS E 208 -20.84 20.13 5.19
N VAL E 209 -19.51 19.98 5.16
CA VAL E 209 -18.86 18.85 4.49
C VAL E 209 -17.93 18.18 5.49
N ASP E 210 -18.02 16.87 5.60
CA ASP E 210 -17.08 16.07 6.37
C ASP E 210 -16.27 15.16 5.46
N LYS E 211 -14.95 15.25 5.52
CA LYS E 211 -14.09 14.55 4.56
C LYS E 211 -13.18 13.63 5.35
N LYS E 212 -13.23 12.35 4.98
CA LYS E 212 -12.41 11.29 5.54
C LYS E 212 -11.10 11.21 4.78
N VAL E 213 -10.00 11.32 5.53
CA VAL E 213 -8.64 11.30 5.00
C VAL E 213 -7.96 9.98 5.39
N GLU E 214 -7.48 9.25 4.40
CA GLU E 214 -6.86 7.95 4.63
C GLU E 214 -5.72 7.73 3.64
N PRO E 215 -4.71 6.92 4.01
CA PRO E 215 -3.59 6.55 3.12
C PRO E 215 -4.03 5.65 1.97
N ASP F 1 -8.07 67.37 10.20
CA ASP F 1 -8.13 65.94 9.78
C ASP F 1 -7.23 65.13 10.71
N ILE F 2 -7.83 64.28 11.53
CA ILE F 2 -7.10 63.72 12.66
C ILE F 2 -6.22 62.58 12.16
N VAL F 3 -4.94 62.61 12.51
CA VAL F 3 -3.97 61.62 12.07
C VAL F 3 -3.23 61.09 13.30
N MET F 4 -3.03 59.78 13.35
CA MET F 4 -2.22 59.13 14.37
C MET F 4 -1.11 58.34 13.69
N THR F 5 0.13 58.83 13.79
CA THR F 5 1.28 58.23 13.10
C THR F 5 1.98 57.26 14.05
N GLN F 6 1.91 55.97 13.71
CA GLN F 6 2.46 54.90 14.53
C GLN F 6 3.72 54.34 13.89
N THR F 7 4.81 54.29 14.65
CA THR F 7 6.10 53.78 14.21
C THR F 7 6.67 52.85 15.28
N PRO F 8 7.43 51.82 14.88
CA PRO F 8 7.78 51.42 13.51
C PRO F 8 6.66 50.65 12.83
N SER F 9 6.66 50.57 11.49
CA SER F 9 5.65 49.76 10.83
C SER F 9 5.79 48.29 11.18
N SER F 10 7.03 47.83 11.35
CA SER F 10 7.29 46.45 11.73
C SER F 10 8.67 46.37 12.34
N THR F 11 8.88 45.37 13.18
CA THR F 11 10.15 45.18 13.85
C THR F 11 10.23 43.74 14.33
N SER F 12 11.41 43.34 14.76
CA SER F 12 11.65 41.98 15.24
C SER F 12 12.54 42.09 16.47
N ALA F 13 12.36 41.15 17.39
CA ALA F 13 13.17 41.10 18.60
C ALA F 13 13.05 39.70 19.19
N ALA F 14 14.05 39.33 19.98
CA ALA F 14 14.08 37.99 20.54
C ALA F 14 13.33 37.91 21.86
N VAL F 15 13.05 36.66 22.27
CA VAL F 15 12.41 36.40 23.55
C VAL F 15 13.27 36.98 24.67
N GLY F 16 12.61 37.66 25.61
CA GLY F 16 13.31 38.30 26.70
C GLY F 16 13.78 39.70 26.39
N GLY F 17 13.76 40.08 25.12
CA GLY F 17 14.16 41.41 24.68
C GLY F 17 13.13 42.47 24.99
N THR F 18 13.28 43.61 24.32
CA THR F 18 12.43 44.77 24.52
C THR F 18 12.11 45.45 23.20
N VAL F 19 10.86 45.84 23.01
CA VAL F 19 10.46 46.62 21.85
C VAL F 19 9.77 47.89 22.32
N THR F 20 9.95 48.97 21.55
CA THR F 20 9.41 50.29 21.90
C THR F 20 8.65 50.81 20.69
N ILE F 21 7.38 51.13 20.89
CA ILE F 21 6.48 51.59 19.82
C ILE F 21 6.00 53.00 20.14
N THR F 22 6.06 53.89 19.15
CA THR F 22 5.72 55.29 19.32
C THR F 22 4.50 55.64 18.49
N CYS F 23 3.60 56.43 19.08
CA CYS F 23 2.40 56.93 18.43
C CYS F 23 2.38 58.44 18.57
N GLN F 24 2.26 59.14 17.44
CA GLN F 24 2.33 60.60 17.40
C GLN F 24 1.04 61.15 16.81
N ALA F 25 0.24 61.80 17.66
CA ALA F 25 -1.04 62.38 17.26
C ALA F 25 -0.88 63.81 16.78
N SER F 26 -1.74 64.20 15.84
CA SER F 26 -1.74 65.53 15.25
C SER F 26 -2.29 66.61 16.20
N GLN F 27 -3.02 66.22 17.24
CA GLN F 27 -3.46 67.17 18.26
C GLN F 27 -3.61 66.43 19.57
N SER F 28 -3.72 67.20 20.66
CA SER F 28 -3.76 66.59 21.98
C SER F 28 -5.02 65.73 22.12
N VAL F 29 -4.86 64.58 22.79
CA VAL F 29 -6.01 63.72 23.06
C VAL F 29 -6.94 64.40 24.06
N ALA F 30 -8.19 63.91 24.11
CA ALA F 30 -9.16 64.50 25.03
C ALA F 30 -8.73 64.28 26.48
N ASN F 31 -8.85 65.34 27.29
CA ASN F 31 -8.48 65.29 28.70
C ASN F 31 -7.05 64.80 28.92
N ASN F 32 -6.22 64.79 27.87
CA ASN F 32 -4.84 64.35 27.97
C ASN F 32 -4.71 62.86 28.31
N ASN F 33 -5.79 62.07 28.21
CA ASN F 33 -5.68 60.67 28.56
C ASN F 33 -6.61 59.73 27.81
N TYR F 34 -7.28 60.16 26.75
CA TYR F 34 -8.09 59.24 25.95
C TYR F 34 -7.11 58.52 25.01
N LEU F 35 -6.46 57.49 25.54
CA LEU F 35 -5.43 56.78 24.76
C LEU F 35 -5.32 55.33 25.23
N LYS F 36 -5.46 54.38 24.31
CA LYS F 36 -5.41 52.96 24.60
C LYS F 36 -4.45 52.24 23.67
N TRP F 37 -3.82 51.20 24.18
CA TRP F 37 -2.95 50.34 23.39
C TRP F 37 -3.62 48.97 23.25
N TYR F 38 -3.72 48.51 22.00
CA TYR F 38 -4.39 47.28 21.63
C TYR F 38 -3.41 46.27 21.06
N GLN F 39 -3.74 44.99 21.24
CA GLN F 39 -3.04 43.86 20.65
C GLN F 39 -4.03 43.02 19.85
N GLN F 40 -3.69 42.74 18.60
CA GLN F 40 -4.57 42.02 17.71
C GLN F 40 -3.80 40.86 17.08
N LYS F 41 -4.45 39.70 17.01
CA LYS F 41 -3.90 38.53 16.37
C LYS F 41 -4.83 38.11 15.25
N ARG F 42 -4.33 37.28 14.34
CA ARG F 42 -5.08 36.94 13.13
C ARG F 42 -6.42 36.30 13.45
N GLY F 43 -7.47 36.79 12.79
CA GLY F 43 -8.79 36.20 12.94
C GLY F 43 -9.52 36.56 14.21
N GLN F 44 -8.99 37.47 15.01
CA GLN F 44 -9.60 37.83 16.28
C GLN F 44 -9.89 39.32 16.28
N PRO F 45 -10.74 39.79 17.18
CA PRO F 45 -10.84 41.22 17.41
C PRO F 45 -9.70 41.67 18.29
N PRO F 46 -9.41 42.96 18.35
CA PRO F 46 -8.31 43.41 19.22
C PRO F 46 -8.64 43.20 20.68
N LYS F 47 -7.58 43.01 21.47
CA LYS F 47 -7.70 42.81 22.91
C LYS F 47 -6.95 43.95 23.59
N GLN F 48 -7.61 44.62 24.52
CA GLN F 48 -7.01 45.81 25.10
C GLN F 48 -5.78 45.42 25.91
N LEU F 49 -4.82 46.33 25.93
CA LEU F 49 -3.66 46.25 26.81
C LEU F 49 -3.63 47.43 27.75
N ILE F 50 -3.68 48.66 27.24
CA ILE F 50 -3.53 49.83 28.09
C ILE F 50 -4.69 50.77 27.83
N TYR F 51 -5.17 51.41 28.89
CA TYR F 51 -6.14 52.48 28.81
C TYR F 51 -5.64 53.66 29.65
N SER F 52 -6.24 54.82 29.40
CA SER F 52 -5.82 56.06 30.05
C SER F 52 -4.30 56.25 29.95
N VAL F 53 -3.77 56.00 28.75
CA VAL F 53 -2.36 56.22 28.42
C VAL F 53 -1.44 55.20 29.08
N SER F 54 -1.65 54.91 30.37
CA SER F 54 -0.67 54.15 31.13
C SER F 54 -1.25 53.07 32.02
N THR F 55 -2.58 52.96 32.17
CA THR F 55 -3.15 51.99 33.10
C THR F 55 -3.26 50.62 32.46
N LEU F 56 -2.82 49.60 33.21
CA LEU F 56 -2.81 48.23 32.74
C LEU F 56 -4.20 47.62 32.82
N ALA F 57 -4.68 47.11 31.69
CA ALA F 57 -5.98 46.45 31.66
C ALA F 57 -5.89 45.21 32.54
N SER F 58 -7.02 44.86 33.18
CA SER F 58 -7.02 43.69 34.04
C SER F 58 -6.52 42.48 33.26
N GLY F 59 -5.60 41.74 33.88
CA GLY F 59 -5.05 40.56 33.27
C GLY F 59 -3.87 40.79 32.35
N VAL F 60 -3.44 42.04 32.16
CA VAL F 60 -2.31 42.29 31.26
C VAL F 60 -1.03 42.32 32.07
N PRO F 61 0.03 41.64 31.62
CA PRO F 61 1.30 41.65 32.36
C PRO F 61 1.90 43.04 32.49
N SER F 62 2.66 43.24 33.58
CA SER F 62 3.23 44.56 33.87
C SER F 62 4.34 44.91 32.88
N ARG F 63 4.88 43.93 32.17
CA ARG F 63 5.92 44.20 31.18
C ARG F 63 5.39 45.06 30.04
N PHE F 64 4.08 45.19 29.94
CA PHE F 64 3.47 46.17 29.05
C PHE F 64 3.44 47.48 29.80
N LYS F 65 4.08 48.50 29.23
CA LYS F 65 4.18 49.81 29.83
C LYS F 65 3.69 50.87 28.87
N GLY F 66 2.92 51.82 29.39
CA GLY F 66 2.43 52.94 28.61
C GLY F 66 2.98 54.24 29.14
N SER F 67 3.32 55.13 28.22
CA SER F 67 3.83 56.45 28.55
C SER F 67 3.38 57.43 27.46
N GLY F 68 3.64 58.70 27.69
CA GLY F 68 3.40 59.70 26.66
C GLY F 68 3.20 61.07 27.24
N SER F 69 3.16 62.04 26.33
CA SER F 69 2.92 63.46 26.61
C SER F 69 2.00 64.09 25.54
N GLY F 70 0.71 64.16 25.85
CA GLY F 70 -0.24 64.87 25.01
C GLY F 70 -0.42 64.48 23.56
N THR F 71 0.70 64.41 22.84
CA THR F 71 0.72 64.09 21.43
C THR F 71 1.68 63.00 21.07
N GLN F 72 2.64 62.66 21.94
CA GLN F 72 3.55 61.56 21.66
C GLN F 72 3.46 60.54 22.77
N PHE F 73 3.27 59.29 22.40
CA PHE F 73 3.02 58.21 23.34
C PHE F 73 3.92 57.03 22.99
N THR F 74 4.25 56.25 24.01
CA THR F 74 5.17 55.15 23.87
C THR F 74 4.60 53.91 24.57
N LEU F 75 4.60 52.80 23.85
CA LEU F 75 4.31 51.48 24.42
C LEU F 75 5.63 50.74 24.48
N THR F 76 6.00 50.28 25.66
CA THR F 76 7.24 49.56 25.83
C THR F 76 6.90 48.16 26.31
N ILE F 77 7.37 47.17 25.57
CA ILE F 77 7.16 45.78 25.92
C ILE F 77 8.52 45.23 26.28
N SER F 78 8.69 44.86 27.55
CA SER F 78 9.93 44.27 28.02
C SER F 78 9.71 42.79 28.23
N ASP F 79 10.82 42.07 28.35
CA ASP F 79 10.78 40.63 28.59
C ASP F 79 9.80 39.93 27.66
N LEU F 80 10.07 40.06 26.36
CA LEU F 80 9.18 39.53 25.33
C LEU F 80 8.99 38.02 25.48
N GLU F 81 7.77 37.56 25.21
CA GLU F 81 7.47 36.14 25.16
C GLU F 81 7.02 35.79 23.75
N ALA F 82 6.96 34.50 23.46
CA ALA F 82 6.45 34.06 22.16
C ALA F 82 5.04 34.56 21.93
N ASP F 83 4.24 34.63 23.00
CA ASP F 83 2.84 34.99 22.87
C ASP F 83 2.67 36.41 22.35
N ASP F 84 3.73 37.22 22.41
CA ASP F 84 3.69 38.63 22.05
C ASP F 84 3.73 38.85 20.54
N ALA F 85 3.85 37.81 19.74
CA ALA F 85 3.85 37.94 18.29
C ALA F 85 2.46 38.38 17.86
N ALA F 86 2.32 39.60 17.36
CA ALA F 86 0.98 40.12 17.05
C ALA F 86 1.12 41.46 16.37
N THR F 87 -0.01 42.16 16.18
CA THR F 87 0.00 43.53 15.67
C THR F 87 -0.59 44.47 16.70
N TYR F 88 0.11 45.57 16.96
CA TYR F 88 -0.24 46.49 18.04
C TYR F 88 -0.76 47.80 17.47
N TYR F 89 -1.78 48.36 18.10
CA TYR F 89 -2.42 49.57 17.61
C TYR F 89 -2.56 50.59 18.74
N CYS F 90 -2.33 51.87 18.44
CA CYS F 90 -2.74 52.94 19.33
C CYS F 90 -4.12 53.45 18.94
N SER F 91 -4.95 53.73 19.94
CA SER F 91 -6.33 54.14 19.74
C SER F 91 -6.56 55.40 20.57
N GLY F 92 -6.95 56.49 19.91
CA GLY F 92 -7.08 57.77 20.58
C GLY F 92 -8.42 58.42 20.29
N TYR F 93 -8.83 59.29 21.21
CA TYR F 93 -10.04 60.07 21.10
C TYR F 93 -9.71 61.55 21.32
N PHE F 94 -10.49 62.42 20.68
CA PHE F 94 -10.14 63.83 20.58
C PHE F 94 -11.34 64.70 20.91
N ASN F 95 -11.05 65.95 21.25
CA ASN F 95 -12.05 66.81 21.88
C ASN F 95 -13.25 67.07 20.96
N ASN F 96 -13.05 67.01 19.65
CA ASN F 96 -14.17 67.14 18.72
C ASN F 96 -15.01 65.86 18.64
N ASN F 97 -14.81 64.91 19.57
CA ASN F 97 -15.48 63.60 19.55
C ASN F 97 -15.16 62.84 18.26
N ILE F 98 -13.88 62.46 18.15
CA ILE F 98 -13.38 61.70 17.02
C ILE F 98 -12.36 60.71 17.53
N GLY F 99 -12.52 59.45 17.12
CA GLY F 99 -11.57 58.41 17.40
C GLY F 99 -10.69 58.12 16.20
N ALA F 100 -9.50 57.61 16.48
CA ALA F 100 -8.55 57.27 15.44
C ALA F 100 -7.62 56.17 15.92
N PHE F 101 -6.96 55.52 14.97
CA PHE F 101 -5.99 54.47 15.24
C PHE F 101 -4.66 54.80 14.57
N GLY F 102 -3.58 54.35 15.19
CA GLY F 102 -2.30 54.31 14.52
C GLY F 102 -2.27 53.25 13.43
N GLY F 103 -1.31 53.40 12.52
CA GLY F 103 -1.21 52.47 11.41
C GLY F 103 -0.87 51.06 11.81
N GLY F 104 -0.50 50.82 13.06
CA GLY F 104 -0.20 49.49 13.52
C GLY F 104 1.28 49.18 13.49
N THR F 105 1.68 48.22 14.32
CA THR F 105 3.06 47.78 14.40
C THR F 105 3.04 46.26 14.45
N LYS F 106 3.60 45.61 13.44
CA LYS F 106 3.61 44.16 13.43
C LYS F 106 4.87 43.71 14.13
N LEU F 107 4.71 42.87 15.15
CA LEU F 107 5.82 42.39 15.94
C LEU F 107 5.97 40.90 15.66
N GLU F 108 7.15 40.56 15.16
CA GLU F 108 7.63 39.21 14.92
C GLU F 108 8.62 38.83 16.00
N ILE F 109 8.46 37.65 16.57
CA ILE F 109 9.37 37.15 17.59
C ILE F 109 10.53 36.42 16.91
N LYS F 110 11.76 36.86 17.16
CA LYS F 110 12.89 36.15 16.61
C LYS F 110 13.16 34.89 17.44
N ARG F 111 13.75 33.88 16.80
CA ARG F 111 14.11 32.65 17.47
C ARG F 111 15.23 31.99 16.68
N THR F 112 15.72 30.87 17.19
CA THR F 112 16.77 30.15 16.51
C THR F 112 16.25 29.59 15.20
N VAL F 113 17.16 29.36 14.26
CA VAL F 113 16.77 28.87 12.95
C VAL F 113 16.09 27.52 13.11
N ALA F 114 14.96 27.36 12.40
CA ALA F 114 14.19 26.12 12.42
C ALA F 114 13.93 25.73 10.98
N ALA F 115 14.46 24.58 10.58
CA ALA F 115 14.30 24.11 9.22
C ALA F 115 12.88 23.57 9.02
N PRO F 116 12.29 23.77 7.84
CA PRO F 116 10.93 23.27 7.60
C PRO F 116 10.94 21.76 7.44
N SER F 117 9.82 21.13 7.75
CA SER F 117 9.57 19.77 7.29
C SER F 117 8.72 19.84 6.03
N VAL F 118 9.16 19.14 4.98
CA VAL F 118 8.55 19.31 3.66
C VAL F 118 7.74 18.08 3.30
N PHE F 119 6.56 18.30 2.74
CA PHE F 119 5.71 17.22 2.26
C PHE F 119 5.12 17.62 0.91
N ILE F 120 4.96 16.64 0.02
CA ILE F 120 4.30 16.87 -1.25
C ILE F 120 3.07 15.96 -1.31
N PHE F 121 1.96 16.50 -1.78
CA PHE F 121 0.70 15.76 -1.87
C PHE F 121 0.21 15.77 -3.30
N PRO F 122 0.12 14.61 -3.96
CA PRO F 122 -0.53 14.53 -5.27
C PRO F 122 -2.03 14.74 -5.17
N PRO F 123 -2.69 15.06 -6.28
CA PRO F 123 -4.15 15.23 -6.26
C PRO F 123 -4.88 13.94 -5.92
N SER F 124 -6.08 14.09 -5.38
CA SER F 124 -6.93 12.96 -5.04
C SER F 124 -7.62 12.46 -6.31
N ASP F 125 -7.97 11.17 -6.30
CA ASP F 125 -8.72 10.60 -7.42
C ASP F 125 -10.07 11.28 -7.58
N GLU F 126 -10.69 11.71 -6.48
CA GLU F 126 -11.97 12.41 -6.58
C GLU F 126 -11.82 13.71 -7.37
N GLN F 127 -10.71 14.40 -7.17
CA GLN F 127 -10.44 15.63 -7.90
C GLN F 127 -10.13 15.33 -9.35
N LEU F 128 -9.24 14.36 -9.60
CA LEU F 128 -8.93 14.01 -10.98
C LEU F 128 -10.20 13.65 -11.73
N LYS F 129 -11.10 12.94 -11.06
CA LYS F 129 -12.41 12.61 -11.63
C LYS F 129 -13.17 13.90 -11.98
N SER F 130 -13.00 14.95 -11.17
CA SER F 130 -13.75 16.16 -11.44
C SER F 130 -13.12 16.98 -12.57
N GLY F 131 -11.96 16.57 -13.07
CA GLY F 131 -11.34 17.21 -14.22
C GLY F 131 -10.26 18.22 -13.89
N THR F 132 -9.91 18.37 -12.63
CA THR F 132 -8.84 19.28 -12.21
C THR F 132 -7.81 18.52 -11.38
N ALA F 133 -6.62 19.09 -11.27
CA ALA F 133 -5.51 18.44 -10.57
C ALA F 133 -4.72 19.50 -9.83
N SER F 134 -4.74 19.48 -8.50
CA SER F 134 -3.97 20.41 -7.69
C SER F 134 -2.94 19.65 -6.88
N VAL F 135 -1.66 19.96 -7.08
CA VAL F 135 -0.55 19.37 -6.33
C VAL F 135 -0.13 20.36 -5.24
N VAL F 136 -0.02 19.88 -4.00
CA VAL F 136 0.22 20.76 -2.86
C VAL F 136 1.59 20.47 -2.27
N CYS F 137 2.34 21.53 -1.96
CA CYS F 137 3.61 21.39 -1.28
C CYS F 137 3.54 22.13 0.05
N LEU F 138 3.92 21.45 1.12
CA LEU F 138 3.78 21.96 2.48
C LEU F 138 5.17 22.11 3.10
N LEU F 139 5.50 23.33 3.47
CA LEU F 139 6.62 23.65 4.35
C LEU F 139 6.05 23.83 5.74
N ASN F 140 6.54 23.05 6.70
CA ASN F 140 5.94 22.98 8.02
C ASN F 140 6.90 23.47 9.10
N ASN F 141 6.41 24.40 9.91
CA ASN F 141 7.06 24.88 11.12
C ASN F 141 8.52 25.26 10.91
N PHE F 142 8.75 26.43 10.34
CA PHE F 142 10.11 26.88 10.07
C PHE F 142 10.26 28.34 10.43
N TYR F 143 11.52 28.72 10.62
CA TYR F 143 11.91 30.09 10.88
C TYR F 143 13.34 30.22 10.39
N PRO F 144 13.72 31.34 9.76
CA PRO F 144 12.89 32.50 9.43
C PRO F 144 11.91 32.28 8.28
N ARG F 145 11.17 33.33 7.97
CA ARG F 145 10.09 33.26 6.99
C ARG F 145 10.55 33.14 5.54
N GLU F 146 11.70 33.70 5.17
CA GLU F 146 12.08 33.65 3.76
C GLU F 146 12.33 32.22 3.31
N ALA F 147 11.66 31.84 2.22
CA ALA F 147 11.83 30.52 1.63
C ALA F 147 11.53 30.60 0.14
N LYS F 148 12.21 29.76 -0.64
CA LYS F 148 11.98 29.67 -2.08
C LYS F 148 11.39 28.31 -2.44
N VAL F 149 10.18 28.31 -3.03
CA VAL F 149 9.48 27.09 -3.39
C VAL F 149 9.24 27.13 -4.90
N GLN F 150 9.90 26.23 -5.64
CA GLN F 150 9.80 26.18 -7.09
C GLN F 150 9.27 24.82 -7.52
N TRP F 151 8.39 24.81 -8.53
CA TRP F 151 7.83 23.57 -9.06
C TRP F 151 8.54 23.11 -10.32
N LYS F 152 8.76 21.79 -10.43
CA LYS F 152 9.35 21.19 -11.62
C LYS F 152 8.60 19.93 -12.03
N VAL F 153 8.02 19.97 -13.23
CA VAL F 153 7.32 18.84 -13.85
C VAL F 153 8.18 18.32 -15.01
N ASP F 154 8.55 17.04 -14.94
CA ASP F 154 9.56 16.48 -15.83
C ASP F 154 10.77 17.39 -15.90
N ASN F 155 11.13 17.95 -14.74
CA ASN F 155 12.30 18.81 -14.60
C ASN F 155 12.17 20.07 -15.46
N ALA F 156 10.94 20.56 -15.61
CA ALA F 156 10.70 21.84 -16.28
C ALA F 156 10.12 22.80 -15.25
N LEU F 157 10.80 23.93 -15.04
CA LEU F 157 10.37 24.89 -14.04
C LEU F 157 9.02 25.48 -14.44
N GLN F 158 8.03 25.36 -13.56
CA GLN F 158 6.73 25.95 -13.81
C GLN F 158 6.77 27.44 -13.48
N SER F 159 5.80 28.17 -14.05
CA SER F 159 5.72 29.61 -13.85
C SER F 159 4.27 30.07 -14.04
N GLY F 160 3.71 30.73 -13.02
CA GLY F 160 2.42 31.35 -13.14
C GLY F 160 1.24 30.45 -12.86
N ASN F 161 1.48 29.17 -12.56
CA ASN F 161 0.41 28.24 -12.26
C ASN F 161 0.44 27.74 -10.81
N SER F 162 1.04 28.51 -9.90
CA SER F 162 1.06 28.17 -8.48
C SER F 162 0.70 29.39 -7.63
N GLN F 163 0.30 29.12 -6.38
CA GLN F 163 -0.13 30.17 -5.47
C GLN F 163 0.33 29.80 -4.07
N GLU F 164 0.90 30.76 -3.34
CA GLU F 164 1.40 30.50 -1.99
C GLU F 164 0.51 31.13 -0.92
N SER F 165 0.39 30.44 0.21
CA SER F 165 -0.30 30.96 1.38
C SER F 165 0.52 30.60 2.62
N VAL F 166 0.66 31.55 3.54
CA VAL F 166 1.52 31.39 4.71
C VAL F 166 0.70 31.71 5.95
N THR F 167 0.89 30.94 7.01
CA THR F 167 0.22 31.21 8.27
C THR F 167 0.83 32.43 8.96
N GLU F 168 0.15 32.90 9.99
CA GLU F 168 0.77 33.84 10.92
C GLU F 168 1.87 33.13 11.71
N GLN F 169 2.64 33.92 12.46
CA GLN F 169 3.65 33.36 13.34
C GLN F 169 3.04 32.69 14.55
N ASP F 170 3.48 31.46 14.84
CA ASP F 170 2.94 30.68 15.94
C ASP F 170 3.33 31.29 17.28
N SER F 171 2.37 31.32 18.21
CA SER F 171 2.58 31.95 19.50
C SER F 171 3.32 31.05 20.48
N LYS F 172 3.53 29.78 20.15
CA LYS F 172 4.22 28.83 21.00
C LYS F 172 5.67 28.59 20.58
N ASP F 173 5.90 28.32 19.29
CA ASP F 173 7.23 28.02 18.80
C ASP F 173 7.77 29.06 17.81
N SER F 174 7.02 30.13 17.54
CA SER F 174 7.51 31.24 16.72
C SER F 174 7.87 30.84 15.29
N THR F 175 7.24 29.78 14.78
CA THR F 175 7.49 29.32 13.42
C THR F 175 6.40 29.76 12.46
N TYR F 176 6.69 29.59 11.17
CA TYR F 176 5.74 29.81 10.10
C TYR F 176 5.49 28.49 9.37
N SER F 177 4.38 28.44 8.65
CA SER F 177 4.07 27.34 7.75
C SER F 177 3.59 27.91 6.42
N LEU F 178 3.85 27.17 5.35
CA LEU F 178 3.63 27.68 4.00
C LEU F 178 3.08 26.55 3.15
N SER F 179 2.09 26.88 2.32
CA SER F 179 1.56 25.99 1.31
C SER F 179 1.75 26.61 -0.06
N SER F 180 2.20 25.81 -1.02
CA SER F 180 2.34 26.23 -2.41
C SER F 180 1.51 25.27 -3.25
N THR F 181 0.48 25.78 -3.92
CA THR F 181 -0.47 24.93 -4.63
C THR F 181 -0.34 25.16 -6.13
N LEU F 182 0.03 24.09 -6.83
CA LEU F 182 0.11 24.01 -8.28
C LEU F 182 -1.22 23.55 -8.91
N THR F 183 -1.78 24.38 -9.79
CA THR F 183 -3.12 24.17 -10.34
C THR F 183 -2.99 23.81 -11.82
N LEU F 184 -3.33 22.57 -12.16
CA LEU F 184 -3.26 22.07 -13.53
C LEU F 184 -4.59 21.41 -13.90
N SER F 185 -4.76 21.18 -15.20
CA SER F 185 -5.80 20.30 -15.69
C SER F 185 -5.41 18.83 -15.62
N LYS F 186 -6.44 17.99 -15.71
CA LYS F 186 -6.23 16.55 -15.70
C LYS F 186 -5.36 16.12 -16.87
N ALA F 187 -5.56 16.74 -18.03
CA ALA F 187 -4.78 16.41 -19.23
C ALA F 187 -3.30 16.68 -19.01
N ASP F 188 -2.96 17.94 -18.71
CA ASP F 188 -1.56 18.28 -18.45
C ASP F 188 -0.97 17.42 -17.36
N TYR F 189 -1.76 17.11 -16.33
CA TYR F 189 -1.25 16.25 -15.27
C TYR F 189 -0.88 14.88 -15.81
N GLU F 190 -1.80 14.25 -16.55
CA GLU F 190 -1.52 12.93 -17.10
C GLU F 190 -0.51 12.98 -18.23
N LYS F 191 -0.17 14.18 -18.71
CA LYS F 191 0.89 14.36 -19.70
C LYS F 191 2.28 14.07 -19.15
N HIS F 192 2.45 14.07 -17.83
CA HIS F 192 3.77 14.07 -17.22
C HIS F 192 3.82 13.02 -16.12
N LYS F 193 5.03 12.79 -15.61
CA LYS F 193 5.28 11.73 -14.64
C LYS F 193 5.79 12.27 -13.30
N VAL F 194 6.91 12.98 -13.30
CA VAL F 194 7.57 13.41 -12.08
C VAL F 194 7.10 14.80 -11.70
N TYR F 195 6.60 14.94 -10.48
CA TYR F 195 6.19 16.23 -9.94
C TYR F 195 7.05 16.51 -8.72
N ALA F 196 7.76 17.65 -8.73
CA ALA F 196 8.74 17.94 -7.70
C ALA F 196 8.60 19.37 -7.16
N CYS F 197 8.69 19.47 -5.85
CA CYS F 197 8.73 20.72 -5.10
C CYS F 197 10.13 20.94 -4.54
N GLU F 198 10.77 22.05 -4.93
CA GLU F 198 12.12 22.38 -4.51
C GLU F 198 12.08 23.55 -3.54
N VAL F 199 12.70 23.37 -2.38
CA VAL F 199 12.64 24.29 -1.25
C VAL F 199 14.05 24.75 -0.88
N THR F 200 14.27 26.07 -0.87
CA THR F 200 15.52 26.64 -0.39
C THR F 200 15.23 27.46 0.86
N HIS F 201 15.98 27.18 1.93
CA HIS F 201 15.75 27.80 3.23
C HIS F 201 17.05 27.81 4.03
N GLN F 202 17.19 28.82 4.91
CA GLN F 202 18.40 28.95 5.73
C GLN F 202 18.67 27.71 6.57
N GLY F 203 17.64 26.95 6.90
CA GLY F 203 17.81 25.76 7.72
C GLY F 203 18.28 24.55 6.97
N LEU F 204 18.29 24.64 5.65
CA LEU F 204 18.68 23.54 4.78
C LEU F 204 20.05 23.83 4.19
N SER F 205 20.97 22.86 4.34
CA SER F 205 22.31 23.00 3.79
C SER F 205 22.27 23.20 2.29
N SER F 206 21.37 22.49 1.61
CA SER F 206 21.15 22.61 0.18
C SER F 206 19.66 22.45 -0.08
N PRO F 207 19.17 22.94 -1.21
CA PRO F 207 17.73 22.88 -1.45
C PRO F 207 17.24 21.45 -1.36
N VAL F 208 16.13 21.27 -0.67
CA VAL F 208 15.48 19.99 -0.55
C VAL F 208 14.50 19.82 -1.69
N THR F 209 14.42 18.61 -2.24
CA THR F 209 13.49 18.30 -3.31
C THR F 209 12.62 17.14 -2.84
N LYS F 210 11.31 17.34 -2.97
CA LYS F 210 10.34 16.29 -2.69
C LYS F 210 9.54 16.05 -3.96
N SER F 211 9.55 14.81 -4.43
CA SER F 211 8.99 14.51 -5.73
C SER F 211 8.22 13.21 -5.65
N PHE F 212 7.42 12.97 -6.68
CA PHE F 212 6.72 11.70 -6.85
C PHE F 212 6.53 11.44 -8.34
N ASN F 213 6.31 10.17 -8.65
CA ASN F 213 5.98 9.75 -10.01
C ASN F 213 4.47 9.56 -10.07
N ARG F 214 3.84 10.18 -11.07
CA ARG F 214 2.40 10.14 -11.21
C ARG F 214 1.91 8.71 -11.28
N GLY F 215 1.00 8.35 -10.36
CA GLY F 215 0.38 7.05 -10.37
C GLY F 215 1.18 5.98 -9.68
N GLU F 216 2.11 6.35 -8.82
CA GLU F 216 2.96 5.40 -8.12
C GLU F 216 2.71 5.46 -6.61
N GLN G 1 30.83 0.77 37.88
CA GLN G 1 29.41 0.60 37.45
C GLN G 1 28.59 1.85 37.74
N SER G 2 28.56 2.81 36.81
CA SER G 2 27.76 3.99 37.02
C SER G 2 27.30 4.55 35.69
N VAL G 3 26.23 5.33 35.76
CA VAL G 3 25.57 5.91 34.61
C VAL G 3 25.25 7.37 34.92
N GLU G 4 25.34 8.20 33.88
CA GLU G 4 25.03 9.61 34.04
C GLU G 4 24.50 10.14 32.72
N GLU G 5 23.36 10.83 32.78
CA GLU G 5 22.85 11.46 31.57
C GLU G 5 23.37 12.90 31.52
N SER G 6 23.43 13.44 30.30
CA SER G 6 23.85 14.81 30.10
C SER G 6 23.27 15.34 28.81
N GLY G 7 23.25 16.66 28.70
CA GLY G 7 22.69 17.34 27.56
C GLY G 7 21.26 17.78 27.75
N GLY G 8 20.72 17.63 28.95
CA GLY G 8 19.38 18.07 29.24
C GLY G 8 19.32 19.56 29.49
N GLY G 9 18.10 20.06 29.64
CA GLY G 9 17.86 21.47 29.87
C GLY G 9 16.71 22.02 29.07
N LEU G 10 16.76 23.32 28.77
CA LEU G 10 15.69 23.98 28.05
C LEU G 10 16.04 23.98 26.57
N VAL G 11 15.07 23.63 25.73
CA VAL G 11 15.26 23.60 24.30
C VAL G 11 14.05 24.20 23.60
N THR G 12 14.30 24.82 22.45
CA THR G 12 13.26 25.47 21.67
C THR G 12 12.52 24.44 20.83
N PRO G 13 11.19 24.54 20.71
CA PRO G 13 10.44 23.59 19.87
C PRO G 13 10.94 23.53 18.44
N GLY G 14 11.23 22.31 17.97
CA GLY G 14 11.73 22.08 16.62
C GLY G 14 13.24 21.97 16.50
N THR G 15 13.98 22.30 17.54
CA THR G 15 15.43 22.20 17.49
C THR G 15 15.87 20.80 17.88
N PRO G 16 16.52 20.04 16.99
CA PRO G 16 16.97 18.68 17.36
C PRO G 16 17.73 18.71 18.68
N LEU G 17 17.62 17.63 19.45
CA LEU G 17 18.28 17.64 20.76
C LEU G 17 18.90 16.28 21.06
N THR G 18 20.19 16.28 21.36
CA THR G 18 20.92 15.03 21.60
C THR G 18 21.30 14.99 23.07
N LEU G 19 20.86 13.93 23.73
CA LEU G 19 21.26 13.62 25.09
C LEU G 19 22.36 12.57 25.00
N THR G 20 23.26 12.61 25.95
CA THR G 20 24.39 11.69 25.99
C THR G 20 24.36 10.91 27.29
N CYS G 21 24.60 9.62 27.17
CA CYS G 21 24.62 8.71 28.30
C CYS G 21 26.05 8.22 28.45
N THR G 22 26.62 8.47 29.63
CA THR G 22 28.00 8.10 29.90
C THR G 22 28.02 7.06 31.00
N VAL G 23 28.70 5.96 30.72
CA VAL G 23 28.82 4.83 31.62
C VAL G 23 30.26 4.72 32.08
N SER G 24 30.45 4.07 33.22
CA SER G 24 31.78 3.80 33.74
C SER G 24 31.74 2.40 34.33
N GLY G 25 32.70 1.57 33.91
CA GLY G 25 32.72 0.18 34.32
C GLY G 25 31.66 -0.67 33.64
N ILE G 26 31.12 -0.23 32.51
CA ILE G 26 30.15 -1.01 31.75
C ILE G 26 30.63 -1.15 30.30
N ASP G 27 30.59 -2.38 29.80
CA ASP G 27 31.12 -2.81 28.51
C ASP G 27 29.97 -2.80 27.52
N LEU G 28 29.93 -1.79 26.65
CA LEU G 28 28.82 -1.68 25.71
C LEU G 28 28.92 -2.66 24.55
N SER G 29 30.03 -3.40 24.43
CA SER G 29 30.13 -4.49 23.47
C SER G 29 29.51 -5.78 24.01
N ARG G 30 29.06 -5.80 25.27
CA ARG G 30 28.50 -7.02 25.85
C ARG G 30 27.20 -6.84 26.63
N TYR G 31 26.73 -5.62 26.86
CA TYR G 31 25.52 -5.37 27.61
C TYR G 31 24.76 -4.24 26.92
N ALA G 32 23.44 -4.26 27.05
CA ALA G 32 22.63 -3.28 26.34
C ALA G 32 22.37 -2.08 27.24
N MET G 33 22.12 -0.93 26.62
CA MET G 33 21.72 0.26 27.36
C MET G 33 20.34 0.69 26.89
N SER G 34 19.52 1.15 27.81
CA SER G 34 18.16 1.55 27.48
C SER G 34 17.94 3.02 27.77
N TRP G 35 17.04 3.62 26.98
CA TRP G 35 16.54 4.97 27.18
C TRP G 35 15.08 4.90 27.58
N VAL G 36 14.78 5.52 28.73
CA VAL G 36 13.46 5.57 29.33
C VAL G 36 13.18 7.04 29.60
N ARG G 37 11.91 7.41 29.70
CA ARG G 37 11.56 8.77 30.07
C ARG G 37 10.33 8.77 30.97
N GLN G 38 10.05 9.93 31.53
CA GLN G 38 9.00 10.07 32.53
C GLN G 38 8.57 11.54 32.51
N ALA G 39 7.39 11.79 31.96
CA ALA G 39 6.84 13.14 32.01
C ALA G 39 6.47 13.48 33.45
N PRO G 40 6.44 14.78 33.78
CA PRO G 40 6.14 15.17 35.17
C PRO G 40 4.82 14.58 35.65
N GLY G 41 4.88 13.83 36.74
CA GLY G 41 3.69 13.29 37.36
C GLY G 41 3.10 12.09 36.65
N LYS G 42 3.77 11.53 35.67
CA LYS G 42 3.28 10.43 34.86
C LYS G 42 4.20 9.23 35.01
N GLY G 43 3.90 8.17 34.25
CA GLY G 43 4.61 6.92 34.41
C GLY G 43 5.85 6.84 33.56
N LEU G 44 6.63 5.80 33.82
CA LEU G 44 7.83 5.53 33.05
C LEU G 44 7.45 5.07 31.65
N GLU G 45 8.27 5.48 30.67
CA GLU G 45 8.00 5.15 29.26
C GLU G 45 9.29 4.66 28.64
N TRP G 46 9.24 3.47 28.07
CA TRP G 46 10.41 2.88 27.44
C TRP G 46 10.58 3.49 26.06
N ILE G 47 11.74 4.10 25.81
CA ILE G 47 11.99 4.72 24.51
C ILE G 47 12.72 3.75 23.60
N GLY G 48 13.85 3.23 24.04
CA GLY G 48 14.60 2.42 23.10
C GLY G 48 15.78 1.75 23.77
N ILE G 49 16.55 1.05 22.95
CA ILE G 49 17.68 0.27 23.47
C ILE G 49 18.74 0.07 22.41
N PHE G 50 19.98 0.18 22.86
CA PHE G 50 21.16 -0.24 22.13
C PHE G 50 21.57 -1.60 22.65
N GLY G 51 21.45 -2.60 21.78
CA GLY G 51 21.63 -3.99 22.16
C GLY G 51 23.06 -4.47 22.25
N SER G 52 23.17 -5.68 22.81
CA SER G 52 24.45 -6.33 23.04
C SER G 52 25.15 -6.67 21.73
N LEU G 53 24.39 -6.82 20.65
CA LEU G 53 24.94 -7.20 19.35
C LEU G 53 24.89 -6.06 18.34
N GLY G 54 24.72 -4.83 18.83
CA GLY G 54 24.72 -3.65 18.00
C GLY G 54 23.35 -3.35 17.44
N GLY G 55 22.34 -4.13 17.82
CA GLY G 55 20.98 -3.82 17.47
C GLY G 55 20.42 -2.62 18.21
N ILE G 56 19.67 -1.81 17.48
CA ILE G 56 19.03 -0.61 18.01
C ILE G 56 17.54 -0.79 17.78
N PHE G 57 16.77 -0.76 18.86
CA PHE G 57 15.34 -0.99 18.80
C PHE G 57 14.55 0.09 19.51
N TYR G 58 13.43 0.48 18.93
CA TYR G 58 12.61 1.56 19.45
C TYR G 58 11.19 1.06 19.66
N ALA G 59 10.50 1.67 20.61
CA ALA G 59 9.07 1.48 20.73
C ALA G 59 8.40 1.93 19.44
N SER G 60 7.22 1.35 19.17
CA SER G 60 6.51 1.71 17.95
C SER G 60 6.26 3.21 17.90
N TRP G 61 5.95 3.82 19.04
CA TRP G 61 5.64 5.24 19.07
C TRP G 61 6.89 6.10 19.04
N ALA G 62 8.07 5.52 19.26
CA ALA G 62 9.30 6.29 19.36
C ALA G 62 10.13 6.25 18.09
N LYS G 63 9.78 5.41 17.12
CA LYS G 63 10.57 5.27 15.90
C LYS G 63 10.44 6.53 15.05
N GLY G 64 11.57 7.08 14.62
CA GLY G 64 11.55 8.35 13.92
C GLY G 64 11.70 9.55 14.83
N ARG G 65 10.99 9.51 15.96
CA ARG G 65 10.97 10.60 16.92
C ARG G 65 12.26 10.67 17.72
N PHE G 66 13.02 9.57 17.74
CA PHE G 66 14.26 9.47 18.49
C PHE G 66 15.25 8.71 17.62
N THR G 67 16.53 9.01 17.79
CA THR G 67 17.59 8.24 17.16
C THR G 67 18.60 7.83 18.22
N ILE G 68 18.81 6.53 18.36
CA ILE G 68 19.79 5.97 19.29
C ILE G 68 21.02 5.50 18.52
N SER G 69 22.19 5.80 19.07
CA SER G 69 23.47 5.42 18.49
C SER G 69 24.48 5.24 19.59
N LYS G 70 25.52 4.44 19.35
CA LYS G 70 26.64 4.35 20.25
C LYS G 70 27.75 5.22 19.67
N THR G 71 28.13 6.25 20.41
CA THR G 71 29.12 7.19 19.92
C THR G 71 30.52 6.94 20.44
N SER G 72 30.69 6.22 21.55
CA SER G 72 32.04 5.91 22.01
C SER G 72 31.96 4.76 22.98
N PRO G 73 33.10 4.08 23.25
CA PRO G 73 33.08 2.95 24.18
C PRO G 73 32.41 3.31 25.51
N THR G 74 32.24 4.60 25.80
CA THR G 74 31.63 5.03 27.05
C THR G 74 30.42 5.94 26.84
N THR G 75 29.98 6.16 25.61
CA THR G 75 28.87 7.07 25.37
C THR G 75 27.87 6.47 24.39
N VAL G 76 26.59 6.69 24.68
CA VAL G 76 25.47 6.30 23.83
C VAL G 76 24.57 7.51 23.73
N ASP G 77 24.09 7.82 22.53
CA ASP G 77 23.32 9.04 22.30
C ASP G 77 21.82 8.76 22.09
N LEU G 78 21.02 9.78 22.43
CA LEU G 78 19.60 9.83 22.12
C LEU G 78 19.29 11.18 21.48
N LYS G 79 19.05 11.18 20.17
CA LYS G 79 18.74 12.41 19.46
C LYS G 79 17.23 12.43 19.32
N ILE G 80 16.60 13.42 19.93
CA ILE G 80 15.18 13.66 19.79
C ILE G 80 14.89 14.52 18.56
N THR G 81 14.19 13.90 17.61
CA THR G 81 13.95 14.41 16.27
C THR G 81 12.91 15.52 16.39
N SER G 82 13.29 16.75 16.15
CA SER G 82 12.37 17.87 16.27
C SER G 82 11.51 17.85 17.54
N PRO G 83 12.05 18.38 18.64
CA PRO G 83 11.34 18.31 19.93
C PRO G 83 10.01 19.05 19.92
N THR G 84 9.04 18.53 20.65
CA THR G 84 7.76 19.24 20.80
C THR G 84 7.46 19.40 22.28
N THR G 85 6.40 20.17 22.57
CA THR G 85 6.05 20.45 23.95
C THR G 85 5.79 19.16 24.70
N GLU G 86 5.14 18.19 24.04
CA GLU G 86 4.81 16.94 24.69
C GLU G 86 6.03 16.08 24.97
N ASP G 87 7.21 16.47 24.49
CA ASP G 87 8.44 15.75 24.77
C ASP G 87 9.13 16.24 26.03
N THR G 88 8.54 17.19 26.75
CA THR G 88 9.12 17.62 28.02
C THR G 88 9.02 16.49 29.04
N ALA G 89 10.15 16.09 29.60
CA ALA G 89 10.15 14.95 30.50
C ALA G 89 11.56 14.77 31.05
N THR G 90 11.66 14.02 32.15
CA THR G 90 12.93 13.52 32.63
C THR G 90 13.35 12.28 31.84
N TYR G 91 14.57 12.30 31.33
CA TYR G 91 15.11 11.22 30.51
C TYR G 91 16.15 10.45 31.30
N PHE G 92 15.96 9.13 31.38
CA PHE G 92 16.83 8.23 32.10
C PHE G 92 17.58 7.35 31.10
N CYS G 93 18.86 7.12 31.36
CA CYS G 93 19.66 6.08 30.73
C CYS G 93 19.92 4.98 31.75
N ALA G 94 19.70 3.72 31.38
CA ALA G 94 19.76 2.65 32.36
C ALA G 94 20.36 1.37 31.79
N ARG G 95 21.19 0.71 32.61
CA ARG G 95 21.62 -0.67 32.43
C ARG G 95 20.59 -1.50 33.20
N MET G 96 19.50 -1.90 32.54
CA MET G 96 18.35 -2.46 33.24
C MET G 96 18.12 -3.91 32.83
N PRO G 97 18.93 -4.83 33.36
CA PRO G 97 18.75 -6.25 33.05
C PRO G 97 17.45 -6.78 33.65
N TYR G 98 16.80 -7.67 32.90
CA TYR G 98 15.59 -8.34 33.35
C TYR G 98 15.88 -9.62 34.14
N THR G 99 17.07 -10.20 34.01
CA THR G 99 17.40 -11.47 34.66
C THR G 99 18.63 -11.35 35.55
N THR G 100 19.03 -10.14 35.92
CA THR G 100 20.05 -9.95 36.94
C THR G 100 19.68 -8.74 37.80
N ASP G 101 20.44 -8.56 38.90
CA ASP G 101 20.26 -7.43 39.80
C ASP G 101 21.39 -6.42 39.66
N ARG G 102 22.12 -6.45 38.54
CA ARG G 102 23.15 -5.46 38.24
C ARG G 102 22.52 -4.32 37.46
N ASP G 103 21.72 -3.56 38.21
CA ASP G 103 20.75 -2.62 37.67
C ASP G 103 21.18 -1.21 38.06
N PHE G 104 21.51 -0.40 37.07
CA PHE G 104 22.04 0.94 37.28
C PHE G 104 21.30 1.91 36.37
N TRP G 105 20.69 2.91 36.98
CA TRP G 105 19.95 3.96 36.29
C TRP G 105 20.69 5.27 36.54
N GLY G 106 20.71 6.14 35.55
CA GLY G 106 21.20 7.46 35.78
C GLY G 106 20.18 8.21 36.60
N PRO G 107 20.56 9.36 37.14
CA PRO G 107 19.60 10.12 37.96
C PRO G 107 18.52 10.75 37.14
N GLY G 108 18.70 10.81 35.82
CA GLY G 108 17.74 11.42 34.92
C GLY G 108 18.08 12.87 34.71
N THR G 109 17.77 13.36 33.51
CA THR G 109 18.02 14.75 33.16
C THR G 109 16.75 15.30 32.54
N LEU G 110 16.30 16.44 33.05
CA LEU G 110 15.05 17.02 32.61
C LEU G 110 15.25 17.81 31.32
N VAL G 111 14.43 17.49 30.32
CA VAL G 111 14.40 18.22 29.07
C VAL G 111 13.07 18.95 29.07
N THR G 112 13.13 20.27 28.97
CA THR G 112 11.96 21.13 28.90
C THR G 112 11.91 21.74 27.51
N VAL G 113 10.79 21.52 26.83
CA VAL G 113 10.58 22.04 25.49
C VAL G 113 9.65 23.23 25.61
N SER G 114 10.19 24.43 25.42
CA SER G 114 9.41 25.65 25.58
C SER G 114 10.17 26.79 24.95
N SER G 115 9.43 27.82 24.56
CA SER G 115 10.00 29.02 23.98
C SER G 115 10.33 30.06 25.04
N ALA G 116 9.85 29.87 26.27
CA ALA G 116 10.16 30.79 27.35
C ALA G 116 11.66 30.81 27.62
N SER G 117 12.10 31.91 28.23
CA SER G 117 13.50 32.12 28.59
C SER G 117 13.74 31.66 30.01
N THR G 118 15.01 31.37 30.31
CA THR G 118 15.33 30.94 31.67
C THR G 118 15.28 32.19 32.53
N LYS G 119 14.81 32.04 33.76
CA LYS G 119 14.72 33.18 34.66
C LYS G 119 15.09 32.70 36.06
N GLY G 120 16.05 33.37 36.68
CA GLY G 120 16.43 33.03 38.03
C GLY G 120 15.33 33.40 39.01
N PRO G 121 15.27 32.68 40.13
CA PRO G 121 14.20 32.92 41.10
C PRO G 121 14.43 34.16 41.94
N SER G 122 13.32 34.66 42.50
CA SER G 122 13.39 35.58 43.63
C SER G 122 13.13 34.78 44.89
N VAL G 123 13.91 35.04 45.93
CA VAL G 123 13.81 34.30 47.19
C VAL G 123 13.36 35.29 48.27
N PHE G 124 12.20 35.01 48.87
CA PHE G 124 11.63 35.85 49.91
C PHE G 124 11.49 35.06 51.20
N PRO G 125 11.63 35.71 52.36
CA PRO G 125 11.57 34.96 53.62
C PRO G 125 10.16 34.84 54.20
N LEU G 126 9.86 33.62 54.66
CA LEU G 126 8.64 33.32 55.42
C LEU G 126 9.05 33.31 56.88
N ALA G 127 8.92 34.47 57.51
CA ALA G 127 9.47 34.67 58.84
C ALA G 127 8.51 34.18 59.92
N PRO G 128 9.01 33.78 61.10
CA PRO G 128 8.15 33.35 62.20
C PRO G 128 7.66 34.53 63.05
N GLY G 135 2.40 24.50 68.52
CA GLY G 135 2.56 24.59 69.96
C GLY G 135 3.93 24.12 70.39
N GLY G 136 4.69 25.00 71.04
CA GLY G 136 6.10 24.75 71.21
C GLY G 136 6.87 24.78 69.91
N THR G 137 6.22 25.17 68.82
CA THR G 137 6.73 25.04 67.48
C THR G 137 6.43 26.30 66.70
N ALA G 138 7.40 26.71 65.91
CA ALA G 138 7.33 27.87 65.05
C ALA G 138 7.67 27.35 63.67
N ALA G 139 7.17 28.02 62.65
CA ALA G 139 7.42 27.61 61.28
C ALA G 139 8.01 28.77 60.52
N LEU G 140 8.90 28.43 59.59
CA LEU G 140 9.49 29.44 58.73
C LEU G 140 9.80 28.81 57.40
N GLY G 141 10.15 29.64 56.43
CA GLY G 141 10.40 29.09 55.11
C GLY G 141 10.97 30.11 54.17
N CYS G 142 10.96 29.74 52.89
CA CYS G 142 11.51 30.54 51.81
C CYS G 142 10.57 30.36 50.63
N LEU G 143 10.07 31.48 50.11
CA LEU G 143 9.27 31.50 48.91
C LEU G 143 10.21 31.71 47.73
N VAL G 144 10.28 30.71 46.86
CA VAL G 144 11.14 30.73 45.69
C VAL G 144 10.21 30.95 44.51
N LYS G 145 10.10 32.21 44.11
CA LYS G 145 9.01 32.70 43.28
C LYS G 145 9.55 33.09 41.91
N ASP G 146 8.80 32.74 40.87
CA ASP G 146 9.00 33.23 39.51
C ASP G 146 10.39 32.86 38.99
N TYR G 147 10.53 31.59 38.65
CA TYR G 147 11.75 31.12 38.02
C TYR G 147 11.37 30.19 36.90
N PHE G 148 12.29 29.95 36.00
CA PHE G 148 12.00 29.04 34.90
C PHE G 148 13.32 28.65 34.24
N PRO G 149 13.51 27.38 33.84
CA PRO G 149 12.63 26.23 34.06
C PRO G 149 12.88 25.58 35.41
N GLU G 150 12.26 24.43 35.63
CA GLU G 150 12.61 23.62 36.77
C GLU G 150 13.98 22.97 36.53
N PRO G 151 14.66 22.50 37.59
CA PRO G 151 14.26 22.60 39.00
C PRO G 151 15.14 23.54 39.82
N VAL G 152 14.76 23.73 41.08
CA VAL G 152 15.62 24.35 42.08
C VAL G 152 15.86 23.36 43.21
N THR G 153 16.92 23.60 43.97
CA THR G 153 17.23 22.86 45.18
C THR G 153 17.28 23.82 46.35
N VAL G 154 16.73 23.41 47.48
CA VAL G 154 16.68 24.24 48.68
C VAL G 154 17.25 23.41 49.82
N SER G 155 18.24 23.95 50.50
CA SER G 155 18.74 23.37 51.73
C SER G 155 18.54 24.38 52.85
N TRP G 156 18.81 23.95 54.08
CA TRP G 156 18.66 24.83 55.22
C TRP G 156 19.92 24.74 56.07
N ASN G 157 20.54 25.89 56.31
CA ASN G 157 21.79 25.96 57.06
C ASN G 157 22.82 24.99 56.46
N SER G 158 22.91 25.02 55.13
CA SER G 158 23.91 24.24 54.39
C SER G 158 23.83 22.74 54.69
N GLY G 159 22.61 22.22 54.81
CA GLY G 159 22.42 20.80 55.04
C GLY G 159 22.36 20.35 56.49
N ALA G 160 22.77 21.19 57.43
CA ALA G 160 22.72 20.79 58.83
C ALA G 160 21.29 20.61 59.31
N LEU G 161 20.34 21.33 58.71
CA LEU G 161 18.94 21.24 59.09
C LEU G 161 18.20 20.38 58.08
N THR G 162 17.67 19.26 58.56
CA THR G 162 17.01 18.27 57.71
C THR G 162 15.70 17.74 58.29
N SER G 163 15.51 17.78 59.61
CA SER G 163 14.33 17.23 60.24
C SER G 163 13.20 18.25 60.19
N GLY G 164 12.02 17.81 59.76
CA GLY G 164 10.87 18.70 59.67
C GLY G 164 10.89 19.63 58.48
N VAL G 165 11.76 19.40 57.51
CA VAL G 165 11.81 20.20 56.30
C VAL G 165 10.78 19.67 55.31
N HIS G 166 10.00 20.58 54.71
CA HIS G 166 9.05 20.25 53.65
C HIS G 166 9.28 21.21 52.49
N THR G 167 9.80 20.69 51.38
CA THR G 167 9.99 21.48 50.16
C THR G 167 8.89 21.10 49.18
N PHE G 168 7.94 22.01 48.95
CA PHE G 168 6.79 21.66 48.14
C PHE G 168 7.15 21.62 46.66
N PRO G 169 6.49 20.78 45.87
CA PRO G 169 6.75 20.78 44.42
C PRO G 169 6.35 22.12 43.81
N ALA G 170 7.00 22.48 42.70
CA ALA G 170 6.69 23.76 42.10
C ALA G 170 5.34 23.70 41.40
N VAL G 171 4.65 24.83 41.38
CA VAL G 171 3.40 25.00 40.64
C VAL G 171 3.67 26.06 39.59
N LEU G 172 3.33 25.76 38.35
CA LEU G 172 3.47 26.75 37.29
C LEU G 172 2.39 27.82 37.43
N GLN G 173 2.84 29.07 37.53
CA GLN G 173 1.97 30.22 37.72
C GLN G 173 1.38 30.67 36.38
N SER G 174 0.32 31.48 36.48
CA SER G 174 -0.32 32.01 35.28
C SER G 174 0.63 32.86 34.45
N SER G 175 1.73 33.33 35.03
CA SER G 175 2.72 34.08 34.27
C SER G 175 3.64 33.17 33.46
N GLY G 176 3.49 31.84 33.59
CA GLY G 176 4.37 30.90 32.92
C GLY G 176 5.62 30.57 33.70
N LEU G 177 5.78 31.12 34.90
CA LEU G 177 6.89 30.84 35.78
C LEU G 177 6.44 29.93 36.90
N TYR G 178 7.42 29.35 37.58
CA TYR G 178 7.14 28.42 38.66
C TYR G 178 7.32 29.11 39.99
N SER G 179 6.55 28.67 40.97
CA SER G 179 6.71 29.15 42.33
C SER G 179 6.66 27.93 43.24
N LEU G 180 7.44 28.02 44.30
CA LEU G 180 7.65 26.92 45.20
C LEU G 180 7.91 27.52 46.57
N SER G 181 7.61 26.75 47.61
CA SER G 181 7.94 27.18 48.95
C SER G 181 8.63 26.03 49.65
N SER G 182 9.52 26.38 50.57
CA SER G 182 10.21 25.39 51.36
C SER G 182 10.13 25.85 52.80
N VAL G 183 9.54 25.00 53.65
CA VAL G 183 9.27 25.35 55.02
C VAL G 183 10.00 24.38 55.91
N VAL G 184 10.12 24.77 57.17
CA VAL G 184 10.69 23.95 58.22
C VAL G 184 10.03 24.34 59.52
N THR G 185 9.86 23.36 60.40
CA THR G 185 9.33 23.60 61.72
C THR G 185 10.49 23.50 62.69
N VAL G 186 10.53 24.43 63.64
CA VAL G 186 11.63 24.54 64.59
C VAL G 186 11.07 24.92 65.95
N PRO G 187 11.80 24.58 67.02
CA PRO G 187 11.36 25.02 68.34
C PRO G 187 11.26 26.53 68.44
N SER G 188 10.20 27.01 69.11
CA SER G 188 9.98 28.44 69.24
C SER G 188 11.08 29.09 70.07
N SER G 189 11.67 28.33 71.01
CA SER G 189 12.75 28.83 71.86
C SER G 189 14.01 29.17 71.08
N SER G 190 14.23 28.51 69.94
CA SER G 190 15.46 28.65 69.19
C SER G 190 15.50 29.91 68.34
N LEU G 191 14.41 30.69 68.29
CA LEU G 191 14.35 31.78 67.32
C LEU G 191 15.37 32.86 67.64
N GLY G 192 15.46 33.30 68.90
CA GLY G 192 16.47 34.31 69.16
C GLY G 192 17.86 33.72 69.27
N THR G 193 17.93 32.39 69.41
CA THR G 193 19.17 31.68 69.69
C THR G 193 19.90 31.23 68.43
N GLN G 194 19.17 30.90 67.36
CA GLN G 194 19.78 30.32 66.17
C GLN G 194 19.41 31.08 64.92
N THR G 195 20.33 31.05 63.96
CA THR G 195 20.12 31.55 62.61
C THR G 195 19.41 30.53 61.73
N TYR G 196 18.54 31.02 60.84
CA TYR G 196 17.85 30.16 59.90
C TYR G 196 18.09 30.73 58.51
N ILE G 197 18.77 29.98 57.65
CA ILE G 197 19.17 30.44 56.33
C ILE G 197 18.80 29.37 55.32
N CYS G 198 18.14 29.78 54.24
CA CYS G 198 17.81 28.86 53.15
C CYS G 198 18.75 29.07 51.98
N ASN G 199 19.29 27.98 51.46
CA ASN G 199 20.26 27.98 50.38
C ASN G 199 19.53 27.46 49.15
N VAL G 200 19.21 28.37 48.23
CA VAL G 200 18.53 28.06 46.99
C VAL G 200 19.57 28.01 45.87
N ASN G 201 19.48 26.98 45.05
CA ASN G 201 20.32 26.86 43.87
C ASN G 201 19.44 26.52 42.68
N HIS G 202 19.54 27.33 41.63
CA HIS G 202 18.82 27.12 40.38
C HIS G 202 19.89 27.04 39.30
N LYS G 203 20.22 25.82 38.90
CA LYS G 203 21.34 25.55 38.02
C LYS G 203 21.07 25.98 36.59
N PRO G 204 19.86 25.84 36.05
CA PRO G 204 19.63 26.30 34.68
C PRO G 204 20.07 27.74 34.45
N SER G 205 19.91 28.61 35.45
CA SER G 205 20.41 29.97 35.38
C SER G 205 21.73 30.15 36.12
N ASN G 206 22.29 29.10 36.70
CA ASN G 206 23.52 29.18 37.48
C ASN G 206 23.36 30.25 38.56
N THR G 207 22.17 30.28 39.16
CA THR G 207 21.83 31.19 40.24
C THR G 207 22.01 30.46 41.58
N LYS G 208 22.65 31.12 42.54
CA LYS G 208 22.79 30.62 43.90
C LYS G 208 22.52 31.76 44.88
N VAL G 209 21.46 31.59 45.69
CA VAL G 209 20.97 32.62 46.61
C VAL G 209 20.92 32.03 48.02
N ASP G 210 21.46 32.78 48.98
CA ASP G 210 21.35 32.49 50.41
C ASP G 210 20.53 33.56 51.11
N LYS G 211 19.47 33.14 51.80
CA LYS G 211 18.47 34.03 52.38
C LYS G 211 18.39 33.86 53.88
N LYS G 212 18.55 34.97 54.60
CA LYS G 212 18.43 35.01 56.05
C LYS G 212 16.96 35.21 56.40
N VAL G 213 16.44 34.28 57.21
CA VAL G 213 15.06 34.29 57.66
C VAL G 213 15.07 34.67 59.15
N GLU G 214 14.34 35.72 59.50
CA GLU G 214 14.35 36.16 60.88
C GLU G 214 12.98 36.71 61.24
N PRO G 215 12.57 36.64 62.52
CA PRO G 215 11.32 37.22 63.01
C PRO G 215 11.33 38.75 62.97
N ASP H 1 0.22 -1.00 20.98
CA ASP H 1 0.93 -2.09 20.23
C ASP H 1 1.43 -3.15 21.21
N ILE H 2 2.57 -2.93 21.87
CA ILE H 2 2.93 -3.75 23.02
C ILE H 2 2.37 -3.04 24.25
N VAL H 3 1.63 -3.77 25.07
CA VAL H 3 0.97 -3.21 26.24
C VAL H 3 1.31 -4.03 27.48
N MET H 4 1.57 -3.33 28.58
CA MET H 4 1.75 -3.94 29.90
C MET H 4 0.70 -3.27 30.79
N THR H 5 -0.35 -4.01 31.14
CA THR H 5 -1.46 -3.46 31.91
C THR H 5 -1.27 -3.70 33.40
N GLN H 6 -1.07 -2.62 34.15
CA GLN H 6 -0.80 -2.67 35.57
C GLN H 6 -2.02 -2.19 36.34
N THR H 7 -2.47 -3.01 37.29
CA THR H 7 -3.63 -2.71 38.13
C THR H 7 -3.28 -3.04 39.57
N PRO H 8 -3.84 -2.30 40.55
CA PRO H 8 -4.76 -1.16 40.41
C PRO H 8 -4.03 0.14 40.08
N SER H 9 -4.74 1.14 39.56
CA SER H 9 -4.09 2.42 39.31
C SER H 9 -3.62 3.07 40.61
N SER H 10 -4.37 2.88 41.69
CA SER H 10 -4.01 3.40 43.00
C SER H 10 -4.75 2.58 44.04
N THR H 11 -4.19 2.54 45.26
CA THR H 11 -4.78 1.77 46.33
C THR H 11 -4.23 2.31 47.65
N SER H 12 -4.84 1.88 48.74
CA SER H 12 -4.43 2.30 50.07
C SER H 12 -4.48 1.08 50.98
N ALA H 13 -3.60 1.07 51.97
CA ALA H 13 -3.56 -0.01 52.94
C ALA H 13 -2.77 0.48 54.14
N ALA H 14 -3.05 -0.14 55.29
CA ALA H 14 -2.40 0.30 56.52
C ALA H 14 -1.07 -0.42 56.73
N VAL H 15 -0.28 0.14 57.65
CA VAL H 15 0.98 -0.46 58.05
C VAL H 15 0.73 -1.88 58.56
N GLY H 16 1.56 -2.82 58.13
CA GLY H 16 1.40 -4.21 58.50
C GLY H 16 0.47 -4.99 57.61
N GLY H 17 -0.28 -4.31 56.75
CA GLY H 17 -1.18 -4.95 55.81
C GLY H 17 -0.45 -5.57 54.63
N THR H 18 -1.23 -5.84 53.58
CA THR H 18 -0.73 -6.51 52.38
C THR H 18 -1.36 -5.88 51.15
N VAL H 19 -0.54 -5.65 50.12
CA VAL H 19 -1.06 -5.16 48.84
C VAL H 19 -0.62 -6.10 47.73
N THR H 20 -1.48 -6.23 46.71
CA THR H 20 -1.27 -7.14 45.59
C THR H 20 -1.44 -6.34 44.30
N ILE H 21 -0.41 -6.34 43.47
CA ILE H 21 -0.38 -5.60 42.20
C ILE H 21 -0.25 -6.59 41.06
N THR H 22 -1.08 -6.44 40.03
CA THR H 22 -1.13 -7.37 38.91
C THR H 22 -0.70 -6.67 37.62
N CYS H 23 0.10 -7.36 36.82
CA CYS H 23 0.56 -6.87 35.53
C CYS H 23 0.22 -7.91 34.47
N GLN H 24 -0.49 -7.49 33.42
CA GLN H 24 -0.99 -8.37 32.38
C GLN H 24 -0.41 -7.89 31.05
N ALA H 25 0.49 -8.68 30.47
CA ALA H 25 1.13 -8.33 29.21
C ALA H 25 0.34 -8.85 28.02
N SER H 26 0.42 -8.11 26.91
CA SER H 26 -0.29 -8.47 25.69
C SER H 26 0.35 -9.65 24.98
N GLN H 27 1.61 -9.96 25.28
CA GLN H 27 2.26 -11.15 24.76
C GLN H 27 3.29 -11.61 25.76
N SER H 28 3.75 -12.84 25.59
CA SER H 28 4.68 -13.43 26.54
C SER H 28 6.00 -12.66 26.54
N VAL H 29 6.57 -12.49 27.74
CA VAL H 29 7.88 -11.84 27.85
C VAL H 29 8.91 -12.77 27.22
N ALA H 30 10.09 -12.21 26.92
CA ALA H 30 11.11 -13.04 26.32
C ALA H 30 11.50 -14.14 27.30
N ASN H 31 11.62 -15.36 26.77
CA ASN H 31 11.97 -16.53 27.58
C ASN H 31 11.03 -16.76 28.76
N ASN H 32 9.85 -16.13 28.77
CA ASN H 32 8.88 -16.28 29.84
C ASN H 32 9.36 -15.75 31.18
N ASN H 33 10.44 -14.97 31.20
CA ASN H 33 10.92 -14.48 32.50
C ASN H 33 11.64 -13.14 32.42
N TYR H 34 11.57 -12.42 31.31
CA TYR H 34 12.12 -11.07 31.23
C TYR H 34 11.05 -10.17 31.86
N LEU H 35 11.07 -10.11 33.18
CA LEU H 35 10.06 -9.36 33.93
C LEU H 35 10.67 -8.90 35.24
N LYS H 36 10.62 -7.59 35.47
CA LYS H 36 11.21 -6.97 36.65
C LYS H 36 10.20 -6.06 37.32
N TRP H 37 10.28 -5.97 38.64
CA TRP H 37 9.45 -5.07 39.42
C TRP H 37 10.29 -3.96 40.04
N TYR H 38 9.85 -2.72 39.82
CA TYR H 38 10.52 -1.51 40.27
C TYR H 38 9.70 -0.76 41.30
N GLN H 39 10.41 -0.02 42.15
CA GLN H 39 9.84 0.90 43.11
C GLN H 39 10.46 2.27 42.87
N GLN H 40 9.62 3.28 42.72
CA GLN H 40 10.05 4.63 42.42
C GLN H 40 9.45 5.60 43.41
N LYS H 41 10.26 6.54 43.88
CA LYS H 41 9.82 7.58 44.78
C LYS H 41 10.04 8.93 44.11
N ARG H 42 9.36 9.94 44.64
CA ARG H 42 9.36 11.25 44.00
C ARG H 42 10.77 11.81 43.88
N GLY H 43 11.11 12.30 42.70
CA GLY H 43 12.40 12.94 42.47
C GLY H 43 13.59 12.03 42.35
N GLN H 44 13.40 10.72 42.33
CA GLN H 44 14.48 9.75 42.28
C GLN H 44 14.29 8.87 41.05
N PRO H 45 15.33 8.15 40.63
CA PRO H 45 15.13 7.10 39.63
C PRO H 45 14.58 5.84 40.28
N PRO H 46 14.03 4.92 39.49
CA PRO H 46 13.50 3.68 40.08
C PRO H 46 14.58 2.81 40.68
N LYS H 47 14.18 2.03 41.68
CA LYS H 47 15.05 1.09 42.38
C LYS H 47 14.47 -0.30 42.24
N GLN H 48 15.29 -1.24 41.79
CA GLN H 48 14.78 -2.57 41.48
C GLN H 48 14.28 -3.28 42.73
N LEU H 49 13.25 -4.10 42.54
CA LEU H 49 12.74 -5.02 43.55
C LEU H 49 12.86 -6.46 43.11
N ILE H 50 12.30 -6.82 41.96
CA ILE H 50 12.26 -8.21 41.55
C ILE H 50 12.83 -8.32 40.13
N TYR H 51 13.55 -9.40 39.87
CA TYR H 51 13.98 -9.72 38.52
C TYR H 51 13.63 -11.18 38.25
N SER H 52 13.64 -11.55 36.98
CA SER H 52 13.24 -12.89 36.53
C SER H 52 11.89 -13.30 37.13
N VAL H 53 10.94 -12.38 37.11
CA VAL H 53 9.56 -12.62 37.54
C VAL H 53 9.46 -12.74 39.06
N SER H 54 10.37 -13.49 39.67
CA SER H 54 10.23 -13.89 41.07
C SER H 54 11.49 -13.76 41.88
N THR H 55 12.64 -13.45 41.30
CA THR H 55 13.87 -13.42 42.07
C THR H 55 14.03 -12.08 42.78
N LEU H 56 14.34 -12.16 44.07
CA LEU H 56 14.48 -11.00 44.95
C LEU H 56 15.81 -10.30 44.74
N ALA H 57 15.75 -8.99 44.45
CA ALA H 57 16.95 -8.20 44.26
C ALA H 57 17.75 -8.12 45.57
N SER H 58 19.08 -8.07 45.44
CA SER H 58 19.94 -7.99 46.61
C SER H 58 19.58 -6.81 47.49
N GLY H 59 19.46 -7.06 48.80
CA GLY H 59 19.16 -6.01 49.74
C GLY H 59 17.69 -5.68 49.89
N VAL H 60 16.81 -6.36 49.17
CA VAL H 60 15.38 -6.09 49.23
C VAL H 60 14.72 -7.04 50.25
N PRO H 61 13.83 -6.53 51.12
CA PRO H 61 13.18 -7.41 52.10
C PRO H 61 12.39 -8.53 51.45
N SER H 62 12.30 -9.65 52.19
CA SER H 62 11.64 -10.84 51.67
C SER H 62 10.13 -10.67 51.58
N ARG H 63 9.58 -9.66 52.26
CA ARG H 63 8.15 -9.41 52.19
C ARG H 63 7.71 -8.99 50.80
N PHE H 64 8.66 -8.62 49.94
CA PHE H 64 8.39 -8.43 48.52
C PHE H 64 8.50 -9.78 47.82
N LYS H 65 7.42 -10.21 47.20
CA LYS H 65 7.37 -11.48 46.49
C LYS H 65 6.88 -11.25 45.08
N GLY H 66 7.50 -11.92 44.12
CA GLY H 66 7.09 -11.85 42.72
C GLY H 66 6.59 -13.19 42.25
N SER H 67 5.55 -13.14 41.41
CA SER H 67 4.94 -14.33 40.82
C SER H 67 4.40 -14.00 39.43
N GLY H 68 3.95 -15.04 38.75
CA GLY H 68 3.27 -14.89 37.48
C GLY H 68 3.36 -16.14 36.64
N SER H 69 2.61 -16.12 35.54
CA SER H 69 2.57 -17.20 34.55
C SER H 69 2.58 -16.63 33.14
N GLY H 70 3.77 -16.42 32.58
CA GLY H 70 3.91 -16.00 31.20
C GLY H 70 3.41 -14.63 30.78
N THR H 71 2.16 -14.31 31.12
CA THR H 71 1.54 -13.03 30.77
C THR H 71 0.88 -12.30 31.92
N GLN H 72 0.63 -12.97 33.04
CA GLN H 72 0.07 -12.32 34.21
C GLN H 72 1.02 -12.50 35.38
N PHE H 73 1.34 -11.41 36.04
CA PHE H 73 2.34 -11.38 37.08
C PHE H 73 1.77 -10.63 38.27
N THR H 74 2.24 -10.99 39.45
CA THR H 74 1.73 -10.42 40.67
C THR H 74 2.92 -10.04 41.54
N LEU H 75 2.89 -8.82 42.04
CA LEU H 75 3.83 -8.37 43.07
C LEU H 75 3.03 -8.28 44.34
N THR H 76 3.48 -8.98 45.36
CA THR H 76 2.81 -8.99 46.65
C THR H 76 3.75 -8.39 47.67
N ILE H 77 3.26 -7.36 48.36
CA ILE H 77 4.01 -6.70 49.42
C ILE H 77 3.25 -7.01 50.69
N SER H 78 3.88 -7.77 51.57
CA SER H 78 3.31 -8.12 52.85
C SER H 78 3.97 -7.30 53.95
N ASP H 79 3.35 -7.28 55.11
CA ASP H 79 3.89 -6.58 56.27
C ASP H 79 4.35 -5.18 55.89
N LEU H 80 3.39 -4.41 55.40
CA LEU H 80 3.66 -3.07 54.87
C LEU H 80 4.30 -2.18 55.92
N GLU H 81 5.23 -1.34 55.46
CA GLU H 81 5.84 -0.32 56.29
C GLU H 81 5.51 1.04 55.72
N ALA H 82 5.78 2.09 56.51
CA ALA H 82 5.59 3.45 56.01
C ALA H 82 6.45 3.71 54.79
N ASP H 83 7.64 3.11 54.74
CA ASP H 83 8.57 3.38 53.66
C ASP H 83 8.02 2.91 52.32
N ASP H 84 7.00 2.07 52.32
CA ASP H 84 6.47 1.48 51.12
C ASP H 84 5.57 2.42 50.33
N ALA H 85 5.31 3.63 50.85
CA ALA H 85 4.51 4.60 50.13
C ALA H 85 5.31 5.02 48.90
N ALA H 86 4.84 4.67 47.72
CA ALA H 86 5.65 4.95 46.53
C ALA H 86 4.84 4.57 45.29
N THR H 87 5.47 4.58 44.12
CA THR H 87 4.82 4.11 42.90
C THR H 87 5.59 2.93 42.34
N TYR H 88 4.87 1.86 42.01
CA TYR H 88 5.46 0.59 41.62
C TYR H 88 5.21 0.37 40.14
N TYR H 89 6.22 -0.16 39.44
CA TYR H 89 6.10 -0.35 38.00
C TYR H 89 6.50 -1.77 37.65
N CYS H 90 5.78 -2.40 36.71
CA CYS H 90 6.27 -3.61 36.07
C CYS H 90 7.02 -3.23 34.81
N SER H 91 8.13 -3.92 34.57
CA SER H 91 9.03 -3.64 33.45
C SER H 91 9.28 -4.95 32.70
N GLY H 92 8.94 -4.99 31.42
CA GLY H 92 9.04 -6.21 30.66
C GLY H 92 9.77 -6.00 29.35
N TYR H 93 10.33 -7.10 28.85
CA TYR H 93 11.03 -7.16 27.58
C TYR H 93 10.45 -8.29 26.74
N PHE H 94 10.48 -8.10 25.43
CA PHE H 94 9.75 -8.96 24.51
C PHE H 94 10.65 -9.37 23.37
N ASN H 95 10.23 -10.48 22.74
CA ASN H 95 11.06 -11.23 21.81
C ASN H 95 11.44 -10.41 20.59
N ASN H 96 10.64 -9.43 20.23
CA ASN H 96 11.03 -8.55 19.14
C ASN H 96 12.08 -7.56 19.62
N ASN H 97 12.63 -7.79 20.81
CA ASN H 97 13.57 -6.88 21.46
C ASN H 97 12.88 -5.54 21.67
N ILE H 98 11.87 -5.57 22.53
CA ILE H 98 11.12 -4.36 22.85
C ILE H 98 10.77 -4.37 24.33
N GLY H 99 11.05 -3.26 25.00
CA GLY H 99 10.66 -3.08 26.39
C GLY H 99 9.43 -2.21 26.58
N ALA H 100 8.76 -2.44 27.72
CA ALA H 100 7.56 -1.72 28.08
C ALA H 100 7.41 -1.70 29.60
N PHE H 101 6.59 -0.78 30.08
CA PHE H 101 6.27 -0.62 31.48
C PHE H 101 4.77 -0.67 31.70
N GLY H 102 4.36 -1.16 32.87
CA GLY H 102 3.01 -0.96 33.32
C GLY H 102 2.74 0.49 33.66
N GLY H 103 1.46 0.83 33.70
CA GLY H 103 1.06 2.21 33.97
C GLY H 103 1.41 2.69 35.35
N GLY H 104 1.85 1.79 36.23
CA GLY H 104 2.25 2.18 37.56
C GLY H 104 1.12 1.98 38.56
N THR H 105 1.50 1.83 39.82
CA THR H 105 0.55 1.64 40.90
C THR H 105 1.01 2.52 42.05
N LYS H 106 0.21 3.51 42.40
CA LYS H 106 0.56 4.41 43.48
C LYS H 106 0.05 3.83 44.79
N LEU H 107 0.94 3.65 45.75
CA LEU H 107 0.59 3.07 47.03
C LEU H 107 0.73 4.16 48.08
N GLU H 108 -0.39 4.44 48.74
CA GLU H 108 -0.51 5.34 49.88
C GLU H 108 -0.61 4.48 51.14
N ILE H 109 0.17 4.81 52.16
CA ILE H 109 0.09 4.10 53.43
C ILE H 109 -0.97 4.78 54.28
N LYS H 110 -1.98 4.02 54.68
CA LYS H 110 -3.00 4.56 55.57
C LYS H 110 -2.45 4.63 56.99
N ARG H 111 -3.00 5.56 57.76
CA ARG H 111 -2.62 5.73 59.16
C ARG H 111 -3.76 6.43 59.87
N THR H 112 -3.60 6.61 61.18
CA THR H 112 -4.62 7.28 61.96
C THR H 112 -4.70 8.75 61.56
N VAL H 113 -5.87 9.33 61.78
CA VAL H 113 -6.10 10.72 61.39
C VAL H 113 -5.12 11.62 62.13
N ALA H 114 -4.53 12.56 61.39
CA ALA H 114 -3.59 13.52 61.94
C ALA H 114 -4.05 14.90 61.47
N ALA H 115 -4.41 15.75 62.41
CA ALA H 115 -4.86 17.09 62.08
C ALA H 115 -3.68 17.96 61.67
N PRO H 116 -3.86 18.87 60.71
CA PRO H 116 -2.74 19.70 60.29
C PRO H 116 -2.42 20.74 61.34
N SER H 117 -1.17 21.20 61.35
CA SER H 117 -0.80 22.41 62.05
C SER H 117 -0.78 23.56 61.04
N VAL H 118 -1.46 24.66 61.37
CA VAL H 118 -1.70 25.71 60.41
C VAL H 118 -0.85 26.92 60.77
N PHE H 119 -0.25 27.53 59.76
CA PHE H 119 0.52 28.76 59.90
C PHE H 119 0.17 29.69 58.75
N ILE H 120 0.14 30.99 59.03
CA ILE H 120 -0.08 31.98 57.99
C ILE H 120 1.15 32.88 57.95
N PHE H 121 1.62 33.19 56.75
CA PHE H 121 2.78 34.02 56.54
C PHE H 121 2.40 35.22 55.69
N PRO H 122 2.48 36.44 56.21
CA PRO H 122 2.27 37.63 55.38
C PRO H 122 3.42 37.81 54.41
N PRO H 123 3.24 38.62 53.36
CA PRO H 123 4.32 38.85 52.42
C PRO H 123 5.49 39.54 53.10
N SER H 124 6.68 39.33 52.55
CA SER H 124 7.87 39.98 53.10
C SER H 124 7.93 41.43 52.64
N ASP H 125 8.58 42.26 53.45
CA ASP H 125 8.81 43.65 53.07
C ASP H 125 9.68 43.74 51.82
N GLU H 126 10.61 42.82 51.65
CA GLU H 126 11.45 42.81 50.46
C GLU H 126 10.61 42.60 49.20
N GLN H 127 9.59 41.74 49.32
CA GLN H 127 8.70 41.50 48.20
C GLN H 127 7.78 42.70 47.97
N LEU H 128 7.18 43.23 49.04
CA LEU H 128 6.32 44.40 48.88
C LEU H 128 7.10 45.52 48.22
N LYS H 129 8.36 45.69 48.61
CA LYS H 129 9.23 46.67 47.97
C LYS H 129 9.34 46.38 46.48
N SER H 130 9.37 45.10 46.11
CA SER H 130 9.52 44.76 44.70
C SER H 130 8.21 44.90 43.92
N GLY H 131 7.08 45.18 44.58
CA GLY H 131 5.83 45.44 43.90
C GLY H 131 4.86 44.27 43.82
N THR H 132 5.17 43.14 44.45
CA THR H 132 4.29 41.99 44.46
C THR H 132 3.99 41.57 45.89
N ALA H 133 2.91 40.81 46.08
CA ALA H 133 2.50 40.42 47.43
C ALA H 133 1.98 39.00 47.40
N SER H 134 2.70 38.06 48.04
CA SER H 134 2.26 36.67 48.15
C SER H 134 2.04 36.32 49.61
N VAL H 135 0.81 35.93 49.95
CA VAL H 135 0.46 35.47 51.30
C VAL H 135 0.44 33.95 51.27
N VAL H 136 1.10 33.32 52.23
CA VAL H 136 1.29 31.87 52.22
C VAL H 136 0.54 31.27 53.39
N CYS H 137 -0.20 30.18 53.14
CA CYS H 137 -0.85 29.43 54.20
C CYS H 137 -0.30 28.01 54.17
N LEU H 138 0.12 27.53 55.35
CA LEU H 138 0.80 26.25 55.47
C LEU H 138 -0.05 25.33 56.33
N LEU H 139 -0.46 24.21 55.73
CA LEU H 139 -1.00 23.06 56.42
C LEU H 139 0.14 22.06 56.58
N ASN H 140 0.45 21.69 57.82
CA ASN H 140 1.65 20.92 58.12
C ASN H 140 1.31 19.56 58.71
N ASN H 141 1.89 18.52 58.10
CA ASN H 141 1.87 17.15 58.60
C ASN H 141 0.47 16.69 58.98
N PHE H 142 -0.33 16.32 57.98
CA PHE H 142 -1.69 15.89 58.24
C PHE H 142 -2.03 14.68 57.40
N TYR H 143 -3.07 13.98 57.85
CA TYR H 143 -3.62 12.84 57.17
C TYR H 143 -5.08 12.75 57.59
N PRO H 144 -6.01 12.44 56.66
CA PRO H 144 -5.81 12.17 55.24
C PRO H 144 -5.54 13.43 54.40
N ARG H 145 -5.37 13.21 53.10
CA ARG H 145 -5.01 14.26 52.16
C ARG H 145 -6.10 15.28 51.89
N GLU H 146 -7.37 14.90 51.94
CA GLU H 146 -8.41 15.86 51.60
C GLU H 146 -8.45 17.00 52.60
N ALA H 147 -8.38 18.24 52.10
CA ALA H 147 -8.47 19.42 52.94
C ALA H 147 -9.01 20.58 52.11
N LYS H 148 -9.75 21.49 52.76
CA LYS H 148 -10.26 22.70 52.12
C LYS H 148 -9.62 23.94 52.70
N VAL H 149 -8.91 24.72 51.87
CA VAL H 149 -8.22 25.92 52.32
C VAL H 149 -8.79 27.09 51.51
N GLN H 150 -9.50 28.00 52.18
CA GLN H 150 -10.14 29.12 51.53
C GLN H 150 -9.60 30.42 52.11
N TRP H 151 -9.38 31.42 51.25
CA TRP H 151 -8.88 32.73 51.67
C TRP H 151 -9.98 33.76 51.81
N LYS H 152 -9.87 34.59 52.86
CA LYS H 152 -10.81 35.69 53.10
C LYS H 152 -10.07 36.95 53.50
N VAL H 153 -10.18 38.01 52.69
CA VAL H 153 -9.61 39.32 53.01
C VAL H 153 -10.75 40.28 53.33
N ASP H 154 -10.71 40.85 54.53
CA ASP H 154 -11.84 41.61 55.08
C ASP H 154 -13.15 40.84 54.91
N ASN H 155 -13.08 39.53 55.12
CA ASN H 155 -14.26 38.66 55.07
C ASN H 155 -14.92 38.66 53.68
N ALA H 156 -14.12 38.79 52.63
CA ALA H 156 -14.61 38.64 51.26
C ALA H 156 -13.96 37.42 50.63
N LEU H 157 -14.79 36.47 50.20
CA LEU H 157 -14.27 35.23 49.62
C LEU H 157 -13.54 35.52 48.32
N GLN H 158 -12.27 35.11 48.26
CA GLN H 158 -11.46 35.25 47.07
C GLN H 158 -11.76 34.13 46.08
N SER H 159 -11.42 34.37 44.81
CA SER H 159 -11.65 33.39 43.77
C SER H 159 -10.65 33.60 42.64
N GLY H 160 -9.91 32.54 42.31
CA GLY H 160 -9.05 32.55 41.16
C GLY H 160 -7.66 33.11 41.36
N ASN H 161 -7.33 33.59 42.57
CA ASN H 161 -6.01 34.15 42.83
C ASN H 161 -5.19 33.33 43.84
N SER H 162 -5.45 32.03 43.99
CA SER H 162 -4.64 31.20 44.86
C SER H 162 -4.28 29.89 44.18
N GLN H 163 -3.23 29.24 44.69
CA GLN H 163 -2.71 28.00 44.11
C GLN H 163 -2.24 27.08 45.22
N GLU H 164 -2.58 25.79 45.12
CA GLU H 164 -2.19 24.82 46.13
C GLU H 164 -1.10 23.90 45.59
N SER H 165 -0.19 23.51 46.48
CA SER H 165 0.85 22.52 46.20
C SER H 165 0.97 21.58 47.39
N VAL H 166 1.14 20.28 47.11
CA VAL H 166 1.11 19.26 48.15
C VAL H 166 2.39 18.44 48.02
N THR H 167 2.98 18.09 49.16
CA THR H 167 4.16 17.23 49.19
C THR H 167 3.77 15.80 48.85
N GLU H 168 4.80 14.97 48.62
CA GLU H 168 4.57 13.55 48.62
C GLU H 168 4.24 13.07 50.03
N GLN H 169 3.81 11.81 50.13
CA GLN H 169 3.56 11.22 51.44
C GLN H 169 4.89 10.93 52.15
N ASP H 170 4.98 11.35 53.41
CA ASP H 170 6.22 11.18 54.16
C ASP H 170 6.46 9.70 54.46
N SER H 171 7.71 9.27 54.32
CA SER H 171 8.05 7.86 54.52
C SER H 171 8.21 7.48 55.97
N LYS H 172 8.21 8.45 56.89
CA LYS H 172 8.37 8.18 58.31
C LYS H 172 7.05 8.23 59.07
N ASP H 173 6.26 9.28 58.87
CA ASP H 173 5.01 9.45 59.60
C ASP H 173 3.79 9.39 58.68
N SER H 174 3.98 9.17 57.39
CA SER H 174 2.86 8.94 56.46
C SER H 174 1.92 10.14 56.37
N THR H 175 2.42 11.34 56.63
CA THR H 175 1.59 12.54 56.55
C THR H 175 1.84 13.30 55.25
N TYR H 176 0.95 14.25 55.00
CA TYR H 176 1.08 15.17 53.88
C TYR H 176 1.20 16.59 54.42
N SER H 177 1.72 17.48 53.57
CA SER H 177 1.76 18.90 53.84
C SER H 177 1.27 19.63 52.60
N LEU H 178 0.67 20.80 52.82
CA LEU H 178 -0.01 21.52 51.76
C LEU H 178 0.27 22.99 51.93
N SER H 179 0.52 23.68 50.82
CA SER H 179 0.67 25.13 50.79
C SER H 179 -0.39 25.72 49.87
N SER H 180 -1.02 26.79 50.34
CA SER H 180 -1.99 27.54 49.53
C SER H 180 -1.48 28.98 49.48
N THR H 181 -1.14 29.45 48.28
CA THR H 181 -0.50 30.76 48.13
C THR H 181 -1.46 31.69 47.40
N LEU H 182 -1.83 32.77 48.09
CA LEU H 182 -2.62 33.87 47.58
C LEU H 182 -1.73 34.95 46.95
N THR H 183 -1.96 35.24 45.67
CA THR H 183 -1.09 36.11 44.87
C THR H 183 -1.84 37.41 44.57
N LEU H 184 -1.36 38.52 45.13
CA LEU H 184 -1.96 39.83 44.96
C LEU H 184 -0.89 40.83 44.55
N SER H 185 -1.33 41.99 44.06
CA SER H 185 -0.48 43.15 43.91
C SER H 185 -0.33 43.93 45.21
N LYS H 186 0.70 44.77 45.26
CA LYS H 186 0.92 45.60 46.44
C LYS H 186 -0.28 46.51 46.68
N ALA H 187 -0.86 47.04 45.60
CA ALA H 187 -2.01 47.93 45.73
C ALA H 187 -3.18 47.22 46.40
N ASP H 188 -3.65 46.13 45.79
CA ASP H 188 -4.76 45.37 46.39
C ASP H 188 -4.43 44.96 47.82
N TYR H 189 -3.18 44.61 48.09
CA TYR H 189 -2.80 44.24 49.45
C TYR H 189 -3.00 45.40 50.40
N GLU H 190 -2.47 46.58 50.06
CA GLU H 190 -2.61 47.73 50.94
C GLU H 190 -4.04 48.27 50.99
N LYS H 191 -4.92 47.81 50.11
CA LYS H 191 -6.33 48.16 50.16
C LYS H 191 -7.05 47.56 51.35
N HIS H 192 -6.50 46.53 51.99
CA HIS H 192 -7.24 45.74 52.96
C HIS H 192 -6.43 45.54 54.22
N LYS H 193 -7.10 44.99 55.24
CA LYS H 193 -6.53 44.85 56.58
C LYS H 193 -6.41 43.40 57.04
N VAL H 194 -7.53 42.67 57.07
CA VAL H 194 -7.58 41.33 57.66
C VAL H 194 -7.32 40.30 56.57
N TYR H 195 -6.33 39.44 56.79
CA TYR H 195 -6.05 38.35 55.87
C TYR H 195 -6.20 37.05 56.63
N ALA H 196 -7.08 36.16 56.15
CA ALA H 196 -7.43 34.94 56.87
C ALA H 196 -7.41 33.72 55.96
N CYS H 197 -6.83 32.65 56.49
CA CYS H 197 -6.80 31.32 55.88
C CYS H 197 -7.69 30.37 56.69
N GLU H 198 -8.71 29.81 56.05
CA GLU H 198 -9.66 28.92 56.70
C GLU H 198 -9.45 27.49 56.19
N VAL H 199 -9.25 26.57 57.13
CA VAL H 199 -8.85 25.18 56.86
C VAL H 199 -9.91 24.23 57.40
N THR H 200 -10.45 23.37 56.53
CA THR H 200 -11.36 22.30 56.94
C THR H 200 -10.71 20.95 56.68
N HIS H 201 -10.68 20.12 57.71
CA HIS H 201 -10.01 18.81 57.68
C HIS H 201 -10.67 17.85 58.66
N GLN H 202 -10.62 16.55 58.32
CA GLN H 202 -11.23 15.52 59.17
C GLN H 202 -10.67 15.52 60.59
N GLY H 203 -9.45 16.02 60.77
CA GLY H 203 -8.82 16.06 62.07
C GLY H 203 -9.24 17.23 62.93
N LEU H 204 -9.95 18.19 62.35
CA LEU H 204 -10.38 19.39 63.04
C LEU H 204 -11.87 19.31 63.33
N SER H 205 -12.24 19.53 64.59
CA SER H 205 -13.64 19.52 64.98
C SER H 205 -14.44 20.57 64.22
N SER H 206 -13.84 21.74 64.01
CA SER H 206 -14.44 22.81 63.24
C SER H 206 -13.35 23.52 62.45
N PRO H 207 -13.72 24.22 61.37
CA PRO H 207 -12.70 24.84 60.53
C PRO H 207 -11.83 25.77 61.36
N VAL H 208 -10.52 25.67 61.14
CA VAL H 208 -9.54 26.52 61.79
C VAL H 208 -9.30 27.77 60.94
N THR H 209 -9.16 28.92 61.60
CA THR H 209 -8.88 30.17 60.90
C THR H 209 -7.59 30.76 61.48
N LYS H 210 -6.66 31.09 60.59
CA LYS H 210 -5.42 31.78 60.92
C LYS H 210 -5.36 33.09 60.15
N SER H 211 -5.21 34.19 60.87
CA SER H 211 -5.34 35.51 60.26
C SER H 211 -4.26 36.43 60.79
N PHE H 212 -4.10 37.55 60.10
CA PHE H 212 -3.21 38.62 60.55
C PHE H 212 -3.75 39.97 60.09
N ASN H 213 -3.28 41.01 60.77
CA ASN H 213 -3.57 42.39 60.44
C ASN H 213 -2.41 43.01 59.68
N ARG H 214 -2.73 43.61 58.54
CA ARG H 214 -1.73 44.21 57.65
C ARG H 214 -0.91 45.28 58.37
N GLY H 215 0.41 45.10 58.35
CA GLY H 215 1.30 46.10 58.90
C GLY H 215 1.55 45.98 60.38
N GLU H 216 1.58 44.77 60.92
CA GLU H 216 2.07 44.53 62.26
C GLU H 216 3.59 44.54 62.24
N GLN I 1 7.42 -6.70 -6.01
CA GLN I 1 6.52 -7.48 -5.11
C GLN I 1 6.77 -8.97 -5.32
N SER I 2 7.73 -9.52 -4.59
CA SER I 2 8.04 -10.93 -4.67
C SER I 2 8.60 -11.39 -3.34
N VAL I 3 8.52 -12.71 -3.12
CA VAL I 3 8.93 -13.35 -1.87
C VAL I 3 9.74 -14.58 -2.26
N GLU I 4 10.73 -14.90 -1.43
CA GLU I 4 11.60 -16.05 -1.66
C GLU I 4 12.06 -16.58 -0.32
N GLU I 5 11.92 -17.89 -0.14
CA GLU I 5 12.42 -18.55 1.07
C GLU I 5 13.84 -19.06 0.86
N SER I 6 14.55 -19.20 1.98
CA SER I 6 15.91 -19.72 1.97
C SER I 6 16.20 -20.36 3.32
N GLY I 7 17.23 -21.20 3.33
CA GLY I 7 17.65 -21.94 4.50
C GLY I 7 17.10 -23.35 4.57
N GLY I 8 16.42 -23.80 3.52
CA GLY I 8 15.91 -25.15 3.47
C GLY I 8 16.99 -26.14 3.09
N GLY I 9 16.63 -27.42 3.16
CA GLY I 9 17.55 -28.50 2.84
C GLY I 9 17.47 -29.65 3.80
N LEU I 10 18.57 -30.39 3.94
CA LEU I 10 18.59 -31.57 4.79
C LEU I 10 19.11 -31.14 6.16
N VAL I 11 18.43 -31.61 7.21
CA VAL I 11 18.80 -31.29 8.58
C VAL I 11 18.66 -32.55 9.43
N THR I 12 19.52 -32.64 10.45
CA THR I 12 19.54 -33.79 11.34
C THR I 12 18.44 -33.65 12.39
N PRO I 13 17.76 -34.74 12.74
CA PRO I 13 16.71 -34.67 13.77
C PRO I 13 17.24 -34.11 15.08
N GLY I 14 16.54 -33.08 15.58
CA GLY I 14 16.91 -32.43 16.83
C GLY I 14 17.75 -31.19 16.64
N THR I 15 18.25 -30.95 15.43
CA THR I 15 19.05 -29.75 15.17
C THR I 15 18.12 -28.62 14.79
N PRO I 16 18.06 -27.52 15.56
CA PRO I 16 17.19 -26.40 15.20
C PRO I 16 17.43 -26.01 13.74
N LEU I 17 16.37 -25.53 13.07
CA LEU I 17 16.52 -25.18 11.66
C LEU I 17 15.74 -23.90 11.42
N THR I 18 16.41 -22.89 10.89
CA THR I 18 15.81 -21.58 10.70
C THR I 18 15.67 -21.30 9.21
N LEU I 19 14.44 -21.03 8.80
CA LEU I 19 14.13 -20.59 7.45
C LEU I 19 13.98 -19.08 7.45
N THR I 20 14.35 -18.48 6.33
CA THR I 20 14.30 -17.04 6.15
C THR I 20 13.43 -16.73 4.96
N CYS I 21 12.57 -15.73 5.13
CA CYS I 21 11.66 -15.27 4.09
C CYS I 21 12.09 -13.87 3.73
N THR I 22 12.42 -13.67 2.46
CA THR I 22 12.90 -12.40 1.97
C THR I 22 11.88 -11.84 0.99
N VAL I 23 11.48 -10.60 1.23
CA VAL I 23 10.50 -9.92 0.42
C VAL I 23 11.20 -8.79 -0.32
N SER I 24 10.59 -8.40 -1.44
CA SER I 24 11.06 -7.29 -2.23
C SER I 24 9.83 -6.55 -2.72
N GLY I 25 9.78 -5.25 -2.47
CA GLY I 25 8.61 -4.47 -2.81
C GLY I 25 7.41 -4.69 -1.91
N ILE I 26 7.60 -5.24 -0.71
CA ILE I 26 6.50 -5.43 0.23
C ILE I 26 6.88 -4.80 1.57
N ASP I 27 5.96 -4.01 2.12
CA ASP I 27 6.15 -3.18 3.30
C ASP I 27 5.64 -3.96 4.51
N LEU I 28 6.56 -4.50 5.30
CA LEU I 28 6.19 -5.31 6.46
C LEU I 28 5.71 -4.48 7.64
N SER I 29 5.79 -3.15 7.57
CA SER I 29 5.17 -2.31 8.58
C SER I 29 3.68 -2.10 8.34
N ARG I 30 3.14 -2.57 7.21
CA ARG I 30 1.72 -2.40 6.88
C ARG I 30 1.04 -3.66 6.37
N TYR I 31 1.76 -4.76 6.15
CA TYR I 31 1.18 -5.98 5.62
C TYR I 31 1.79 -7.17 6.33
N ALA I 32 1.00 -8.25 6.41
CA ALA I 32 1.40 -9.43 7.16
C ALA I 32 2.07 -10.46 6.27
N MET I 33 2.92 -11.29 6.88
CA MET I 33 3.52 -12.41 6.20
C MET I 33 3.09 -13.69 6.88
N SER I 34 2.83 -14.74 6.11
CA SER I 34 2.37 -16.00 6.66
C SER I 34 3.40 -17.09 6.35
N TRP I 35 3.48 -18.07 7.26
CA TRP I 35 4.24 -19.29 7.04
C TRP I 35 3.28 -20.46 6.94
N VAL I 36 3.40 -21.20 5.83
CA VAL I 36 2.58 -22.34 5.46
C VAL I 36 3.55 -23.47 5.14
N ARG I 37 3.07 -24.71 5.23
CA ARG I 37 3.87 -25.85 4.82
C ARG I 37 2.96 -26.88 4.17
N GLN I 38 3.60 -27.88 3.55
CA GLN I 38 2.90 -28.88 2.76
C GLN I 38 3.80 -30.11 2.72
N ALA I 39 3.39 -31.15 3.46
CA ALA I 39 4.11 -32.41 3.43
C ALA I 39 3.92 -33.08 2.06
N PRO I 40 4.86 -33.94 1.67
CA PRO I 40 4.76 -34.55 0.33
C PRO I 40 3.42 -35.25 0.15
N GLY I 41 2.68 -34.86 -0.88
CA GLY I 41 1.43 -35.53 -1.17
C GLY I 41 0.28 -35.18 -0.25
N LYS I 42 0.46 -34.18 0.61
CA LYS I 42 -0.54 -33.80 1.60
C LYS I 42 -0.99 -32.37 1.38
N GLY I 43 -1.83 -31.90 2.28
CA GLY I 43 -2.47 -30.61 2.14
C GLY I 43 -1.64 -29.50 2.73
N LEU I 44 -2.07 -28.28 2.45
CA LEU I 44 -1.42 -27.11 3.01
C LEU I 44 -1.71 -27.04 4.51
N GLU I 45 -0.73 -26.59 5.29
CA GLU I 45 -0.87 -26.52 6.72
C GLU I 45 -0.40 -25.14 7.14
N TRP I 46 -1.27 -24.41 7.80
CA TRP I 46 -0.95 -23.05 8.24
C TRP I 46 -0.11 -23.14 9.50
N ILE I 47 1.09 -22.56 9.47
CA ILE I 47 1.97 -22.59 10.63
C ILE I 47 1.79 -21.34 11.44
N GLY I 48 1.94 -20.17 10.82
CA GLY I 48 1.90 -18.99 11.64
C GLY I 48 1.91 -17.74 10.81
N ILE I 49 1.97 -16.61 11.51
CA ILE I 49 1.89 -15.31 10.85
C ILE I 49 2.57 -14.23 11.67
N PHE I 50 3.27 -13.37 10.94
CA PHE I 50 3.76 -12.10 11.44
C PHE I 50 2.79 -11.04 10.96
N GLY I 51 2.10 -10.43 11.91
CA GLY I 51 1.02 -9.52 11.62
C GLY I 51 1.43 -8.12 11.25
N SER I 52 0.43 -7.37 10.78
CA SER I 52 0.64 -6.00 10.32
C SER I 52 1.03 -5.08 11.47
N LEU I 53 0.67 -5.44 12.71
CA LEU I 53 0.94 -4.61 13.87
C LEU I 53 1.98 -5.23 14.79
N GLY I 54 2.75 -6.20 14.29
CA GLY I 54 3.81 -6.81 15.04
C GLY I 54 3.34 -7.98 15.87
N GLY I 55 2.06 -8.35 15.77
CA GLY I 55 1.56 -9.54 16.39
C GLY I 55 2.06 -10.80 15.70
N ILE I 56 2.40 -11.79 16.50
CA ILE I 56 2.89 -13.07 16.00
C ILE I 56 1.95 -14.14 16.53
N PHE I 57 1.33 -14.89 15.60
CA PHE I 57 0.33 -15.89 15.95
C PHE I 57 0.61 -17.24 15.31
N TYR I 58 0.39 -18.29 16.07
CA TYR I 58 0.66 -19.66 15.64
C TYR I 58 -0.60 -20.50 15.77
N ALA I 59 -0.68 -21.51 14.92
CA ALA I 59 -1.68 -22.55 15.10
C ALA I 59 -1.49 -23.21 16.47
N SER I 60 -2.58 -23.76 17.00
CA SER I 60 -2.50 -24.39 18.30
C SER I 60 -1.43 -25.48 18.29
N TRP I 61 -1.34 -26.22 17.17
CA TRP I 61 -0.40 -27.31 17.08
C TRP I 61 1.02 -26.82 16.81
N ALA I 62 1.18 -25.55 16.43
CA ALA I 62 2.47 -25.03 16.03
C ALA I 62 3.15 -24.23 17.13
N LYS I 63 2.46 -23.93 18.23
CA LYS I 63 3.07 -23.12 19.28
C LYS I 63 4.16 -23.89 19.99
N GLY I 64 5.34 -23.30 20.12
CA GLY I 64 6.48 -24.00 20.67
C GLY I 64 7.30 -24.70 19.64
N ARG I 65 6.63 -25.36 18.70
CA ARG I 65 7.36 -26.10 17.68
C ARG I 65 7.98 -25.20 16.63
N PHE I 66 7.51 -23.95 16.53
CA PHE I 66 8.02 -23.01 15.56
C PHE I 66 8.11 -21.67 16.27
N THR I 67 9.08 -20.85 15.86
CA THR I 67 9.18 -19.48 16.34
C THR I 67 9.30 -18.55 15.13
N ILE I 68 8.37 -17.59 15.03
CA ILE I 68 8.37 -16.59 13.99
C ILE I 68 8.84 -15.26 14.55
N SER I 69 9.69 -14.58 13.78
CA SER I 69 10.25 -13.29 14.15
C SER I 69 10.55 -12.49 12.88
N LYS I 70 10.60 -11.17 13.01
CA LYS I 70 11.05 -10.31 11.93
C LYS I 70 12.50 -9.94 12.18
N THR I 71 13.37 -10.34 11.27
CA THR I 71 14.78 -10.08 11.46
C THR I 71 15.24 -8.84 10.71
N SER I 72 14.51 -8.39 9.70
CA SER I 72 14.87 -7.14 9.03
C SER I 72 13.66 -6.62 8.26
N PRO I 73 13.67 -5.34 7.89
CA PRO I 73 12.53 -4.78 7.14
C PRO I 73 12.16 -5.61 5.92
N THR I 74 13.04 -6.50 5.49
CA THR I 74 12.82 -7.32 4.33
C THR I 74 12.94 -8.81 4.62
N THR I 75 13.11 -9.20 5.88
CA THR I 75 13.28 -10.60 6.24
C THR I 75 12.41 -10.92 7.43
N VAL I 76 11.81 -12.11 7.37
CA VAL I 76 10.99 -12.69 8.45
C VAL I 76 11.46 -14.11 8.64
N ASP I 77 11.60 -14.55 9.89
CA ASP I 77 12.17 -15.86 10.17
C ASP I 77 11.12 -16.85 10.63
N LEU I 78 11.39 -18.12 10.36
CA LEU I 78 10.64 -19.26 10.90
C LEU I 78 11.66 -20.22 11.48
N LYS I 79 11.74 -20.32 12.80
CA LYS I 79 12.69 -21.22 13.42
C LYS I 79 11.89 -22.45 13.80
N ILE I 80 12.23 -23.57 13.19
CA ILE I 80 11.66 -24.87 13.54
C ILE I 80 12.46 -25.51 14.67
N THR I 81 11.80 -25.67 15.81
CA THR I 81 12.47 -26.09 17.02
C THR I 81 12.79 -27.57 16.80
N SER I 82 13.59 -28.17 17.69
CA SER I 82 13.97 -29.58 17.56
C SER I 82 13.24 -30.36 16.45
N PRO I 83 13.73 -30.30 15.21
CA PRO I 83 13.01 -30.92 14.09
C PRO I 83 12.88 -32.43 14.23
N THR I 84 11.76 -32.97 13.74
CA THR I 84 11.53 -34.40 13.70
C THR I 84 11.18 -34.84 12.28
N THR I 85 11.10 -36.16 12.10
CA THR I 85 10.83 -36.70 10.76
C THR I 85 9.53 -36.15 10.21
N GLU I 86 8.52 -36.00 11.05
CA GLU I 86 7.23 -35.52 10.58
C GLU I 86 7.28 -34.06 10.17
N ASP I 87 8.38 -33.36 10.41
CA ASP I 87 8.51 -31.98 9.98
C ASP I 87 9.07 -31.84 8.57
N THR I 88 9.32 -32.96 7.88
CA THR I 88 9.76 -32.91 6.50
C THR I 88 8.61 -32.40 5.63
N ALA I 89 8.83 -31.33 4.88
CA ALA I 89 7.78 -30.73 4.11
C ALA I 89 8.35 -29.57 3.30
N THR I 90 7.61 -29.14 2.29
CA THR I 90 7.90 -27.88 1.62
C THR I 90 7.32 -26.72 2.43
N TYR I 91 8.14 -25.73 2.71
CA TYR I 91 7.74 -24.58 3.51
C TYR I 91 7.62 -23.35 2.61
N PHE I 92 6.44 -22.72 2.65
CA PHE I 92 6.12 -21.53 1.89
C PHE I 92 6.01 -20.31 2.80
N CYS I 93 6.52 -19.18 2.33
CA CYS I 93 6.24 -17.86 2.89
C CYS I 93 5.33 -17.12 1.92
N ALA I 94 4.26 -16.50 2.43
CA ALA I 94 3.25 -15.94 1.53
C ALA I 94 2.67 -14.64 2.09
N ARG I 95 2.48 -13.67 1.19
CA ARG I 95 1.65 -12.49 1.42
C ARG I 95 0.27 -12.89 0.92
N MET I 96 -0.56 -13.46 1.80
CA MET I 96 -1.80 -14.12 1.37
C MET I 96 -3.00 -13.41 1.96
N PRO I 97 -3.37 -12.25 1.39
CA PRO I 97 -4.54 -11.52 1.87
C PRO I 97 -5.82 -12.28 1.57
N TYR I 98 -6.77 -12.19 2.50
CA TYR I 98 -8.09 -12.78 2.35
C TYR I 98 -9.09 -11.84 1.66
N THR I 99 -8.83 -10.53 1.63
CA THR I 99 -9.76 -9.56 1.07
C THR I 99 -9.13 -8.71 -0.04
N THR I 100 -8.00 -9.13 -0.60
CA THR I 100 -7.44 -8.51 -1.80
C THR I 100 -6.85 -9.61 -2.68
N ASP I 101 -6.46 -9.21 -3.90
CA ASP I 101 -5.83 -10.12 -4.85
C ASP I 101 -4.35 -9.83 -5.00
N ARG I 102 -3.76 -9.14 -4.02
CA ARG I 102 -2.32 -8.88 -4.00
C ARG I 102 -1.63 -9.99 -3.23
N ASP I 103 -1.63 -11.13 -3.89
CA ASP I 103 -1.35 -12.44 -3.31
C ASP I 103 -0.05 -12.95 -3.94
N PHE I 104 0.98 -13.10 -3.10
CA PHE I 104 2.30 -13.47 -3.56
C PHE I 104 2.82 -14.58 -2.66
N TRP I 105 3.15 -15.71 -3.27
CA TRP I 105 3.70 -16.86 -2.57
C TRP I 105 5.10 -17.09 -3.09
N GLY I 106 6.00 -17.50 -2.20
CA GLY I 106 7.29 -17.93 -2.65
C GLY I 106 7.15 -19.28 -3.30
N PRO I 107 8.18 -19.74 -4.01
CA PRO I 107 8.10 -21.04 -4.67
C PRO I 107 8.13 -22.18 -3.70
N GLY I 108 8.54 -21.92 -2.46
CA GLY I 108 8.65 -22.95 -1.44
C GLY I 108 10.04 -23.54 -1.40
N THR I 109 10.44 -23.94 -0.20
CA THR I 109 11.75 -24.55 0.00
C THR I 109 11.54 -25.82 0.81
N LEU I 110 12.12 -26.91 0.31
CA LEU I 110 11.94 -28.22 0.93
C LEU I 110 12.87 -28.41 2.10
N VAL I 111 12.29 -28.79 3.23
CA VAL I 111 13.05 -29.14 4.43
C VAL I 111 12.88 -30.64 4.60
N THR I 112 14.00 -31.35 4.60
CA THR I 112 14.06 -32.79 4.80
C THR I 112 14.72 -33.06 6.13
N VAL I 113 14.03 -33.78 7.00
CA VAL I 113 14.55 -34.15 8.31
C VAL I 113 14.99 -35.59 8.23
N SER I 114 16.30 -35.82 8.23
CA SER I 114 16.79 -37.18 8.09
C SER I 114 18.27 -37.21 8.47
N SER I 115 18.72 -38.39 8.89
CA SER I 115 20.11 -38.60 9.24
C SER I 115 20.94 -39.07 8.06
N ALA I 116 20.28 -39.46 6.96
CA ALA I 116 21.00 -39.87 5.77
C ALA I 116 21.85 -38.73 5.23
N SER I 117 22.86 -39.09 4.46
CA SER I 117 23.77 -38.12 3.86
C SER I 117 23.27 -37.74 2.47
N THR I 118 23.70 -36.57 2.01
CA THR I 118 23.28 -36.17 0.68
C THR I 118 24.12 -37.03 -0.27
N LYS I 119 23.53 -37.43 -1.37
CA LYS I 119 24.24 -38.25 -2.34
C LYS I 119 23.84 -37.83 -3.73
N GLY I 120 24.82 -37.50 -4.57
CA GLY I 120 24.53 -37.14 -5.93
C GLY I 120 24.07 -38.33 -6.73
N PRO I 121 23.27 -38.10 -7.77
CA PRO I 121 22.72 -39.20 -8.56
C PRO I 121 23.72 -39.81 -9.52
N SER I 122 23.43 -41.03 -9.92
CA SER I 122 24.01 -41.63 -11.12
C SER I 122 22.99 -41.47 -12.24
N VAL I 123 23.46 -41.09 -13.42
CA VAL I 123 22.58 -40.86 -14.56
C VAL I 123 22.92 -41.89 -15.63
N PHE I 124 21.92 -42.70 -15.99
CA PHE I 124 22.07 -43.74 -17.00
C PHE I 124 21.12 -43.46 -18.16
N PRO I 125 21.49 -43.83 -19.39
CA PRO I 125 20.62 -43.53 -20.52
C PRO I 125 19.60 -44.63 -20.80
N LEU I 126 18.37 -44.20 -21.06
CA LEU I 126 17.29 -45.08 -21.54
C LEU I 126 17.22 -44.90 -23.04
N ALA I 127 17.95 -45.75 -23.76
CA ALA I 127 18.15 -45.55 -25.17
C ALA I 127 16.99 -46.16 -25.97
N PRO I 128 16.72 -45.63 -27.18
CA PRO I 128 15.67 -46.20 -28.03
C PRO I 128 16.16 -47.37 -28.87
N GLY I 136 6.13 -44.79 -35.63
CA GLY I 136 6.32 -43.39 -35.93
C GLY I 136 6.95 -42.63 -34.78
N THR I 137 6.83 -43.20 -33.58
CA THR I 137 7.33 -42.60 -32.35
C THR I 137 8.28 -43.55 -31.64
N ALA I 138 9.34 -42.96 -31.11
CA ALA I 138 10.37 -43.64 -30.35
C ALA I 138 10.44 -42.92 -29.01
N ALA I 139 10.87 -43.64 -27.98
CA ALA I 139 10.97 -43.05 -26.65
C ALA I 139 12.37 -43.23 -26.11
N LEU I 140 12.80 -42.24 -25.33
CA LEU I 140 14.10 -42.31 -24.68
C LEU I 140 14.03 -41.57 -23.36
N GLY I 141 15.07 -41.71 -22.55
CA GLY I 141 15.03 -41.07 -21.26
C GLY I 141 16.35 -41.14 -20.53
N CYS I 142 16.28 -40.81 -19.25
CA CYS I 142 17.42 -40.74 -18.36
C CYS I 142 16.95 -41.28 -17.01
N LEU I 143 17.67 -42.30 -16.52
CA LEU I 143 17.45 -42.85 -15.20
C LEU I 143 18.36 -42.12 -14.22
N VAL I 144 17.73 -41.41 -13.28
CA VAL I 144 18.41 -40.64 -12.26
C VAL I 144 18.28 -41.44 -10.98
N LYS I 145 19.33 -42.21 -10.67
CA LYS I 145 19.27 -43.30 -9.72
C LYS I 145 20.10 -42.97 -8.50
N ASP I 146 19.56 -43.30 -7.33
CA ASP I 146 20.29 -43.30 -6.06
C ASP I 146 20.86 -41.91 -5.75
N TYR I 147 19.98 -41.02 -5.32
CA TYR I 147 20.41 -39.71 -4.89
C TYR I 147 19.65 -39.36 -3.63
N PHE I 148 20.16 -38.38 -2.91
CA PHE I 148 19.48 -37.96 -1.69
C PHE I 148 20.07 -36.61 -1.29
N PRO I 149 19.26 -35.66 -0.81
CA PRO I 149 17.80 -35.70 -0.72
C PRO I 149 17.14 -35.26 -2.02
N GLU I 150 15.83 -35.12 -1.99
CA GLU I 150 15.16 -34.46 -3.09
C GLU I 150 15.48 -32.97 -3.06
N PRO I 151 15.30 -32.24 -4.17
CA PRO I 151 14.87 -32.74 -5.47
C PRO I 151 15.97 -32.67 -6.51
N VAL I 152 15.69 -33.19 -7.71
CA VAL I 152 16.50 -32.96 -8.89
C VAL I 152 15.64 -32.27 -9.94
N THR I 153 16.33 -31.63 -10.89
CA THR I 153 15.68 -31.03 -12.05
C THR I 153 16.28 -31.68 -13.29
N VAL I 154 15.44 -31.96 -14.27
CA VAL I 154 15.86 -32.59 -15.50
C VAL I 154 15.32 -31.73 -16.63
N SER I 155 16.21 -31.31 -17.52
CA SER I 155 15.82 -30.66 -18.76
C SER I 155 16.34 -31.51 -19.91
N TRP I 156 15.96 -31.14 -21.12
CA TRP I 156 16.38 -31.88 -22.30
C TRP I 156 16.92 -30.91 -23.35
N ASN I 157 18.15 -31.15 -23.79
CA ASN I 157 18.80 -30.27 -24.75
C ASN I 157 18.75 -28.83 -24.27
N SER I 158 19.08 -28.65 -23.00
CA SER I 158 19.17 -27.33 -22.37
C SER I 158 17.88 -26.51 -22.50
N GLY I 159 16.74 -27.18 -22.36
CA GLY I 159 15.44 -26.50 -22.41
C GLY I 159 14.78 -26.40 -23.77
N ALA I 160 15.50 -26.65 -24.86
CA ALA I 160 14.87 -26.54 -26.17
C ALA I 160 13.81 -27.60 -26.38
N LEU I 161 13.94 -28.75 -25.73
CA LEU I 161 12.99 -29.85 -25.86
C LEU I 161 12.05 -29.92 -24.66
N THR I 162 10.74 -29.72 -24.91
CA THR I 162 9.75 -29.66 -23.84
C THR I 162 8.48 -30.46 -24.12
N SER I 163 8.12 -30.70 -25.39
CA SER I 163 6.86 -31.36 -25.72
C SER I 163 7.03 -32.88 -25.62
N GLY I 164 6.10 -33.54 -24.95
CA GLY I 164 6.15 -34.98 -24.77
C GLY I 164 7.13 -35.45 -23.73
N VAL I 165 7.65 -34.53 -22.91
CA VAL I 165 8.54 -34.89 -21.81
C VAL I 165 7.72 -35.29 -20.59
N HIS I 166 8.10 -36.40 -19.96
CA HIS I 166 7.50 -36.86 -18.71
C HIS I 166 8.62 -37.15 -17.73
N THR I 167 8.71 -36.33 -16.69
CA THR I 167 9.68 -36.52 -15.61
C THR I 167 8.89 -37.07 -14.42
N PHE I 168 9.10 -38.34 -14.10
CA PHE I 168 8.28 -38.94 -13.07
C PHE I 168 8.72 -38.50 -11.68
N PRO I 169 7.79 -38.43 -10.73
CA PRO I 169 8.17 -38.07 -9.35
C PRO I 169 9.10 -39.13 -8.78
N ALA I 170 9.93 -38.72 -7.83
CA ALA I 170 10.87 -39.69 -7.29
C ALA I 170 10.16 -40.68 -6.37
N VAL I 171 10.68 -41.91 -6.36
CA VAL I 171 10.23 -42.95 -5.44
C VAL I 171 11.41 -43.28 -4.55
N LEU I 172 11.18 -43.28 -3.25
CA LEU I 172 12.21 -43.67 -2.30
C LEU I 172 12.42 -45.18 -2.33
N GLN I 173 13.66 -45.59 -2.59
CA GLN I 173 14.06 -46.97 -2.71
C GLN I 173 14.27 -47.60 -1.34
N SER I 174 14.27 -48.93 -1.31
CA SER I 174 14.50 -49.65 -0.06
C SER I 174 15.86 -49.33 0.55
N SER I 175 16.80 -48.81 -0.24
CA SER I 175 18.08 -48.38 0.28
C SER I 175 18.03 -47.02 0.96
N GLY I 176 16.89 -46.34 0.95
CA GLY I 176 16.77 -45.01 1.48
C GLY I 176 17.14 -43.90 0.52
N LEU I 177 17.47 -44.25 -0.73
CA LEU I 177 17.77 -43.29 -1.78
C LEU I 177 16.58 -43.18 -2.73
N TYR I 178 16.60 -42.13 -3.54
CA TYR I 178 15.52 -41.87 -4.47
C TYR I 178 15.94 -42.27 -5.87
N SER I 179 14.96 -42.68 -6.66
CA SER I 179 15.20 -42.97 -8.07
C SER I 179 14.06 -42.34 -8.85
N LEU I 180 14.41 -41.89 -10.05
CA LEU I 180 13.53 -41.10 -10.89
C LEU I 180 13.89 -41.40 -12.33
N SER I 181 12.93 -41.25 -13.22
CA SER I 181 13.19 -41.38 -14.65
C SER I 181 12.56 -40.19 -15.36
N SER I 182 13.19 -39.80 -16.48
CA SER I 182 12.66 -38.72 -17.29
C SER I 182 12.69 -39.20 -18.73
N VAL I 183 11.53 -39.22 -19.37
CA VAL I 183 11.39 -39.76 -20.71
C VAL I 183 10.86 -38.67 -21.62
N VAL I 184 11.01 -38.92 -22.91
CA VAL I 184 10.50 -38.05 -23.96
C VAL I 184 10.18 -38.93 -25.16
N THR I 185 9.15 -38.55 -25.90
CA THR I 185 8.77 -39.21 -27.13
C THR I 185 9.21 -38.30 -28.27
N VAL I 186 9.80 -38.90 -29.29
CA VAL I 186 10.37 -38.18 -30.42
C VAL I 186 10.10 -38.95 -31.70
N PRO I 187 10.07 -38.25 -32.85
CA PRO I 187 9.94 -38.96 -34.13
C PRO I 187 11.03 -39.98 -34.38
N SER I 188 10.64 -41.12 -34.94
CA SER I 188 11.59 -42.20 -35.19
C SER I 188 12.62 -41.79 -36.24
N SER I 189 12.24 -40.90 -37.17
CA SER I 189 13.15 -40.43 -38.22
C SER I 189 14.32 -39.62 -37.67
N SER I 190 14.15 -38.99 -36.52
CA SER I 190 15.12 -38.06 -35.96
C SER I 190 16.28 -38.76 -35.26
N LEU I 191 16.26 -40.09 -35.12
CA LEU I 191 17.24 -40.74 -34.26
C LEU I 191 18.66 -40.62 -34.79
N GLY I 192 18.89 -40.90 -36.08
CA GLY I 192 20.25 -40.73 -36.56
C GLY I 192 20.64 -39.29 -36.82
N THR I 193 19.64 -38.40 -36.90
CA THR I 193 19.84 -37.02 -37.32
C THR I 193 20.11 -36.06 -36.16
N GLN I 194 19.54 -36.30 -34.98
CA GLN I 194 19.62 -35.34 -33.89
C GLN I 194 20.13 -35.97 -32.61
N THR I 195 20.80 -35.12 -31.82
CA THR I 195 21.24 -35.45 -30.47
C THR I 195 20.16 -35.29 -29.41
N TYR I 196 20.18 -36.18 -28.42
CA TYR I 196 19.26 -36.12 -27.29
C TYR I 196 20.11 -36.15 -26.02
N ILE I 197 20.03 -35.08 -25.23
CA ILE I 197 20.87 -34.91 -24.04
C ILE I 197 19.98 -34.49 -22.90
N CYS I 198 20.11 -35.17 -21.77
CA CYS I 198 19.39 -34.80 -20.55
C CYS I 198 20.33 -34.08 -19.60
N ASN I 199 19.85 -32.96 -19.07
CA ASN I 199 20.61 -32.09 -18.18
C ASN I 199 19.99 -32.26 -16.79
N VAL I 200 20.71 -32.97 -15.93
CA VAL I 200 20.31 -33.24 -14.56
C VAL I 200 21.05 -32.27 -13.64
N ASN I 201 20.31 -31.68 -12.71
CA ASN I 201 20.87 -30.81 -11.67
C ASN I 201 20.33 -31.24 -10.32
N HIS I 202 21.23 -31.52 -9.39
CA HIS I 202 20.90 -31.86 -8.01
C HIS I 202 21.63 -30.89 -7.10
N LYS I 203 20.92 -29.86 -6.62
CA LYS I 203 21.58 -28.78 -5.89
C LYS I 203 22.05 -29.21 -4.51
N PRO I 204 21.31 -30.05 -3.78
CA PRO I 204 21.80 -30.44 -2.45
C PRO I 204 23.21 -30.99 -2.47
N SER I 205 23.61 -31.70 -3.53
CA SER I 205 24.99 -32.12 -3.67
C SER I 205 25.76 -31.20 -4.60
N ASN I 206 25.11 -30.16 -5.12
CA ASN I 206 25.73 -29.25 -6.08
C ASN I 206 26.33 -30.06 -7.23
N THR I 207 25.60 -31.09 -7.63
CA THR I 207 25.97 -31.96 -8.75
C THR I 207 25.24 -31.48 -9.99
N LYS I 208 25.95 -31.37 -11.10
CA LYS I 208 25.33 -31.05 -12.38
C LYS I 208 25.94 -31.95 -13.44
N VAL I 209 25.08 -32.79 -14.04
CA VAL I 209 25.46 -33.85 -14.99
C VAL I 209 24.69 -33.71 -16.28
N ASP I 210 25.40 -33.78 -17.41
CA ASP I 210 24.80 -33.85 -18.74
C ASP I 210 25.09 -35.21 -19.37
N LYS I 211 24.03 -35.92 -19.78
CA LYS I 211 24.09 -37.30 -20.24
C LYS I 211 23.57 -37.38 -21.66
N LYS I 212 24.40 -37.94 -22.52
CA LYS I 212 24.08 -38.17 -23.93
C LYS I 212 23.36 -39.51 -24.08
N VAL I 213 22.19 -39.45 -24.69
CA VAL I 213 21.30 -40.58 -24.96
C VAL I 213 21.37 -40.88 -26.44
N GLU I 214 21.68 -42.13 -26.78
CA GLU I 214 21.85 -42.53 -28.17
C GLU I 214 21.35 -43.94 -28.37
N PRO I 215 20.88 -44.28 -29.59
CA PRO I 215 20.47 -45.65 -29.92
C PRO I 215 21.64 -46.62 -29.95
N ILE J 2 -9.27 -24.80 15.57
CA ILE J 2 -10.03 -24.44 14.39
C ILE J 2 -9.86 -25.42 13.24
N VAL J 3 -11.00 -25.84 12.68
CA VAL J 3 -11.05 -26.82 11.61
C VAL J 3 -11.88 -26.23 10.48
N MET J 4 -11.41 -26.43 9.25
CA MET J 4 -12.11 -26.06 8.03
C MET J 4 -12.23 -27.37 7.24
N THR J 5 -13.44 -27.90 7.19
CA THR J 5 -13.72 -29.20 6.57
C THR J 5 -14.13 -29.01 5.12
N GLN J 6 -13.29 -29.50 4.22
CA GLN J 6 -13.44 -29.36 2.77
C GLN J 6 -13.86 -30.68 2.16
N THR J 7 -14.95 -30.66 1.39
CA THR J 7 -15.50 -31.82 0.72
C THR J 7 -15.84 -31.47 -0.72
N PRO J 8 -15.74 -32.43 -1.65
CA PRO J 8 -15.29 -33.81 -1.49
C PRO J 8 -13.77 -33.95 -1.45
N SER J 9 -13.25 -35.07 -0.92
CA SER J 9 -11.81 -35.26 -0.94
C SER J 9 -11.29 -35.39 -2.37
N SER J 10 -12.10 -35.99 -3.24
CA SER J 10 -11.77 -36.12 -4.65
C SER J 10 -13.07 -36.35 -5.41
N THR J 11 -13.05 -36.01 -6.69
CA THR J 11 -14.22 -36.15 -7.54
C THR J 11 -13.73 -36.13 -8.98
N SER J 12 -14.63 -36.47 -9.90
CA SER J 12 -14.30 -36.51 -11.31
C SER J 12 -15.46 -35.92 -12.10
N ALA J 13 -15.11 -35.31 -13.23
CA ALA J 13 -16.09 -34.73 -14.12
C ALA J 13 -15.42 -34.53 -15.47
N ALA J 14 -16.24 -34.49 -16.51
CA ALA J 14 -15.73 -34.37 -17.87
C ALA J 14 -15.54 -32.90 -18.24
N VAL J 15 -14.80 -32.69 -19.32
CA VAL J 15 -14.63 -31.34 -19.84
C VAL J 15 -15.98 -30.75 -20.16
N GLY J 16 -16.19 -29.50 -19.76
CA GLY J 16 -17.45 -28.83 -19.93
C GLY J 16 -18.45 -29.05 -18.82
N GLY J 17 -18.22 -30.01 -17.93
CA GLY J 17 -19.10 -30.27 -16.81
C GLY J 17 -18.95 -29.24 -15.71
N THR J 18 -19.47 -29.60 -14.53
CA THR J 18 -19.48 -28.71 -13.38
C THR J 18 -19.18 -29.49 -12.11
N VAL J 19 -18.32 -28.93 -11.24
CA VAL J 19 -18.04 -29.50 -9.93
C VAL J 19 -18.29 -28.45 -8.86
N THR J 20 -18.74 -28.91 -7.69
CA THR J 20 -19.08 -28.04 -6.58
C THR J 20 -18.34 -28.53 -5.35
N ILE J 21 -17.55 -27.64 -4.73
CA ILE J 21 -16.71 -27.94 -3.58
C ILE J 21 -17.19 -27.10 -2.40
N THR J 22 -17.34 -27.74 -1.25
CA THR J 22 -17.88 -27.11 -0.05
C THR J 22 -16.81 -27.04 1.04
N CYS J 23 -16.76 -25.91 1.73
CA CYS J 23 -15.85 -25.69 2.84
C CYS J 23 -16.69 -25.24 4.04
N GLN J 24 -16.54 -25.94 5.16
CA GLN J 24 -17.34 -25.73 6.36
C GLN J 24 -16.40 -25.38 7.51
N ALA J 25 -16.47 -24.13 7.97
CA ALA J 25 -15.63 -23.66 9.05
C ALA J 25 -16.28 -23.89 10.41
N SER J 26 -15.44 -24.11 11.42
CA SER J 26 -15.91 -24.36 12.78
C SER J 26 -16.42 -23.09 13.46
N GLN J 27 -16.06 -21.91 12.95
CA GLN J 27 -16.62 -20.66 13.45
C GLN J 27 -16.62 -19.67 12.30
N SER J 28 -17.35 -18.58 12.49
CA SER J 28 -17.48 -17.60 11.41
C SER J 28 -16.12 -16.99 11.13
N VAL J 29 -15.82 -16.75 9.84
CA VAL J 29 -14.57 -16.11 9.46
C VAL J 29 -14.56 -14.67 9.96
N ALA J 30 -13.36 -14.10 9.99
CA ALA J 30 -13.21 -12.72 10.43
C ALA J 30 -13.95 -11.78 9.48
N ASN J 31 -14.69 -10.83 10.05
CA ASN J 31 -15.48 -9.86 9.29
C ASN J 31 -16.47 -10.53 8.34
N ASN J 32 -16.73 -11.83 8.52
CA ASN J 32 -17.67 -12.57 7.68
C ASN J 32 -17.21 -12.69 6.24
N ASN J 33 -15.95 -12.36 5.93
CA ASN J 33 -15.52 -12.45 4.55
C ASN J 33 -14.04 -12.75 4.37
N TYR J 34 -13.31 -13.15 5.41
CA TYR J 34 -11.91 -13.56 5.22
C TYR J 34 -11.93 -14.99 4.72
N LEU J 35 -12.13 -15.15 3.41
CA LEU J 35 -12.22 -16.49 2.84
C LEU J 35 -11.79 -16.39 1.38
N LYS J 36 -10.80 -17.20 1.03
CA LYS J 36 -10.16 -17.27 -0.28
C LYS J 36 -10.11 -18.69 -0.80
N TRP J 37 -10.23 -18.80 -2.13
CA TRP J 37 -10.14 -20.07 -2.85
C TRP J 37 -8.88 -20.11 -3.70
N TYR J 38 -8.14 -21.21 -3.53
CA TYR J 38 -6.86 -21.47 -4.17
C TYR J 38 -6.91 -22.67 -5.11
N GLN J 39 -6.04 -22.63 -6.11
CA GLN J 39 -5.78 -23.72 -7.04
C GLN J 39 -4.29 -24.03 -7.02
N GLN J 40 -3.94 -25.30 -6.83
CA GLN J 40 -2.55 -25.72 -6.70
C GLN J 40 -2.26 -26.85 -7.66
N LYS J 41 -1.09 -26.76 -8.31
CA LYS J 41 -0.57 -27.77 -9.22
C LYS J 41 0.76 -28.31 -8.71
N ARG J 42 1.17 -29.46 -9.25
CA ARG J 42 2.33 -30.16 -8.73
C ARG J 42 3.59 -29.31 -8.82
N GLY J 43 4.34 -29.26 -7.73
CA GLY J 43 5.61 -28.55 -7.77
C GLY J 43 5.49 -27.05 -7.77
N GLN J 44 4.29 -26.51 -7.61
CA GLN J 44 4.07 -25.07 -7.68
C GLN J 44 3.45 -24.58 -6.38
N PRO J 45 3.49 -23.27 -6.14
CA PRO J 45 2.70 -22.67 -5.07
C PRO J 45 1.26 -22.48 -5.50
N PRO J 46 0.35 -22.25 -4.55
CA PRO J 46 -1.06 -22.04 -4.89
C PRO J 46 -1.29 -20.77 -5.68
N LYS J 47 -2.37 -20.79 -6.46
CA LYS J 47 -2.78 -19.67 -7.29
C LYS J 47 -4.16 -19.22 -6.83
N GLN J 48 -4.31 -17.93 -6.54
CA GLN J 48 -5.56 -17.49 -5.99
C GLN J 48 -6.66 -17.64 -7.04
N LEU J 49 -7.87 -17.93 -6.57
CA LEU J 49 -9.06 -17.92 -7.42
C LEU J 49 -10.06 -16.90 -6.91
N ILE J 50 -10.46 -17.01 -5.64
CA ILE J 50 -11.52 -16.16 -5.10
C ILE J 50 -10.99 -15.51 -3.84
N TYR J 51 -11.37 -14.26 -3.61
CA TYR J 51 -11.10 -13.61 -2.33
C TYR J 51 -12.41 -13.00 -1.84
N SER J 52 -12.44 -12.65 -0.56
CA SER J 52 -13.67 -12.14 0.06
C SER J 52 -14.86 -13.03 -0.26
N VAL J 53 -14.66 -14.34 -0.14
CA VAL J 53 -15.71 -15.35 -0.29
C VAL J 53 -16.13 -15.52 -1.75
N SER J 54 -16.33 -14.41 -2.46
CA SER J 54 -16.97 -14.46 -3.77
C SER J 54 -16.31 -13.61 -4.84
N THR J 55 -15.30 -12.80 -4.52
CA THR J 55 -14.73 -11.90 -5.52
C THR J 55 -13.68 -12.64 -6.36
N LEU J 56 -13.79 -12.48 -7.66
CA LEU J 56 -12.93 -13.14 -8.64
C LEU J 56 -11.56 -12.47 -8.73
N ALA J 57 -10.51 -13.25 -8.52
CA ALA J 57 -9.15 -12.73 -8.62
C ALA J 57 -8.84 -12.28 -10.05
N SER J 58 -8.02 -11.25 -10.17
CA SER J 58 -7.64 -10.72 -11.48
C SER J 58 -7.06 -11.81 -12.35
N GLY J 59 -7.53 -11.89 -13.59
CA GLY J 59 -7.02 -12.87 -14.52
C GLY J 59 -7.66 -14.24 -14.42
N VAL J 60 -8.60 -14.42 -13.51
CA VAL J 60 -9.27 -15.71 -13.31
C VAL J 60 -10.56 -15.75 -14.11
N PRO J 61 -10.84 -16.84 -14.84
CA PRO J 61 -12.09 -16.94 -15.61
C PRO J 61 -13.32 -16.85 -14.73
N SER J 62 -14.41 -16.33 -15.31
CA SER J 62 -15.64 -16.11 -14.57
C SER J 62 -16.34 -17.42 -14.21
N ARG J 63 -15.98 -18.53 -14.87
CA ARG J 63 -16.59 -19.81 -14.57
C ARG J 63 -16.26 -20.30 -13.15
N PHE J 64 -15.29 -19.70 -12.48
CA PHE J 64 -15.06 -19.96 -11.07
C PHE J 64 -15.98 -19.02 -10.29
N LYS J 65 -16.86 -19.57 -9.47
CA LYS J 65 -17.77 -18.73 -8.69
C LYS J 65 -17.67 -19.13 -7.23
N GLY J 66 -17.65 -18.13 -6.36
CA GLY J 66 -17.61 -18.36 -4.92
C GLY J 66 -18.87 -17.84 -4.25
N SER J 67 -19.33 -18.60 -3.26
CA SER J 67 -20.51 -18.25 -2.47
C SER J 67 -20.34 -18.78 -1.05
N GLY J 68 -21.28 -18.41 -0.19
CA GLY J 68 -21.31 -18.97 1.15
C GLY J 68 -22.04 -18.06 2.12
N SER J 69 -22.24 -18.62 3.32
CA SER J 69 -22.88 -17.98 4.46
C SER J 69 -22.09 -18.19 5.75
N GLY J 70 -21.25 -17.21 6.09
CA GLY J 70 -20.54 -17.19 7.36
C GLY J 70 -19.61 -18.33 7.74
N THR J 71 -20.13 -19.54 7.63
CA THR J 71 -19.41 -20.76 7.98
C THR J 71 -19.44 -21.81 6.88
N GLN J 72 -20.34 -21.71 5.90
CA GLN J 72 -20.37 -22.67 4.80
C GLN J 72 -20.18 -21.95 3.49
N PHE J 73 -19.24 -22.44 2.69
CA PHE J 73 -18.81 -21.80 1.45
C PHE J 73 -18.75 -22.81 0.32
N THR J 74 -18.96 -22.32 -0.90
CA THR J 74 -19.02 -23.16 -2.08
C THR J 74 -18.18 -22.52 -3.18
N LEU J 75 -17.32 -23.34 -3.78
CA LEU J 75 -16.61 -23.01 -4.99
C LEU J 75 -17.25 -23.85 -6.08
N THR J 76 -17.73 -23.19 -7.12
CA THR J 76 -18.38 -23.88 -8.22
C THR J 76 -17.54 -23.62 -9.45
N ILE J 77 -17.13 -24.69 -10.11
CA ILE J 77 -16.34 -24.60 -11.32
C ILE J 77 -17.25 -25.13 -12.41
N SER J 78 -17.64 -24.25 -13.33
CA SER J 78 -18.47 -24.57 -14.47
C SER J 78 -17.62 -24.59 -15.72
N ASP J 79 -18.17 -25.18 -16.78
CA ASP J 79 -17.50 -25.22 -18.08
C ASP J 79 -16.06 -25.64 -17.91
N LEU J 80 -15.91 -26.83 -17.34
CA LEU J 80 -14.59 -27.37 -16.98
C LEU J 80 -13.68 -27.46 -18.19
N GLU J 81 -12.40 -27.16 -17.97
CA GLU J 81 -11.38 -27.37 -18.99
C GLU J 81 -10.37 -28.37 -18.47
N ALA J 82 -9.52 -28.86 -19.38
CA ALA J 82 -8.45 -29.76 -18.97
C ALA J 82 -7.53 -29.09 -17.97
N ASP J 83 -7.34 -27.77 -18.11
CA ASP J 83 -6.39 -27.05 -17.28
C ASP J 83 -6.84 -27.07 -15.82
N ASP J 84 -8.10 -27.41 -15.56
CA ASP J 84 -8.67 -27.36 -14.23
C ASP J 84 -8.28 -28.57 -13.40
N ALA J 85 -7.57 -29.53 -13.96
CA ALA J 85 -7.12 -30.71 -13.20
C ALA J 85 -6.11 -30.23 -12.18
N ALA J 86 -6.45 -30.30 -10.91
CA ALA J 86 -5.55 -29.73 -9.90
C ALA J 86 -6.12 -30.06 -8.53
N THR J 87 -5.53 -29.48 -7.48
CA THR J 87 -6.08 -29.61 -6.14
C THR J 87 -6.47 -28.22 -5.63
N TYR J 88 -7.68 -28.10 -5.11
CA TYR J 88 -8.26 -26.82 -4.72
C TYR J 88 -8.34 -26.73 -3.22
N TYR J 89 -8.05 -25.56 -2.66
CA TYR J 89 -8.03 -25.38 -1.22
C TYR J 89 -8.85 -24.16 -0.82
N CYS J 90 -9.59 -24.26 0.28
CA CYS J 90 -10.15 -23.08 0.92
C CYS J 90 -9.20 -22.59 2.01
N SER J 91 -9.06 -21.28 2.10
CA SER J 91 -8.14 -20.62 3.00
C SER J 91 -8.91 -19.57 3.79
N GLY J 92 -8.90 -19.69 5.12
CA GLY J 92 -9.70 -18.82 5.97
C GLY J 92 -8.87 -18.24 7.09
N TYR J 93 -9.35 -17.09 7.58
CA TYR J 93 -8.80 -16.36 8.71
C TYR J 93 -9.90 -16.11 9.72
N PHE J 94 -9.53 -16.04 10.98
CA PHE J 94 -10.50 -16.07 12.07
C PHE J 94 -10.17 -14.96 13.08
N ASN J 95 -11.18 -14.61 13.89
CA ASN J 95 -11.10 -13.40 14.68
C ASN J 95 -9.96 -13.44 15.68
N ASN J 96 -9.55 -14.63 16.12
CA ASN J 96 -8.39 -14.74 17.01
C ASN J 96 -7.07 -14.57 16.27
N ASN J 97 -7.10 -14.12 15.01
CA ASN J 97 -5.91 -14.03 14.18
C ASN J 97 -5.27 -15.41 14.03
N ILE J 98 -6.01 -16.29 13.37
CA ILE J 98 -5.57 -17.65 13.11
C ILE J 98 -6.06 -18.02 11.72
N GLY J 99 -5.16 -18.54 10.91
CA GLY J 99 -5.49 -19.06 9.60
C GLY J 99 -5.56 -20.57 9.54
N ALA J 100 -6.34 -21.05 8.56
CA ALA J 100 -6.51 -22.48 8.35
C ALA J 100 -6.84 -22.73 6.89
N PHE J 101 -6.64 -23.98 6.48
CA PHE J 101 -6.95 -24.46 5.14
C PHE J 101 -7.86 -25.67 5.23
N GLY J 102 -8.69 -25.84 4.21
CA GLY J 102 -9.36 -27.09 4.01
C GLY J 102 -8.39 -28.17 3.57
N GLY J 103 -8.82 -29.42 3.74
CA GLY J 103 -8.00 -30.56 3.41
C GLY J 103 -7.68 -30.68 1.94
N GLY J 104 -8.32 -29.89 1.09
CA GLY J 104 -8.05 -29.94 -0.32
C GLY J 104 -9.05 -30.82 -1.05
N THR J 105 -9.19 -30.55 -2.34
CA THR J 105 -10.10 -31.30 -3.22
C THR J 105 -9.35 -31.58 -4.50
N LYS J 106 -9.12 -32.86 -4.78
CA LYS J 106 -8.41 -33.24 -5.97
C LYS J 106 -9.40 -33.39 -7.10
N LEU J 107 -9.16 -32.67 -8.19
CA LEU J 107 -10.06 -32.69 -9.34
C LEU J 107 -9.31 -33.36 -10.47
N GLU J 108 -9.90 -34.46 -10.94
CA GLU J 108 -9.48 -35.23 -12.10
C GLU J 108 -10.42 -34.92 -13.25
N ILE J 109 -9.86 -34.62 -14.41
CA ILE J 109 -10.67 -34.35 -15.60
C ILE J 109 -10.93 -35.68 -16.31
N LYS J 110 -12.20 -36.01 -16.51
CA LYS J 110 -12.54 -37.19 -17.26
C LYS J 110 -12.35 -36.96 -18.75
N ARG J 111 -12.06 -38.04 -19.46
CA ARG J 111 -11.91 -37.97 -20.90
C ARG J 111 -12.14 -39.37 -21.46
N THR J 112 -12.10 -39.46 -22.79
CA THR J 112 -12.27 -40.74 -23.45
C THR J 112 -11.09 -41.65 -23.15
N VAL J 113 -11.33 -42.95 -23.23
CA VAL J 113 -10.27 -43.90 -22.92
C VAL J 113 -9.11 -43.70 -23.89
N ALA J 114 -7.91 -43.70 -23.33
CA ALA J 114 -6.68 -43.55 -24.11
C ALA J 114 -5.75 -44.68 -23.68
N ALA J 115 -5.43 -45.54 -24.62
CA ALA J 115 -4.57 -46.67 -24.35
C ALA J 115 -3.12 -46.23 -24.19
N PRO J 116 -2.35 -46.84 -23.30
CA PRO J 116 -0.96 -46.43 -23.14
C PRO J 116 -0.14 -46.90 -24.32
N SER J 117 0.95 -46.19 -24.59
CA SER J 117 2.01 -46.71 -25.45
C SER J 117 3.10 -47.29 -24.55
N VAL J 118 3.50 -48.52 -24.84
CA VAL J 118 4.36 -49.25 -23.92
C VAL J 118 5.75 -49.34 -24.55
N PHE J 119 6.78 -49.11 -23.72
CA PHE J 119 8.16 -49.24 -24.12
C PHE J 119 8.93 -49.96 -23.02
N ILE J 120 9.90 -50.78 -23.39
CA ILE J 120 10.77 -51.42 -22.42
C ILE J 120 12.20 -51.00 -22.71
N PHE J 121 12.95 -50.70 -21.65
CA PHE J 121 14.34 -50.26 -21.76
C PHE J 121 15.21 -51.21 -20.95
N PRO J 122 16.13 -51.94 -21.58
CA PRO J 122 17.13 -52.73 -20.83
C PRO J 122 18.13 -51.83 -20.14
N PRO J 123 18.87 -52.35 -19.17
CA PRO J 123 19.88 -51.52 -18.48
C PRO J 123 20.98 -51.08 -19.42
N SER J 124 21.60 -49.95 -19.06
CA SER J 124 22.70 -49.42 -19.83
C SER J 124 23.99 -50.17 -19.52
N ASP J 125 24.90 -50.19 -20.50
CA ASP J 125 26.21 -50.79 -20.27
C ASP J 125 26.99 -50.07 -19.17
N GLU J 126 26.83 -48.75 -19.04
CA GLU J 126 27.52 -48.04 -17.97
C GLU J 126 27.07 -48.52 -16.61
N GLN J 127 25.77 -48.81 -16.51
CA GLN J 127 25.19 -49.32 -15.27
C GLN J 127 25.64 -50.74 -15.02
N LEU J 128 25.56 -51.60 -16.05
CA LEU J 128 26.02 -52.97 -15.85
C LEU J 128 27.46 -52.96 -15.39
N LYS J 129 28.26 -52.07 -15.96
CA LYS J 129 29.65 -51.90 -15.52
C LYS J 129 29.71 -51.53 -14.05
N SER J 130 28.74 -50.74 -13.57
CA SER J 130 28.79 -50.32 -12.18
C SER J 130 28.28 -51.41 -11.24
N GLY J 131 27.77 -52.52 -11.77
CA GLY J 131 27.38 -53.66 -10.96
C GLY J 131 25.90 -53.75 -10.63
N THR J 132 25.06 -52.86 -11.16
CA THR J 132 23.62 -52.88 -10.93
C THR J 132 22.89 -52.92 -12.26
N ALA J 133 21.62 -53.35 -12.23
CA ALA J 133 20.82 -53.50 -13.44
C ALA J 133 19.38 -53.09 -13.18
N SER J 134 18.93 -52.00 -13.79
CA SER J 134 17.54 -51.54 -13.69
C SER J 134 16.87 -51.60 -15.06
N VAL J 135 15.78 -52.38 -15.17
CA VAL J 135 14.99 -52.49 -16.39
C VAL J 135 13.74 -51.62 -16.23
N VAL J 136 13.45 -50.79 -17.22
CA VAL J 136 12.39 -49.78 -17.10
C VAL J 136 11.26 -50.09 -18.07
N CYS J 137 10.02 -50.01 -17.59
CA CYS J 137 8.85 -50.17 -18.44
C CYS J 137 8.04 -48.87 -18.37
N LEU J 138 7.69 -48.35 -19.54
CA LEU J 138 7.04 -47.06 -19.67
C LEU J 138 5.67 -47.26 -20.28
N LEU J 139 4.64 -46.88 -19.54
CA LEU J 139 3.29 -46.69 -20.05
C LEU J 139 3.13 -45.20 -20.29
N ASN J 140 2.82 -44.82 -21.52
CA ASN J 140 2.86 -43.42 -21.92
C ASN J 140 1.48 -42.96 -22.34
N ASN J 141 1.04 -41.85 -21.74
CA ASN J 141 -0.17 -41.13 -22.13
C ASN J 141 -1.39 -42.02 -22.27
N PHE J 142 -2.00 -42.37 -21.14
CA PHE J 142 -3.15 -43.25 -21.12
C PHE J 142 -4.19 -42.73 -20.15
N TYR J 143 -5.43 -43.21 -20.33
CA TYR J 143 -6.53 -42.89 -19.46
C TYR J 143 -7.51 -44.05 -19.56
N PRO J 144 -8.12 -44.48 -18.45
CA PRO J 144 -7.98 -43.97 -17.08
C PRO J 144 -6.66 -44.40 -16.43
N ARG J 145 -6.47 -43.98 -15.19
CA ARG J 145 -5.20 -44.21 -14.51
C ARG J 145 -4.99 -45.67 -14.10
N GLU J 146 -6.05 -46.42 -13.83
CA GLU J 146 -5.84 -47.79 -13.38
C GLU J 146 -5.18 -48.63 -14.46
N ALA J 147 -4.07 -49.28 -14.11
CA ALA J 147 -3.34 -50.16 -15.01
C ALA J 147 -2.60 -51.21 -14.19
N LYS J 148 -2.42 -52.41 -14.76
CA LYS J 148 -1.65 -53.48 -14.12
C LYS J 148 -0.35 -53.77 -14.87
N VAL J 149 0.79 -53.60 -14.21
CA VAL J 149 2.10 -53.81 -14.85
C VAL J 149 2.86 -54.89 -14.08
N GLN J 150 3.09 -56.05 -14.71
CA GLN J 150 3.78 -57.17 -14.07
C GLN J 150 5.03 -57.56 -14.87
N TRP J 151 6.09 -57.89 -14.15
CA TRP J 151 7.36 -58.31 -14.73
C TRP J 151 7.51 -59.82 -14.78
N LYS J 152 8.08 -60.33 -15.88
CA LYS J 152 8.36 -61.75 -16.05
C LYS J 152 9.75 -61.94 -16.62
N VAL J 153 10.63 -62.60 -15.85
CA VAL J 153 11.99 -62.94 -16.27
C VAL J 153 12.09 -64.44 -16.50
N ASP J 154 12.47 -64.84 -17.71
CA ASP J 154 12.39 -66.24 -18.15
C ASP J 154 11.03 -66.84 -17.81
N ASN J 155 9.99 -66.03 -18.01
CA ASN J 155 8.61 -66.43 -17.80
C ASN J 155 8.34 -66.80 -16.34
N ALA J 156 9.03 -66.13 -15.42
CA ALA J 156 8.77 -66.26 -14.00
C ALA J 156 8.27 -64.91 -13.48
N LEU J 157 7.06 -64.90 -12.92
CA LEU J 157 6.46 -63.67 -12.43
C LEU J 157 7.29 -63.13 -11.27
N GLN J 158 7.77 -61.89 -11.38
CA GLN J 158 8.52 -61.27 -10.30
C GLN J 158 7.59 -60.72 -9.22
N SER J 159 8.15 -60.54 -8.03
CA SER J 159 7.40 -60.03 -6.88
C SER J 159 8.39 -59.35 -5.94
N GLY J 160 8.12 -58.09 -5.62
CA GLY J 160 8.88 -57.38 -4.61
C GLY J 160 10.14 -56.71 -5.08
N ASN J 161 10.49 -56.83 -6.36
CA ASN J 161 11.69 -56.21 -6.90
C ASN J 161 11.37 -55.13 -7.94
N SER J 162 10.18 -54.52 -7.88
CA SER J 162 9.82 -53.44 -8.78
C SER J 162 9.15 -52.29 -8.03
N GLN J 163 9.15 -51.11 -8.67
CA GLN J 163 8.63 -49.90 -8.05
C GLN J 163 7.93 -49.07 -9.13
N GLU J 164 6.74 -48.54 -8.82
CA GLU J 164 5.98 -47.74 -9.79
C GLU J 164 5.96 -46.27 -9.42
N SER J 165 6.00 -45.41 -10.43
CA SER J 165 5.85 -43.97 -10.28
C SER J 165 4.95 -43.41 -11.38
N VAL J 166 4.05 -42.50 -11.01
CA VAL J 166 3.05 -41.99 -11.94
C VAL J 166 3.11 -40.46 -11.95
N THR J 167 2.98 -39.88 -13.14
CA THR J 167 2.92 -38.43 -13.29
C THR J 167 1.57 -37.89 -12.81
N GLU J 168 1.49 -36.58 -12.69
CA GLU J 168 0.20 -35.93 -12.55
C GLU J 168 -0.60 -36.06 -13.83
N GLN J 169 -1.87 -35.66 -13.75
CA GLN J 169 -2.72 -35.63 -14.94
C GLN J 169 -2.29 -34.47 -15.83
N ASP J 170 -2.11 -34.75 -17.11
CA ASP J 170 -1.66 -33.71 -18.03
C ASP J 170 -2.75 -32.67 -18.21
N SER J 171 -2.36 -31.39 -18.21
CA SER J 171 -3.35 -30.32 -18.30
C SER J 171 -3.82 -30.07 -19.73
N LYS J 172 -3.18 -30.69 -20.72
CA LYS J 172 -3.55 -30.52 -22.12
C LYS J 172 -4.36 -31.69 -22.65
N ASP J 173 -3.93 -32.93 -22.43
CA ASP J 173 -4.63 -34.09 -22.95
C ASP J 173 -5.21 -34.96 -21.85
N SER J 174 -5.06 -34.57 -20.58
CA SER J 174 -5.70 -35.26 -19.47
C SER J 174 -5.26 -36.72 -19.33
N THR J 175 -4.06 -37.06 -19.77
CA THR J 175 -3.57 -38.42 -19.65
C THR J 175 -2.60 -38.55 -18.49
N TYR J 176 -2.31 -39.80 -18.15
CA TYR J 176 -1.29 -40.13 -17.16
C TYR J 176 -0.19 -40.94 -17.85
N SER J 177 0.96 -40.96 -17.21
CA SER J 177 2.06 -41.82 -17.62
C SER J 177 2.60 -42.52 -16.39
N LEU J 178 3.13 -43.71 -16.57
CA LEU J 178 3.50 -44.56 -15.45
C LEU J 178 4.81 -45.26 -15.83
N SER J 179 5.71 -45.34 -14.86
CA SER J 179 6.95 -46.10 -14.99
C SER J 179 7.00 -47.19 -13.94
N SER J 180 7.41 -48.38 -14.36
CA SER J 180 7.62 -49.52 -13.47
C SER J 180 9.06 -49.96 -13.64
N THR J 181 9.85 -49.87 -12.57
CA THR J 181 11.29 -50.11 -12.65
C THR J 181 11.61 -51.38 -11.87
N LEU J 182 12.15 -52.36 -12.59
CA LEU J 182 12.66 -53.63 -12.08
C LEU J 182 14.14 -53.55 -11.70
N THR J 183 14.45 -53.86 -10.43
CA THR J 183 15.79 -53.67 -9.86
C THR J 183 16.46 -55.02 -9.59
N LEU J 184 17.54 -55.31 -10.33
CA LEU J 184 18.29 -56.56 -10.22
C LEU J 184 19.78 -56.23 -10.05
N SER J 185 20.55 -57.23 -9.62
CA SER J 185 22.00 -57.19 -9.71
C SER J 185 22.50 -57.62 -11.10
N LYS J 186 23.75 -57.27 -11.39
CA LYS J 186 24.33 -57.67 -12.66
C LYS J 186 24.34 -59.19 -12.79
N ALA J 187 24.63 -59.88 -11.69
CA ALA J 187 24.67 -61.34 -11.72
C ALA J 187 23.31 -61.91 -12.11
N ASP J 188 22.28 -61.61 -11.31
CA ASP J 188 20.94 -62.08 -11.64
C ASP J 188 20.53 -61.68 -13.03
N TYR J 189 20.91 -60.48 -13.47
CA TYR J 189 20.57 -60.05 -14.81
C TYR J 189 21.21 -60.96 -15.86
N GLU J 190 22.51 -61.20 -15.75
CA GLU J 190 23.18 -62.06 -16.74
C GLU J 190 22.80 -63.53 -16.59
N LYS J 191 22.09 -63.89 -15.51
CA LYS J 191 21.56 -65.23 -15.34
C LYS J 191 20.44 -65.57 -16.30
N HIS J 192 19.80 -64.58 -16.91
CA HIS J 192 18.55 -64.81 -17.62
C HIS J 192 18.57 -64.16 -18.99
N LYS J 193 17.54 -64.49 -19.77
CA LYS J 193 17.45 -64.08 -21.17
C LYS J 193 16.23 -63.20 -21.44
N VAL J 194 15.03 -63.67 -21.15
CA VAL J 194 13.80 -62.98 -21.52
C VAL J 194 13.37 -62.06 -20.38
N TYR J 195 13.21 -60.78 -20.68
CA TYR J 195 12.71 -59.79 -19.74
C TYR J 195 11.44 -59.22 -20.34
N ALA J 196 10.33 -59.31 -19.61
CA ALA J 196 9.03 -58.94 -20.17
C ALA J 196 8.22 -58.07 -19.22
N CYS J 197 7.61 -57.03 -19.79
CA CYS J 197 6.67 -56.15 -19.10
C CYS J 197 5.27 -56.39 -19.66
N GLU J 198 4.34 -56.80 -18.81
CA GLU J 198 2.97 -57.09 -19.23
C GLU J 198 2.04 -56.02 -18.66
N VAL J 199 1.27 -55.39 -19.55
CA VAL J 199 0.45 -54.22 -19.25
C VAL J 199 -1.01 -54.55 -19.53
N THR J 200 -1.87 -54.37 -18.52
CA THR J 200 -3.31 -54.49 -18.69
C THR J 200 -3.99 -53.14 -18.45
N HIS J 201 -4.81 -52.72 -19.42
CA HIS J 201 -5.47 -51.42 -19.41
C HIS J 201 -6.77 -51.46 -20.22
N GLN J 202 -7.74 -50.62 -19.83
CA GLN J 202 -9.03 -50.56 -20.52
C GLN J 202 -8.87 -50.26 -22.01
N GLY J 203 -7.78 -49.61 -22.39
CA GLY J 203 -7.54 -49.25 -23.76
C GLY J 203 -6.97 -50.37 -24.60
N LEU J 204 -6.56 -51.45 -23.95
CA LEU J 204 -5.94 -52.59 -24.62
C LEU J 204 -6.97 -53.71 -24.66
N SER J 205 -7.18 -54.26 -25.86
CA SER J 205 -8.12 -55.37 -26.02
C SER J 205 -7.71 -56.58 -25.19
N SER J 206 -6.41 -56.84 -25.13
CA SER J 206 -5.83 -57.92 -24.33
C SER J 206 -4.51 -57.40 -23.79
N PRO J 207 -4.00 -58.00 -22.71
CA PRO J 207 -2.78 -57.45 -22.12
C PRO J 207 -1.69 -57.40 -23.17
N VAL J 208 -0.99 -56.28 -23.21
CA VAL J 208 0.13 -56.07 -24.10
C VAL J 208 1.40 -56.53 -23.40
N THR J 209 2.28 -57.18 -24.15
CA THR J 209 3.56 -57.62 -23.61
C THR J 209 4.69 -57.02 -24.43
N LYS J 210 5.65 -56.39 -23.75
CA LYS J 210 6.85 -55.88 -24.38
C LYS J 210 8.05 -56.54 -23.70
N SER J 211 8.87 -57.21 -24.49
CA SER J 211 9.92 -58.04 -23.94
C SER J 211 11.17 -57.85 -24.78
N PHE J 212 12.29 -58.31 -24.22
CA PHE J 212 13.55 -58.35 -24.95
C PHE J 212 14.38 -59.51 -24.45
N ASN J 213 15.34 -59.92 -25.26
CA ASN J 213 16.29 -60.94 -24.84
C ASN J 213 17.56 -60.20 -24.45
N ARG J 214 18.06 -60.49 -23.26
CA ARG J 214 19.23 -59.78 -22.77
C ARG J 214 20.39 -59.99 -23.74
N GLY J 215 20.93 -58.88 -24.26
CA GLY J 215 22.10 -58.95 -25.12
C GLY J 215 21.73 -59.22 -26.56
N GLU J 216 20.71 -58.54 -27.07
CA GLU J 216 20.18 -58.81 -28.41
C GLU J 216 20.35 -57.59 -29.31
N GLN K 1 -15.35 -36.73 -62.13
CA GLN K 1 -14.01 -36.35 -61.61
C GLN K 1 -14.09 -35.29 -60.51
N SER K 2 -14.27 -35.73 -59.28
CA SER K 2 -14.33 -34.83 -58.14
C SER K 2 -13.83 -35.57 -56.91
N VAL K 3 -13.40 -34.78 -55.92
CA VAL K 3 -12.83 -35.31 -54.68
C VAL K 3 -13.42 -34.56 -53.50
N GLU K 4 -13.61 -35.29 -52.39
CA GLU K 4 -14.17 -34.69 -51.20
C GLU K 4 -13.60 -35.44 -49.99
N GLU K 5 -13.07 -34.69 -49.02
CA GLU K 5 -12.62 -35.29 -47.78
C GLU K 5 -13.74 -35.28 -46.76
N SER K 6 -13.67 -36.22 -45.81
CA SER K 6 -14.63 -36.29 -44.72
C SER K 6 -13.99 -36.97 -43.52
N GLY K 7 -14.60 -36.76 -42.36
CA GLY K 7 -14.11 -37.30 -41.12
C GLY K 7 -13.28 -36.32 -40.32
N GLY K 8 -13.17 -35.09 -40.78
CA GLY K 8 -12.45 -34.05 -40.08
C GLY K 8 -13.25 -33.46 -38.94
N GLY K 9 -12.60 -32.61 -38.17
CA GLY K 9 -13.22 -31.95 -37.03
C GLY K 9 -12.34 -31.89 -35.80
N LEU K 10 -12.96 -31.85 -34.63
CA LEU K 10 -12.23 -31.72 -33.38
C LEU K 10 -12.01 -33.13 -32.85
N VAL K 11 -10.78 -33.41 -32.42
CA VAL K 11 -10.39 -34.71 -31.88
C VAL K 11 -9.48 -34.51 -30.68
N THR K 12 -9.57 -35.44 -29.73
CA THR K 12 -8.79 -35.38 -28.50
C THR K 12 -7.37 -35.91 -28.74
N PRO K 13 -6.35 -35.28 -28.16
CA PRO K 13 -4.98 -35.77 -28.33
C PRO K 13 -4.85 -37.22 -27.90
N GLY K 14 -4.30 -38.04 -28.79
CA GLY K 14 -4.15 -39.46 -28.51
C GLY K 14 -5.25 -40.33 -29.05
N THR K 15 -6.36 -39.75 -29.50
CA THR K 15 -7.45 -40.53 -30.04
C THR K 15 -7.20 -40.76 -31.53
N PRO K 16 -7.03 -42.01 -31.98
CA PRO K 16 -6.79 -42.24 -33.41
C PRO K 16 -7.84 -41.50 -34.21
N LEU K 17 -7.47 -41.03 -35.40
CA LEU K 17 -8.45 -40.26 -36.17
C LEU K 17 -8.33 -40.67 -37.62
N THR K 18 -9.43 -41.10 -38.22
CA THR K 18 -9.43 -41.62 -39.58
C THR K 18 -10.19 -40.67 -40.48
N LEU K 19 -9.52 -40.18 -41.51
CA LEU K 19 -10.10 -39.38 -42.58
C LEU K 19 -10.40 -40.26 -43.78
N THR K 20 -11.45 -39.90 -44.50
CA THR K 20 -11.89 -40.64 -45.67
C THR K 20 -11.91 -39.71 -46.88
N CYS K 21 -11.40 -40.21 -48.00
CA CYS K 21 -11.35 -39.48 -49.25
C CYS K 21 -12.25 -40.19 -50.25
N THR K 22 -13.25 -39.47 -50.76
CA THR K 22 -14.21 -40.03 -51.68
C THR K 22 -14.08 -39.34 -53.03
N VAL K 23 -13.93 -40.14 -54.08
CA VAL K 23 -13.77 -39.67 -55.45
C VAL K 23 -15.00 -40.09 -56.26
N SER K 24 -15.23 -39.36 -57.34
CA SER K 24 -16.31 -39.68 -58.25
C SER K 24 -15.81 -39.45 -59.67
N GLY K 25 -15.97 -40.45 -60.52
CA GLY K 25 -15.44 -40.36 -61.87
C GLY K 25 -13.93 -40.50 -61.95
N ILE K 26 -13.30 -41.06 -60.93
CA ILE K 26 -11.86 -41.30 -60.92
C ILE K 26 -11.60 -42.78 -60.61
N ASP K 27 -10.74 -43.40 -61.42
CA ASP K 27 -10.47 -44.84 -61.43
C ASP K 27 -9.23 -45.14 -60.59
N LEU K 28 -9.44 -45.67 -59.38
CA LEU K 28 -8.35 -45.96 -58.46
C LEU K 28 -7.57 -47.22 -58.80
N SER K 29 -8.00 -48.00 -59.81
CA SER K 29 -7.16 -49.09 -60.29
C SER K 29 -6.08 -48.64 -61.26
N ARG K 30 -6.08 -47.37 -61.67
CA ARG K 30 -5.09 -46.86 -62.61
C ARG K 30 -4.47 -45.53 -62.23
N TYR K 31 -4.93 -44.88 -61.18
CA TYR K 31 -4.39 -43.58 -60.79
C TYR K 31 -4.26 -43.54 -59.28
N ALA K 32 -3.29 -42.76 -58.83
CA ALA K 32 -2.97 -42.70 -57.42
C ALA K 32 -3.71 -41.55 -56.76
N MET K 33 -3.92 -41.67 -55.46
CA MET K 33 -4.49 -40.60 -54.67
C MET K 33 -3.46 -40.19 -53.64
N SER K 34 -3.36 -38.90 -53.37
CA SER K 34 -2.39 -38.38 -52.43
C SER K 34 -3.06 -37.69 -51.25
N TRP K 35 -2.38 -37.77 -50.11
CA TRP K 35 -2.75 -37.04 -48.92
C TRP K 35 -1.70 -35.98 -48.61
N VAL K 36 -2.18 -34.73 -48.48
CA VAL K 36 -1.39 -33.55 -48.24
C VAL K 36 -2.02 -32.87 -47.03
N ARG K 37 -1.24 -32.03 -46.34
CA ARG K 37 -1.79 -31.23 -45.25
C ARG K 37 -1.12 -29.86 -45.24
N GLN K 38 -1.68 -28.97 -44.44
CA GLN K 38 -1.26 -27.58 -44.41
C GLN K 38 -1.67 -27.02 -43.05
N ALA K 39 -0.68 -26.80 -42.18
CA ALA K 39 -0.95 -26.18 -40.90
C ALA K 39 -1.36 -24.72 -41.10
N PRO K 40 -2.10 -24.14 -40.15
CA PRO K 40 -2.57 -22.77 -40.33
C PRO K 40 -1.42 -21.81 -40.60
N GLY K 41 -1.51 -21.11 -41.72
CA GLY K 41 -0.54 -20.09 -42.09
C GLY K 41 0.79 -20.60 -42.57
N LYS K 42 0.92 -21.90 -42.79
CA LYS K 42 2.17 -22.54 -43.19
C LYS K 42 1.98 -23.24 -44.54
N GLY K 43 3.04 -23.93 -44.96
CA GLY K 43 3.07 -24.50 -46.29
C GLY K 43 2.50 -25.89 -46.39
N LEU K 44 2.35 -26.32 -47.64
CA LEU K 44 1.87 -27.65 -47.96
C LEU K 44 2.90 -28.70 -47.60
N GLU K 45 2.43 -29.85 -47.13
CA GLU K 45 3.30 -30.94 -46.70
C GLU K 45 2.74 -32.22 -47.31
N TRP K 46 3.59 -32.93 -48.05
CA TRP K 46 3.17 -34.16 -48.68
C TRP K 46 3.18 -35.25 -47.63
N ILE K 47 2.04 -35.90 -47.41
CA ILE K 47 1.94 -36.96 -46.41
C ILE K 47 2.15 -38.31 -47.07
N GLY K 48 1.35 -38.64 -48.08
CA GLY K 48 1.50 -39.98 -48.60
C GLY K 48 0.68 -40.20 -49.83
N ILE K 49 0.73 -41.43 -50.33
CA ILE K 49 0.05 -41.73 -51.58
C ILE K 49 -0.30 -43.22 -51.65
N PHE K 50 -1.49 -43.48 -52.17
CA PHE K 50 -1.92 -44.79 -52.62
C PHE K 50 -1.74 -44.83 -54.13
N GLY K 51 -0.81 -45.68 -54.57
CA GLY K 51 -0.38 -45.71 -55.95
C GLY K 51 -1.28 -46.48 -56.89
N SER K 52 -0.96 -46.30 -58.18
CA SER K 52 -1.71 -46.91 -59.26
C SER K 52 -1.58 -48.43 -59.26
N LEU K 53 -0.50 -48.96 -58.67
CA LEU K 53 -0.25 -50.40 -58.65
C LEU K 53 -0.41 -50.99 -57.26
N GLY K 54 -1.06 -50.28 -56.35
CA GLY K 54 -1.35 -50.75 -55.02
C GLY K 54 -0.23 -50.47 -54.04
N GLY K 55 0.82 -49.78 -54.49
CA GLY K 55 1.85 -49.31 -53.59
C GLY K 55 1.39 -48.17 -52.71
N ILE K 56 1.80 -48.21 -51.45
CA ILE K 56 1.47 -47.19 -50.46
C ILE K 56 2.80 -46.63 -49.96
N PHE K 57 2.99 -45.32 -50.15
CA PHE K 57 4.24 -44.65 -49.80
C PHE K 57 3.99 -43.43 -48.95
N TYR K 58 4.86 -43.23 -47.95
CA TYR K 58 4.73 -42.14 -47.01
C TYR K 58 6.00 -41.31 -47.00
N ALA K 59 5.86 -40.03 -46.67
CA ALA K 59 7.03 -39.23 -46.36
C ALA K 59 7.79 -39.86 -45.20
N SER K 60 9.10 -39.60 -45.16
CA SER K 60 9.92 -40.18 -44.11
C SER K 60 9.37 -39.82 -42.73
N TRP K 61 8.89 -38.59 -42.58
CA TRP K 61 8.41 -38.15 -41.29
C TRP K 61 7.00 -38.68 -41.00
N ALA K 62 6.31 -39.22 -42.01
CA ALA K 62 4.93 -39.64 -41.86
C ALA K 62 4.79 -41.14 -41.65
N LYS K 63 5.86 -41.91 -41.82
CA LYS K 63 5.75 -43.37 -41.68
C LYS K 63 5.52 -43.72 -40.22
N GLY K 64 4.51 -44.54 -39.96
CA GLY K 64 4.10 -44.84 -38.60
C GLY K 64 3.06 -43.89 -38.07
N ARG K 65 3.24 -42.59 -38.34
CA ARG K 65 2.33 -41.57 -37.84
C ARG K 65 1.02 -41.55 -38.60
N PHE K 66 1.00 -42.12 -39.80
CA PHE K 66 -0.18 -42.16 -40.63
C PHE K 66 -0.25 -43.54 -41.27
N THR K 67 -1.47 -44.00 -41.52
CA THR K 67 -1.68 -45.22 -42.29
C THR K 67 -2.67 -44.94 -43.40
N ILE K 68 -2.26 -45.17 -44.64
CA ILE K 68 -3.11 -45.01 -45.81
C ILE K 68 -3.52 -46.39 -46.33
N SER K 69 -4.80 -46.51 -46.68
CA SER K 69 -5.35 -47.75 -47.21
C SER K 69 -6.48 -47.38 -48.16
N LYS K 70 -6.79 -48.28 -49.10
CA LYS K 70 -7.95 -48.14 -49.95
C LYS K 70 -9.07 -49.02 -49.44
N THR K 71 -10.19 -48.40 -49.07
CA THR K 71 -11.31 -49.12 -48.48
C THR K 71 -12.42 -49.44 -49.47
N SER K 72 -12.53 -48.75 -50.60
CA SER K 72 -13.56 -49.12 -51.57
C SER K 72 -13.21 -48.50 -52.92
N PRO K 73 -13.82 -49.00 -54.00
CA PRO K 73 -13.50 -48.46 -55.33
C PRO K 73 -13.63 -46.94 -55.38
N THR K 74 -14.28 -46.33 -54.38
CA THR K 74 -14.46 -44.89 -54.36
C THR K 74 -13.95 -44.25 -53.07
N THR K 75 -13.29 -45.01 -52.18
CA THR K 75 -12.84 -44.46 -50.91
C THR K 75 -11.42 -44.90 -50.61
N VAL K 76 -10.64 -43.95 -50.08
CA VAL K 76 -9.27 -44.16 -49.62
C VAL K 76 -9.15 -43.53 -48.24
N ASP K 77 -8.51 -44.21 -47.29
CA ASP K 77 -8.45 -43.74 -45.92
C ASP K 77 -7.07 -43.21 -45.55
N LEU K 78 -7.06 -42.27 -44.59
CA LEU K 78 -5.87 -41.78 -43.93
C LEU K 78 -6.11 -41.85 -42.42
N LYS K 79 -5.47 -42.81 -41.75
CA LYS K 79 -5.63 -42.99 -40.30
C LYS K 79 -4.43 -42.33 -39.63
N ILE K 80 -4.68 -41.31 -38.82
CA ILE K 80 -3.65 -40.68 -38.02
C ILE K 80 -3.43 -41.40 -36.69
N THR K 81 -2.22 -41.97 -36.59
CA THR K 81 -1.72 -42.89 -35.57
C THR K 81 -1.46 -42.06 -34.30
N SER K 82 -2.49 -41.81 -33.52
CA SER K 82 -2.42 -41.04 -32.28
C SER K 82 -2.16 -39.55 -32.51
N PRO K 83 -3.23 -38.78 -32.73
CA PRO K 83 -3.08 -37.35 -33.06
C PRO K 83 -2.42 -36.57 -31.94
N THR K 84 -1.63 -35.56 -32.32
CA THR K 84 -1.05 -34.64 -31.34
C THR K 84 -1.40 -33.22 -31.74
N THR K 85 -1.08 -32.27 -30.86
CA THR K 85 -1.43 -30.87 -31.14
C THR K 85 -0.81 -30.42 -32.45
N GLU K 86 0.42 -30.84 -32.72
CA GLU K 86 1.10 -30.41 -33.94
C GLU K 86 0.48 -31.01 -35.19
N ASP K 87 -0.46 -31.95 -35.05
CA ASP K 87 -1.15 -32.51 -36.19
C ASP K 87 -2.38 -31.71 -36.57
N THR K 88 -2.64 -30.59 -35.88
CA THR K 88 -3.75 -29.74 -36.26
C THR K 88 -3.41 -29.09 -37.60
N ALA K 89 -4.29 -29.29 -38.57
CA ALA K 89 -4.00 -28.79 -39.91
C ALA K 89 -5.20 -29.09 -40.81
N THR K 90 -5.23 -28.39 -41.94
CA THR K 90 -6.15 -28.74 -43.02
C THR K 90 -5.58 -29.89 -43.84
N TYR K 91 -6.40 -30.93 -44.03
CA TYR K 91 -6.00 -32.14 -44.75
C TYR K 91 -6.70 -32.18 -46.10
N PHE K 92 -5.89 -32.32 -47.16
CA PHE K 92 -6.35 -32.40 -48.53
C PHE K 92 -6.15 -33.81 -49.07
N CYS K 93 -7.12 -34.30 -49.83
CA CYS K 93 -7.00 -35.47 -50.69
C CYS K 93 -6.99 -35.01 -52.15
N ALA K 94 -6.03 -35.51 -52.94
CA ALA K 94 -5.85 -34.98 -54.28
C ALA K 94 -5.49 -36.04 -55.31
N ARG K 95 -6.09 -35.92 -56.49
CA ARG K 95 -5.65 -36.61 -57.71
C ARG K 95 -4.69 -35.61 -58.35
N MET K 96 -3.40 -35.68 -58.01
CA MET K 96 -2.46 -34.62 -58.35
C MET K 96 -1.38 -35.15 -59.29
N PRO K 97 -1.72 -35.32 -60.57
CA PRO K 97 -0.72 -35.78 -61.54
C PRO K 97 0.34 -34.72 -61.79
N TYR K 98 1.57 -35.19 -61.98
CA TYR K 98 2.70 -34.35 -62.32
C TYR K 98 2.84 -34.15 -63.82
N THR K 99 2.24 -35.03 -64.63
CA THR K 99 2.38 -35.00 -66.08
C THR K 99 1.04 -34.89 -66.82
N THR K 100 -0.04 -34.50 -66.14
CA THR K 100 -1.30 -34.19 -66.82
C THR K 100 -1.95 -32.99 -66.13
N ASP K 101 -3.02 -32.48 -66.76
CA ASP K 101 -3.78 -31.37 -66.17
C ASP K 101 -5.13 -31.83 -65.65
N ARG K 102 -5.28 -33.12 -65.40
CA ARG K 102 -6.49 -33.67 -64.78
C ARG K 102 -6.29 -33.70 -63.27
N ASP K 103 -6.28 -32.50 -62.70
CA ASP K 103 -5.79 -32.26 -61.36
C ASP K 103 -6.98 -31.83 -60.52
N PHE K 104 -7.32 -32.65 -59.53
CA PHE K 104 -8.50 -32.44 -58.70
C PHE K 104 -8.14 -32.61 -57.24
N TRP K 105 -8.39 -31.56 -56.47
CA TRP K 105 -8.15 -31.50 -55.04
C TRP K 105 -9.49 -31.35 -54.35
N GLY K 106 -9.63 -31.98 -53.20
CA GLY K 106 -10.78 -31.73 -52.38
C GLY K 106 -10.66 -30.37 -51.73
N PRO K 107 -11.75 -29.87 -51.14
CA PRO K 107 -11.68 -28.55 -50.51
C PRO K 107 -10.86 -28.55 -49.24
N GLY K 108 -10.57 -29.72 -48.70
CA GLY K 108 -9.82 -29.83 -47.46
C GLY K 108 -10.74 -29.90 -46.26
N THR K 109 -10.29 -30.62 -45.24
CA THR K 109 -11.06 -30.76 -44.01
C THR K 109 -10.12 -30.46 -42.87
N LEU K 110 -10.56 -29.57 -41.99
CA LEU K 110 -9.75 -29.12 -40.88
C LEU K 110 -9.80 -30.13 -39.74
N VAL K 111 -8.63 -30.55 -39.28
CA VAL K 111 -8.51 -31.41 -38.11
C VAL K 111 -7.89 -30.56 -37.01
N THR K 112 -8.62 -30.43 -35.91
CA THR K 112 -8.19 -29.71 -34.72
C THR K 112 -7.96 -30.70 -33.61
N VAL K 113 -6.76 -30.71 -33.04
CA VAL K 113 -6.40 -31.58 -31.95
C VAL K 113 -6.40 -30.76 -30.67
N SER K 114 -7.40 -30.98 -29.83
CA SER K 114 -7.53 -30.20 -28.61
C SER K 114 -8.51 -30.89 -27.67
N SER K 115 -8.33 -30.60 -26.39
CA SER K 115 -9.19 -31.12 -25.33
C SER K 115 -10.37 -30.20 -25.06
N ALA K 116 -10.32 -28.96 -25.58
CA ALA K 116 -11.40 -28.02 -25.42
C ALA K 116 -12.69 -28.54 -26.05
N SER K 117 -13.82 -28.00 -25.57
CA SER K 117 -15.13 -28.37 -26.06
C SER K 117 -15.55 -27.44 -27.19
N THR K 118 -16.47 -27.92 -28.02
CA THR K 118 -16.94 -27.08 -29.11
C THR K 118 -17.86 -26.05 -28.48
N LYS K 119 -17.84 -24.83 -29.00
CA LYS K 119 -18.68 -23.78 -28.45
C LYS K 119 -19.19 -22.96 -29.61
N GLY K 120 -20.51 -22.80 -29.70
CA GLY K 120 -21.09 -21.98 -30.73
C GLY K 120 -20.78 -20.53 -30.45
N PRO K 121 -20.72 -19.70 -31.48
CA PRO K 121 -20.35 -18.30 -31.28
C PRO K 121 -21.51 -17.50 -30.71
N SER K 122 -21.14 -16.38 -30.09
CA SER K 122 -22.09 -15.30 -29.84
C SER K 122 -21.91 -14.26 -30.93
N VAL K 123 -23.02 -13.76 -31.45
CA VAL K 123 -23.00 -12.80 -32.55
C VAL K 123 -23.54 -11.46 -32.04
N PHE K 124 -22.70 -10.43 -32.13
CA PHE K 124 -23.07 -9.10 -31.69
C PHE K 124 -23.00 -8.17 -32.90
N PRO K 125 -23.85 -7.15 -32.94
CA PRO K 125 -23.87 -6.28 -34.12
C PRO K 125 -22.90 -5.10 -34.03
N LEU K 126 -22.21 -4.88 -35.14
CA LEU K 126 -21.37 -3.70 -35.33
C LEU K 126 -22.20 -2.73 -36.16
N ALA K 127 -22.89 -1.90 -35.48
CA ALA K 127 -23.89 -1.05 -36.12
C ALA K 127 -23.23 0.21 -36.67
N PRO K 128 -23.81 0.81 -37.72
CA PRO K 128 -23.28 2.07 -38.26
C PRO K 128 -23.78 3.29 -37.50
N GLY K 135 -16.84 8.50 -46.07
CA GLY K 135 -17.17 9.44 -47.13
C GLY K 135 -18.67 9.62 -47.32
N GLY K 136 -19.19 9.03 -48.39
CA GLY K 136 -20.61 8.80 -48.53
C GLY K 136 -20.85 7.34 -48.24
N THR K 137 -20.03 6.85 -47.32
CA THR K 137 -19.88 5.42 -47.04
C THR K 137 -20.01 5.19 -45.55
N ALA K 138 -20.70 4.13 -45.20
CA ALA K 138 -20.92 3.70 -43.84
C ALA K 138 -20.42 2.27 -43.75
N ALA K 139 -20.03 1.86 -42.55
CA ALA K 139 -19.53 0.52 -42.34
C ALA K 139 -20.35 -0.14 -41.24
N LEU K 140 -20.53 -1.44 -41.40
CA LEU K 140 -21.23 -2.23 -40.40
C LEU K 140 -20.65 -3.62 -40.42
N GLY K 141 -21.01 -4.42 -39.43
CA GLY K 141 -20.46 -5.75 -39.37
C GLY K 141 -21.10 -6.58 -38.29
N CYS K 142 -20.46 -7.72 -38.03
CA CYS K 142 -20.93 -8.69 -37.07
C CYS K 142 -19.69 -9.23 -36.38
N LEU K 143 -19.69 -9.13 -35.06
CA LEU K 143 -18.64 -9.73 -34.25
C LEU K 143 -19.10 -11.13 -33.85
N VAL K 144 -18.38 -12.12 -34.34
CA VAL K 144 -18.67 -13.52 -34.08
C VAL K 144 -17.60 -13.95 -33.08
N LYS K 145 -17.98 -13.92 -31.81
CA LYS K 145 -17.06 -13.90 -30.69
C LYS K 145 -17.18 -15.20 -29.92
N ASP K 146 -16.03 -15.73 -29.50
CA ASP K 146 -15.97 -16.83 -28.55
C ASP K 146 -16.66 -18.09 -29.07
N TYR K 147 -16.01 -18.78 -30.02
CA TYR K 147 -16.49 -20.05 -30.54
C TYR K 147 -15.30 -20.98 -30.66
N PHE K 148 -15.60 -22.29 -30.78
CA PHE K 148 -14.54 -23.27 -30.92
C PHE K 148 -15.20 -24.55 -31.42
N PRO K 149 -14.57 -25.30 -32.34
CA PRO K 149 -13.34 -24.99 -33.08
C PRO K 149 -13.61 -24.13 -34.30
N GLU K 150 -12.58 -23.92 -35.12
CA GLU K 150 -12.81 -23.33 -36.42
C GLU K 150 -13.51 -24.36 -37.32
N PRO K 151 -14.17 -23.92 -38.40
CA PRO K 151 -14.34 -22.52 -38.79
C PRO K 151 -15.78 -22.07 -38.65
N VAL K 152 -16.04 -20.79 -38.87
CA VAL K 152 -17.38 -20.28 -39.06
C VAL K 152 -17.46 -19.68 -40.46
N THR K 153 -18.68 -19.56 -40.97
CA THR K 153 -18.95 -18.88 -42.24
C THR K 153 -19.92 -17.74 -42.01
N VAL K 154 -19.67 -16.61 -42.69
CA VAL K 154 -20.50 -15.42 -42.57
C VAL K 154 -20.87 -14.99 -43.99
N SER K 155 -22.17 -14.83 -44.24
CA SER K 155 -22.68 -14.22 -45.46
C SER K 155 -23.46 -12.99 -45.06
N TRP K 156 -23.90 -12.21 -46.05
CA TRP K 156 -24.67 -11.00 -45.79
C TRP K 156 -25.91 -10.96 -46.67
N ASN K 157 -27.07 -10.83 -46.03
CA ASN K 157 -28.34 -10.83 -46.74
C ASN K 157 -28.43 -12.07 -47.63
N SER K 158 -28.07 -13.21 -47.03
CA SER K 158 -28.15 -14.52 -47.66
C SER K 158 -27.41 -14.59 -48.99
N GLY K 159 -26.23 -13.97 -49.05
CA GLY K 159 -25.40 -14.01 -50.24
C GLY K 159 -25.65 -12.92 -51.26
N ALA K 160 -26.75 -12.19 -51.16
CA ALA K 160 -27.00 -11.14 -52.13
C ALA K 160 -25.99 -10.02 -52.01
N LEU K 161 -25.44 -9.81 -50.82
CA LEU K 161 -24.46 -8.76 -50.57
C LEU K 161 -23.06 -9.37 -50.51
N THR K 162 -22.20 -8.96 -51.43
CA THR K 162 -20.86 -9.51 -51.58
C THR K 162 -19.79 -8.45 -51.79
N SER K 163 -20.15 -7.27 -52.28
CA SER K 163 -19.18 -6.22 -52.60
C SER K 163 -18.83 -5.44 -51.33
N GLY K 164 -17.52 -5.23 -51.12
CA GLY K 164 -17.03 -4.51 -49.96
C GLY K 164 -17.05 -5.28 -48.65
N VAL K 165 -17.24 -6.59 -48.70
CA VAL K 165 -17.22 -7.43 -47.50
C VAL K 165 -15.79 -7.82 -47.16
N HIS K 166 -15.44 -7.70 -45.88
CA HIS K 166 -14.15 -8.15 -45.35
C HIS K 166 -14.42 -9.00 -44.13
N THR K 167 -14.17 -10.31 -44.25
CA THR K 167 -14.30 -11.26 -43.15
C THR K 167 -12.90 -11.59 -42.67
N PHE K 168 -12.54 -11.10 -41.48
CA PHE K 168 -11.17 -11.26 -41.02
C PHE K 168 -10.91 -12.69 -40.52
N PRO K 169 -9.67 -13.18 -40.65
CA PRO K 169 -9.36 -14.50 -40.11
C PRO K 169 -9.53 -14.51 -38.61
N ALA K 170 -9.81 -15.69 -38.06
CA ALA K 170 -10.03 -15.75 -36.62
C ALA K 170 -8.70 -15.61 -35.87
N VAL K 171 -8.77 -15.01 -34.70
CA VAL K 171 -7.63 -14.90 -33.78
C VAL K 171 -7.99 -15.70 -32.55
N LEU K 172 -7.08 -16.58 -32.13
CA LEU K 172 -7.29 -17.31 -30.88
C LEU K 172 -7.08 -16.37 -29.70
N GLN K 173 -8.10 -16.27 -28.86
CA GLN K 173 -8.10 -15.40 -27.69
C GLN K 173 -7.38 -16.05 -26.51
N SER K 174 -7.02 -15.20 -25.55
CA SER K 174 -6.36 -15.69 -24.34
C SER K 174 -7.23 -16.67 -23.58
N SER K 175 -8.54 -16.68 -23.82
CA SER K 175 -9.43 -17.64 -23.20
C SER K 175 -9.40 -19.01 -23.88
N GLY K 176 -8.65 -19.14 -24.97
CA GLY K 176 -8.63 -20.38 -25.73
C GLY K 176 -9.73 -20.48 -26.77
N LEU K 177 -10.55 -19.44 -26.91
CA LEU K 177 -11.61 -19.34 -27.90
C LEU K 177 -11.19 -18.42 -29.03
N TYR K 178 -11.93 -18.49 -30.14
CA TYR K 178 -11.64 -17.71 -31.32
C TYR K 178 -12.62 -16.54 -31.40
N SER K 179 -12.16 -15.44 -31.97
CA SER K 179 -13.03 -14.31 -32.23
C SER K 179 -12.75 -13.83 -33.64
N LEU K 180 -13.81 -13.35 -34.28
CA LEU K 180 -13.76 -13.00 -35.68
C LEU K 180 -14.73 -11.86 -35.91
N SER K 181 -14.46 -11.05 -36.93
CA SER K 181 -15.38 -10.01 -37.33
C SER K 181 -15.58 -10.05 -38.83
N SER K 182 -16.77 -9.66 -39.27
CA SER K 182 -17.07 -9.58 -40.69
C SER K 182 -17.73 -8.23 -40.91
N VAL K 183 -17.14 -7.41 -41.78
CA VAL K 183 -17.58 -6.05 -41.99
C VAL K 183 -17.96 -5.90 -43.45
N VAL K 184 -18.70 -4.84 -43.72
CA VAL K 184 -19.10 -4.45 -45.06
C VAL K 184 -19.24 -2.95 -45.11
N THR K 185 -18.93 -2.37 -46.27
CA THR K 185 -19.11 -0.95 -46.51
C THR K 185 -20.31 -0.82 -47.44
N VAL K 186 -21.16 0.15 -47.14
CA VAL K 186 -22.40 0.36 -47.88
C VAL K 186 -22.64 1.84 -48.02
N PRO K 187 -23.38 2.25 -49.05
CA PRO K 187 -23.73 3.67 -49.16
C PRO K 187 -24.47 4.20 -47.95
N SER K 188 -24.11 5.41 -47.53
CA SER K 188 -24.72 6.01 -46.35
C SER K 188 -26.20 6.29 -46.57
N SER K 189 -26.60 6.56 -47.82
CA SER K 189 -27.99 6.86 -48.14
C SER K 189 -28.91 5.66 -47.91
N SER K 190 -28.38 4.46 -48.02
CA SER K 190 -29.14 3.22 -47.96
C SER K 190 -29.50 2.79 -46.54
N LEU K 191 -29.02 3.50 -45.52
CA LEU K 191 -29.16 2.98 -44.16
C LEU K 191 -30.62 2.93 -43.72
N GLY K 192 -31.40 4.00 -43.95
CA GLY K 192 -32.77 3.87 -43.54
C GLY K 192 -33.61 3.05 -44.49
N THR K 193 -33.09 2.81 -45.70
CA THR K 193 -33.82 2.18 -46.79
C THR K 193 -33.68 0.66 -46.82
N GLN K 194 -32.54 0.09 -46.39
CA GLN K 194 -32.30 -1.33 -46.56
C GLN K 194 -31.94 -1.99 -45.24
N THR K 195 -32.31 -3.28 -45.15
CA THR K 195 -31.91 -4.15 -44.06
C THR K 195 -30.52 -4.75 -44.26
N TYR K 196 -29.78 -4.90 -43.17
CA TYR K 196 -28.46 -5.52 -43.22
C TYR K 196 -28.45 -6.65 -42.20
N ILE K 197 -28.27 -7.88 -42.68
CA ILE K 197 -28.33 -9.07 -41.83
C ILE K 197 -27.13 -9.94 -42.14
N CYS K 198 -26.42 -10.37 -41.11
CA CYS K 198 -25.30 -11.28 -41.25
C CYS K 198 -25.73 -12.69 -40.85
N ASN K 199 -25.37 -13.65 -41.70
CA ASN K 199 -25.74 -15.05 -41.55
C ASN K 199 -24.48 -15.81 -41.15
N VAL K 200 -24.42 -16.18 -39.87
CA VAL K 200 -23.30 -16.93 -39.31
C VAL K 200 -23.70 -18.40 -39.21
N ASN K 201 -22.80 -19.27 -39.63
CA ASN K 201 -22.95 -20.72 -39.51
C ASN K 201 -21.68 -21.28 -38.91
N HIS K 202 -21.84 -22.03 -37.83
CA HIS K 202 -20.73 -22.71 -37.17
C HIS K 202 -21.13 -24.18 -37.18
N LYS K 203 -20.58 -24.91 -38.14
CA LYS K 203 -21.00 -26.29 -38.42
C LYS K 203 -20.55 -27.24 -37.31
N PRO K 204 -19.36 -27.07 -36.74
CA PRO K 204 -18.96 -27.98 -35.66
C PRO K 204 -19.99 -28.06 -34.54
N SER K 205 -20.66 -26.96 -34.24
CA SER K 205 -21.75 -26.96 -33.27
C SER K 205 -23.12 -27.01 -33.92
N ASN K 206 -23.20 -27.05 -35.25
CA ASN K 206 -24.49 -27.03 -35.94
C ASN K 206 -25.30 -25.82 -35.48
N THR K 207 -24.61 -24.69 -35.34
CA THR K 207 -25.17 -23.41 -34.97
C THR K 207 -25.44 -22.58 -36.22
N LYS K 208 -26.62 -21.95 -36.25
CA LYS K 208 -27.03 -21.04 -37.29
C LYS K 208 -27.64 -19.80 -36.66
N VAL K 209 -27.00 -18.65 -36.86
CA VAL K 209 -27.41 -17.41 -36.22
C VAL K 209 -27.59 -16.37 -37.31
N ASP K 210 -28.72 -15.66 -37.29
CA ASP K 210 -28.95 -14.52 -38.15
C ASP K 210 -29.10 -13.25 -37.33
N LYS K 211 -28.26 -12.25 -37.60
CA LYS K 211 -28.21 -11.06 -36.76
C LYS K 211 -28.51 -9.85 -37.62
N LYS K 212 -29.51 -9.08 -37.21
CA LYS K 212 -29.87 -7.84 -37.89
C LYS K 212 -29.02 -6.72 -37.30
N VAL K 213 -28.32 -6.02 -38.18
CA VAL K 213 -27.46 -4.91 -37.83
C VAL K 213 -28.18 -3.65 -38.27
N GLU K 214 -28.39 -2.73 -37.33
CA GLU K 214 -29.13 -1.51 -37.59
C GLU K 214 -28.55 -0.40 -36.74
N PRO K 215 -28.65 0.87 -37.20
CA PRO K 215 -28.20 2.03 -36.40
C PRO K 215 -29.04 2.24 -35.15
N ILE L 2 14.16 -36.27 -48.70
CA ILE L 2 13.97 -35.36 -49.84
C ILE L 2 13.57 -33.95 -49.46
N VAL L 3 14.29 -33.00 -50.04
CA VAL L 3 14.11 -31.58 -49.78
C VAL L 3 13.92 -30.88 -51.11
N MET L 4 12.97 -29.96 -51.15
CA MET L 4 12.71 -29.08 -52.29
C MET L 4 12.84 -27.65 -51.77
N THR L 5 13.91 -26.97 -52.16
CA THR L 5 14.20 -25.63 -51.65
C THR L 5 13.62 -24.58 -52.60
N GLN L 6 12.63 -23.85 -52.11
CA GLN L 6 11.91 -22.85 -52.87
C GLN L 6 12.30 -21.46 -52.40
N THR L 7 12.71 -20.61 -53.34
CA THR L 7 13.13 -19.25 -53.10
C THR L 7 12.49 -18.32 -54.13
N PRO L 8 12.18 -17.07 -53.76
CA PRO L 8 12.35 -16.43 -52.44
C PRO L 8 11.23 -16.79 -51.47
N SER L 9 11.45 -16.61 -50.16
CA SER L 9 10.36 -16.87 -49.22
C SER L 9 9.20 -15.92 -49.46
N SER L 10 9.50 -14.68 -49.82
CA SER L 10 8.49 -13.69 -50.13
C SER L 10 9.14 -12.62 -50.99
N THR L 11 8.32 -11.93 -51.78
CA THR L 11 8.81 -10.90 -52.68
C THR L 11 7.61 -10.03 -53.02
N SER L 12 7.90 -8.89 -53.64
CA SER L 12 6.85 -7.95 -54.02
C SER L 12 7.22 -7.44 -55.40
N ALA L 13 6.19 -7.11 -56.17
CA ALA L 13 6.41 -6.57 -57.50
C ALA L 13 5.13 -5.89 -57.94
N ALA L 14 5.28 -4.95 -58.85
CA ALA L 14 4.13 -4.16 -59.29
C ALA L 14 3.40 -4.84 -60.45
N VAL L 15 2.19 -4.36 -60.68
CA VAL L 15 1.39 -4.81 -61.82
C VAL L 15 2.17 -4.55 -63.10
N GLY L 16 2.20 -5.54 -63.99
CA GLY L 16 2.93 -5.45 -65.23
C GLY L 16 4.38 -5.85 -65.13
N GLY L 17 4.91 -5.99 -63.92
CA GLY L 17 6.28 -6.40 -63.70
C GLY L 17 6.47 -7.89 -63.92
N THR L 18 7.60 -8.39 -63.41
CA THR L 18 7.98 -9.78 -63.58
C THR L 18 8.59 -10.28 -62.29
N VAL L 19 8.20 -11.50 -61.89
CA VAL L 19 8.79 -12.16 -60.74
C VAL L 19 9.30 -13.53 -61.15
N THR L 20 10.39 -13.97 -60.53
CA THR L 20 11.05 -15.22 -60.87
C THR L 20 11.24 -16.03 -59.59
N ILE L 21 10.71 -17.26 -59.57
CA ILE L 21 10.74 -18.15 -58.42
C ILE L 21 11.53 -19.40 -58.79
N THR L 22 12.46 -19.80 -57.91
CA THR L 22 13.35 -20.93 -58.15
C THR L 22 13.08 -22.04 -57.14
N CYS L 23 13.09 -23.28 -57.65
CA CYS L 23 12.92 -24.48 -56.84
C CYS L 23 14.09 -25.41 -57.12
N GLN L 24 14.80 -25.84 -56.08
CA GLN L 24 16.01 -26.65 -56.21
C GLN L 24 15.78 -27.96 -55.45
N ALA L 25 15.68 -29.06 -56.18
CA ALA L 25 15.45 -30.37 -55.58
C ALA L 25 16.75 -31.07 -55.25
N SER L 26 16.71 -31.88 -54.18
CA SER L 26 17.88 -32.62 -53.71
C SER L 26 18.25 -33.81 -54.59
N GLN L 27 17.33 -34.29 -55.44
CA GLN L 27 17.65 -35.34 -56.40
C GLN L 27 16.76 -35.17 -57.61
N SER L 28 17.12 -35.85 -58.70
CA SER L 28 16.37 -35.68 -59.93
C SER L 28 14.94 -36.17 -59.75
N VAL L 29 14.00 -35.43 -60.35
CA VAL L 29 12.60 -35.81 -60.31
C VAL L 29 12.37 -37.08 -61.13
N ALA L 30 11.23 -37.72 -60.89
CA ALA L 30 10.89 -38.94 -61.60
C ALA L 30 10.74 -38.65 -63.09
N ASN L 31 11.30 -39.53 -63.92
CA ASN L 31 11.26 -39.39 -65.37
C ASN L 31 11.82 -38.05 -65.83
N ASN L 32 12.53 -37.33 -64.96
CA ASN L 32 13.13 -36.04 -65.25
C ASN L 32 12.09 -34.96 -65.54
N ASN L 33 10.81 -35.22 -65.26
CA ASN L 33 9.79 -34.22 -65.55
C ASN L 33 8.57 -34.26 -64.64
N TYR L 34 8.60 -34.99 -63.52
CA TYR L 34 7.49 -34.95 -62.57
C TYR L 34 7.65 -33.70 -61.73
N LEU L 35 7.19 -32.56 -62.27
CA LEU L 35 7.35 -31.28 -61.59
C LEU L 35 6.20 -30.38 -62.03
N LYS L 36 5.44 -29.87 -61.06
CA LYS L 36 4.26 -29.04 -61.29
C LYS L 36 4.34 -27.77 -60.45
N TRP L 37 3.77 -26.69 -60.99
CA TRP L 37 3.68 -25.41 -60.28
C TRP L 37 2.23 -25.10 -59.94
N TYR L 38 2.02 -24.76 -58.66
CA TYR L 38 0.72 -24.50 -58.05
C TYR L 38 0.60 -23.05 -57.58
N GLN L 39 -0.65 -22.58 -57.58
CA GLN L 39 -1.05 -21.29 -57.03
C GLN L 39 -2.14 -21.50 -56.00
N GLN L 40 -1.96 -20.93 -54.81
CA GLN L 40 -2.90 -21.11 -53.71
C GLN L 40 -3.31 -19.77 -53.14
N LYS L 41 -4.61 -19.66 -52.88
CA LYS L 41 -5.24 -18.50 -52.27
C LYS L 41 -5.91 -18.92 -50.95
N ARG L 42 -6.23 -17.92 -50.13
CA ARG L 42 -6.74 -18.20 -48.78
C ARG L 42 -8.02 -19.02 -48.76
N GLY L 43 -8.04 -20.05 -47.93
CA GLY L 43 -9.22 -20.85 -47.75
C GLY L 43 -9.54 -21.79 -48.89
N GLN L 44 -8.65 -21.91 -49.86
CA GLN L 44 -8.88 -22.73 -51.03
C GLN L 44 -7.81 -23.79 -51.18
N PRO L 45 -8.06 -24.81 -52.00
CA PRO L 45 -7.00 -25.73 -52.39
C PRO L 45 -6.13 -25.12 -53.49
N PRO L 46 -4.95 -25.70 -53.74
CA PRO L 46 -4.08 -25.16 -54.78
C PRO L 46 -4.70 -25.34 -56.15
N LYS L 47 -4.33 -24.44 -57.06
CA LYS L 47 -4.82 -24.46 -58.43
C LYS L 47 -3.61 -24.64 -59.34
N GLN L 48 -3.68 -25.62 -60.24
CA GLN L 48 -2.50 -25.93 -61.03
C GLN L 48 -2.19 -24.78 -61.98
N LEU L 49 -0.90 -24.61 -62.23
CA LEU L 49 -0.40 -23.71 -63.27
C LEU L 49 0.40 -24.48 -64.30
N ILE L 50 1.43 -25.22 -63.89
CA ILE L 50 2.31 -25.87 -64.84
C ILE L 50 2.41 -27.34 -64.47
N TYR L 51 2.48 -28.19 -65.49
CA TYR L 51 2.79 -29.61 -65.33
C TYR L 51 3.90 -29.99 -66.30
N SER L 52 4.51 -31.14 -66.04
CA SER L 52 5.66 -31.61 -66.81
C SER L 52 6.72 -30.53 -66.96
N VAL L 53 7.01 -29.84 -65.86
CA VAL L 53 8.07 -28.83 -65.76
C VAL L 53 7.69 -27.55 -66.49
N SER L 54 7.14 -27.67 -67.70
CA SER L 54 6.97 -26.52 -68.59
C SER L 54 5.63 -26.45 -69.30
N THR L 55 4.78 -27.46 -69.21
CA THR L 55 3.53 -27.45 -69.96
C THR L 55 2.44 -26.69 -69.21
N LEU L 56 1.77 -25.80 -69.94
CA LEU L 56 0.73 -24.94 -69.38
C LEU L 56 -0.59 -25.68 -69.21
N ALA L 57 -1.12 -25.66 -67.99
CA ALA L 57 -2.40 -26.30 -67.71
C ALA L 57 -3.49 -25.56 -68.49
N SER L 58 -4.51 -26.31 -68.91
CA SER L 58 -5.60 -25.72 -69.68
C SER L 58 -6.21 -24.54 -68.94
N GLY L 59 -6.40 -23.44 -69.67
CA GLY L 59 -7.00 -22.25 -69.12
C GLY L 59 -6.06 -21.32 -68.39
N VAL L 60 -4.77 -21.65 -68.30
CA VAL L 60 -3.83 -20.78 -67.57
C VAL L 60 -3.15 -19.84 -68.56
N PRO L 61 -3.06 -18.54 -68.26
CA PRO L 61 -2.39 -17.62 -69.18
C PRO L 61 -0.93 -17.99 -69.45
N SER L 62 -0.47 -17.63 -70.65
CA SER L 62 0.88 -17.97 -71.10
C SER L 62 1.94 -17.19 -70.34
N ARG L 63 1.56 -16.10 -69.67
CA ARG L 63 2.56 -15.32 -68.93
C ARG L 63 3.17 -16.13 -67.79
N PHE L 64 2.55 -17.25 -67.43
CA PHE L 64 3.16 -18.21 -66.54
C PHE L 64 4.04 -19.11 -67.39
N LYS L 65 5.33 -19.14 -67.09
CA LYS L 65 6.27 -19.94 -67.85
C LYS L 65 7.04 -20.82 -66.88
N GLY L 66 7.23 -22.07 -67.28
CA GLY L 66 7.99 -23.02 -66.48
C GLY L 66 9.24 -23.43 -67.24
N SER L 67 10.33 -23.59 -66.49
CA SER L 67 11.61 -24.01 -67.02
C SER L 67 12.34 -24.82 -65.96
N GLY L 68 13.45 -25.39 -66.35
CA GLY L 68 14.32 -26.07 -65.43
C GLY L 68 15.18 -27.10 -66.13
N SER L 69 16.12 -27.64 -65.36
CA SER L 69 17.04 -28.68 -65.79
C SER L 69 17.20 -29.74 -64.71
N GLY L 70 16.43 -30.82 -64.83
CA GLY L 70 16.57 -31.98 -63.98
C GLY L 70 16.42 -31.85 -62.47
N THR L 71 17.12 -30.87 -61.91
CA THR L 71 17.13 -30.62 -60.47
C THR L 71 16.86 -29.18 -60.11
N GLN L 72 16.96 -28.24 -61.04
CA GLN L 72 16.66 -26.85 -60.75
C GLN L 72 15.56 -26.37 -61.70
N PHE L 73 14.52 -25.76 -61.13
CA PHE L 73 13.35 -25.39 -61.90
C PHE L 73 12.99 -23.95 -61.56
N THR L 74 12.39 -23.29 -62.54
CA THR L 74 12.07 -21.88 -62.44
C THR L 74 10.64 -21.63 -62.92
N LEU L 75 9.87 -20.90 -62.13
CA LEU L 75 8.58 -20.38 -62.52
C LEU L 75 8.74 -18.88 -62.72
N THR L 76 8.40 -18.41 -63.90
CA THR L 76 8.51 -17.00 -64.25
C THR L 76 7.12 -16.47 -64.52
N ILE L 77 6.74 -15.42 -63.81
CA ILE L 77 5.45 -14.78 -64.00
C ILE L 77 5.72 -13.39 -64.57
N SER L 78 5.27 -13.20 -65.81
CA SER L 78 5.39 -11.93 -66.52
C SER L 78 4.03 -11.26 -66.58
N ASP L 79 4.03 -9.98 -66.92
CA ASP L 79 2.81 -9.20 -67.09
C ASP L 79 1.85 -9.43 -65.92
N LEU L 80 2.35 -9.11 -64.73
CA LEU L 80 1.65 -9.35 -63.48
C LEU L 80 0.29 -8.67 -63.45
N GLU L 81 -0.69 -9.36 -62.86
CA GLU L 81 -1.99 -8.77 -62.61
C GLU L 81 -2.25 -8.73 -61.11
N ALA L 82 -3.27 -7.96 -60.71
CA ALA L 82 -3.65 -7.94 -59.30
C ALA L 82 -4.04 -9.33 -58.82
N ASP L 83 -4.66 -10.13 -59.68
CA ASP L 83 -5.19 -11.42 -59.29
C ASP L 83 -4.07 -12.38 -58.88
N ASP L 84 -2.83 -12.05 -59.23
CA ASP L 84 -1.68 -12.92 -59.00
C ASP L 84 -1.18 -12.87 -57.56
N ALA L 85 -1.79 -12.04 -56.71
CA ALA L 85 -1.39 -11.97 -55.31
C ALA L 85 -1.78 -13.30 -54.67
N ALA L 86 -0.80 -14.11 -54.29
CA ALA L 86 -1.13 -15.45 -53.79
C ALA L 86 0.15 -16.09 -53.29
N THR L 87 0.09 -17.39 -52.97
CA THR L 87 1.28 -18.14 -52.59
C THR L 87 1.50 -19.27 -53.59
N TYR L 88 2.73 -19.39 -54.09
CA TYR L 88 3.06 -20.30 -55.17
C TYR L 88 3.92 -21.44 -54.63
N TYR L 89 3.67 -22.65 -55.12
CA TYR L 89 4.38 -23.84 -54.64
C TYR L 89 4.92 -24.67 -55.80
N CYS L 90 6.12 -25.21 -55.62
CA CYS L 90 6.61 -26.26 -56.51
C CYS L 90 6.29 -27.62 -55.91
N SER L 91 5.87 -28.55 -56.78
CA SER L 91 5.43 -29.89 -56.40
C SER L 91 6.18 -30.91 -57.24
N GLY L 92 6.90 -31.83 -56.58
CA GLY L 92 7.74 -32.77 -57.28
C GLY L 92 7.48 -34.19 -56.81
N TYR L 93 7.81 -35.12 -57.71
CA TYR L 93 7.72 -36.56 -57.45
C TYR L 93 9.07 -37.19 -57.77
N PHE L 94 9.39 -38.26 -57.07
CA PHE L 94 10.74 -38.80 -57.09
C PHE L 94 10.71 -40.32 -57.29
N ASN L 95 11.84 -40.86 -57.73
CA ASN L 95 11.89 -42.21 -58.23
C ASN L 95 11.53 -43.24 -57.18
N ASN L 96 11.78 -42.93 -55.90
CA ASN L 96 11.39 -43.83 -54.82
C ASN L 96 9.90 -43.75 -54.51
N ASN L 97 9.12 -43.11 -55.39
CA ASN L 97 7.70 -42.86 -55.19
C ASN L 97 7.48 -42.05 -53.90
N ILE L 98 7.96 -40.82 -53.96
CA ILE L 98 7.84 -39.86 -52.86
C ILE L 98 7.58 -38.50 -53.49
N GLY L 99 6.56 -37.82 -52.98
CA GLY L 99 6.26 -36.47 -53.35
C GLY L 99 6.72 -35.45 -52.33
N ALA L 100 6.94 -34.23 -52.79
CA ALA L 100 7.37 -33.16 -51.91
C ALA L 100 6.95 -31.82 -52.51
N PHE L 101 6.91 -30.81 -51.65
CA PHE L 101 6.61 -29.44 -52.03
C PHE L 101 7.73 -28.51 -51.59
N GLY L 102 7.91 -27.43 -52.35
CA GLY L 102 8.70 -26.33 -51.87
C GLY L 102 8.01 -25.59 -50.75
N GLY L 103 8.81 -24.83 -50.01
CA GLY L 103 8.30 -24.10 -48.86
C GLY L 103 7.30 -23.02 -49.21
N GLY L 104 7.13 -22.71 -50.49
CA GLY L 104 6.17 -21.71 -50.90
C GLY L 104 6.80 -20.35 -51.08
N THR L 105 6.13 -19.53 -51.88
CA THR L 105 6.58 -18.17 -52.17
C THR L 105 5.35 -17.29 -52.08
N LYS L 106 5.33 -16.38 -51.12
CA LYS L 106 4.18 -15.51 -50.97
C LYS L 106 4.44 -14.28 -51.83
N LEU L 107 3.50 -13.99 -52.72
CA LEU L 107 3.63 -12.87 -53.65
C LEU L 107 2.60 -11.81 -53.29
N GLU L 108 3.12 -10.62 -52.98
CA GLU L 108 2.37 -9.39 -52.74
C GLU L 108 2.50 -8.50 -53.95
N ILE L 109 1.37 -7.96 -54.41
CA ILE L 109 1.35 -7.03 -55.54
C ILE L 109 1.54 -5.61 -55.01
N LYS L 110 2.57 -4.93 -55.52
CA LYS L 110 2.79 -3.54 -55.15
C LYS L 110 1.77 -2.65 -55.84
N ARG L 111 1.45 -1.53 -55.21
CA ARG L 111 0.53 -0.58 -55.82
C ARG L 111 0.79 0.77 -55.17
N THR L 112 0.08 1.78 -55.66
CA THR L 112 0.21 3.12 -55.11
C THR L 112 -0.35 3.16 -53.69
N VAL L 113 0.14 4.11 -52.91
CA VAL L 113 -0.29 4.21 -51.52
C VAL L 113 -1.79 4.44 -51.48
N ALA L 114 -2.46 3.70 -50.60
CA ALA L 114 -3.89 3.82 -50.41
C ALA L 114 -4.12 3.98 -48.92
N ALA L 115 -4.66 5.12 -48.53
CA ALA L 115 -4.91 5.39 -47.13
C ALA L 115 -6.11 4.59 -46.63
N PRO L 116 -6.09 4.10 -45.40
CA PRO L 116 -7.24 3.35 -44.90
C PRO L 116 -8.38 4.29 -44.60
N SER L 117 -9.60 3.76 -44.66
CA SER L 117 -10.75 4.44 -44.05
C SER L 117 -10.97 3.82 -42.69
N VAL L 118 -11.09 4.65 -41.66
CA VAL L 118 -11.08 4.19 -40.28
C VAL L 118 -12.47 4.32 -39.70
N PHE L 119 -12.89 3.29 -38.97
CA PHE L 119 -14.17 3.30 -38.26
C PHE L 119 -13.97 2.74 -36.86
N ILE L 120 -14.72 3.28 -35.90
CA ILE L 120 -14.70 2.77 -34.53
C ILE L 120 -16.10 2.32 -34.18
N PHE L 121 -16.21 1.17 -33.54
CA PHE L 121 -17.50 0.59 -33.16
C PHE L 121 -17.53 0.37 -31.65
N PRO L 122 -18.39 1.05 -30.91
CA PRO L 122 -18.58 0.73 -29.49
C PRO L 122 -19.26 -0.62 -29.32
N PRO L 123 -19.18 -1.23 -28.14
CA PRO L 123 -19.87 -2.50 -27.91
C PRO L 123 -21.38 -2.38 -28.02
N SER L 124 -22.02 -3.49 -28.36
CA SER L 124 -23.47 -3.55 -28.44
C SER L 124 -24.06 -3.68 -27.04
N ASP L 125 -25.30 -3.21 -26.89
CA ASP L 125 -25.99 -3.38 -25.61
C ASP L 125 -26.19 -4.86 -25.27
N GLU L 126 -26.38 -5.71 -26.28
CA GLU L 126 -26.54 -7.14 -26.03
C GLU L 126 -25.27 -7.71 -25.39
N GLN L 127 -24.11 -7.24 -25.82
CA GLN L 127 -22.86 -7.71 -25.25
C GLN L 127 -22.68 -7.15 -23.83
N LEU L 128 -22.91 -5.85 -23.66
CA LEU L 128 -22.79 -5.28 -22.31
C LEU L 128 -23.71 -6.02 -21.34
N LYS L 129 -24.91 -6.37 -21.80
CA LYS L 129 -25.81 -7.17 -20.99
C LYS L 129 -25.16 -8.49 -20.61
N SER L 130 -24.35 -9.05 -21.53
CA SER L 130 -23.74 -10.34 -21.22
C SER L 130 -22.53 -10.19 -20.30
N GLY L 131 -22.11 -8.97 -19.98
CA GLY L 131 -21.03 -8.73 -19.04
C GLY L 131 -19.67 -8.49 -19.63
N THR L 132 -19.55 -8.43 -20.95
CA THR L 132 -18.28 -8.17 -21.62
C THR L 132 -18.44 -6.97 -22.56
N ALA L 133 -17.31 -6.37 -22.94
CA ALA L 133 -17.32 -5.17 -23.76
C ALA L 133 -16.15 -5.21 -24.74
N SER L 134 -16.43 -5.33 -26.04
CA SER L 134 -15.41 -5.31 -27.08
C SER L 134 -15.60 -4.09 -27.99
N VAL L 135 -14.58 -3.24 -28.06
CA VAL L 135 -14.57 -2.07 -28.94
C VAL L 135 -13.74 -2.43 -30.17
N VAL L 136 -14.27 -2.18 -31.36
CA VAL L 136 -13.66 -2.62 -32.61
C VAL L 136 -13.18 -1.42 -33.42
N CYS L 137 -11.97 -1.51 -33.95
CA CYS L 137 -11.44 -0.49 -34.85
C CYS L 137 -11.15 -1.13 -36.20
N LEU L 138 -11.66 -0.51 -37.26
CA LEU L 138 -11.58 -1.05 -38.61
C LEU L 138 -10.76 -0.11 -39.46
N LEU L 139 -9.65 -0.61 -39.99
CA LEU L 139 -8.90 0.02 -41.07
C LEU L 139 -9.32 -0.67 -42.37
N ASN L 140 -9.85 0.08 -43.31
CA ASN L 140 -10.46 -0.50 -44.50
C ASN L 140 -9.69 -0.09 -45.74
N ASN L 141 -9.32 -1.10 -46.54
CA ASN L 141 -8.75 -0.93 -47.86
C ASN L 141 -7.57 0.03 -47.93
N PHE L 142 -6.40 -0.42 -47.53
CA PHE L 142 -5.21 0.42 -47.52
C PHE L 142 -4.02 -0.37 -48.04
N TYR L 143 -3.01 0.37 -48.49
CA TYR L 143 -1.76 -0.21 -48.94
C TYR L 143 -0.69 0.84 -48.71
N PRO L 144 0.52 0.46 -48.27
CA PRO L 144 1.00 -0.87 -47.91
C PRO L 144 0.46 -1.39 -46.58
N ARG L 145 0.90 -2.60 -46.23
CA ARG L 145 0.40 -3.31 -45.06
C ARG L 145 0.83 -2.73 -43.72
N GLU L 146 1.98 -2.09 -43.63
CA GLU L 146 2.40 -1.60 -42.33
C GLU L 146 1.46 -0.52 -41.83
N ALA L 147 0.96 -0.71 -40.61
CA ALA L 147 0.11 0.27 -39.95
C ALA L 147 0.27 0.10 -38.45
N LYS L 148 0.16 1.21 -37.73
CA LYS L 148 0.24 1.23 -36.27
C LYS L 148 -1.10 1.64 -35.65
N VAL L 149 -1.69 0.76 -34.84
CA VAL L 149 -2.99 1.01 -34.23
C VAL L 149 -2.84 0.96 -32.70
N GLN L 150 -3.03 2.12 -32.05
CA GLN L 150 -2.90 2.25 -30.60
C GLN L 150 -4.22 2.70 -30.00
N TRP L 151 -4.56 2.13 -28.86
CA TRP L 151 -5.77 2.45 -28.13
C TRP L 151 -5.55 3.42 -26.98
N LYS L 152 -6.49 4.36 -26.79
CA LYS L 152 -6.44 5.28 -25.66
C LYS L 152 -7.82 5.43 -25.02
N VAL L 153 -7.92 5.03 -23.75
CA VAL L 153 -9.12 5.16 -22.95
C VAL L 153 -8.86 6.24 -21.89
N ASP L 154 -9.69 7.28 -21.90
CA ASP L 154 -9.42 8.48 -21.11
C ASP L 154 -7.97 8.93 -21.28
N ASN L 155 -7.49 8.84 -22.52
CA ASN L 155 -6.15 9.27 -22.89
C ASN L 155 -5.07 8.48 -22.16
N ALA L 156 -5.34 7.20 -21.90
CA ALA L 156 -4.36 6.28 -21.35
C ALA L 156 -4.09 5.19 -22.37
N LEU L 157 -2.83 5.07 -22.78
CA LEU L 157 -2.48 4.09 -23.81
C LEU L 157 -2.74 2.69 -23.26
N GLN L 158 -3.56 1.91 -23.96
CA GLN L 158 -3.77 0.54 -23.51
C GLN L 158 -2.61 -0.33 -23.99
N SER L 159 -2.45 -1.48 -23.32
CA SER L 159 -1.38 -2.40 -23.64
C SER L 159 -1.82 -3.79 -23.20
N GLY L 160 -1.79 -4.74 -24.14
CA GLY L 160 -2.04 -6.12 -23.81
C GLY L 160 -3.49 -6.54 -23.78
N ASN L 161 -4.42 -5.62 -24.02
CA ASN L 161 -5.84 -5.94 -24.04
C ASN L 161 -6.47 -5.76 -25.41
N SER L 162 -5.68 -5.85 -26.49
CA SER L 162 -6.19 -5.78 -27.85
C SER L 162 -5.57 -6.86 -28.74
N GLN L 163 -6.25 -7.14 -29.86
CA GLN L 163 -5.85 -8.18 -30.80
C GLN L 163 -6.14 -7.73 -32.23
N GLU L 164 -5.17 -7.96 -33.13
CA GLU L 164 -5.30 -7.56 -34.52
C GLU L 164 -5.50 -8.74 -35.46
N SER L 165 -6.31 -8.55 -36.49
CA SER L 165 -6.49 -9.54 -37.55
C SER L 165 -6.50 -8.81 -38.89
N VAL L 166 -5.81 -9.38 -39.88
CA VAL L 166 -5.64 -8.73 -41.17
C VAL L 166 -6.06 -9.68 -42.27
N THR L 167 -6.75 -9.16 -43.29
CA THR L 167 -7.11 -9.98 -44.43
C THR L 167 -5.89 -10.26 -45.29
N GLU L 168 -6.05 -11.19 -46.24
CA GLU L 168 -5.09 -11.31 -47.33
C GLU L 168 -5.18 -10.09 -48.25
N GLN L 169 -4.24 -10.01 -49.18
CA GLN L 169 -4.27 -8.94 -50.17
C GLN L 169 -5.39 -9.20 -51.18
N ASP L 170 -6.19 -8.17 -51.45
CA ASP L 170 -7.33 -8.28 -52.34
C ASP L 170 -6.87 -8.48 -53.78
N SER L 171 -7.55 -9.38 -54.50
CA SER L 171 -7.14 -9.70 -55.85
C SER L 171 -7.60 -8.68 -56.89
N LYS L 172 -8.44 -7.73 -56.50
CA LYS L 172 -8.91 -6.70 -57.42
C LYS L 172 -8.19 -5.36 -57.21
N ASP L 173 -8.10 -4.88 -55.97
CA ASP L 173 -7.47 -3.59 -55.71
C ASP L 173 -6.19 -3.69 -54.90
N SER L 174 -5.76 -4.90 -54.54
CA SER L 174 -4.46 -5.12 -53.89
C SER L 174 -4.33 -4.41 -52.53
N THR L 175 -5.44 -4.18 -51.84
CA THR L 175 -5.40 -3.53 -50.54
C THR L 175 -5.54 -4.55 -49.41
N TYR L 176 -5.26 -4.08 -48.20
CA TYR L 176 -5.48 -4.85 -46.99
C TYR L 176 -6.53 -4.16 -46.13
N SER L 177 -7.10 -4.94 -45.23
CA SER L 177 -7.99 -4.43 -44.19
C SER L 177 -7.57 -5.05 -42.86
N LEU L 178 -7.81 -4.32 -41.79
CA LEU L 178 -7.29 -4.70 -40.48
C LEU L 178 -8.35 -4.40 -39.45
N SER L 179 -8.51 -5.31 -38.49
CA SER L 179 -9.37 -5.10 -37.34
C SER L 179 -8.51 -5.18 -36.09
N SER L 180 -8.73 -4.23 -35.17
CA SER L 180 -8.08 -4.22 -33.88
C SER L 180 -9.18 -4.20 -32.83
N THR L 181 -9.26 -5.25 -32.02
CA THR L 181 -10.37 -5.40 -31.09
C THR L 181 -9.82 -5.26 -29.69
N LEU L 182 -10.32 -4.25 -28.99
CA LEU L 182 -10.05 -3.97 -27.59
C LEU L 182 -11.05 -4.70 -26.70
N THR L 183 -10.55 -5.56 -25.82
CA THR L 183 -11.37 -6.45 -25.02
C THR L 183 -11.32 -6.04 -23.55
N LEU L 184 -12.45 -5.56 -23.02
CA LEU L 184 -12.56 -5.13 -21.63
C LEU L 184 -13.77 -5.81 -21.01
N SER L 185 -13.82 -5.76 -19.68
CA SER L 185 -15.01 -6.06 -18.91
C SER L 185 -15.95 -4.87 -18.85
N LYS L 186 -17.20 -5.17 -18.50
CA LYS L 186 -18.20 -4.12 -18.36
C LYS L 186 -17.76 -3.10 -17.33
N ALA L 187 -17.14 -3.56 -16.24
CA ALA L 187 -16.69 -2.63 -15.21
C ALA L 187 -15.68 -1.64 -15.77
N ASP L 188 -14.56 -2.15 -16.28
CA ASP L 188 -13.54 -1.28 -16.86
C ASP L 188 -14.12 -0.40 -17.96
N TYR L 189 -15.03 -0.94 -18.77
CA TYR L 189 -15.63 -0.12 -19.81
C TYR L 189 -16.40 1.06 -19.22
N GLU L 190 -17.29 0.78 -18.26
CA GLU L 190 -18.07 1.85 -17.65
C GLU L 190 -17.26 2.76 -16.74
N LYS L 191 -16.01 2.39 -16.43
CA LYS L 191 -15.11 3.25 -15.67
C LYS L 191 -14.68 4.49 -16.44
N HIS L 192 -14.84 4.50 -17.76
CA HIS L 192 -14.22 5.52 -18.59
C HIS L 192 -15.23 6.09 -19.57
N LYS L 193 -14.81 7.15 -20.25
CA LYS L 193 -15.67 7.92 -21.13
C LYS L 193 -15.17 7.88 -22.57
N VAL L 194 -13.93 8.31 -22.82
CA VAL L 194 -13.40 8.47 -24.16
C VAL L 194 -12.69 7.19 -24.58
N TYR L 195 -13.10 6.62 -25.71
CA TYR L 195 -12.46 5.44 -26.29
C TYR L 195 -11.96 5.86 -27.66
N ALA L 196 -10.65 5.72 -27.90
CA ALA L 196 -10.04 6.24 -29.11
C ALA L 196 -9.12 5.21 -29.77
N CYS L 197 -9.23 5.13 -31.09
CA CYS L 197 -8.36 4.33 -31.94
C CYS L 197 -7.49 5.28 -32.76
N GLU L 198 -6.17 5.18 -32.59
CA GLU L 198 -5.21 6.03 -33.27
C GLU L 198 -4.45 5.18 -34.30
N VAL L 199 -4.44 5.65 -35.54
CA VAL L 199 -3.94 4.92 -36.70
C VAL L 199 -2.83 5.73 -37.35
N THR L 200 -1.66 5.12 -37.50
CA THR L 200 -0.54 5.71 -38.23
C THR L 200 -0.27 4.87 -39.48
N HIS L 201 -0.23 5.54 -40.64
CA HIS L 201 -0.08 4.91 -41.94
C HIS L 201 0.57 5.86 -42.95
N GLN L 202 1.28 5.26 -43.92
CA GLN L 202 1.97 6.06 -44.94
C GLN L 202 1.02 6.98 -45.70
N GLY L 203 -0.26 6.62 -45.76
CA GLY L 203 -1.26 7.39 -46.47
C GLY L 203 -1.82 8.56 -45.69
N LEU L 204 -1.52 8.63 -44.40
CA LEU L 204 -2.03 9.67 -43.51
C LEU L 204 -0.92 10.67 -43.21
N SER L 205 -1.23 11.95 -43.41
CA SER L 205 -0.27 13.02 -43.12
C SER L 205 0.14 13.02 -41.65
N SER L 206 -0.79 12.77 -40.77
CA SER L 206 -0.57 12.66 -39.33
C SER L 206 -1.50 11.58 -38.80
N PRO L 207 -1.19 11.00 -37.64
CA PRO L 207 -2.01 9.89 -37.16
C PRO L 207 -3.46 10.34 -37.07
N VAL L 208 -4.35 9.49 -37.57
CA VAL L 208 -5.79 9.72 -37.50
C VAL L 208 -6.33 9.13 -36.20
N THR L 209 -7.27 9.84 -35.58
CA THR L 209 -7.91 9.37 -34.37
C THR L 209 -9.42 9.31 -34.56
N LYS L 210 -10.01 8.17 -34.23
CA LYS L 210 -11.46 8.00 -34.23
C LYS L 210 -11.88 7.60 -32.82
N SER L 211 -12.76 8.38 -32.23
CA SER L 211 -13.08 8.20 -30.82
C SER L 211 -14.57 8.38 -30.61
N PHE L 212 -15.02 7.94 -29.43
CA PHE L 212 -16.39 8.15 -29.00
C PHE L 212 -16.41 8.28 -27.48
N ASN L 213 -17.49 8.86 -26.97
CA ASN L 213 -17.71 8.92 -25.53
C ASN L 213 -18.70 7.83 -25.20
N ARG L 214 -18.35 6.99 -24.23
CA ARG L 214 -19.20 5.86 -23.88
C ARG L 214 -20.59 6.39 -23.49
N GLY L 215 -21.61 5.91 -24.19
CA GLY L 215 -22.97 6.27 -23.83
C GLY L 215 -23.39 7.59 -24.45
N GLN M 1 11.64 7.88 -24.67
CA GLN M 1 12.49 8.91 -25.34
C GLN M 1 13.21 8.26 -26.51
N SER M 2 12.54 8.25 -27.66
CA SER M 2 13.11 7.68 -28.87
C SER M 2 12.54 8.40 -30.08
N VAL M 3 13.27 8.30 -31.19
CA VAL M 3 12.92 8.97 -32.44
C VAL M 3 13.06 7.99 -33.58
N GLU M 4 12.19 8.12 -34.58
CA GLU M 4 12.19 7.26 -35.75
C GLU M 4 11.66 8.04 -36.94
N GLU M 5 12.39 7.99 -38.06
CA GLU M 5 11.91 8.62 -39.28
C GLU M 5 11.15 7.58 -40.11
N SER M 6 10.25 8.10 -40.96
CA SER M 6 9.47 7.26 -41.86
C SER M 6 9.05 8.07 -43.08
N GLY M 7 8.67 7.35 -44.13
CA GLY M 7 8.29 7.93 -45.40
C GLY M 7 9.42 7.96 -46.40
N GLY M 8 10.55 7.37 -46.05
CA GLY M 8 11.69 7.29 -46.95
C GLY M 8 11.52 6.17 -47.96
N GLY M 9 12.47 6.10 -48.89
CA GLY M 9 12.44 5.11 -49.93
C GLY M 9 12.80 5.64 -51.30
N LEU M 10 12.27 5.01 -52.34
CA LEU M 10 12.60 5.38 -53.70
C LEU M 10 11.53 6.37 -54.15
N VAL M 11 11.96 7.46 -54.78
CA VAL M 11 11.05 8.48 -55.26
C VAL M 11 11.50 8.95 -56.64
N THR M 12 10.52 9.33 -57.45
CA THR M 12 10.78 9.78 -58.80
C THR M 12 11.23 11.25 -58.79
N PRO M 13 12.23 11.61 -59.59
CA PRO M 13 12.67 13.03 -59.63
C PRO M 13 11.53 13.99 -59.95
N GLY M 14 11.37 15.00 -59.10
CA GLY M 14 10.31 15.97 -59.25
C GLY M 14 9.07 15.70 -58.45
N THR M 15 8.94 14.52 -57.85
CA THR M 15 7.78 14.20 -57.04
C THR M 15 8.00 14.68 -55.61
N PRO M 16 7.20 15.61 -55.09
CA PRO M 16 7.38 16.07 -53.71
C PRO M 16 7.47 14.87 -52.78
N LEU M 17 8.25 14.99 -51.71
CA LEU M 17 8.40 13.84 -50.81
C LEU M 17 8.40 14.33 -49.38
N THR M 18 7.50 13.77 -48.58
CA THR M 18 7.33 14.20 -47.20
C THR M 18 7.78 13.06 -46.29
N LEU M 19 8.75 13.36 -45.44
CA LEU M 19 9.23 12.49 -44.39
C LEU M 19 8.58 12.89 -43.08
N THR M 20 8.36 11.92 -42.22
CA THR M 20 7.73 12.11 -40.93
C THR M 20 8.67 11.62 -39.83
N CYS M 21 8.78 12.41 -38.78
CA CYS M 21 9.61 12.10 -37.64
C CYS M 21 8.68 11.88 -36.46
N THR M 22 8.75 10.70 -35.88
CA THR M 22 7.89 10.33 -34.78
C THR M 22 8.74 10.13 -33.53
N VAL M 23 8.33 10.81 -32.47
CA VAL M 23 9.00 10.81 -31.19
C VAL M 23 8.11 10.11 -30.17
N SER M 24 8.74 9.61 -29.12
CA SER M 24 8.02 9.00 -28.01
C SER M 24 8.74 9.42 -26.75
N GLY M 25 7.98 9.96 -25.79
CA GLY M 25 8.58 10.49 -24.58
C GLY M 25 9.31 11.81 -24.77
N ILE M 26 9.02 12.53 -25.85
CA ILE M 26 9.61 13.84 -26.09
C ILE M 26 8.52 14.88 -26.31
N ASP M 27 8.65 16.01 -25.62
CA ASP M 27 7.67 17.09 -25.54
C ASP M 27 8.05 18.14 -26.57
N LEU M 28 7.32 18.17 -27.69
CA LEU M 28 7.63 19.11 -28.75
C LEU M 28 7.16 20.52 -28.44
N SER M 29 6.42 20.70 -27.35
CA SER M 29 6.10 22.02 -26.83
C SER M 29 7.23 22.59 -26.00
N ARG M 30 8.30 21.81 -25.74
CA ARG M 30 9.42 22.25 -24.93
C ARG M 30 10.81 21.96 -25.48
N TYR M 31 10.94 21.22 -26.57
CA TYR M 31 12.24 20.88 -27.12
C TYR M 31 12.17 20.96 -28.64
N ALA M 32 13.31 21.25 -29.25
CA ALA M 32 13.33 21.46 -30.69
C ALA M 32 13.69 20.14 -31.35
N MET M 33 13.28 19.98 -32.60
CA MET M 33 13.65 18.83 -33.38
C MET M 33 14.44 19.30 -34.58
N SER M 34 15.46 18.54 -34.97
CA SER M 34 16.31 18.93 -36.09
C SER M 34 16.21 17.90 -37.20
N TRP M 35 16.36 18.39 -38.43
CA TRP M 35 16.49 17.57 -39.62
C TRP M 35 17.89 17.71 -40.21
N VAL M 36 18.54 16.56 -40.39
CA VAL M 36 19.90 16.41 -40.89
C VAL M 36 19.85 15.41 -42.04
N ARG M 37 20.85 15.46 -42.92
CA ARG M 37 20.97 14.46 -43.97
C ARG M 37 22.44 14.15 -44.20
N GLN M 38 22.68 13.09 -44.97
CA GLN M 38 24.03 12.59 -45.17
C GLN M 38 24.04 11.81 -46.49
N ALA M 39 24.66 12.39 -47.52
CA ALA M 39 24.82 11.68 -48.78
C ALA M 39 25.79 10.51 -48.60
N PRO M 40 25.68 9.47 -49.44
CA PRO M 40 26.55 8.31 -49.26
C PRO M 40 28.03 8.70 -49.29
N GLY M 41 28.74 8.34 -48.23
CA GLY M 41 30.17 8.58 -48.17
C GLY M 41 30.56 10.01 -47.94
N LYS M 42 29.61 10.89 -47.63
CA LYS M 42 29.86 12.30 -47.45
C LYS M 42 29.48 12.70 -46.03
N GLY M 43 29.58 13.99 -45.74
CA GLY M 43 29.39 14.45 -44.39
C GLY M 43 27.96 14.77 -44.03
N LEU M 44 27.75 14.99 -42.74
CA LEU M 44 26.45 15.38 -42.22
C LEU M 44 26.14 16.80 -42.66
N GLU M 45 24.88 17.08 -42.95
CA GLU M 45 24.47 18.39 -43.42
C GLU M 45 23.23 18.79 -42.63
N TRP M 46 23.29 19.94 -41.98
CA TRP M 46 22.17 20.41 -41.17
C TRP M 46 21.15 21.03 -42.11
N ILE M 47 19.92 20.51 -42.08
CA ILE M 47 18.85 21.03 -42.93
C ILE M 47 18.03 22.06 -42.19
N GLY M 48 17.50 21.71 -41.03
CA GLY M 48 16.62 22.68 -40.42
C GLY M 48 16.19 22.25 -39.04
N ILE M 49 15.32 23.07 -38.45
CA ILE M 49 14.90 22.85 -37.07
C ILE M 49 13.53 23.46 -36.82
N PHE M 50 12.75 22.71 -36.06
CA PHE M 50 11.53 23.18 -35.43
C PHE M 50 11.88 23.53 -34.00
N GLY M 51 11.80 24.81 -33.69
CA GLY M 51 12.26 25.31 -32.43
C GLY M 51 11.28 25.09 -31.31
N SER M 52 11.77 25.35 -30.11
CA SER M 52 11.00 25.16 -28.89
C SER M 52 9.82 26.11 -28.82
N LEU M 53 9.89 27.24 -29.52
CA LEU M 53 8.85 28.26 -29.47
C LEU M 53 8.07 28.36 -30.78
N GLY M 54 8.15 27.35 -31.63
CA GLY M 54 7.42 27.31 -32.86
C GLY M 54 8.16 27.98 -34.00
N GLY M 55 9.38 28.45 -33.75
CA GLY M 55 10.22 28.96 -34.80
C GLY M 55 10.75 27.86 -35.69
N ILE M 56 10.77 28.14 -36.99
CA ILE M 56 11.26 27.19 -38.00
C ILE M 56 12.41 27.85 -38.73
N PHE M 57 13.58 27.22 -38.68
CA PHE M 57 14.78 27.78 -39.28
C PHE M 57 15.45 26.75 -40.18
N TYR M 58 15.94 27.22 -41.33
CA TYR M 58 16.56 26.36 -42.32
C TYR M 58 17.95 26.89 -42.65
N ALA M 59 18.84 25.98 -43.05
CA ALA M 59 20.09 26.40 -43.65
C ALA M 59 19.81 27.25 -44.87
N SER M 60 20.75 28.14 -45.20
CA SER M 60 20.55 29.02 -46.36
C SER M 60 20.29 28.20 -47.61
N TRP M 61 20.99 27.07 -47.77
CA TRP M 61 20.83 26.28 -48.98
C TRP M 61 19.58 25.42 -48.94
N ALA M 62 18.93 25.28 -47.79
CA ALA M 62 17.80 24.39 -47.67
C ALA M 62 16.48 25.14 -47.69
N LYS M 63 16.51 26.47 -47.64
CA LYS M 63 15.29 27.26 -47.62
C LYS M 63 14.61 27.19 -48.99
N GLY M 64 13.32 26.87 -49.00
CA GLY M 64 12.66 26.64 -50.26
C GLY M 64 12.73 25.18 -50.66
N ARG M 65 13.91 24.58 -50.49
CA ARG M 65 14.11 23.20 -50.89
C ARG M 65 13.45 22.22 -49.93
N PHE M 66 13.16 22.66 -48.71
CA PHE M 66 12.57 21.83 -47.69
C PHE M 66 11.53 22.64 -46.95
N THR M 67 10.50 21.96 -46.44
CA THR M 67 9.53 22.58 -45.55
C THR M 67 9.39 21.72 -44.30
N ILE M 68 9.64 22.34 -43.14
CA ILE M 68 9.50 21.71 -41.83
C ILE M 68 8.23 22.21 -41.14
N SER M 69 7.51 21.28 -40.51
CA SER M 69 6.27 21.58 -39.82
C SER M 69 6.08 20.61 -38.65
N LYS M 70 5.27 21.03 -37.68
CA LYS M 70 4.85 20.13 -36.61
C LYS M 70 3.46 19.64 -37.00
N THR M 71 3.34 18.34 -37.21
CA THR M 71 2.06 17.83 -37.65
C THR M 71 1.22 17.25 -36.52
N SER M 72 1.84 16.84 -35.42
CA SER M 72 1.08 16.35 -34.28
C SER M 72 1.98 16.37 -33.05
N PRO M 73 1.41 16.29 -31.84
CA PRO M 73 2.23 16.31 -30.63
C PRO M 73 3.38 15.31 -30.69
N THR M 74 3.34 14.34 -31.61
CA THR M 74 4.39 13.33 -31.71
C THR M 74 4.99 13.26 -33.11
N THR M 75 4.63 14.15 -34.03
CA THR M 75 5.14 14.09 -35.38
C THR M 75 5.57 15.47 -35.89
N VAL M 76 6.70 15.48 -36.61
CA VAL M 76 7.25 16.66 -37.28
C VAL M 76 7.59 16.25 -38.71
N ASP M 77 7.26 17.09 -39.68
CA ASP M 77 7.45 16.73 -41.08
C ASP M 77 8.62 17.45 -41.72
N LEU M 78 9.19 16.81 -42.75
CA LEU M 78 10.17 17.40 -43.64
C LEU M 78 9.73 17.13 -45.08
N LYS M 79 9.25 18.15 -45.76
CA LYS M 79 8.78 18.01 -47.14
C LYS M 79 9.90 18.51 -48.05
N ILE M 80 10.43 17.61 -48.86
CA ILE M 80 11.40 17.97 -49.89
C ILE M 80 10.70 18.41 -51.17
N THR M 81 10.88 19.71 -51.47
CA THR M 81 10.18 20.42 -52.54
C THR M 81 10.81 19.94 -53.85
N SER M 82 10.09 19.19 -54.63
CA SER M 82 10.61 18.68 -55.90
C SER M 82 12.00 18.03 -55.82
N PRO M 83 12.06 16.74 -55.47
CA PRO M 83 13.35 16.06 -55.26
C PRO M 83 14.19 16.00 -56.53
N THR M 84 15.51 16.09 -56.35
CA THR M 84 16.44 15.91 -57.46
C THR M 84 17.45 14.85 -57.08
N THR M 85 18.28 14.45 -58.06
CA THR M 85 19.25 13.39 -57.82
C THR M 85 20.16 13.76 -56.66
N GLU M 86 20.56 15.04 -56.57
CA GLU M 86 21.46 15.44 -55.50
C GLU M 86 20.81 15.40 -54.13
N ASP M 87 19.50 15.18 -54.06
CA ASP M 87 18.81 15.05 -52.78
C ASP M 87 18.82 13.62 -52.27
N THR M 88 19.45 12.70 -52.98
CA THR M 88 19.56 11.33 -52.52
C THR M 88 20.49 11.29 -51.31
N ALA M 89 19.99 10.77 -50.19
CA ALA M 89 20.77 10.80 -48.97
C ALA M 89 19.99 10.08 -47.88
N THR M 90 20.70 9.71 -46.82
CA THR M 90 20.06 9.26 -45.59
C THR M 90 19.60 10.48 -44.79
N TYR M 91 18.34 10.47 -44.38
CA TYR M 91 17.75 11.58 -43.65
C TYR M 91 17.53 11.20 -42.20
N PHE M 92 18.07 12.02 -41.31
CA PHE M 92 17.97 11.85 -39.87
C PHE M 92 17.07 12.90 -39.25
N CYS M 93 16.26 12.47 -38.30
CA CYS M 93 15.56 13.33 -37.36
C CYS M 93 16.21 13.18 -36.00
N ALA M 94 16.50 14.29 -35.32
CA ALA M 94 17.28 14.20 -34.11
C ALA M 94 16.83 15.22 -33.07
N ARG M 95 16.78 14.75 -31.82
CA ARG M 95 16.70 15.60 -30.64
C ARG M 95 18.15 15.82 -30.25
N MET M 96 18.79 16.85 -30.80
CA MET M 96 20.26 16.99 -30.69
C MET M 96 20.61 18.23 -29.89
N PRO M 97 20.47 18.17 -28.57
CA PRO M 97 20.83 19.31 -27.72
C PRO M 97 22.33 19.54 -27.73
N TYR M 98 22.71 20.81 -27.71
CA TYR M 98 24.10 21.22 -27.62
C TYR M 98 24.58 21.33 -26.18
N THR M 99 23.67 21.43 -25.21
CA THR M 99 24.02 21.64 -23.80
C THR M 99 23.44 20.57 -22.88
N THR M 100 23.00 19.42 -23.42
CA THR M 100 22.63 18.28 -22.57
C THR M 100 23.08 16.98 -23.22
N ASP M 101 22.95 15.88 -22.45
CA ASP M 101 23.29 14.56 -22.97
C ASP M 101 22.05 13.73 -23.23
N ARG M 102 20.89 14.37 -23.36
CA ARG M 102 19.66 13.68 -23.74
C ARG M 102 19.54 13.73 -25.26
N ASP M 103 20.41 12.98 -25.89
CA ASP M 103 20.69 13.12 -27.32
C ASP M 103 20.19 11.85 -27.99
N PHE M 104 19.19 12.00 -28.84
CA PHE M 104 18.52 10.87 -29.47
C PHE M 104 18.39 11.14 -30.96
N TRP M 105 18.94 10.25 -31.76
CA TRP M 105 18.88 10.31 -33.20
C TRP M 105 18.08 9.12 -33.68
N GLY M 106 17.28 9.31 -34.72
CA GLY M 106 16.64 8.18 -35.36
C GLY M 106 17.67 7.42 -36.16
N PRO M 107 17.32 6.21 -36.61
CA PRO M 107 18.29 5.44 -37.39
C PRO M 107 18.50 6.02 -38.76
N GLY M 108 17.61 6.90 -39.21
CA GLY M 108 17.75 7.46 -40.53
C GLY M 108 16.97 6.65 -41.54
N THR M 109 16.48 7.33 -42.56
CA THR M 109 15.74 6.68 -43.63
C THR M 109 16.33 7.17 -44.93
N LEU M 110 16.68 6.22 -45.80
CA LEU M 110 17.34 6.54 -47.05
C LEU M 110 16.32 6.97 -48.08
N VAL M 111 16.56 8.11 -48.70
CA VAL M 111 15.76 8.60 -49.81
C VAL M 111 16.64 8.50 -51.04
N THR M 112 16.18 7.74 -52.01
CA THR M 112 16.84 7.55 -53.29
C THR M 112 15.98 8.23 -54.34
N VAL M 113 16.56 9.16 -55.07
CA VAL M 113 15.86 9.88 -56.12
C VAL M 113 16.32 9.29 -57.44
N SER M 114 15.43 8.52 -58.08
CA SER M 114 15.78 7.86 -59.32
C SER M 114 14.50 7.37 -59.98
N SER M 115 14.58 7.21 -61.30
CA SER M 115 13.50 6.71 -62.12
C SER M 115 13.54 5.20 -62.27
N ALA M 116 14.65 4.57 -61.87
CA ALA M 116 14.77 3.13 -61.94
C ALA M 116 13.72 2.45 -61.07
N SER M 117 13.44 1.20 -61.40
CA SER M 117 12.46 0.39 -60.68
C SER M 117 13.12 -0.41 -59.56
N THR M 118 12.31 -0.80 -58.58
CA THR M 118 12.83 -1.59 -57.49
C THR M 118 13.01 -3.01 -58.03
N LYS M 119 14.06 -3.68 -57.59
CA LYS M 119 14.32 -5.03 -58.04
C LYS M 119 14.84 -5.86 -56.88
N GLY M 120 14.19 -7.00 -56.61
CA GLY M 120 14.67 -7.86 -55.58
C GLY M 120 15.97 -8.46 -56.06
N PRO M 121 16.86 -8.81 -55.13
CA PRO M 121 18.17 -9.33 -55.53
C PRO M 121 18.11 -10.78 -56.00
N SER M 122 19.12 -11.16 -56.75
CA SER M 122 19.40 -12.58 -56.92
C SER M 122 20.51 -12.95 -55.96
N VAL M 123 20.35 -14.08 -55.29
CA VAL M 123 21.31 -14.53 -54.29
C VAL M 123 21.94 -15.82 -54.78
N PHE M 124 23.26 -15.81 -54.95
CA PHE M 124 24.01 -16.96 -55.41
C PHE M 124 25.01 -17.38 -54.34
N PRO M 125 25.30 -18.68 -54.22
CA PRO M 125 26.21 -19.09 -53.15
C PRO M 125 27.66 -19.05 -53.60
N LEU M 126 28.50 -18.51 -52.72
CA LEU M 126 29.95 -18.54 -52.87
C LEU M 126 30.47 -19.68 -52.00
N ALA M 127 30.59 -20.81 -52.59
CA ALA M 127 30.86 -22.03 -51.87
C ALA M 127 32.35 -22.22 -51.64
N PRO M 128 32.75 -22.95 -50.57
CA PRO M 128 34.17 -23.22 -50.33
C PRO M 128 34.68 -24.44 -51.11
N GLY M 136 43.59 -24.15 -42.30
CA GLY M 136 42.82 -24.23 -41.07
C GLY M 136 41.51 -23.46 -41.15
N THR M 137 41.46 -22.54 -42.10
CA THR M 137 40.32 -21.64 -42.32
C THR M 137 39.80 -21.77 -43.74
N ALA M 138 38.48 -21.77 -43.85
CA ALA M 138 37.77 -21.83 -45.12
C ALA M 138 36.86 -20.62 -45.18
N ALA M 139 36.54 -20.18 -46.39
CA ALA M 139 35.68 -19.03 -46.58
C ALA M 139 34.50 -19.36 -47.48
N LEU M 140 33.38 -18.71 -47.17
CA LEU M 140 32.18 -18.87 -47.98
C LEU M 140 31.39 -17.57 -47.93
N GLY M 141 30.37 -17.48 -48.77
CA GLY M 141 29.62 -16.24 -48.81
C GLY M 141 28.37 -16.35 -49.67
N CYS M 142 27.81 -15.18 -49.94
CA CYS M 142 26.57 -15.04 -50.70
C CYS M 142 26.75 -13.80 -51.56
N LEU M 143 26.57 -13.99 -52.87
CA LEU M 143 26.57 -12.89 -53.82
C LEU M 143 25.14 -12.40 -54.00
N VAL M 144 24.90 -11.17 -53.58
CA VAL M 144 23.59 -10.54 -53.65
C VAL M 144 23.67 -9.54 -54.81
N LYS M 145 23.20 -9.98 -55.97
CA LYS M 145 23.51 -9.36 -57.24
C LYS M 145 22.25 -8.73 -57.83
N ASP M 146 22.41 -7.54 -58.39
CA ASP M 146 21.40 -6.88 -59.22
C ASP M 146 20.11 -6.63 -58.44
N TYR M 147 20.16 -5.63 -57.57
CA TYR M 147 18.97 -5.21 -56.85
C TYR M 147 18.93 -3.69 -56.85
N PHE M 148 17.76 -3.14 -56.56
CA PHE M 148 17.65 -1.69 -56.50
C PHE M 148 16.35 -1.36 -55.79
N PRO M 149 16.31 -0.33 -54.92
CA PRO M 149 17.44 0.48 -54.46
C PRO M 149 18.15 -0.19 -53.29
N GLU M 150 19.09 0.51 -52.68
CA GLU M 150 19.61 0.06 -51.41
C GLU M 150 18.57 0.30 -50.31
N PRO M 151 18.70 -0.39 -49.17
CA PRO M 151 19.73 -1.39 -48.87
C PRO M 151 19.16 -2.79 -48.78
N VAL M 152 20.06 -3.75 -48.60
CA VAL M 152 19.70 -5.11 -48.20
C VAL M 152 20.36 -5.39 -46.85
N THR M 153 19.82 -6.38 -46.16
CA THR M 153 20.42 -6.88 -44.92
C THR M 153 20.75 -8.36 -45.09
N VAL M 154 21.90 -8.76 -44.57
CA VAL M 154 22.37 -10.13 -44.66
C VAL M 154 22.74 -10.59 -43.26
N SER M 155 22.17 -11.71 -42.84
CA SER M 155 22.59 -12.38 -41.62
C SER M 155 23.06 -13.78 -42.01
N TRP M 156 23.62 -14.50 -41.05
CA TRP M 156 24.11 -15.85 -41.29
C TRP M 156 23.59 -16.76 -40.20
N ASN M 157 22.91 -17.84 -40.61
CA ASN M 157 22.30 -18.76 -39.67
C ASN M 157 21.40 -18.00 -38.69
N SER M 158 20.61 -17.09 -39.26
CA SER M 158 19.63 -16.31 -38.52
C SER M 158 20.25 -15.56 -37.35
N GLY M 159 21.44 -15.00 -37.57
CA GLY M 159 22.10 -14.22 -36.56
C GLY M 159 23.03 -14.98 -35.64
N ALA M 160 22.94 -16.33 -35.62
CA ALA M 160 23.82 -17.08 -34.74
C ALA M 160 25.27 -16.96 -35.17
N LEU M 161 25.52 -16.74 -36.46
CA LEU M 161 26.87 -16.60 -36.99
C LEU M 161 27.17 -15.12 -37.22
N THR M 162 28.15 -14.60 -36.48
CA THR M 162 28.49 -13.18 -36.52
C THR M 162 29.99 -12.94 -36.56
N SER M 163 30.81 -13.87 -36.06
CA SER M 163 32.24 -13.68 -35.98
C SER M 163 32.89 -13.99 -37.32
N GLY M 164 33.76 -13.09 -37.79
CA GLY M 164 34.44 -13.25 -39.05
C GLY M 164 33.60 -12.97 -40.26
N VAL M 165 32.42 -12.39 -40.08
CA VAL M 165 31.54 -12.00 -41.18
C VAL M 165 31.96 -10.65 -41.73
N HIS M 166 32.03 -10.53 -43.06
CA HIS M 166 32.29 -9.28 -43.73
C HIS M 166 31.24 -9.10 -44.82
N THR M 167 30.36 -8.12 -44.61
CA THR M 167 29.33 -7.76 -45.57
C THR M 167 29.77 -6.46 -46.22
N PHE M 168 30.19 -6.53 -47.49
CA PHE M 168 30.77 -5.36 -48.15
C PHE M 168 29.70 -4.34 -48.54
N PRO M 169 30.06 -3.05 -48.57
CA PRO M 169 29.09 -2.05 -49.03
C PRO M 169 28.74 -2.30 -50.48
N ALA M 170 27.55 -1.87 -50.88
CA ALA M 170 27.15 -2.13 -52.25
C ALA M 170 27.91 -1.23 -53.22
N VAL M 171 28.17 -1.76 -54.41
CA VAL M 171 28.76 -1.02 -55.50
C VAL M 171 27.73 -0.95 -56.62
N LEU M 172 27.50 0.25 -57.13
CA LEU M 172 26.59 0.41 -58.26
C LEU M 172 27.26 -0.08 -59.55
N GLN M 173 26.60 -1.02 -60.22
CA GLN M 173 27.08 -1.64 -61.44
C GLN M 173 26.78 -0.76 -62.65
N SER M 174 27.49 -1.06 -63.76
CA SER M 174 27.26 -0.33 -64.99
C SER M 174 25.84 -0.48 -65.52
N SER M 175 25.10 -1.49 -65.05
CA SER M 175 23.71 -1.65 -65.43
C SER M 175 22.78 -0.74 -64.62
N GLY M 176 23.31 -0.01 -63.65
CA GLY M 176 22.52 0.81 -62.77
C GLY M 176 21.96 0.09 -61.55
N LEU M 177 22.29 -1.18 -61.39
CA LEU M 177 21.90 -1.99 -60.24
C LEU M 177 23.07 -2.16 -59.28
N TYR M 178 22.76 -2.59 -58.07
CA TYR M 178 23.76 -2.76 -57.02
C TYR M 178 24.10 -4.23 -56.88
N SER M 179 25.35 -4.48 -56.49
CA SER M 179 25.79 -5.82 -56.19
C SER M 179 26.59 -5.74 -54.90
N LEU M 180 26.49 -6.82 -54.13
CA LEU M 180 27.04 -6.86 -52.79
C LEU M 180 27.42 -8.30 -52.55
N SER M 181 28.40 -8.51 -51.68
CA SER M 181 28.78 -9.84 -51.26
C SER M 181 28.89 -9.86 -49.75
N SER M 182 28.60 -11.02 -49.17
CA SER M 182 28.75 -11.21 -47.74
C SER M 182 29.50 -12.50 -47.53
N VAL M 183 30.64 -12.42 -46.86
CA VAL M 183 31.52 -13.55 -46.70
C VAL M 183 31.68 -13.81 -45.21
N VAL M 184 32.17 -15.00 -44.90
CA VAL M 184 32.49 -15.41 -43.55
C VAL M 184 33.62 -16.41 -43.63
N THR M 185 34.47 -16.38 -42.61
CA THR M 185 35.54 -17.35 -42.46
C THR M 185 35.10 -18.28 -41.35
N VAL M 186 35.32 -19.57 -41.57
CA VAL M 186 34.88 -20.61 -40.64
C VAL M 186 35.97 -21.67 -40.58
N PRO M 187 36.02 -22.42 -39.47
CA PRO M 187 36.97 -23.53 -39.41
C PRO M 187 36.77 -24.54 -40.53
N SER M 188 37.89 -25.03 -41.07
CA SER M 188 37.84 -25.97 -42.18
C SER M 188 37.21 -27.29 -41.78
N SER M 189 37.35 -27.68 -40.50
CA SER M 189 36.80 -28.93 -40.00
C SER M 189 35.27 -28.96 -40.01
N SER M 190 34.62 -27.80 -39.92
CA SER M 190 33.17 -27.68 -39.77
C SER M 190 32.39 -27.86 -41.07
N LEU M 191 33.05 -28.01 -42.22
CA LEU M 191 32.32 -27.96 -43.49
C LEU M 191 31.37 -29.14 -43.66
N GLY M 192 31.81 -30.37 -43.39
CA GLY M 192 30.83 -31.43 -43.55
C GLY M 192 29.86 -31.54 -42.41
N THR M 193 30.15 -30.89 -41.28
CA THR M 193 29.40 -31.04 -40.03
C THR M 193 28.27 -30.03 -39.89
N GLN M 194 28.41 -28.82 -40.42
CA GLN M 194 27.42 -27.77 -40.18
C GLN M 194 26.92 -27.14 -41.47
N THR M 195 25.67 -26.68 -41.40
CA THR M 195 25.03 -25.90 -42.44
C THR M 195 25.41 -24.43 -42.34
N TYR M 196 25.55 -23.79 -43.51
CA TYR M 196 25.85 -22.37 -43.58
C TYR M 196 24.78 -21.74 -44.47
N ILE M 197 23.99 -20.83 -43.90
CA ILE M 197 22.85 -20.25 -44.60
C ILE M 197 22.89 -18.74 -44.44
N CYS M 198 22.75 -18.03 -45.54
CA CYS M 198 22.68 -16.57 -45.52
C CYS M 198 21.23 -16.12 -45.69
N ASN M 199 20.81 -15.21 -44.83
CA ASN M 199 19.44 -14.70 -44.76
C ASN M 199 19.47 -13.27 -45.28
N VAL M 200 18.97 -13.09 -46.49
CA VAL M 200 18.90 -11.81 -47.18
C VAL M 200 17.49 -11.25 -47.06
N ASN M 201 17.41 -9.96 -46.72
CA ASN M 201 16.16 -9.22 -46.69
C ASN M 201 16.35 -7.93 -47.44
N HIS M 202 15.50 -7.68 -48.43
CA HIS M 202 15.51 -6.44 -49.20
C HIS M 202 14.13 -5.83 -49.03
N LYS M 203 14.02 -4.86 -48.14
CA LYS M 203 12.71 -4.34 -47.77
C LYS M 203 12.12 -3.51 -48.90
N PRO M 204 12.89 -2.74 -49.67
CA PRO M 204 12.26 -1.99 -50.75
C PRO M 204 11.44 -2.88 -51.67
N SER M 205 11.88 -4.13 -51.89
CA SER M 205 11.07 -5.09 -52.64
C SER M 205 10.31 -6.05 -51.73
N ASN M 206 10.44 -5.93 -50.41
CA ASN M 206 9.78 -6.86 -49.48
C ASN M 206 10.15 -8.29 -49.86
N THR M 207 11.41 -8.46 -50.22
CA THR M 207 12.02 -9.74 -50.57
C THR M 207 12.76 -10.35 -49.38
N LYS M 208 12.56 -11.64 -49.17
CA LYS M 208 13.30 -12.40 -48.17
C LYS M 208 13.72 -13.72 -48.77
N VAL M 209 15.04 -13.90 -48.85
CA VAL M 209 15.66 -15.05 -49.52
C VAL M 209 16.61 -15.70 -48.52
N ASP M 210 16.51 -17.01 -48.39
CA ASP M 210 17.46 -17.80 -47.62
C ASP M 210 18.22 -18.73 -48.55
N LYS M 211 19.55 -18.64 -48.52
CA LYS M 211 20.38 -19.34 -49.48
C LYS M 211 21.30 -20.24 -48.68
N LYS M 212 21.25 -21.53 -49.02
CA LYS M 212 22.10 -22.53 -48.42
C LYS M 212 23.40 -22.56 -49.19
N VAL M 213 24.51 -22.37 -48.48
CA VAL M 213 25.83 -22.40 -49.08
C VAL M 213 26.48 -23.67 -48.60
N GLU M 214 26.89 -24.52 -49.54
CA GLU M 214 27.48 -25.79 -49.19
C GLU M 214 28.51 -26.17 -50.24
N PRO M 215 29.54 -26.94 -49.87
CA PRO M 215 30.54 -27.44 -50.83
C PRO M 215 29.95 -28.44 -51.81
N ILE N 2 26.68 30.36 -42.62
CA ILE N 2 27.49 29.85 -41.51
C ILE N 2 28.36 28.66 -41.91
N VAL N 3 29.64 28.75 -41.55
CA VAL N 3 30.63 27.75 -41.90
C VAL N 3 31.37 27.30 -40.66
N MET N 4 31.58 25.99 -40.55
CA MET N 4 32.39 25.36 -39.52
C MET N 4 33.47 24.55 -40.23
N THR N 5 34.71 25.04 -40.17
CA THR N 5 35.82 24.41 -40.88
C THR N 5 36.53 23.43 -39.96
N GLN N 6 36.43 22.14 -40.27
CA GLN N 6 36.98 21.09 -39.44
C GLN N 6 38.21 20.51 -40.13
N THR N 7 39.32 20.46 -39.41
CA THR N 7 40.60 19.95 -39.88
C THR N 7 41.22 19.04 -38.82
N PRO N 8 41.98 18.01 -39.23
CA PRO N 8 42.28 17.58 -40.60
C PRO N 8 41.15 16.78 -41.26
N SER N 9 41.12 16.69 -42.59
CA SER N 9 40.12 15.87 -43.24
C SER N 9 40.26 14.40 -42.87
N SER N 10 41.49 13.95 -42.72
CA SER N 10 41.76 12.58 -42.32
C SER N 10 43.16 12.50 -41.74
N THR N 11 43.36 11.50 -40.88
CA THR N 11 44.65 11.31 -40.24
C THR N 11 44.70 9.88 -39.75
N SER N 12 45.89 9.47 -39.32
CA SER N 12 46.11 8.12 -38.84
C SER N 12 47.01 8.25 -37.61
N ALA N 13 46.83 7.32 -36.69
CA ALA N 13 47.62 7.28 -35.47
C ALA N 13 47.47 5.89 -34.90
N ALA N 14 48.46 5.48 -34.12
CA ALA N 14 48.46 4.13 -33.58
C ALA N 14 47.69 4.05 -32.27
N VAL N 15 47.39 2.81 -31.90
CA VAL N 15 46.74 2.54 -30.62
C VAL N 15 47.62 3.10 -29.52
N GLY N 16 47.00 3.79 -28.57
CA GLY N 16 47.74 4.42 -27.49
C GLY N 16 48.24 5.81 -27.81
N GLY N 17 48.18 6.21 -29.08
CA GLY N 17 48.61 7.54 -29.51
C GLY N 17 47.60 8.61 -29.16
N THR N 18 47.75 9.76 -29.83
CA THR N 18 46.94 10.94 -29.57
C THR N 18 46.60 11.63 -30.88
N VAL N 19 45.34 12.04 -31.02
CA VAL N 19 44.91 12.82 -32.18
C VAL N 19 44.25 14.10 -31.70
N THR N 20 44.42 15.17 -32.48
CA THR N 20 43.91 16.49 -32.14
C THR N 20 43.13 17.00 -33.34
N ILE N 21 41.86 17.33 -33.14
CA ILE N 21 40.95 17.78 -34.19
C ILE N 21 40.48 19.20 -33.89
N THR N 22 40.54 20.07 -34.90
CA THR N 22 40.21 21.47 -34.75
C THR N 22 38.98 21.82 -35.58
N CYS N 23 38.08 22.62 -35.00
CA CYS N 23 36.88 23.11 -35.65
C CYS N 23 36.89 24.62 -35.51
N GLN N 24 36.76 25.33 -36.63
CA GLN N 24 36.86 26.79 -36.67
C GLN N 24 35.57 27.36 -37.22
N ALA N 25 34.79 28.01 -36.36
CA ALA N 25 33.52 28.59 -36.78
C ALA N 25 33.69 30.01 -37.28
N SER N 26 32.82 30.38 -38.24
CA SER N 26 32.85 31.71 -38.84
C SER N 26 32.31 32.79 -37.92
N GLN N 27 31.56 32.42 -36.88
CA GLN N 27 31.11 33.37 -35.87
C GLN N 27 30.95 32.62 -34.56
N SER N 28 30.84 33.39 -33.47
CA SER N 28 30.78 32.77 -32.15
C SER N 28 29.53 31.91 -32.00
N VAL N 29 29.69 30.76 -31.34
CA VAL N 29 28.54 29.91 -31.07
C VAL N 29 27.61 30.60 -30.08
N ALA N 30 26.37 30.13 -30.03
CA ALA N 30 25.41 30.73 -29.10
C ALA N 30 25.85 30.53 -27.66
N ASN N 31 25.75 31.58 -26.85
CA ASN N 31 26.14 31.53 -25.44
C ASN N 31 27.56 31.03 -25.23
N ASN N 32 28.39 31.00 -26.27
CA ASN N 32 29.77 30.54 -26.16
C ASN N 32 29.89 29.06 -25.80
N ASN N 33 28.81 28.29 -25.89
CA ASN N 33 28.91 26.87 -25.53
C ASN N 33 27.95 25.95 -26.28
N TYR N 34 27.27 26.40 -27.34
CA TYR N 34 26.46 25.47 -28.13
C TYR N 34 27.43 24.77 -29.07
N LEU N 35 28.10 23.74 -28.56
CA LEU N 35 29.10 23.04 -29.34
C LEU N 35 29.19 21.62 -28.83
N LYS N 36 28.99 20.64 -29.72
CA LYS N 36 28.98 19.23 -29.39
C LYS N 36 29.91 18.48 -30.33
N TRP N 37 30.52 17.41 -29.81
CA TRP N 37 31.39 16.53 -30.57
C TRP N 37 30.74 15.17 -30.74
N TYR N 38 30.70 14.69 -31.99
CA TYR N 38 30.06 13.45 -32.39
C TYR N 38 31.09 12.45 -32.94
N GLN N 39 30.76 11.17 -32.78
CA GLN N 39 31.51 10.06 -33.37
C GLN N 39 30.52 9.22 -34.18
N GLN N 40 30.88 8.94 -35.44
CA GLN N 40 29.99 8.20 -36.33
C GLN N 40 30.73 7.03 -36.95
N LYS N 41 30.04 5.89 -37.02
CA LYS N 41 30.51 4.65 -37.63
C LYS N 41 29.58 4.24 -38.76
N ARG N 42 30.06 3.34 -39.62
CA ARG N 42 29.32 2.98 -40.83
C ARG N 42 27.95 2.40 -40.49
N GLY N 43 26.92 2.88 -41.18
CA GLY N 43 25.61 2.32 -40.99
C GLY N 43 24.90 2.71 -39.72
N GLN N 44 25.45 3.64 -38.94
CA GLN N 44 24.86 4.02 -37.68
C GLN N 44 24.57 5.51 -37.70
N PRO N 45 23.74 6.00 -36.79
CA PRO N 45 23.64 7.44 -36.58
C PRO N 45 24.79 7.89 -35.69
N PRO N 46 25.09 9.19 -35.64
CA PRO N 46 26.18 9.63 -34.79
C PRO N 46 25.85 9.43 -33.33
N LYS N 47 26.92 9.25 -32.53
CA LYS N 47 26.83 9.04 -31.10
C LYS N 47 27.57 10.16 -30.39
N GLN N 48 26.92 10.81 -29.44
CA GLN N 48 27.52 11.99 -28.85
C GLN N 48 28.78 11.60 -28.07
N LEU N 49 29.74 12.53 -28.05
CA LEU N 49 30.92 12.44 -27.21
C LEU N 49 30.96 13.61 -26.25
N ILE N 50 30.92 14.85 -26.74
CA ILE N 50 31.09 16.01 -25.89
C ILE N 50 29.92 16.95 -26.12
N TYR N 51 29.45 17.60 -25.05
CA TYR N 51 28.48 18.67 -25.17
C TYR N 51 28.97 19.86 -24.37
N SER N 52 28.38 21.04 -24.65
CA SER N 52 28.80 22.29 -24.04
C SER N 52 30.33 22.46 -24.12
N VAL N 53 30.86 22.19 -25.31
CA VAL N 53 32.28 22.39 -25.63
C VAL N 53 33.18 21.37 -24.96
N SER N 54 32.96 21.09 -23.68
CA SER N 54 33.92 20.31 -22.91
C SER N 54 33.34 19.23 -22.00
N THR N 55 32.01 19.15 -21.84
CA THR N 55 31.44 18.19 -20.91
C THR N 55 31.30 16.81 -21.54
N LEU N 56 31.74 15.80 -20.80
CA LEU N 56 31.72 14.41 -21.25
C LEU N 56 30.33 13.80 -21.13
N ALA N 57 29.81 13.28 -22.25
CA ALA N 57 28.51 12.63 -22.25
C ALA N 57 28.60 11.38 -21.38
N SER N 58 27.49 11.03 -20.73
CA SER N 58 27.48 9.87 -19.87
C SER N 58 27.93 8.64 -20.65
N GLY N 59 28.85 7.88 -20.04
CA GLY N 59 29.35 6.68 -20.66
C GLY N 59 30.49 6.88 -21.62
N VAL N 60 30.93 8.12 -21.83
CA VAL N 60 32.02 8.38 -22.78
C VAL N 60 33.35 8.42 -22.02
N PRO N 61 34.38 7.74 -22.51
CA PRO N 61 35.68 7.75 -21.83
C PRO N 61 36.28 9.14 -21.68
N SER N 62 37.09 9.29 -20.62
CA SER N 62 37.69 10.57 -20.29
C SER N 62 38.77 10.93 -21.31
N ARG N 63 39.24 9.96 -22.09
CA ARG N 63 40.26 10.21 -23.09
C ARG N 63 39.77 11.15 -24.18
N PHE N 64 38.47 11.36 -24.27
CA PHE N 64 37.90 12.40 -25.11
C PHE N 64 37.88 13.69 -24.31
N LYS N 65 38.56 14.70 -24.82
CA LYS N 65 38.63 15.98 -24.12
C LYS N 65 38.18 17.04 -25.10
N GLY N 66 37.38 17.98 -24.62
CA GLY N 66 36.92 19.09 -25.43
C GLY N 66 37.44 20.40 -24.88
N SER N 67 37.82 21.29 -25.79
CA SER N 67 38.29 22.62 -25.46
C SER N 67 37.87 23.57 -26.57
N GLY N 68 38.10 24.85 -26.35
CA GLY N 68 37.89 25.84 -27.39
C GLY N 68 37.65 27.23 -26.82
N SER N 69 37.62 28.19 -27.74
CA SER N 69 37.37 29.60 -27.46
C SER N 69 36.45 30.24 -28.51
N GLY N 70 35.16 30.29 -28.21
CA GLY N 70 34.20 31.01 -29.03
C GLY N 70 34.02 30.63 -30.49
N THR N 71 35.13 30.56 -31.21
CA THR N 71 35.14 30.25 -32.63
C THR N 71 36.12 29.16 -33.00
N GLN N 72 37.08 28.83 -32.14
CA GLN N 72 38.01 27.74 -32.42
C GLN N 72 37.93 26.71 -31.31
N PHE N 73 37.75 25.44 -31.68
CA PHE N 73 37.51 24.36 -30.76
C PHE N 73 38.41 23.18 -31.10
N THR N 74 38.73 22.41 -30.06
CA THR N 74 39.65 21.30 -30.20
C THR N 74 39.07 20.08 -29.49
N LEU N 75 39.07 18.95 -30.20
CA LEU N 75 38.78 17.64 -29.63
C LEU N 75 40.08 16.89 -29.57
N THR N 76 40.47 16.44 -28.39
CA THR N 76 41.71 15.71 -28.24
C THR N 76 41.36 14.31 -27.77
N ILE N 77 41.83 13.32 -28.50
CA ILE N 77 41.62 11.93 -28.15
C ILE N 77 42.99 11.38 -27.79
N SER N 78 43.15 11.03 -26.53
CA SER N 78 44.38 10.44 -26.02
C SER N 78 44.17 8.95 -25.78
N ASP N 79 45.27 8.23 -25.62
CA ASP N 79 45.24 6.81 -25.31
C ASP N 79 44.26 6.08 -26.24
N LEU N 80 44.56 6.20 -27.53
CA LEU N 80 43.70 5.67 -28.58
C LEU N 80 43.49 4.17 -28.45
N GLU N 81 42.27 3.72 -28.76
CA GLU N 81 41.98 2.30 -28.84
C GLU N 81 41.55 1.98 -30.26
N ALA N 82 41.49 0.69 -30.57
CA ALA N 82 41.01 0.27 -31.88
C ALA N 82 39.59 0.76 -32.11
N ASP N 83 38.79 0.81 -31.04
CA ASP N 83 37.38 1.14 -31.14
C ASP N 83 37.18 2.56 -31.64
N ASP N 84 38.23 3.39 -31.59
CA ASP N 84 38.16 4.81 -31.94
C ASP N 84 38.19 5.06 -33.44
N ALA N 85 38.33 4.01 -34.25
CA ALA N 85 38.34 4.16 -35.71
C ALA N 85 36.95 4.58 -36.16
N ALA N 86 36.83 5.81 -36.67
CA ALA N 86 35.48 6.30 -37.00
C ALA N 86 35.64 7.66 -37.68
N THR N 87 34.53 8.35 -37.90
CA THR N 87 34.56 9.72 -38.41
C THR N 87 33.94 10.65 -37.38
N TYR N 88 34.64 11.75 -37.07
CA TYR N 88 34.27 12.64 -35.99
C TYR N 88 33.76 13.96 -36.55
N TYR N 89 32.72 14.51 -35.93
CA TYR N 89 32.11 15.73 -36.42
C TYR N 89 31.94 16.75 -35.29
N CYS N 90 32.18 18.02 -35.59
CA CYS N 90 31.77 19.10 -34.69
C CYS N 90 30.40 19.60 -35.11
N SER N 91 29.55 19.89 -34.12
CA SER N 91 28.18 20.32 -34.32
C SER N 91 27.95 21.58 -33.50
N GLY N 92 27.56 22.67 -34.16
CA GLY N 92 27.45 23.95 -33.49
C GLY N 92 26.10 24.59 -33.78
N TYR N 93 25.69 25.46 -32.86
CA TYR N 93 24.46 26.24 -32.96
C TYR N 93 24.78 27.70 -32.74
N PHE N 94 24.01 28.56 -33.40
CA PHE N 94 24.33 29.98 -33.49
C PHE N 94 23.09 30.80 -33.19
N ASN N 95 23.36 32.06 -32.82
CA ASN N 95 22.37 32.94 -32.21
C ASN N 95 21.20 33.21 -33.14
N ASN N 96 21.43 33.12 -34.44
CA ASN N 96 20.35 33.26 -35.39
C ASN N 96 19.52 31.99 -35.45
N ASN N 97 19.71 31.10 -34.49
CA ASN N 97 19.07 29.80 -34.47
C ASN N 97 19.45 29.02 -35.74
N ILE N 98 20.74 28.69 -35.79
CA ILE N 98 21.24 27.96 -36.96
C ILE N 98 22.26 26.93 -36.50
N GLY N 99 22.09 25.70 -36.94
CA GLY N 99 23.04 24.65 -36.71
C GLY N 99 23.93 24.36 -37.90
N ALA N 100 25.12 23.83 -37.62
CA ALA N 100 26.07 23.49 -38.66
C ALA N 100 26.98 22.37 -38.17
N PHE N 101 27.63 21.71 -39.12
CA PHE N 101 28.59 20.65 -38.86
C PHE N 101 29.91 20.96 -39.53
N GLY N 102 30.98 20.49 -38.91
CA GLY N 102 32.27 20.44 -39.56
C GLY N 102 32.30 19.40 -40.66
N GLY N 103 33.28 19.53 -41.55
CA GLY N 103 33.40 18.63 -42.68
C GLY N 103 33.71 17.20 -42.30
N GLY N 104 34.04 16.94 -41.04
CA GLY N 104 34.30 15.61 -40.59
C GLY N 104 35.80 15.30 -40.59
N THR N 105 36.16 14.31 -39.77
CA THR N 105 37.54 13.88 -39.65
C THR N 105 37.54 12.36 -39.63
N LYS N 106 38.13 11.72 -40.64
CA LYS N 106 38.17 10.27 -40.66
C LYS N 106 39.41 9.85 -39.90
N LEU N 107 39.22 9.01 -38.89
CA LEU N 107 40.33 8.55 -38.08
C LEU N 107 40.50 7.07 -38.36
N GLU N 108 41.67 6.72 -38.86
CA GLU N 108 42.16 5.36 -39.10
C GLU N 108 43.14 4.97 -38.01
N ILE N 109 42.96 3.79 -37.45
CA ILE N 109 43.88 3.29 -36.43
C ILE N 109 45.01 2.57 -37.14
N LYS N 110 46.25 3.02 -36.93
CA LYS N 110 47.39 2.32 -37.48
C LYS N 110 47.69 1.07 -36.67
N ARG N 111 48.28 0.08 -37.33
CA ARG N 111 48.66 -1.14 -36.64
C ARG N 111 49.77 -1.79 -37.44
N THR N 112 50.28 -2.91 -36.91
CA THR N 112 51.34 -3.63 -37.58
C THR N 112 50.81 -4.23 -38.89
N VAL N 113 51.72 -4.47 -39.82
CA VAL N 113 51.31 -4.99 -41.12
C VAL N 113 50.62 -6.33 -40.92
N ALA N 114 49.50 -6.49 -41.62
CA ALA N 114 48.72 -7.72 -41.60
C ALA N 114 48.47 -8.12 -43.04
N ALA N 115 48.99 -9.26 -43.44
CA ALA N 115 48.82 -9.73 -44.79
C ALA N 115 47.40 -10.24 -45.02
N PRO N 116 46.83 -10.03 -46.19
CA PRO N 116 45.48 -10.52 -46.43
C PRO N 116 45.49 -12.03 -46.60
N SER N 117 44.35 -12.65 -46.29
CA SER N 117 44.11 -14.03 -46.72
C SER N 117 43.26 -13.98 -47.98
N VAL N 118 43.69 -14.68 -49.02
CA VAL N 118 43.10 -14.53 -50.35
C VAL N 118 42.29 -15.78 -50.69
N PHE N 119 41.10 -15.57 -51.26
CA PHE N 119 40.25 -16.64 -51.74
C PHE N 119 39.66 -16.24 -53.10
N ILE N 120 39.51 -17.22 -53.99
CA ILE N 120 38.84 -16.98 -55.26
C ILE N 120 37.63 -17.89 -55.32
N PHE N 121 36.50 -17.37 -55.78
CA PHE N 121 35.24 -18.10 -55.86
C PHE N 121 34.75 -18.13 -57.30
N PRO N 122 34.64 -19.30 -57.92
CA PRO N 122 34.01 -19.40 -59.24
C PRO N 122 32.51 -19.15 -59.15
N PRO N 123 31.86 -18.85 -60.27
CA PRO N 123 30.40 -18.65 -60.26
C PRO N 123 29.66 -19.93 -59.90
N SER N 124 28.45 -19.75 -59.37
CA SER N 124 27.60 -20.89 -59.03
C SER N 124 26.93 -21.39 -60.30
N ASP N 125 26.59 -22.69 -60.30
CA ASP N 125 25.83 -23.25 -61.42
C ASP N 125 24.48 -22.59 -61.57
N GLU N 126 23.85 -22.16 -60.47
CA GLU N 126 22.57 -21.48 -60.57
C GLU N 126 22.71 -20.18 -61.35
N GLN N 127 23.84 -19.49 -61.15
CA GLN N 127 24.09 -18.26 -61.88
C GLN N 127 24.41 -18.57 -63.34
N LEU N 128 25.28 -19.54 -63.58
CA LEU N 128 25.61 -19.90 -64.96
C LEU N 128 24.33 -20.26 -65.71
N LYS N 129 23.43 -20.98 -65.05
CA LYS N 129 22.13 -21.29 -65.63
C LYS N 129 21.38 -20.02 -65.99
N SER N 130 21.52 -18.97 -65.18
CA SER N 130 20.78 -17.75 -65.47
C SER N 130 21.40 -16.95 -66.60
N GLY N 131 22.58 -17.35 -67.10
CA GLY N 131 23.19 -16.72 -68.26
C GLY N 131 24.27 -15.72 -67.94
N THR N 132 24.64 -15.55 -66.68
CA THR N 132 25.69 -14.62 -66.27
C THR N 132 26.73 -15.37 -65.45
N ALA N 133 27.93 -14.79 -65.36
CA ALA N 133 29.03 -15.45 -64.65
C ALA N 133 29.85 -14.38 -63.92
N SER N 134 29.82 -14.41 -62.59
CA SER N 134 30.62 -13.49 -61.77
C SER N 134 31.65 -14.27 -60.94
N VAL N 135 32.93 -13.96 -61.14
CA VAL N 135 34.02 -14.57 -60.35
C VAL N 135 34.45 -13.58 -59.29
N VAL N 136 34.55 -14.03 -58.03
CA VAL N 136 34.77 -13.14 -56.89
C VAL N 136 36.14 -13.42 -56.28
N CYS N 137 36.88 -12.37 -55.97
CA CYS N 137 38.15 -12.50 -55.27
C CYS N 137 38.08 -11.75 -53.94
N LEU N 138 38.46 -12.43 -52.87
CA LEU N 138 38.32 -11.91 -51.51
C LEU N 138 39.71 -11.75 -50.89
N LEU N 139 40.04 -10.52 -50.53
CA LEU N 139 41.15 -10.20 -49.66
C LEU N 139 40.57 -10.01 -48.27
N ASN N 140 41.03 -10.79 -47.30
CA ASN N 140 40.41 -10.85 -45.99
C ASN N 140 41.36 -10.37 -44.92
N ASN N 141 40.88 -9.44 -44.10
CA ASN N 141 41.53 -8.97 -42.88
C ASN N 141 42.99 -8.59 -43.11
N PHE N 142 43.24 -7.41 -43.68
CA PHE N 142 44.60 -6.98 -43.97
C PHE N 142 44.77 -5.53 -43.58
N TYR N 143 46.03 -5.15 -43.40
CA TYR N 143 46.42 -3.79 -43.12
C TYR N 143 47.84 -3.66 -43.65
N PRO N 144 48.20 -2.53 -44.28
CA PRO N 144 47.39 -1.36 -44.56
C PRO N 144 46.37 -1.57 -45.69
N ARG N 145 45.62 -0.51 -45.98
CA ARG N 145 44.52 -0.57 -46.93
C ARG N 145 44.96 -0.73 -48.39
N GLU N 146 46.12 -0.19 -48.78
CA GLU N 146 46.52 -0.26 -50.18
C GLU N 146 46.74 -1.68 -50.66
N ALA N 147 46.09 -2.05 -51.77
CA ALA N 147 46.26 -3.37 -52.37
C ALA N 147 45.99 -3.28 -53.87
N LYS N 148 46.68 -4.11 -54.64
CA LYS N 148 46.48 -4.21 -56.09
C LYS N 148 45.89 -5.57 -56.45
N VAL N 149 44.69 -5.57 -57.04
CA VAL N 149 43.99 -6.81 -57.40
C VAL N 149 43.76 -6.78 -58.91
N GLN N 150 44.42 -7.68 -59.64
CA GLN N 150 44.33 -7.74 -61.09
C GLN N 150 43.78 -9.10 -61.52
N TRP N 151 42.91 -9.09 -62.53
CA TRP N 151 42.34 -10.32 -63.06
C TRP N 151 43.07 -10.78 -64.33
N LYS N 152 43.27 -12.09 -64.44
CA LYS N 152 43.87 -12.69 -65.64
C LYS N 152 43.10 -13.95 -66.03
N VAL N 153 42.51 -13.92 -67.23
CA VAL N 153 41.81 -15.06 -67.82
C VAL N 153 42.64 -15.61 -68.96
N ASP N 154 43.02 -16.88 -68.87
CA ASP N 154 44.02 -17.47 -69.75
C ASP N 154 45.23 -16.56 -69.85
N ASN N 155 45.62 -15.98 -68.72
CA ASN N 155 46.79 -15.12 -68.63
C ASN N 155 46.64 -13.87 -69.51
N ALA N 156 45.42 -13.38 -69.64
CA ALA N 156 45.15 -12.11 -70.33
C ALA N 156 44.59 -11.11 -69.31
N LEU N 157 45.28 -9.99 -69.16
CA LEU N 157 44.85 -8.98 -68.18
C LEU N 157 43.51 -8.41 -68.57
N GLN N 158 42.54 -8.50 -67.66
CA GLN N 158 41.22 -7.92 -67.88
C GLN N 158 41.24 -6.43 -67.58
N SER N 159 40.26 -5.72 -68.14
CA SER N 159 40.15 -4.28 -67.96
C SER N 159 38.70 -3.86 -68.13
N GLY N 160 38.15 -3.18 -67.10
CA GLY N 160 36.85 -2.58 -67.22
C GLY N 160 35.68 -3.50 -66.89
N ASN N 161 35.95 -4.77 -66.57
CA ASN N 161 34.91 -5.74 -66.24
C ASN N 161 34.99 -6.20 -64.79
N SER N 162 35.57 -5.40 -63.90
CA SER N 162 35.61 -5.73 -62.47
C SER N 162 35.25 -4.52 -61.62
N GLN N 163 34.87 -4.78 -60.37
CA GLN N 163 34.43 -3.75 -59.43
C GLN N 163 34.92 -4.12 -58.04
N GLU N 164 35.46 -3.14 -57.31
CA GLU N 164 35.97 -3.39 -55.97
C GLU N 164 35.07 -2.77 -54.91
N SER N 165 34.95 -3.46 -53.79
CA SER N 165 34.24 -2.94 -52.61
C SER N 165 35.05 -3.27 -51.38
N VAL N 166 35.17 -2.33 -50.45
CA VAL N 166 36.04 -2.47 -49.28
C VAL N 166 35.20 -2.18 -48.04
N THR N 167 35.42 -2.96 -46.99
CA THR N 167 34.74 -2.75 -45.72
C THR N 167 35.30 -1.51 -45.01
N GLU N 168 34.60 -1.10 -43.96
CA GLU N 168 35.18 -0.17 -43.02
C GLU N 168 36.33 -0.81 -42.25
N GLN N 169 37.05 0.01 -41.50
CA GLN N 169 38.12 -0.50 -40.64
C GLN N 169 37.52 -1.22 -39.44
N ASP N 170 38.01 -2.44 -39.17
CA ASP N 170 37.47 -3.22 -38.08
C ASP N 170 37.82 -2.59 -36.74
N SER N 171 36.84 -2.56 -35.83
CA SER N 171 37.03 -1.91 -34.54
C SER N 171 37.77 -2.78 -33.53
N LYS N 172 38.00 -4.05 -33.86
CA LYS N 172 38.70 -4.99 -32.99
C LYS N 172 40.14 -5.21 -33.42
N ASP N 173 40.39 -5.50 -34.70
CA ASP N 173 41.71 -5.79 -35.19
C ASP N 173 42.24 -4.77 -36.19
N SER N 174 41.48 -3.70 -36.49
CA SER N 174 41.97 -2.59 -37.31
C SER N 174 42.33 -3.01 -38.73
N THR N 175 41.71 -4.08 -39.25
CA THR N 175 41.98 -4.55 -40.60
C THR N 175 40.89 -4.11 -41.56
N TYR N 176 41.17 -4.29 -42.85
CA TYR N 176 40.22 -4.06 -43.93
C TYR N 176 39.98 -5.38 -44.66
N SER N 177 38.86 -5.42 -45.38
CA SER N 177 38.56 -6.52 -46.28
C SER N 177 38.08 -5.95 -47.61
N LEU N 178 38.34 -6.70 -48.68
CA LEU N 178 38.11 -6.19 -50.03
C LEU N 178 37.57 -7.34 -50.86
N SER N 179 36.57 -7.02 -51.69
CA SER N 179 36.02 -7.93 -52.68
C SER N 179 36.21 -7.31 -54.06
N SER N 180 36.66 -8.11 -55.02
CA SER N 180 36.80 -7.70 -56.40
C SER N 180 35.98 -8.65 -57.24
N THR N 181 34.95 -8.13 -57.91
CA THR N 181 34.00 -8.99 -58.62
C THR N 181 34.17 -8.74 -60.11
N LEU N 182 34.54 -9.81 -60.81
CA LEU N 182 34.66 -9.90 -62.26
C LEU N 182 33.36 -10.35 -62.92
N THR N 183 32.84 -9.52 -63.83
CA THR N 183 31.50 -9.71 -64.42
C THR N 183 31.66 -10.11 -65.88
N LEU N 184 31.27 -11.33 -66.21
CA LEU N 184 31.35 -11.87 -67.56
C LEU N 184 30.01 -12.46 -67.95
N SER N 185 29.84 -12.69 -69.25
CA SER N 185 28.77 -13.52 -69.75
C SER N 185 29.11 -15.01 -69.68
N LYS N 186 28.07 -15.84 -69.77
CA LYS N 186 28.26 -17.28 -69.76
C LYS N 186 29.13 -17.72 -70.92
N ALA N 187 28.93 -17.08 -72.09
CA ALA N 187 29.71 -17.42 -73.27
C ALA N 187 31.20 -17.16 -73.05
N ASP N 188 31.54 -15.92 -72.74
CA ASP N 188 32.93 -15.58 -72.47
C ASP N 188 33.52 -16.45 -71.37
N TYR N 189 32.72 -16.76 -70.35
CA TYR N 189 33.22 -17.61 -69.29
C TYR N 189 33.59 -18.99 -69.84
N GLU N 190 32.67 -19.61 -70.59
CA GLU N 190 32.96 -20.93 -71.15
C GLU N 190 33.98 -20.89 -72.27
N LYS N 191 34.34 -19.70 -72.76
CA LYS N 191 35.41 -19.56 -73.75
C LYS N 191 36.79 -19.86 -73.18
N HIS N 192 36.94 -19.85 -71.86
CA HIS N 192 38.26 -19.85 -71.25
C HIS N 192 38.32 -20.90 -70.14
N LYS N 193 39.55 -21.10 -69.65
CA LYS N 193 39.85 -22.15 -68.68
C LYS N 193 40.37 -21.59 -67.37
N VAL N 194 41.47 -20.83 -67.40
CA VAL N 194 42.17 -20.38 -66.21
C VAL N 194 41.65 -19.00 -65.81
N TYR N 195 41.19 -18.89 -64.56
CA TYR N 195 40.76 -17.62 -63.99
C TYR N 195 41.64 -17.35 -62.77
N ALA N 196 42.32 -16.20 -62.76
CA ALA N 196 43.31 -15.92 -61.73
C ALA N 196 43.14 -14.52 -61.16
N CYS N 197 43.23 -14.43 -59.84
CA CYS N 197 43.25 -13.18 -59.08
C CYS N 197 44.65 -12.98 -58.52
N GLU N 198 45.28 -11.87 -58.92
CA GLU N 198 46.63 -11.54 -58.49
C GLU N 198 46.59 -10.36 -57.53
N VAL N 199 47.19 -10.54 -56.35
CA VAL N 199 47.12 -9.61 -55.23
C VAL N 199 48.52 -9.15 -54.85
N THR N 200 48.73 -7.84 -54.85
CA THR N 200 49.98 -7.25 -54.36
C THR N 200 49.67 -6.43 -53.12
N HIS N 201 50.41 -6.71 -52.04
CA HIS N 201 50.19 -6.09 -50.73
C HIS N 201 51.50 -6.08 -49.94
N GLN N 202 51.64 -5.08 -49.06
CA GLN N 202 52.86 -4.96 -48.25
C GLN N 202 53.13 -6.19 -47.40
N GLY N 203 52.10 -6.98 -47.08
CA GLY N 203 52.26 -8.17 -46.26
C GLY N 203 52.74 -9.37 -47.02
N LEU N 204 52.74 -9.28 -48.35
CA LEU N 204 53.13 -10.38 -49.23
C LEU N 204 54.51 -10.07 -49.80
N SER N 205 55.42 -11.05 -49.67
CA SER N 205 56.77 -10.90 -50.21
C SER N 205 56.74 -10.68 -51.72
N SER N 206 55.85 -11.37 -52.41
CA SER N 206 55.64 -11.24 -53.84
C SER N 206 54.15 -11.41 -54.09
N PRO N 207 53.66 -10.90 -55.23
CA PRO N 207 52.22 -10.97 -55.46
C PRO N 207 51.74 -12.41 -55.36
N VAL N 208 50.64 -12.59 -54.67
CA VAL N 208 49.99 -13.88 -54.52
C VAL N 208 49.00 -14.06 -55.66
N THR N 209 48.93 -15.26 -56.20
CA THR N 209 47.98 -15.59 -57.26
C THR N 209 47.12 -16.74 -56.80
N LYS N 210 45.81 -16.57 -56.91
CA LYS N 210 44.85 -17.61 -56.64
C LYS N 210 44.05 -17.84 -57.90
N SER N 211 44.07 -19.06 -58.41
CA SER N 211 43.51 -19.33 -59.72
C SER N 211 42.78 -20.64 -59.67
N PHE N 212 41.96 -20.86 -60.70
CA PHE N 212 41.30 -22.15 -60.90
C PHE N 212 41.10 -22.37 -62.39
N ASN N 213 40.90 -23.64 -62.74
CA ASN N 213 40.57 -24.03 -64.09
C ASN N 213 39.07 -24.26 -64.15
N ARG N 214 38.41 -23.63 -65.11
CA ARG N 214 36.96 -23.72 -65.23
C ARG N 214 36.52 -25.18 -65.35
N GLY N 215 35.66 -25.62 -64.44
CA GLY N 215 35.08 -26.94 -64.52
C GLY N 215 35.95 -28.00 -63.88
N GLN O 1 65.51 -32.98 -16.36
CA GLN O 1 64.10 -33.24 -16.81
C GLN O 1 63.21 -32.08 -16.41
N SER O 2 63.14 -31.07 -17.28
CA SER O 2 62.29 -29.92 -17.02
C SER O 2 61.83 -29.33 -18.34
N VAL O 3 60.72 -28.59 -18.25
CA VAL O 3 60.08 -28.01 -19.42
C VAL O 3 59.70 -26.57 -19.10
N GLU O 4 59.80 -25.71 -20.11
CA GLU O 4 59.44 -24.30 -19.93
C GLU O 4 58.96 -23.77 -21.27
N GLU O 5 57.80 -23.11 -21.26
CA GLU O 5 57.34 -22.47 -22.47
C GLU O 5 57.82 -21.02 -22.49
N SER O 6 57.93 -20.47 -23.69
CA SER O 6 58.34 -19.09 -23.86
C SER O 6 57.79 -18.57 -25.18
N GLY O 7 57.76 -17.25 -25.28
CA GLY O 7 57.23 -16.55 -26.43
C GLY O 7 55.79 -16.09 -26.28
N GLY O 8 55.21 -16.26 -25.11
CA GLY O 8 53.86 -15.81 -24.84
C GLY O 8 53.80 -14.32 -24.57
N GLY O 9 52.57 -13.83 -24.44
CA GLY O 9 52.31 -12.43 -24.19
C GLY O 9 51.17 -11.86 -25.00
N LEU O 10 51.21 -10.56 -25.27
CA LEU O 10 50.14 -9.90 -25.99
C LEU O 10 50.51 -9.87 -27.46
N VAL O 11 49.55 -10.23 -28.31
CA VAL O 11 49.75 -10.25 -29.75
C VAL O 11 48.53 -9.66 -30.44
N THR O 12 48.77 -9.04 -31.57
CA THR O 12 47.70 -8.39 -32.34
C THR O 12 46.96 -9.43 -33.19
N PRO O 13 45.63 -9.33 -33.29
CA PRO O 13 44.87 -10.28 -34.11
C PRO O 13 45.35 -10.34 -35.55
N GLY O 14 45.64 -11.54 -36.03
CA GLY O 14 46.12 -11.76 -37.38
C GLY O 14 47.63 -11.84 -37.51
N THR O 15 48.37 -11.50 -36.46
CA THR O 15 49.83 -11.57 -36.52
C THR O 15 50.28 -12.97 -36.11
N PRO O 16 50.93 -13.73 -36.99
CA PRO O 16 51.40 -15.07 -36.62
C PRO O 16 52.17 -15.04 -35.31
N LEU O 17 52.07 -16.12 -34.55
CA LEU O 17 52.76 -16.14 -33.25
C LEU O 17 53.38 -17.49 -32.99
N THR O 18 54.68 -17.51 -32.72
CA THR O 18 55.40 -18.76 -32.52
C THR O 18 55.84 -18.82 -31.06
N LEU O 19 55.41 -19.87 -30.39
CA LEU O 19 55.83 -20.20 -29.04
C LEU O 19 56.91 -21.26 -29.11
N THR O 20 57.82 -21.22 -28.15
CA THR O 20 58.94 -22.13 -28.09
C THR O 20 58.89 -22.89 -26.78
N CYS O 21 59.12 -24.19 -26.87
CA CYS O 21 59.14 -25.09 -25.73
C CYS O 21 60.55 -25.60 -25.57
N THR O 22 61.14 -25.34 -24.40
CA THR O 22 62.52 -25.72 -24.13
C THR O 22 62.54 -26.75 -23.03
N VAL O 23 63.21 -27.85 -23.31
CA VAL O 23 63.34 -28.98 -22.40
C VAL O 23 64.80 -29.08 -21.96
N SER O 24 64.99 -29.73 -20.82
CA SER O 24 66.34 -29.98 -20.32
C SER O 24 66.33 -31.38 -19.72
N GLY O 25 67.30 -32.20 -20.14
CA GLY O 25 67.31 -33.58 -19.72
C GLY O 25 66.27 -34.46 -20.36
N ILE O 26 65.72 -34.04 -21.50
CA ILE O 26 64.75 -34.84 -22.24
C ILE O 26 65.22 -35.03 -23.68
N ASP O 27 65.17 -36.28 -24.14
CA ASP O 27 65.71 -36.75 -25.42
C ASP O 27 64.54 -36.74 -26.41
N LEU O 28 64.52 -35.76 -27.30
CA LEU O 28 63.40 -35.65 -28.24
C LEU O 28 63.51 -36.66 -29.38
N SER O 29 64.60 -37.42 -29.45
CA SER O 29 64.70 -38.56 -30.36
C SER O 29 64.03 -39.82 -29.81
N ARG O 30 63.55 -39.80 -28.55
CA ARG O 30 62.93 -40.97 -27.95
C ARG O 30 61.62 -40.72 -27.22
N TYR O 31 61.20 -39.47 -27.05
CA TYR O 31 59.97 -39.18 -26.33
C TYR O 31 59.24 -38.04 -27.04
N ALA O 32 57.92 -38.05 -26.90
CA ALA O 32 57.11 -37.09 -27.63
C ALA O 32 56.85 -35.89 -26.75
N MET O 33 56.61 -34.74 -27.37
CA MET O 33 56.22 -33.55 -26.64
C MET O 33 54.84 -33.13 -27.11
N SER O 34 54.01 -32.67 -26.18
CA SER O 34 52.64 -32.28 -26.50
C SER O 34 52.42 -30.80 -26.23
N TRP O 35 51.52 -30.23 -27.03
CA TRP O 35 51.02 -28.89 -26.84
C TRP O 35 49.56 -28.96 -26.44
N VAL O 36 49.25 -28.32 -25.30
CA VAL O 36 47.93 -28.26 -24.69
C VAL O 36 47.67 -26.78 -24.47
N ARG O 37 46.40 -26.41 -24.36
CA ARG O 37 46.06 -25.04 -24.01
C ARG O 37 44.84 -25.04 -23.11
N GLN O 38 44.55 -23.88 -22.54
CA GLN O 38 43.49 -23.75 -21.53
C GLN O 38 43.06 -22.30 -21.55
N ALA O 39 41.87 -22.04 -22.11
CA ALA O 39 41.32 -20.71 -22.07
C ALA O 39 40.96 -20.33 -20.62
N PRO O 40 40.93 -19.04 -20.30
CA PRO O 40 40.64 -18.67 -18.91
C PRO O 40 39.33 -19.25 -18.42
N GLY O 41 39.39 -20.01 -17.33
CA GLY O 41 38.19 -20.55 -16.73
C GLY O 41 37.57 -21.72 -17.47
N LYS O 42 38.24 -22.26 -18.47
CA LYS O 42 37.71 -23.35 -19.29
C LYS O 42 38.63 -24.55 -19.16
N GLY O 43 38.34 -25.59 -19.91
CA GLY O 43 39.04 -26.84 -19.75
C GLY O 43 40.30 -26.93 -20.59
N LEU O 44 41.08 -27.96 -20.31
CA LEU O 44 42.30 -28.24 -21.05
C LEU O 44 41.94 -28.70 -22.46
N GLU O 45 42.76 -28.31 -23.43
CA GLU O 45 42.50 -28.66 -24.83
C GLU O 45 43.78 -29.15 -25.44
N TRP O 46 43.75 -30.36 -25.99
CA TRP O 46 44.92 -30.96 -26.59
C TRP O 46 45.09 -30.36 -27.98
N ILE O 47 46.24 -29.74 -28.24
CA ILE O 47 46.49 -29.13 -29.55
C ILE O 47 47.22 -30.11 -30.44
N GLY O 48 48.36 -30.62 -29.99
CA GLY O 48 49.11 -31.43 -30.92
C GLY O 48 50.29 -32.09 -30.26
N ILE O 49 51.07 -32.80 -31.08
CA ILE O 49 52.18 -33.58 -30.55
C ILE O 49 53.26 -33.77 -31.61
N PHE O 50 54.49 -33.69 -31.14
CA PHE O 50 55.68 -34.11 -31.86
C PHE O 50 56.05 -35.49 -31.33
N GLY O 51 55.92 -36.48 -32.21
CA GLY O 51 56.06 -37.86 -31.82
C GLY O 51 57.49 -38.35 -31.72
N SER O 52 57.59 -39.55 -31.15
CA SER O 52 58.88 -40.19 -30.90
C SER O 52 59.59 -40.53 -32.20
N LEU O 53 58.83 -40.69 -33.29
CA LEU O 53 59.40 -41.08 -34.59
C LEU O 53 59.35 -39.94 -35.61
N GLY O 54 59.16 -38.71 -35.14
CA GLY O 54 59.15 -37.54 -35.98
C GLY O 54 57.78 -37.25 -36.56
N GLY O 55 56.78 -38.03 -36.18
CA GLY O 55 55.41 -37.73 -36.55
C GLY O 55 54.87 -36.52 -35.83
N ILE O 56 54.12 -35.70 -36.55
CA ILE O 56 53.50 -34.49 -36.02
C ILE O 56 52.00 -34.65 -36.25
N PHE O 57 51.23 -34.61 -35.17
CA PHE O 57 49.80 -34.84 -35.22
C PHE O 57 49.04 -33.74 -34.49
N TYR O 58 47.92 -33.34 -35.09
CA TYR O 58 47.10 -32.26 -34.55
C TYR O 58 45.68 -32.74 -34.34
N ALA O 59 45.00 -32.13 -33.38
CA ALA O 59 43.57 -32.31 -33.25
C ALA O 59 42.88 -31.87 -34.54
N SER O 60 41.71 -32.45 -34.79
CA SER O 60 40.99 -32.10 -36.01
C SER O 60 40.74 -30.60 -36.06
N TRP O 61 40.43 -29.99 -34.91
CA TRP O 61 40.13 -28.56 -34.91
C TRP O 61 41.38 -27.70 -34.94
N ALA O 62 42.56 -28.31 -34.70
CA ALA O 62 43.79 -27.54 -34.60
C ALA O 62 44.63 -27.62 -35.87
N LYS O 63 44.24 -28.48 -36.81
CA LYS O 63 45.00 -28.65 -38.04
C LYS O 63 44.88 -27.42 -38.93
N GLY O 64 46.01 -26.90 -39.37
CA GLY O 64 46.02 -25.65 -40.11
C GLY O 64 46.16 -24.44 -39.22
N ARG O 65 45.44 -24.45 -38.09
CA ARG O 65 45.43 -23.33 -37.17
C ARG O 65 46.72 -23.26 -36.35
N PHE O 66 47.46 -24.36 -36.28
CA PHE O 66 48.69 -24.44 -35.50
C PHE O 66 49.70 -25.21 -36.34
N THR O 67 50.98 -24.88 -36.16
CA THR O 67 52.07 -25.64 -36.76
C THR O 67 53.08 -26.03 -35.71
N ILE O 68 53.32 -27.34 -35.57
CA ILE O 68 54.31 -27.90 -34.66
C ILE O 68 55.53 -28.36 -35.44
N SER O 69 56.71 -28.06 -34.89
CA SER O 69 57.97 -28.44 -35.50
C SER O 69 59.00 -28.61 -34.40
N LYS O 70 60.04 -29.41 -34.67
CA LYS O 70 61.17 -29.50 -33.76
C LYS O 70 62.29 -28.64 -34.33
N THR O 71 62.67 -27.61 -33.58
CA THR O 71 63.67 -26.67 -34.06
C THR O 71 65.08 -26.94 -33.54
N SER O 72 65.22 -27.66 -32.43
CA SER O 72 66.56 -27.99 -31.96
C SER O 72 66.47 -29.15 -30.99
N PRO O 73 67.59 -29.83 -30.72
CA PRO O 73 67.55 -30.97 -29.78
C PRO O 73 66.87 -30.62 -28.47
N THR O 74 66.71 -29.33 -28.17
CA THR O 74 66.09 -28.91 -26.94
C THR O 74 64.90 -27.97 -27.13
N THR O 75 64.46 -27.75 -28.38
CA THR O 75 63.37 -26.82 -28.61
C THR O 75 62.38 -27.41 -29.60
N VAL O 76 61.08 -27.20 -29.31
CA VAL O 76 59.97 -27.59 -30.16
C VAL O 76 59.06 -26.37 -30.26
N ASP O 77 58.56 -26.07 -31.46
CA ASP O 77 57.78 -24.87 -31.68
C ASP O 77 56.29 -25.14 -31.87
N LEU O 78 55.49 -24.13 -31.53
CA LEU O 78 54.06 -24.08 -31.81
C LEU O 78 53.77 -22.72 -32.45
N LYS O 79 53.53 -22.72 -33.76
CA LYS O 79 53.23 -21.49 -34.48
C LYS O 79 51.72 -21.44 -34.65
N ILE O 80 51.08 -20.44 -34.05
CA ILE O 80 49.67 -20.21 -34.26
C ILE O 80 49.44 -19.34 -35.49
N THR O 81 48.80 -19.96 -36.49
CA THR O 81 48.64 -19.41 -37.83
C THR O 81 47.57 -18.32 -37.73
N SER O 82 47.93 -17.07 -37.88
CA SER O 82 46.97 -15.97 -37.78
C SER O 82 46.09 -16.02 -36.53
N PRO O 83 46.57 -15.48 -35.42
CA PRO O 83 45.84 -15.56 -34.13
C PRO O 83 44.50 -14.83 -34.18
N THR O 84 43.51 -15.36 -33.45
CA THR O 84 42.24 -14.67 -33.31
C THR O 84 41.91 -14.52 -31.83
N THR O 85 40.85 -13.75 -31.55
CA THR O 85 40.47 -13.47 -30.17
C THR O 85 40.23 -14.77 -29.41
N GLU O 86 39.60 -15.75 -30.05
CA GLU O 86 39.29 -17.00 -29.38
C GLU O 86 40.52 -17.83 -29.08
N ASP O 87 41.70 -17.44 -29.57
CA ASP O 87 42.94 -18.15 -29.28
C ASP O 87 43.62 -17.64 -28.01
N THR O 88 43.02 -16.69 -27.31
CA THR O 88 43.59 -16.23 -26.05
C THR O 88 43.47 -17.35 -25.03
N ALA O 89 44.60 -17.75 -24.46
CA ALA O 89 44.61 -18.89 -23.55
C ALA O 89 46.01 -19.06 -23.00
N THR O 90 46.12 -19.82 -21.91
CA THR O 90 47.40 -20.30 -21.42
C THR O 90 47.82 -21.53 -22.21
N TYR O 91 49.04 -21.52 -22.73
CA TYR O 91 49.57 -22.61 -23.53
C TYR O 91 50.63 -23.37 -22.75
N PHE O 92 50.43 -24.69 -22.66
CA PHE O 92 51.32 -25.61 -21.95
C PHE O 92 52.06 -26.48 -22.95
N CYS O 93 53.34 -26.71 -22.69
CA CYS O 93 54.15 -27.75 -23.31
C CYS O 93 54.41 -28.84 -22.28
N ALA O 94 54.21 -30.10 -22.66
CA ALA O 94 54.26 -31.19 -21.68
C ALA O 94 54.87 -32.46 -22.24
N ARG O 95 55.68 -33.12 -21.40
CA ARG O 95 56.14 -34.49 -21.55
C ARG O 95 55.10 -35.34 -20.83
N MET O 96 54.06 -35.76 -21.55
CA MET O 96 52.86 -36.32 -20.94
C MET O 96 52.68 -37.79 -21.33
N PRO O 97 53.45 -38.68 -20.73
CA PRO O 97 53.30 -40.11 -21.02
C PRO O 97 51.97 -40.61 -20.45
N TYR O 98 51.34 -41.50 -21.20
CA TYR O 98 50.12 -42.15 -20.73
C TYR O 98 50.38 -43.42 -19.92
N THR O 99 51.57 -44.02 -20.05
CA THR O 99 51.88 -45.28 -19.40
C THR O 99 53.12 -45.18 -18.50
N THR O 100 53.55 -43.96 -18.14
CA THR O 100 54.58 -43.80 -17.12
C THR O 100 54.23 -42.60 -16.26
N ASP O 101 55.00 -42.42 -15.18
CA ASP O 101 54.83 -41.29 -14.27
C ASP O 101 55.96 -40.28 -14.40
N ARG O 102 56.69 -40.30 -15.51
CA ARG O 102 57.72 -39.30 -15.78
C ARG O 102 57.09 -38.15 -16.55
N ASP O 103 56.27 -37.41 -15.81
CA ASP O 103 55.31 -36.48 -16.36
C ASP O 103 55.73 -35.08 -15.95
N PHE O 104 56.07 -34.26 -16.94
CA PHE O 104 56.60 -32.92 -16.72
C PHE O 104 55.86 -31.95 -17.61
N TRP O 105 55.26 -30.94 -16.99
CA TRP O 105 54.52 -29.89 -17.67
C TRP O 105 55.25 -28.58 -17.43
N GLY O 106 55.27 -27.72 -18.43
CA GLY O 106 55.76 -26.38 -18.19
C GLY O 106 54.73 -25.62 -17.40
N PRO O 107 55.10 -24.45 -16.88
CA PRO O 107 54.13 -23.68 -16.09
C PRO O 107 53.06 -23.06 -16.96
N GLY O 108 53.28 -23.03 -18.27
CA GLY O 108 52.32 -22.40 -19.17
C GLY O 108 52.64 -20.95 -19.39
N THR O 109 52.31 -20.46 -20.58
CA THR O 109 52.54 -19.07 -20.93
C THR O 109 51.26 -18.52 -21.52
N LEU O 110 50.82 -17.39 -21.00
CA LEU O 110 49.56 -16.80 -21.42
C LEU O 110 49.73 -16.04 -22.71
N VAL O 111 48.89 -16.36 -23.69
CA VAL O 111 48.83 -15.65 -24.94
C VAL O 111 47.51 -14.90 -24.94
N THR O 112 47.60 -13.58 -25.05
CA THR O 112 46.44 -12.71 -25.12
C THR O 112 46.38 -12.13 -26.52
N VAL O 113 45.26 -12.34 -27.18
CA VAL O 113 45.05 -11.83 -28.53
C VAL O 113 44.14 -10.63 -28.42
N SER O 114 44.71 -9.44 -28.61
CA SER O 114 43.95 -8.22 -28.46
C SER O 114 44.74 -7.08 -29.08
N SER O 115 44.00 -6.04 -29.48
CA SER O 115 44.57 -4.84 -30.05
C SER O 115 44.88 -3.80 -28.98
N ALA O 116 44.37 -4.00 -27.77
CA ALA O 116 44.64 -3.09 -26.67
C ALA O 116 46.13 -3.02 -26.37
N SER O 117 46.53 -1.92 -25.73
CA SER O 117 47.91 -1.67 -25.36
C SER O 117 48.18 -2.17 -23.94
N THR O 118 49.46 -2.44 -23.66
CA THR O 118 49.82 -2.88 -22.33
C THR O 118 49.76 -1.65 -21.44
N LYS O 119 49.34 -1.83 -20.20
CA LYS O 119 49.26 -0.69 -19.28
C LYS O 119 49.69 -1.17 -17.90
N GLY O 120 50.64 -0.48 -17.30
CA GLY O 120 51.07 -0.83 -15.97
C GLY O 120 49.96 -0.47 -15.00
N PRO O 121 49.88 -1.18 -13.88
CA PRO O 121 48.80 -0.96 -12.93
C PRO O 121 49.00 0.30 -12.09
N SER O 122 47.89 0.79 -11.53
CA SER O 122 47.94 1.70 -10.41
C SER O 122 47.69 0.90 -9.14
N VAL O 123 48.47 1.18 -8.10
CA VAL O 123 48.37 0.45 -6.84
C VAL O 123 47.91 1.43 -5.77
N PHE O 124 46.76 1.17 -5.16
CA PHE O 124 46.19 2.00 -4.12
C PHE O 124 46.04 1.21 -2.83
N PRO O 125 46.18 1.86 -1.67
CA PRO O 125 46.10 1.10 -0.41
C PRO O 125 44.69 0.99 0.15
N LEU O 126 44.37 -0.22 0.60
CA LEU O 126 43.16 -0.55 1.34
C LEU O 126 43.52 -0.57 2.82
N ALA O 127 43.35 0.57 3.47
CA ALA O 127 43.85 0.77 4.82
C ALA O 127 42.87 0.24 5.87
N PRO O 128 43.37 -0.15 7.05
CA PRO O 128 42.53 -0.62 8.15
C PRO O 128 41.97 0.51 9.00
N GLY O 135 37.19 -9.47 14.59
CA GLY O 135 37.28 -9.47 16.03
C GLY O 135 38.69 -9.72 16.52
N GLY O 136 39.31 -8.67 17.08
CA GLY O 136 40.73 -8.72 17.36
C GLY O 136 41.50 -8.84 16.05
N THR O 137 40.79 -8.60 14.96
CA THR O 137 41.29 -8.80 13.61
C THR O 137 40.95 -7.57 12.79
N ALA O 138 41.90 -7.17 11.97
CA ALA O 138 41.80 -6.05 11.05
C ALA O 138 42.14 -6.59 9.67
N ALA O 139 41.61 -5.94 8.65
CA ALA O 139 41.88 -6.36 7.29
C ALA O 139 42.45 -5.18 6.52
N LEU O 140 43.35 -5.51 5.60
CA LEU O 140 43.93 -4.49 4.73
C LEU O 140 44.27 -5.12 3.39
N GLY O 141 44.62 -4.28 2.43
CA GLY O 141 44.90 -4.80 1.11
C GLY O 141 45.48 -3.78 0.18
N CYS O 142 45.49 -4.14 -1.09
CA CYS O 142 46.05 -3.34 -2.16
C CYS O 142 45.14 -3.51 -3.36
N LEU O 143 44.64 -2.39 -3.87
CA LEU O 143 43.86 -2.36 -5.09
C LEU O 143 44.79 -2.15 -6.28
N VAL O 144 44.86 -3.15 -7.14
CA VAL O 144 45.71 -3.13 -8.32
C VAL O 144 44.75 -2.90 -9.49
N LYS O 145 44.64 -1.64 -9.90
CA LYS O 145 43.56 -1.13 -10.72
C LYS O 145 44.08 -0.72 -12.08
N ASP O 146 43.32 -1.05 -13.12
CA ASP O 146 43.50 -0.55 -14.48
C ASP O 146 44.88 -0.93 -15.03
N TYR O 147 45.00 -2.20 -15.38
CA TYR O 147 46.21 -2.69 -16.03
C TYR O 147 45.78 -3.62 -17.15
N PHE O 148 46.70 -3.86 -18.06
CA PHE O 148 46.39 -4.77 -19.16
C PHE O 148 47.73 -5.13 -19.80
N PRO O 149 47.95 -6.37 -20.22
CA PRO O 149 47.10 -7.55 -20.05
C PRO O 149 47.29 -8.24 -18.71
N GLU O 150 46.68 -9.41 -18.56
CA GLU O 150 46.99 -10.25 -17.42
C GLU O 150 48.39 -10.82 -17.62
N PRO O 151 49.05 -11.28 -16.54
CA PRO O 151 48.61 -11.24 -15.15
C PRO O 151 49.43 -10.28 -14.31
N VAL O 152 49.05 -10.10 -13.05
CA VAL O 152 49.90 -9.45 -12.06
C VAL O 152 50.18 -10.43 -10.93
N THR O 153 51.26 -10.15 -10.20
CA THR O 153 51.62 -10.89 -9.00
C THR O 153 51.67 -9.94 -7.81
N VAL O 154 51.16 -10.40 -6.66
CA VAL O 154 51.14 -9.62 -5.43
C VAL O 154 51.74 -10.45 -4.32
N SER O 155 52.74 -9.90 -3.64
CA SER O 155 53.25 -10.51 -2.41
C SER O 155 53.04 -9.50 -1.28
N TRP O 156 53.32 -9.94 -0.06
CA TRP O 156 53.17 -9.09 1.10
C TRP O 156 54.42 -9.16 1.96
N ASN O 157 55.02 -7.99 2.23
CA ASN O 157 56.26 -7.92 2.99
C ASN O 157 57.31 -8.86 2.37
N SER O 158 57.42 -8.79 1.05
CA SER O 158 58.41 -9.54 0.29
C SER O 158 58.33 -11.04 0.55
N GLY O 159 57.12 -11.57 0.66
CA GLY O 159 56.91 -12.99 0.84
C GLY O 159 56.84 -13.47 2.28
N ALA O 160 57.24 -12.64 3.26
CA ALA O 160 57.17 -13.09 4.64
C ALA O 160 55.74 -13.27 5.10
N LEU O 161 54.80 -12.52 4.52
CA LEU O 161 53.39 -12.62 4.88
C LEU O 161 52.60 -13.43 3.87
N THR O 162 52.06 -14.56 4.31
CA THR O 162 51.35 -15.51 3.47
C THR O 162 50.06 -16.02 4.10
N SER O 163 49.94 -16.00 5.43
CA SER O 163 48.77 -16.55 6.10
C SER O 163 47.65 -15.50 6.10
N GLY O 164 46.46 -15.92 5.71
CA GLY O 164 45.31 -15.04 5.64
C GLY O 164 45.32 -14.12 4.44
N VAL O 165 46.20 -14.36 3.48
CA VAL O 165 46.25 -13.57 2.24
C VAL O 165 45.25 -14.12 1.24
N HIS O 166 44.48 -13.22 0.63
CA HIS O 166 43.57 -13.56 -0.46
C HIS O 166 43.80 -12.59 -1.61
N THR O 167 44.35 -13.08 -2.72
CA THR O 167 44.55 -12.30 -3.92
C THR O 167 43.47 -12.71 -4.91
N PHE O 168 42.49 -11.82 -5.15
CA PHE O 168 41.36 -12.21 -5.96
C PHE O 168 41.74 -12.26 -7.45
N PRO O 169 41.09 -13.13 -8.22
CA PRO O 169 41.36 -13.13 -9.67
C PRO O 169 40.92 -11.81 -10.27
N ALA O 170 41.54 -11.43 -11.37
CA ALA O 170 41.19 -10.16 -11.96
C ALA O 170 39.84 -10.22 -12.66
N VAL O 171 39.13 -9.10 -12.65
CA VAL O 171 37.88 -8.94 -13.37
C VAL O 171 38.13 -7.86 -14.41
N LEU O 172 37.78 -8.15 -15.66
CA LEU O 172 37.90 -7.18 -16.72
C LEU O 172 36.82 -6.10 -16.60
N GLN O 173 37.26 -4.84 -16.53
CA GLN O 173 36.42 -3.67 -16.38
C GLN O 173 35.83 -3.23 -17.72
N SER O 174 34.78 -2.41 -17.63
CA SER O 174 34.14 -1.86 -18.82
C SER O 174 35.09 -1.02 -19.66
N SER O 175 36.19 -0.55 -19.08
CA SER O 175 37.19 0.20 -19.83
C SER O 175 38.12 -0.70 -20.64
N GLY O 176 37.98 -2.01 -20.50
CA GLY O 176 38.87 -2.97 -21.15
C GLY O 176 40.12 -3.27 -20.36
N LEU O 177 40.27 -2.71 -19.17
CA LEU O 177 41.38 -2.97 -18.27
C LEU O 177 40.92 -3.89 -17.14
N TYR O 178 41.90 -4.45 -16.44
CA TYR O 178 41.65 -5.39 -15.36
C TYR O 178 41.82 -4.69 -14.03
N SER O 179 41.06 -5.16 -13.04
CA SER O 179 41.19 -4.69 -11.68
C SER O 179 41.19 -5.91 -10.77
N LEU O 180 41.96 -5.77 -9.69
CA LEU O 180 42.24 -6.87 -8.78
C LEU O 180 42.46 -6.27 -7.41
N SER O 181 42.19 -7.05 -6.37
CA SER O 181 42.50 -6.65 -5.02
C SER O 181 43.20 -7.80 -4.33
N SER O 182 44.09 -7.46 -3.40
CA SER O 182 44.78 -8.46 -2.61
C SER O 182 44.69 -8.02 -1.17
N VAL O 183 44.11 -8.88 -0.34
CA VAL O 183 43.82 -8.53 1.04
C VAL O 183 44.56 -9.52 1.93
N VAL O 184 44.67 -9.13 3.19
CA VAL O 184 45.23 -9.96 4.24
C VAL O 184 44.56 -9.55 5.52
N THR O 185 44.37 -10.52 6.41
CA THR O 185 43.83 -10.28 7.74
C THR O 185 45.00 -10.39 8.69
N VAL O 186 45.04 -9.45 9.63
CA VAL O 186 46.14 -9.35 10.59
C VAL O 186 45.59 -8.97 11.94
N PRO O 187 46.30 -9.31 13.02
CA PRO O 187 45.86 -8.86 14.34
C PRO O 187 45.75 -7.35 14.46
N SER O 188 44.68 -6.89 15.12
CA SER O 188 44.45 -5.47 15.27
C SER O 188 45.53 -4.81 16.13
N SER O 189 46.10 -5.58 17.07
CA SER O 189 47.14 -5.07 17.96
C SER O 189 48.42 -4.70 17.21
N SER O 190 48.67 -5.33 16.07
CA SER O 190 49.91 -5.18 15.31
C SER O 190 49.96 -3.92 14.46
N LEU O 191 48.89 -3.13 14.41
CA LEU O 191 48.84 -2.04 13.44
C LEU O 191 49.88 -0.96 13.74
N GLY O 192 50.01 -0.53 14.98
CA GLY O 192 51.04 0.46 15.20
C GLY O 192 52.44 -0.13 15.26
N THR O 193 52.52 -1.46 15.38
CA THR O 193 53.77 -2.16 15.61
C THR O 193 54.46 -2.58 14.33
N GLN O 194 53.70 -2.92 13.27
CA GLN O 194 54.29 -3.46 12.07
C GLN O 194 53.87 -2.72 10.82
N THR O 195 54.79 -2.71 9.86
CA THR O 195 54.55 -2.22 8.51
C THR O 195 53.88 -3.28 7.64
N TYR O 196 52.99 -2.85 6.77
CA TYR O 196 52.34 -3.76 5.83
C TYR O 196 52.57 -3.20 4.44
N ILE O 197 53.28 -3.94 3.60
CA ILE O 197 53.66 -3.45 2.29
C ILE O 197 53.33 -4.54 1.28
N CYS O 198 52.65 -4.16 0.22
CA CYS O 198 52.34 -5.07 -0.87
C CYS O 198 53.27 -4.82 -2.04
N ASN O 199 53.83 -5.90 -2.57
CA ASN O 199 54.81 -5.87 -3.64
C ASN O 199 54.09 -6.39 -4.88
N VAL O 200 53.78 -5.47 -5.78
CA VAL O 200 53.11 -5.76 -7.04
C VAL O 200 54.14 -5.82 -8.16
N ASN O 201 54.03 -6.85 -9.00
CA ASN O 201 54.86 -7.00 -10.18
C ASN O 201 53.95 -7.33 -11.37
N HIS O 202 54.08 -6.53 -12.42
CA HIS O 202 53.34 -6.72 -13.67
C HIS O 202 54.40 -6.85 -14.75
N LYS O 203 54.70 -8.09 -15.14
CA LYS O 203 55.82 -8.38 -16.03
C LYS O 203 55.55 -7.92 -17.45
N PRO O 204 54.33 -8.02 -17.98
CA PRO O 204 54.13 -7.55 -19.35
C PRO O 204 54.60 -6.11 -19.52
N SER O 205 54.45 -5.27 -18.50
CA SER O 205 54.99 -3.92 -18.53
C SER O 205 56.31 -3.78 -17.77
N ASN O 206 56.86 -4.86 -17.21
CA ASN O 206 58.09 -4.78 -16.43
C ASN O 206 57.94 -3.70 -15.35
N THR O 207 56.76 -3.66 -14.76
CA THR O 207 56.42 -2.75 -13.66
C THR O 207 56.58 -3.42 -12.31
N LYS O 208 57.21 -2.69 -11.37
CA LYS O 208 57.34 -3.13 -9.99
C LYS O 208 57.02 -1.99 -9.05
N VAL O 209 55.96 -2.17 -8.25
CA VAL O 209 55.44 -1.13 -7.37
C VAL O 209 55.37 -1.74 -5.97
N ASP O 210 55.90 -1.03 -4.98
CA ASP O 210 55.75 -1.39 -3.57
C ASP O 210 54.94 -0.32 -2.85
N LYS O 211 53.84 -0.72 -2.22
CA LYS O 211 52.89 0.21 -1.65
C LYS O 211 52.79 -0.09 -0.16
N LYS O 212 53.04 0.92 0.66
CA LYS O 212 52.90 0.79 2.10
C LYS O 212 51.45 1.12 2.45
N VAL O 213 50.79 0.21 3.14
CA VAL O 213 49.41 0.36 3.56
C VAL O 213 49.47 0.61 5.05
N GLU O 214 48.90 1.73 5.48
CA GLU O 214 48.94 2.12 6.87
C GLU O 214 47.64 2.85 7.20
N PRO O 215 47.18 2.78 8.47
CA PRO O 215 46.00 3.54 8.86
C PRO O 215 46.24 5.05 8.85
N ASP P 1 33.93 -36.91 -33.78
CA ASP P 1 35.41 -36.65 -33.83
C ASP P 1 36.08 -37.64 -32.89
N ILE P 2 37.01 -37.19 -32.06
CA ILE P 2 37.27 -37.85 -30.79
C ILE P 2 36.74 -36.98 -29.66
N VAL P 3 35.95 -37.59 -28.80
CA VAL P 3 35.31 -36.94 -27.68
C VAL P 3 35.61 -37.77 -26.44
N MET P 4 35.92 -37.09 -25.34
CA MET P 4 36.09 -37.76 -24.05
C MET P 4 35.08 -37.08 -23.14
N THR P 5 34.01 -37.81 -22.81
CA THR P 5 32.91 -37.27 -22.03
C THR P 5 33.12 -37.56 -20.56
N GLN P 6 33.35 -36.50 -19.79
CA GLN P 6 33.65 -36.57 -18.38
C GLN P 6 32.45 -36.09 -17.59
N THR P 7 31.99 -36.90 -16.64
CA THR P 7 30.86 -36.60 -15.79
C THR P 7 31.21 -36.93 -14.35
N PRO P 8 30.67 -36.19 -13.37
CA PRO P 8 29.77 -35.05 -13.52
C PRO P 8 30.49 -33.75 -13.87
N SER P 9 29.77 -32.75 -14.40
CA SER P 9 30.41 -31.47 -14.67
C SER P 9 30.88 -30.81 -13.38
N SER P 10 30.13 -31.00 -12.30
CA SER P 10 30.49 -30.47 -10.99
C SER P 10 29.75 -31.31 -9.95
N THR P 11 30.30 -31.34 -8.74
CA THR P 11 29.72 -32.11 -7.66
C THR P 11 30.26 -31.56 -6.36
N SER P 12 29.66 -31.99 -5.26
CA SER P 12 30.06 -31.55 -3.93
C SER P 12 30.03 -32.75 -3.02
N ALA P 13 30.92 -32.75 -2.03
CA ALA P 13 30.96 -33.83 -1.05
C ALA P 13 31.75 -33.34 0.16
N ALA P 14 31.47 -33.96 1.30
CA ALA P 14 32.11 -33.52 2.53
C ALA P 14 33.44 -34.25 2.73
N VAL P 15 34.24 -33.69 3.65
CA VAL P 15 35.50 -34.31 4.03
C VAL P 15 35.23 -35.72 4.55
N GLY P 16 36.06 -36.67 4.09
CA GLY P 16 35.91 -38.07 4.46
C GLY P 16 34.98 -38.84 3.57
N GLY P 17 34.20 -38.17 2.73
CA GLY P 17 33.30 -38.82 1.81
C GLY P 17 34.04 -39.40 0.61
N THR P 18 33.27 -39.69 -0.44
CA THR P 18 33.78 -40.32 -1.65
C THR P 18 33.09 -39.71 -2.85
N VAL P 19 33.88 -39.42 -3.89
CA VAL P 19 33.35 -38.94 -5.16
C VAL P 19 33.82 -39.87 -6.28
N THR P 20 32.97 -40.03 -7.30
CA THR P 20 33.23 -40.94 -8.40
C THR P 20 33.04 -40.17 -9.72
N ILE P 21 34.08 -40.18 -10.54
CA ILE P 21 34.12 -39.46 -11.82
C ILE P 21 34.28 -40.46 -12.96
N THR P 22 33.47 -40.31 -14.00
CA THR P 22 33.42 -41.21 -15.14
C THR P 22 33.86 -40.50 -16.41
N CYS P 23 34.65 -41.19 -17.22
CA CYS P 23 35.13 -40.71 -18.51
C CYS P 23 34.77 -41.73 -19.58
N GLN P 24 34.08 -41.28 -20.63
CA GLN P 24 33.55 -42.14 -21.69
C GLN P 24 34.15 -41.70 -23.01
N ALA P 25 35.02 -42.53 -23.58
CA ALA P 25 35.67 -42.19 -24.84
C ALA P 25 34.85 -42.69 -26.02
N SER P 26 34.93 -41.94 -27.14
CA SER P 26 34.20 -42.29 -28.35
C SER P 26 34.82 -43.47 -29.09
N GLN P 27 36.07 -43.80 -28.78
CA GLN P 27 36.71 -44.99 -29.32
C GLN P 27 37.74 -45.48 -28.32
N SER P 28 38.21 -46.71 -28.51
CA SER P 28 39.12 -47.29 -27.55
C SER P 28 40.44 -46.53 -27.51
N VAL P 29 41.00 -46.37 -26.30
CA VAL P 29 42.31 -45.74 -26.18
C VAL P 29 43.35 -46.65 -26.79
N ALA P 30 44.52 -46.09 -27.07
CA ALA P 30 45.57 -46.91 -27.66
C ALA P 30 45.98 -48.01 -26.69
N ASN P 31 46.13 -49.23 -27.20
CA ASN P 31 46.50 -50.39 -26.41
C ASN P 31 45.57 -50.64 -25.22
N ASN P 32 44.37 -50.04 -25.21
CA ASN P 32 43.39 -50.24 -24.14
C ASN P 32 43.87 -49.69 -22.80
N ASN P 33 44.94 -48.89 -22.77
CA ASN P 33 45.41 -48.40 -21.48
C ASN P 33 46.11 -47.04 -21.55
N TYR P 34 46.02 -46.32 -22.66
CA TYR P 34 46.56 -44.97 -22.73
C TYR P 34 45.50 -44.08 -22.08
N LEU P 35 45.53 -44.03 -20.75
CA LEU P 35 44.51 -43.28 -20.02
C LEU P 35 45.13 -42.83 -18.70
N LYS P 36 45.10 -41.51 -18.49
CA LYS P 36 45.68 -40.88 -17.32
C LYS P 36 44.68 -39.95 -16.66
N TRP P 37 44.78 -39.84 -15.33
CA TRP P 37 43.97 -38.94 -14.53
C TRP P 37 44.80 -37.82 -13.90
N TYR P 38 44.33 -36.59 -14.11
CA TYR P 38 44.97 -35.36 -13.68
C TYR P 38 44.14 -34.61 -12.65
N GLN P 39 44.86 -33.85 -11.82
CA GLN P 39 44.30 -32.92 -10.86
C GLN P 39 44.91 -31.54 -11.13
N GLN P 40 44.06 -30.53 -11.27
CA GLN P 40 44.49 -29.19 -11.58
C GLN P 40 43.90 -28.20 -10.60
N LYS P 41 44.73 -27.26 -10.16
CA LYS P 41 44.35 -26.19 -9.26
C LYS P 41 44.57 -24.84 -9.93
N ARG P 42 43.94 -23.81 -9.37
CA ARG P 42 43.95 -22.50 -10.01
C ARG P 42 45.37 -21.99 -10.17
N GLY P 43 45.70 -21.50 -11.37
CA GLY P 43 46.99 -20.90 -11.60
C GLY P 43 48.15 -21.86 -11.71
N GLN P 44 47.89 -23.17 -11.73
CA GLN P 44 48.95 -24.16 -11.78
C GLN P 44 48.75 -25.05 -13.00
N PRO P 45 49.79 -25.78 -13.40
CA PRO P 45 49.59 -26.85 -14.38
C PRO P 45 49.04 -28.09 -13.73
N PRO P 46 48.49 -29.02 -14.51
CA PRO P 46 47.95 -30.27 -13.92
C PRO P 46 49.05 -31.14 -13.33
N LYS P 47 48.64 -31.94 -12.34
CA LYS P 47 49.51 -32.86 -11.63
C LYS P 47 48.97 -34.27 -11.83
N GLN P 48 49.82 -35.18 -12.27
CA GLN P 48 49.32 -36.50 -12.61
C GLN P 48 48.81 -37.18 -11.35
N LEU P 49 47.79 -38.00 -11.53
CA LEU P 49 47.29 -38.89 -10.49
C LEU P 49 47.41 -40.34 -10.93
N ILE P 50 46.85 -40.70 -12.08
CA ILE P 50 46.81 -42.10 -12.48
C ILE P 50 47.38 -42.21 -13.89
N TYR P 51 48.11 -43.29 -14.13
CA TYR P 51 48.55 -43.65 -15.47
C TYR P 51 48.20 -45.11 -15.71
N SER P 52 48.23 -45.52 -16.97
CA SER P 52 47.83 -46.86 -17.40
C SER P 52 46.48 -47.26 -16.78
N VAL P 53 45.53 -46.32 -16.83
CA VAL P 53 44.15 -46.54 -16.40
C VAL P 53 44.04 -46.63 -14.88
N SER P 54 44.95 -47.38 -14.26
CA SER P 54 44.81 -47.76 -12.86
C SER P 54 46.09 -47.63 -12.04
N THR P 55 47.24 -47.34 -12.65
CA THR P 55 48.47 -47.31 -11.87
C THR P 55 48.62 -45.96 -11.18
N LEU P 56 48.93 -46.02 -9.90
CA LEU P 56 49.07 -44.86 -9.03
C LEU P 56 50.41 -44.15 -9.23
N ALA P 57 50.35 -42.86 -9.53
CA ALA P 57 51.57 -42.07 -9.71
C ALA P 57 52.34 -42.00 -8.39
N SER P 58 53.67 -41.95 -8.51
CA SER P 58 54.52 -41.88 -7.32
C SER P 58 54.15 -40.69 -6.44
N GLY P 59 54.01 -40.94 -5.14
CA GLY P 59 53.70 -39.89 -4.20
C GLY P 59 52.23 -39.55 -4.07
N VAL P 60 51.36 -40.22 -4.81
CA VAL P 60 49.93 -39.93 -4.76
C VAL P 60 49.25 -40.87 -3.77
N PRO P 61 48.37 -40.37 -2.89
CA PRO P 61 47.70 -41.26 -1.93
C PRO P 61 46.89 -42.36 -2.59
N SER P 62 46.78 -43.49 -1.88
CA SER P 62 46.10 -44.67 -2.40
C SER P 62 44.59 -44.48 -2.48
N ARG P 63 44.05 -43.47 -1.77
CA ARG P 63 42.61 -43.22 -1.83
C ARG P 63 42.16 -42.80 -3.22
N PHE P 64 43.09 -42.44 -4.10
CA PHE P 64 42.80 -42.24 -5.52
C PHE P 64 42.90 -43.61 -6.18
N LYS P 65 41.82 -44.05 -6.80
CA LYS P 65 41.79 -45.35 -7.45
C LYS P 65 41.33 -45.15 -8.88
N GLY P 66 41.96 -45.85 -9.82
CA GLY P 66 41.59 -45.80 -11.23
C GLY P 66 41.09 -47.14 -11.71
N SER P 67 40.08 -47.10 -12.56
CA SER P 67 39.47 -48.28 -13.16
C SER P 67 38.95 -47.94 -14.55
N GLY P 68 38.51 -48.97 -15.26
CA GLY P 68 37.85 -48.77 -16.54
C GLY P 68 37.93 -49.99 -17.42
N SER P 69 37.18 -49.91 -18.53
CA SER P 69 37.09 -50.91 -19.58
C SER P 69 37.13 -50.27 -20.98
N GLY P 70 38.33 -50.23 -21.57
CA GLY P 70 38.50 -49.80 -22.94
C GLY P 70 38.09 -48.41 -23.36
N THR P 71 36.83 -48.07 -23.07
CA THR P 71 36.24 -46.80 -23.42
C THR P 71 35.56 -46.11 -22.25
N GLN P 72 35.28 -46.81 -21.16
CA GLN P 72 34.68 -46.18 -19.99
C GLN P 72 35.59 -46.38 -18.80
N PHE P 73 35.90 -45.28 -18.11
CA PHE P 73 36.88 -45.26 -17.04
C PHE P 73 36.31 -44.52 -15.85
N THR P 74 36.78 -44.89 -14.67
CA THR P 74 36.26 -44.32 -13.44
C THR P 74 37.44 -43.95 -12.56
N LEU P 75 37.42 -42.73 -12.04
CA LEU P 75 38.34 -42.28 -11.00
C LEU P 75 37.52 -42.16 -9.73
N THR P 76 37.95 -42.85 -8.69
CA THR P 76 37.25 -42.84 -7.42
C THR P 76 38.17 -42.24 -6.38
N ILE P 77 37.70 -41.20 -5.71
CA ILE P 77 38.45 -40.54 -4.65
C ILE P 77 37.68 -40.83 -3.37
N SER P 78 38.30 -41.60 -2.48
CA SER P 78 37.73 -41.95 -1.19
C SER P 78 38.42 -41.14 -0.10
N ASP P 79 37.80 -41.11 1.08
CA ASP P 79 38.36 -40.43 2.23
C ASP P 79 38.82 -39.02 1.82
N LEU P 80 37.84 -38.26 1.34
CA LEU P 80 38.09 -36.93 0.80
C LEU P 80 38.75 -36.03 1.84
N GLU P 81 39.68 -35.20 1.39
CA GLU P 81 40.27 -34.17 2.22
C GLU P 81 39.97 -32.80 1.64
N ALA P 82 40.22 -31.77 2.46
CA ALA P 82 40.05 -30.40 1.98
C ALA P 82 40.95 -30.13 0.78
N ASP P 83 42.12 -30.75 0.76
CA ASP P 83 43.10 -30.48 -0.29
C ASP P 83 42.58 -30.93 -1.65
N ASP P 84 41.54 -31.77 -1.66
CA ASP P 84 41.01 -32.37 -2.87
C ASP P 84 40.11 -31.42 -3.66
N ALA P 85 39.86 -30.22 -3.16
CA ALA P 85 39.04 -29.25 -3.88
C ALA P 85 39.81 -28.82 -5.12
N ALA P 86 39.34 -29.19 -6.30
CA ALA P 86 40.14 -28.90 -7.49
C ALA P 86 39.31 -29.29 -8.71
N THR P 87 39.92 -29.27 -9.90
CA THR P 87 39.28 -29.76 -11.11
C THR P 87 40.06 -30.93 -11.67
N TYR P 88 39.35 -32.01 -12.00
CA TYR P 88 39.96 -33.28 -12.39
C TYR P 88 39.71 -33.50 -13.87
N TYR P 89 40.72 -34.02 -14.56
CA TYR P 89 40.61 -34.23 -16.00
C TYR P 89 41.03 -35.65 -16.36
N CYS P 90 40.32 -36.28 -17.29
CA CYS P 90 40.81 -37.50 -17.92
C CYS P 90 41.56 -37.12 -19.18
N SER P 91 42.67 -37.81 -19.43
CA SER P 91 43.57 -37.53 -20.54
C SER P 91 43.81 -38.84 -21.27
N GLY P 92 43.46 -38.89 -22.56
CA GLY P 92 43.55 -40.11 -23.31
C GLY P 92 44.29 -39.90 -24.62
N TYR P 93 44.84 -41.01 -25.12
CA TYR P 93 45.54 -41.07 -26.40
C TYR P 93 44.96 -42.19 -27.24
N PHE P 94 44.99 -42.01 -28.55
CA PHE P 94 44.25 -42.87 -29.47
C PHE P 94 45.16 -43.27 -30.61
N ASN P 95 44.74 -44.38 -31.24
CA ASN P 95 45.59 -45.12 -32.18
C ASN P 95 45.98 -44.29 -33.39
N ASN P 96 45.17 -43.31 -33.74
CA ASN P 96 45.56 -42.42 -34.83
C ASN P 96 46.60 -41.41 -34.35
N ASN P 97 47.16 -41.66 -33.16
CA ASN P 97 48.09 -40.76 -32.50
C ASN P 97 47.40 -39.41 -32.28
N ILE P 98 46.38 -39.46 -31.43
CA ILE P 98 45.63 -38.24 -31.12
C ILE P 98 45.26 -38.28 -29.64
N GLY P 99 45.55 -37.19 -28.95
CA GLY P 99 45.14 -37.01 -27.58
C GLY P 99 43.93 -36.12 -27.40
N ALA P 100 43.24 -36.34 -26.28
CA ALA P 100 42.05 -35.58 -25.92
C ALA P 100 41.90 -35.59 -24.40
N PHE P 101 41.10 -34.64 -23.92
CA PHE P 101 40.77 -34.50 -22.50
C PHE P 101 39.26 -34.51 -22.32
N GLY P 102 38.83 -35.00 -21.16
CA GLY P 102 37.48 -34.77 -20.73
C GLY P 102 37.24 -33.32 -20.37
N GLY P 103 35.96 -32.96 -20.32
CA GLY P 103 35.57 -31.59 -20.03
C GLY P 103 35.93 -31.14 -18.63
N GLY P 104 36.36 -32.05 -17.78
CA GLY P 104 36.76 -31.67 -16.44
C GLY P 104 35.63 -31.88 -15.44
N THR P 105 36.01 -32.01 -14.18
CA THR P 105 35.06 -32.22 -13.09
C THR P 105 35.51 -31.32 -11.95
N LYS P 106 34.68 -30.34 -11.61
CA LYS P 106 35.01 -29.43 -10.54
C LYS P 106 34.50 -30.00 -9.23
N LEU P 107 35.41 -30.14 -8.26
CA LEU P 107 35.08 -30.71 -6.97
C LEU P 107 35.20 -29.62 -5.92
N GLU P 108 34.08 -29.37 -5.24
CA GLU P 108 33.92 -28.48 -4.11
C GLU P 108 33.84 -29.35 -2.85
N ILE P 109 34.61 -29.00 -1.83
CA ILE P 109 34.55 -29.74 -0.57
C ILE P 109 33.47 -29.09 0.27
N LYS P 110 32.48 -29.89 0.66
CA LYS P 110 31.44 -29.38 1.53
C LYS P 110 31.98 -29.27 2.96
N ARG P 111 31.42 -28.34 3.71
CA ARG P 111 31.80 -28.16 5.10
C ARG P 111 30.67 -27.44 5.82
N THR P 112 30.84 -27.25 7.12
CA THR P 112 29.85 -26.56 7.93
C THR P 112 29.78 -25.10 7.52
N VAL P 113 28.62 -24.48 7.76
CA VAL P 113 28.42 -23.09 7.37
C VAL P 113 29.41 -22.20 8.11
N ALA P 114 30.00 -21.27 7.36
CA ALA P 114 30.94 -20.28 7.90
C ALA P 114 30.48 -18.93 7.40
N ALA P 115 30.11 -18.06 8.34
CA ALA P 115 29.64 -16.73 7.99
C ALA P 115 30.82 -15.86 7.57
N PRO P 116 30.63 -14.97 6.59
CA PRO P 116 31.75 -14.13 6.18
C PRO P 116 32.03 -13.08 7.24
N SER P 117 33.27 -12.62 7.25
CA SER P 117 33.62 -11.39 7.95
C SER P 117 33.65 -10.24 6.96
N VAL P 118 32.96 -9.16 7.29
CA VAL P 118 32.72 -8.09 6.31
C VAL P 118 33.56 -6.90 6.69
N PHE P 119 34.19 -6.28 5.69
CA PHE P 119 34.96 -5.06 5.84
C PHE P 119 34.64 -4.12 4.70
N ILE P 120 34.61 -2.82 4.98
CA ILE P 120 34.43 -1.82 3.93
C ILE P 120 35.65 -0.91 3.93
N PHE P 121 36.15 -0.61 2.73
CA PHE P 121 37.32 0.24 2.55
C PHE P 121 36.91 1.43 1.68
N PRO P 122 36.98 2.66 2.20
CA PRO P 122 36.77 3.83 1.36
C PRO P 122 37.93 4.03 0.40
N PRO P 123 37.74 4.84 -0.64
CA PRO P 123 38.85 5.11 -1.58
C PRO P 123 40.01 5.81 -0.90
N SER P 124 41.19 5.62 -1.45
CA SER P 124 42.39 6.27 -0.94
C SER P 124 42.46 7.71 -1.41
N ASP P 125 43.13 8.54 -0.61
CA ASP P 125 43.36 9.93 -1.02
C ASP P 125 44.18 9.99 -2.30
N GLU P 126 45.11 9.05 -2.49
CA GLU P 126 45.92 9.02 -3.70
C GLU P 126 45.04 8.79 -4.92
N GLN P 127 44.03 7.93 -4.78
CA GLN P 127 43.11 7.68 -5.88
C GLN P 127 42.20 8.87 -6.11
N LEU P 128 41.62 9.42 -5.04
CA LEU P 128 40.77 10.59 -5.21
C LEU P 128 41.54 11.69 -5.90
N LYS P 129 42.81 11.85 -5.53
CA LYS P 129 43.68 12.81 -6.19
C LYS P 129 43.77 12.51 -7.68
N SER P 130 43.76 11.22 -8.05
CA SER P 130 43.88 10.90 -9.47
C SER P 130 42.57 11.06 -10.22
N GLY P 131 41.46 11.35 -9.54
CA GLY P 131 40.19 11.65 -10.18
C GLY P 131 39.18 10.52 -10.27
N THR P 132 39.46 9.34 -9.71
CA THR P 132 38.55 8.21 -9.72
C THR P 132 38.32 7.75 -8.29
N ALA P 133 37.24 6.99 -8.06
CA ALA P 133 36.88 6.57 -6.71
C ALA P 133 36.34 5.15 -6.71
N SER P 134 37.07 4.21 -6.10
CA SER P 134 36.64 2.82 -5.97
C SER P 134 36.47 2.47 -4.49
N VAL P 135 35.25 2.07 -4.10
CA VAL P 135 34.94 1.64 -2.74
C VAL P 135 34.89 0.12 -2.74
N VAL P 136 35.58 -0.51 -1.78
CA VAL P 136 35.75 -1.97 -1.77
C VAL P 136 35.02 -2.57 -0.58
N CYS P 137 34.28 -3.67 -0.83
CA CYS P 137 33.63 -4.43 0.22
C CYS P 137 34.17 -5.86 0.19
N LEU P 138 34.59 -6.35 1.36
CA LEU P 138 35.26 -7.64 1.48
C LEU P 138 34.40 -8.56 2.32
N LEU P 139 34.00 -9.68 1.73
CA LEU P 139 33.44 -10.83 2.44
C LEU P 139 34.57 -11.83 2.60
N ASN P 140 34.89 -12.20 3.83
CA ASN P 140 36.09 -12.98 4.12
C ASN P 140 35.75 -14.34 4.71
N ASN P 141 36.32 -15.38 4.10
CA ASN P 141 36.30 -16.75 4.60
C ASN P 141 34.90 -17.22 4.98
N PHE P 142 34.11 -17.61 3.99
CA PHE P 142 32.74 -18.03 4.21
C PHE P 142 32.39 -19.26 3.39
N TYR P 143 31.34 -19.96 3.82
CA TYR P 143 30.79 -21.11 3.15
C TYR P 143 29.31 -21.17 3.52
N PRO P 144 28.40 -21.50 2.59
CA PRO P 144 28.64 -21.81 1.17
C PRO P 144 28.96 -20.57 0.35
N ARG P 145 29.18 -20.75 -0.95
CA ARG P 145 29.63 -19.67 -1.81
C ARG P 145 28.57 -18.60 -2.08
N GLU P 146 27.28 -18.96 -2.09
CA GLU P 146 26.27 -17.97 -2.44
C GLU P 146 26.19 -16.84 -1.42
N ALA P 147 26.28 -15.60 -1.93
CA ALA P 147 26.15 -14.40 -1.10
C ALA P 147 25.63 -13.26 -1.96
N LYS P 148 24.88 -12.36 -1.33
CA LYS P 148 24.35 -11.15 -1.96
C LYS P 148 24.96 -9.87 -1.39
N VAL P 149 25.63 -9.09 -2.24
CA VAL P 149 26.30 -7.86 -1.80
C VAL P 149 25.68 -6.71 -2.59
N GLN P 150 24.96 -5.81 -1.89
CA GLN P 150 24.27 -4.69 -2.52
C GLN P 150 24.83 -3.38 -1.95
N TRP P 151 25.03 -2.38 -2.82
CA TRP P 151 25.53 -1.08 -2.42
C TRP P 151 24.43 -0.03 -2.25
N LYS P 152 24.56 0.81 -1.22
CA LYS P 152 23.64 1.92 -0.97
C LYS P 152 24.42 3.17 -0.60
N VAL P 153 24.31 4.22 -1.43
CA VAL P 153 24.92 5.53 -1.17
C VAL P 153 23.80 6.50 -0.83
N ASP P 154 23.89 7.10 0.36
CA ASP P 154 22.79 7.85 0.96
C ASP P 154 21.50 7.04 0.88
N ASN P 155 21.63 5.74 1.11
CA ASN P 155 20.51 4.81 1.16
C ASN P 155 19.77 4.75 -0.18
N ALA P 156 20.51 4.91 -1.28
CA ALA P 156 19.96 4.72 -2.62
C ALA P 156 20.66 3.53 -3.26
N LEU P 157 19.89 2.52 -3.65
CA LEU P 157 20.43 1.30 -4.22
C LEU P 157 21.11 1.58 -5.56
N GLN P 158 22.39 1.21 -5.65
CA GLN P 158 23.17 1.33 -6.87
C GLN P 158 22.86 0.16 -7.81
N SER P 159 23.17 0.37 -9.09
CA SER P 159 22.93 -0.65 -10.11
C SER P 159 23.90 -0.44 -11.26
N GLY P 160 24.67 -1.47 -11.58
CA GLY P 160 25.51 -1.43 -12.76
C GLY P 160 26.88 -0.80 -12.58
N ASN P 161 27.20 -0.32 -11.37
CA ASN P 161 28.50 0.29 -11.10
C ASN P 161 29.34 -0.51 -10.11
N SER P 162 29.11 -1.82 -9.99
CA SER P 162 29.92 -2.67 -9.13
C SER P 162 30.32 -3.95 -9.84
N GLN P 163 31.36 -4.61 -9.32
CA GLN P 163 31.93 -5.82 -9.91
C GLN P 163 32.38 -6.76 -8.80
N GLU P 164 32.07 -8.05 -8.95
CA GLU P 164 32.42 -9.04 -7.94
C GLU P 164 33.55 -9.93 -8.44
N SER P 165 34.42 -10.32 -7.52
CA SER P 165 35.48 -11.29 -7.79
C SER P 165 35.57 -12.24 -6.61
N VAL P 166 35.74 -13.53 -6.90
CA VAL P 166 35.72 -14.58 -5.88
C VAL P 166 36.98 -15.40 -6.01
N THR P 167 37.56 -15.77 -4.87
CA THR P 167 38.74 -16.63 -4.83
C THR P 167 38.37 -18.06 -5.18
N GLU P 168 39.40 -18.87 -5.39
CA GLU P 168 39.18 -20.31 -5.39
C GLU P 168 38.79 -20.79 -3.99
N GLN P 169 38.38 -22.05 -3.91
CA GLN P 169 38.09 -22.64 -2.62
C GLN P 169 39.40 -22.91 -1.88
N ASP P 170 39.48 -22.48 -0.62
CA ASP P 170 40.71 -22.64 0.13
C ASP P 170 40.95 -24.12 0.42
N SER P 171 42.21 -24.55 0.27
CA SER P 171 42.54 -25.96 0.45
C SER P 171 42.71 -26.34 1.91
N LYS P 172 42.70 -25.37 2.82
CA LYS P 172 42.86 -25.63 4.24
C LYS P 172 41.53 -25.59 4.99
N ASP P 173 40.73 -24.54 4.79
CA ASP P 173 39.47 -24.41 5.51
C ASP P 173 38.26 -24.48 4.59
N SER P 174 38.46 -24.69 3.29
CA SER P 174 37.35 -24.92 2.35
C SER P 174 36.39 -23.73 2.27
N THR P 175 36.87 -22.53 2.56
CA THR P 175 36.03 -21.34 2.49
C THR P 175 36.30 -20.54 1.22
N TYR P 176 35.42 -19.58 0.96
CA TYR P 176 35.58 -18.62 -0.12
C TYR P 176 35.70 -17.22 0.44
N SER P 177 36.24 -16.34 -0.39
CA SER P 177 36.28 -14.91 -0.12
C SER P 177 35.83 -14.18 -1.38
N LEU P 178 35.23 -13.00 -1.17
CA LEU P 178 34.57 -12.28 -2.25
C LEU P 178 34.86 -10.80 -2.05
N SER P 179 35.13 -10.13 -3.17
CA SER P 179 35.28 -8.67 -3.20
C SER P 179 34.24 -8.08 -4.13
N SER P 180 33.59 -7.01 -3.69
CA SER P 180 32.64 -6.27 -4.49
C SER P 180 33.14 -4.84 -4.55
N THR P 181 33.48 -4.37 -5.75
CA THR P 181 34.11 -3.07 -5.90
C THR P 181 33.12 -2.16 -6.63
N LEU P 182 32.76 -1.08 -5.95
CA LEU P 182 31.92 0.01 -6.43
C LEU P 182 32.74 1.11 -7.10
N THR P 183 32.45 1.40 -8.37
CA THR P 183 33.25 2.28 -9.20
C THR P 183 32.47 3.57 -9.45
N LEU P 184 32.97 4.68 -8.91
CA LEU P 184 32.36 5.99 -9.03
C LEU P 184 33.41 6.97 -9.52
N SER P 185 32.94 8.13 -9.99
CA SER P 185 33.80 9.28 -10.19
C SER P 185 34.03 10.05 -8.89
N LYS P 186 35.07 10.88 -8.91
CA LYS P 186 35.37 11.72 -7.76
C LYS P 186 34.19 12.64 -7.46
N ALA P 187 33.57 13.16 -8.51
CA ALA P 187 32.43 14.05 -8.36
C ALA P 187 31.28 13.35 -7.63
N ASP P 188 30.78 12.25 -8.22
CA ASP P 188 29.71 11.50 -7.59
C ASP P 188 30.07 11.07 -6.17
N TYR P 189 31.34 10.71 -5.94
CA TYR P 189 31.73 10.33 -4.59
C TYR P 189 31.55 11.50 -3.63
N GLU P 190 32.10 12.67 -3.97
CA GLU P 190 31.98 13.82 -3.10
C GLU P 190 30.56 14.37 -3.04
N LYS P 191 29.66 13.90 -3.92
CA LYS P 191 28.26 14.28 -3.86
C LYS P 191 27.53 13.72 -2.66
N HIS P 192 28.08 12.69 -2.02
CA HIS P 192 27.32 11.92 -1.03
C HIS P 192 28.14 11.69 0.24
N LYS P 193 27.47 11.15 1.24
CA LYS P 193 28.02 10.99 2.58
C LYS P 193 28.11 9.52 3.00
N VAL P 194 26.99 8.80 3.03
CA VAL P 194 26.94 7.45 3.58
C VAL P 194 27.16 6.44 2.46
N TYR P 195 28.15 5.57 2.64
CA TYR P 195 28.43 4.49 1.71
C TYR P 195 28.27 3.18 2.47
N ALA P 196 27.40 2.29 1.97
CA ALA P 196 27.05 1.09 2.71
C ALA P 196 27.09 -0.15 1.83
N CYS P 197 27.67 -1.21 2.38
CA CYS P 197 27.71 -2.54 1.79
C CYS P 197 26.81 -3.48 2.60
N GLU P 198 25.78 -4.05 1.95
CA GLU P 198 24.83 -4.94 2.61
C GLU P 198 25.06 -6.37 2.11
N VAL P 199 25.25 -7.29 3.04
CA VAL P 199 25.66 -8.67 2.77
C VAL P 199 24.61 -9.64 3.31
N THR P 200 24.10 -10.50 2.43
CA THR P 200 23.20 -11.58 2.81
C THR P 200 23.86 -12.92 2.56
N HIS P 201 23.88 -13.77 3.60
CA HIS P 201 24.55 -15.06 3.57
C HIS P 201 23.88 -16.03 4.56
N GLN P 202 23.94 -17.32 4.24
CA GLN P 202 23.34 -18.35 5.09
C GLN P 202 23.87 -18.32 6.52
N GLY P 203 25.08 -17.81 6.72
CA GLY P 203 25.68 -17.76 8.03
C GLY P 203 25.24 -16.59 8.88
N LEU P 204 24.54 -15.63 8.28
CA LEU P 204 24.09 -14.43 8.96
C LEU P 204 22.59 -14.52 9.22
N SER P 205 22.21 -14.30 10.48
CA SER P 205 20.80 -14.33 10.85
C SER P 205 20.01 -13.28 10.08
N SER P 206 20.59 -12.11 9.87
CA SER P 206 19.99 -11.03 9.10
C SER P 206 21.09 -10.33 8.32
N PRO P 207 20.73 -9.61 7.26
CA PRO P 207 21.77 -9.00 6.42
C PRO P 207 22.66 -8.09 7.27
N VAL P 208 23.95 -8.20 7.05
CA VAL P 208 24.94 -7.37 7.72
C VAL P 208 25.20 -6.12 6.88
N THR P 209 25.34 -4.97 7.52
CA THR P 209 25.65 -3.74 6.82
C THR P 209 26.92 -3.14 7.39
N LYS P 210 27.87 -2.82 6.51
CA LYS P 210 29.09 -2.11 6.87
C LYS P 210 29.15 -0.82 6.08
N SER P 211 29.25 0.30 6.77
CA SER P 211 29.11 1.59 6.13
C SER P 211 30.13 2.57 6.70
N PHE P 212 30.30 3.69 5.98
CA PHE P 212 31.11 4.79 6.46
C PHE P 212 30.54 6.11 5.94
N ASN P 213 30.92 7.19 6.63
CA ASN P 213 30.58 8.54 6.20
C ASN P 213 31.79 9.17 5.53
N ARG P 214 31.59 9.71 4.33
CA ARG P 214 32.69 10.29 3.59
C ARG P 214 33.36 11.39 4.40
N GLY P 215 34.66 11.25 4.63
CA GLY P 215 35.43 12.27 5.31
C GLY P 215 35.36 12.16 6.82
N GLY Q 1 -41.90 24.81 73.92
CA GLY Q 1 -41.56 26.14 73.46
C GLY Q 1 -42.00 26.43 72.04
N ASP Q 2 -41.50 27.51 71.46
CA ASP Q 2 -41.90 27.90 70.13
C ASP Q 2 -41.27 26.94 69.11
N LEU Q 3 -41.90 26.86 67.94
CA LEU Q 3 -41.41 25.95 66.92
C LEU Q 3 -40.04 26.38 66.43
N GLU Q 4 -39.20 25.39 66.19
CA GLU Q 4 -37.83 25.62 65.72
C GLU Q 4 -37.60 24.98 64.36
N SER Q 5 -38.67 24.66 63.65
CA SER Q 5 -38.60 24.23 62.25
C SER Q 5 -39.67 24.99 61.47
N ASP Q 6 -39.41 25.19 60.19
CA ASP Q 6 -40.35 25.85 59.31
C ASP Q 6 -40.98 24.87 58.33
N GLY R 1 -23.98 -17.81 -4.72
CA GLY R 1 -24.94 -16.85 -4.18
C GLY R 1 -25.16 -15.71 -5.15
N ASP R 2 -26.12 -15.89 -6.05
CA ASP R 2 -26.47 -14.91 -7.06
C ASP R 2 -27.28 -13.78 -6.44
N LEU R 3 -27.36 -12.67 -7.18
CA LEU R 3 -28.14 -11.55 -6.69
C LEU R 3 -29.59 -11.96 -6.55
N GLU R 4 -30.24 -11.46 -5.50
CA GLU R 4 -31.63 -11.76 -5.22
C GLU R 4 -32.48 -10.50 -5.24
N SER R 5 -31.97 -9.42 -5.81
CA SER R 5 -32.71 -8.19 -6.00
C SER R 5 -32.46 -7.65 -7.40
N ASP R 6 -33.44 -6.90 -7.90
CA ASP R 6 -33.29 -6.22 -9.20
C ASP R 6 -33.10 -4.72 -8.97
N GLY S 1 -18.83 71.90 23.00
CA GLY S 1 -18.93 70.53 22.55
C GLY S 1 -18.42 69.54 23.58
N ASP S 2 -19.32 69.02 24.42
CA ASP S 2 -18.92 68.09 25.46
C ASP S 2 -18.64 66.71 24.88
N LEU S 3 -17.80 65.97 25.60
CA LEU S 3 -17.44 64.61 25.18
C LEU S 3 -18.63 63.67 25.28
N GLU S 4 -18.72 62.76 24.31
CA GLU S 4 -19.78 61.76 24.27
C GLU S 4 -19.23 60.34 24.35
N SER S 5 -17.99 60.18 24.77
CA SER S 5 -17.40 58.87 25.01
C SER S 5 -16.66 58.87 26.34
N ASP S 6 -16.53 57.67 26.91
CA ASP S 6 -15.79 57.48 28.15
C ASP S 6 -14.46 56.82 27.85
N GLY T 1 15.78 -13.82 15.27
CA GLY T 1 16.00 -12.59 15.99
C GLY T 1 16.42 -12.81 17.44
N ASP T 2 17.72 -12.84 17.69
CA ASP T 2 18.23 -13.13 19.02
C ASP T 2 18.02 -11.92 19.94
N LEU T 3 17.94 -12.22 21.24
CA LEU T 3 17.78 -11.18 22.24
C LEU T 3 19.06 -10.36 22.36
N GLU T 4 18.88 -9.06 22.59
CA GLU T 4 20.02 -8.16 22.77
C GLU T 4 20.00 -7.50 24.14
N SER T 5 19.26 -8.06 25.09
CA SER T 5 19.29 -7.62 26.48
C SER T 5 19.40 -8.84 27.38
N ASP T 6 20.00 -8.64 28.55
CA ASP T 6 20.12 -9.69 29.55
C ASP T 6 19.18 -9.42 30.73
N GLY U 1 -6.91 -7.08 20.37
CA GLY U 1 -7.28 -8.20 19.51
C GLY U 1 -7.63 -7.77 18.10
N ASP U 2 -6.99 -6.71 17.62
CA ASP U 2 -7.29 -6.20 16.30
C ASP U 2 -6.73 -7.14 15.24
N LEU U 3 -7.34 -7.11 14.06
CA LEU U 3 -6.88 -7.96 12.97
C LEU U 3 -5.52 -7.50 12.49
N GLU U 4 -4.66 -8.47 12.17
CA GLU U 4 -3.32 -8.21 11.67
C GLU U 4 -3.09 -8.79 10.29
N SER U 5 -4.17 -9.14 9.58
CA SER U 5 -4.09 -9.53 8.18
C SER U 5 -5.18 -8.80 7.42
N ASP U 6 -4.91 -8.57 6.14
CA ASP U 6 -5.89 -7.92 5.25
C ASP U 6 -6.47 -8.92 4.27
N GLY V 1 10.62 -51.62 -58.24
CA GLY V 1 9.73 -50.59 -57.77
C GLY V 1 9.48 -49.57 -58.86
N ASP V 2 8.47 -49.85 -59.68
CA ASP V 2 8.10 -48.97 -60.78
C ASP V 2 7.30 -47.78 -60.25
N LEU V 3 7.22 -46.73 -61.05
CA LEU V 3 6.44 -45.57 -60.63
C LEU V 3 4.98 -45.96 -60.48
N GLU V 4 4.33 -45.40 -59.46
CA GLU V 4 2.92 -45.65 -59.18
C GLU V 4 2.10 -44.37 -59.23
N SER V 5 2.65 -43.30 -59.82
CA SER V 5 1.90 -42.06 -60.02
C SER V 5 2.15 -41.53 -61.41
N ASP V 6 1.18 -40.76 -61.92
CA ASP V 6 1.32 -40.07 -63.18
C ASP V 6 1.48 -38.57 -62.90
N ASP W 2 14.45 35.05 -29.48
CA ASP W 2 15.31 34.33 -28.55
C ASP W 2 15.76 33.01 -29.14
N LEU W 3 16.67 32.33 -28.44
CA LEU W 3 17.11 31.02 -28.90
C LEU W 3 15.95 30.03 -28.84
N GLU W 4 16.08 28.95 -29.63
CA GLU W 4 15.03 27.96 -29.74
C GLU W 4 15.52 26.53 -29.53
N SER W 5 16.76 26.33 -29.09
CA SER W 5 17.29 25.01 -28.85
C SER W 5 18.12 25.01 -27.59
N ASP W 6 18.32 23.80 -27.04
CA ASP W 6 19.14 23.60 -25.85
C ASP W 6 20.40 22.84 -26.23
N GLY X 1 50.15 -47.39 -38.79
CA GLY X 1 50.46 -46.20 -38.04
C GLY X 1 50.86 -46.48 -36.61
N ASP X 2 52.15 -46.62 -36.35
CA ASP X 2 52.62 -46.96 -35.01
C ASP X 2 52.50 -45.77 -34.07
N LEU X 3 52.41 -46.09 -32.78
CA LEU X 3 52.28 -45.08 -31.74
C LEU X 3 53.56 -44.27 -31.61
N GLU X 4 53.41 -42.97 -31.35
CA GLU X 4 54.55 -42.08 -31.15
C GLU X 4 54.55 -41.43 -29.77
N SER X 5 53.81 -41.99 -28.81
CA SER X 5 53.86 -41.55 -27.43
C SER X 5 53.96 -42.76 -26.51
N ASP X 6 54.56 -42.57 -25.35
CA ASP X 6 54.66 -43.61 -24.33
C ASP X 6 53.71 -43.33 -23.18
#